data_6Q05
#
_entry.id   6Q05
#
loop_
_entity.id
_entity.type
_entity.pdbx_description
1 polymer 'Spike glycoprotein'
2 branched alpha-D-mannopyranose-(1-3)-beta-D-mannopyranose-(1-4)-2-acetamido-2-deoxy-beta-D-glucopyranose-(1-4)-2-acetamido-2-deoxy-beta-D-glucopyranose
3 branched 2-acetamido-2-deoxy-beta-D-glucopyranose-(1-4)-2-acetamido-2-deoxy-beta-D-glucopyranose
4 branched alpha-D-mannopyranose-(1-2)-alpha-D-mannopyranose-(1-3)-[alpha-D-mannopyranose-(1-2)-alpha-D-mannopyranose-(1-6)]beta-D-mannopyranose-(1-4)-2-acetamido-2-deoxy-beta-D-glucopyranose-(1-4)-2-acetamido-2-deoxy-beta-D-glucopyranose
5 branched beta-D-mannopyranose-(1-4)-2-acetamido-2-deoxy-beta-D-glucopyranose-(1-4)-2-acetamido-2-deoxy-beta-D-glucopyranose
6 branched alpha-D-mannopyranose-(1-3)-[alpha-D-mannopyranose-(1-6)]beta-D-mannopyranose-(1-4)-2-acetamido-2-deoxy-beta-D-glucopyranose-(1-4)-2-acetamido-2-deoxy-beta-D-glucopyranose
7 branched 'N-acetyl-alpha-neuraminic acid-(2-3)-beta-D-galactopyranose-(1-4)-[alpha-L-fucopyranose-(1-3)]2-acetamido-2-deoxy-beta-D-glucopyranose'
8 non-polymer 2-acetamido-2-deoxy-beta-D-glucopyranose
9 non-polymer 'FOLIC ACID'
10 water water
#
_entity_poly.entity_id   1
_entity_poly.type   'polypeptide(L)'
_entity_poly.pdbx_seq_one_letter_code
;MGILPSPGMPALLSLVSLLSVLLMGCVAETGTVDVGPDSVKSACIEVDIQQTFFDKTWPRPIDVSKADGIIYPQGRTYSN
ITITYQGLFPYQGDHGDMYVYSAGHATGTTPQKLFVANYSQDVKQFANGFVVRIGAAANSTGTVIISPSTSATIRKIYPA
FMLGSSVGNFSDGKMGRFFNHTLVLLPDGCGTLLRAFYCILEPRSGNHCPAGNSYTSFATYHTPATDCSDGNYNRNASLN
SFKEYFNLRNCTFMYTYNITEDEILEWFGITQTAQGVHLFSSRYVDLYGGNMFQFATLPVYDTIKYYSIIPHSIRSIQSD
RKAWAAFYVYKLQPLTFLLDFSVDGYIRRAIDCGFNDLSQLHCSYESFDVESGVYSVSSFEAKPSGSVVEQAEGVECDFS
PLLSGTPPQVYNFKRLVFTNCNYNLTKLLSLFSVNDFTCSQISPAAIASNCYSSLILDYFSYPLSMKSDLSVSSAGPISQ
FNYKQSFSNPTCLILATVPHNLTTITKPLKYSYINKCSRLLSDDRTEVPQLVNANQYSPCVSIVPSTVWEDGDYYRKQLS
PLEGGGWLVASGSTVAMTEQLQMGFGITVQYGTDTNSVCPKLEFANDTKIASQLGNCVEYSLYGVSGRGVFQNCTAVGVR
QQRFVYDAYQNLVGYYSDDGNYYCLRACVSVPVSVIYDKETKTHATLFGSVACEHISSTMSQYSRSTRSMLKRRDSTYGP
LQTPVGCVLGLVNSSLFVEDCKLPLGQSLCALPDTPSTLTPASVGSVPGEMRLASIAFNHPIQVDQLNSSYFKLSIPTNF
SFGVTQEYIQTTIQKVTVDCKQYVCNGFQKCEQLLREYGQFCSKINQALHGANLRQDDSVRNLFASVKSSQSSPIIPGFG
GDFNLTLLEPVSISTGSRSARSAIEDLLFDKVTIADPGYMQGYDDCMQQGPASARDLICAQYVAGYKVLPPLMDVNMEAA
YTSSLLGSIAGVGWTAGLSSFAAIPFAQSIFYRLNGVGITQQVLSENQKLIANKFNQALGAMQTGFTTTNEAFQKVQDAV
NNNAQALSKLASELSNTFGAISASIGDIIQRLDPPEQDAQIDRLINGRLTTLNAFVAQQLVRSESAALSAQLAKDKVNEC
VKAQSKRSGFCGQGTHIVSFVVNAPNGLYFMHVGYYPSNHIEVVSAYGLCDAANPTNCIAPVNGYFIKTNNTRIVDEWSY
TGSSFYAPEPITSLNTKYVAPQVTYQNISTNLPPPLLGNSTGIDFQDELDEFFKNVSTSIPNFGSLTQINTTLLDLTYEM
LSLQQVVKALNESYIDLKELGNYTYYNKGSGRENLYFQGGGGSGYIPEAPRDGQAYVRKDGEWVLLSTFLGHHHHHHHH
;
_entity_poly.pdbx_strand_id   A,B,C
#
loop_
_chem_comp.id
_chem_comp.type
_chem_comp.name
_chem_comp.formula
BMA D-saccharide, beta linking beta-D-mannopyranose 'C6 H12 O6'
FOL non-polymer 'FOLIC ACID' 'C19 H19 N7 O6'
FUC L-saccharide, alpha linking alpha-L-fucopyranose 'C6 H12 O5'
GAL D-saccharide, beta linking beta-D-galactopyranose 'C6 H12 O6'
MAN D-saccharide, alpha linking alpha-D-mannopyranose 'C6 H12 O6'
NAG D-saccharide, beta linking 2-acetamido-2-deoxy-beta-D-glucopyranose 'C8 H15 N O6'
SIA D-saccharide, alpha linking 'N-acetyl-alpha-neuraminic acid' 'C11 H19 N O9'
#
# COMPACT_ATOMS: atom_id res chain seq x y z
N THR A 32 9.53 41.83 -41.31
CA THR A 32 10.68 42.32 -40.55
C THR A 32 10.51 43.73 -40.05
N VAL A 33 11.34 44.08 -39.09
CA VAL A 33 11.31 45.35 -38.40
C VAL A 33 12.40 46.30 -38.78
N ASP A 34 11.98 47.51 -39.07
CA ASP A 34 12.86 48.60 -39.38
C ASP A 34 13.48 49.07 -38.06
N VAL A 35 14.81 49.03 -37.98
CA VAL A 35 15.54 49.36 -36.76
C VAL A 35 16.41 50.57 -36.98
N GLY A 36 16.03 51.38 -37.96
CA GLY A 36 16.72 52.60 -38.27
C GLY A 36 17.74 52.31 -39.35
N PRO A 37 18.46 53.33 -39.82
CA PRO A 37 19.44 53.28 -40.87
C PRO A 37 20.72 52.59 -40.47
N ASP A 38 21.45 52.12 -41.48
CA ASP A 38 22.78 51.56 -41.30
C ASP A 38 23.77 52.67 -40.95
N SER A 39 24.83 52.32 -40.29
CA SER A 39 25.89 53.26 -40.06
C SER A 39 26.53 53.62 -41.39
N VAL A 40 26.94 54.87 -41.51
CA VAL A 40 27.57 55.36 -42.71
C VAL A 40 29.05 55.59 -42.55
N LYS A 41 29.61 55.15 -41.44
CA LYS A 41 31.02 55.35 -41.25
C LYS A 41 31.83 54.27 -42.00
N SER A 42 32.96 54.69 -42.53
CA SER A 42 33.88 53.82 -43.28
C SER A 42 34.83 53.02 -42.39
N ALA A 43 34.80 53.35 -41.13
CA ALA A 43 35.64 52.71 -40.15
C ALA A 43 35.00 52.69 -38.80
N CYS A 44 35.42 51.71 -38.02
CA CYS A 44 35.06 51.52 -36.64
C CYS A 44 36.09 52.16 -35.73
N ILE A 45 35.74 52.47 -34.51
CA ILE A 45 36.74 52.94 -33.59
C ILE A 45 37.59 51.77 -33.15
N GLU A 46 38.90 51.99 -33.18
CA GLU A 46 39.91 51.02 -32.80
C GLU A 46 39.69 50.55 -31.38
N VAL A 47 39.81 49.25 -31.17
CA VAL A 47 39.61 48.70 -29.84
C VAL A 47 40.89 48.07 -29.30
N ASP A 48 41.27 48.54 -28.12
CA ASP A 48 42.44 48.06 -27.41
C ASP A 48 42.08 47.00 -26.39
N ILE A 49 42.47 45.76 -26.62
CA ILE A 49 42.09 44.73 -25.67
C ILE A 49 43.27 44.46 -24.75
N GLN A 50 43.12 44.76 -23.46
CA GLN A 50 44.21 44.49 -22.52
C GLN A 50 43.68 43.81 -21.29
N GLN A 51 43.52 42.50 -21.36
CA GLN A 51 42.84 41.73 -20.31
C GLN A 51 43.48 41.85 -18.97
N THR A 52 44.77 42.07 -18.92
CA THR A 52 45.45 42.18 -17.64
C THR A 52 44.76 43.18 -16.73
N PHE A 53 44.29 44.29 -17.29
CA PHE A 53 43.70 45.35 -16.52
C PHE A 53 42.36 45.00 -15.95
N PHE A 54 41.75 43.98 -16.50
CA PHE A 54 40.42 43.56 -16.11
C PHE A 54 40.49 42.28 -15.27
N ASP A 55 41.70 41.79 -14.98
CA ASP A 55 41.84 40.57 -14.20
C ASP A 55 41.83 40.90 -12.71
N LYS A 56 40.65 41.23 -12.22
CA LYS A 56 40.46 41.67 -10.85
C LYS A 56 39.80 40.62 -10.02
N THR A 57 40.07 40.65 -8.73
CA THR A 57 39.44 39.72 -7.80
C THR A 57 38.60 40.46 -6.80
N TRP A 58 37.31 40.49 -7.08
CA TRP A 58 36.29 41.20 -6.33
C TRP A 58 35.12 40.26 -6.12
N PRO A 59 35.30 39.14 -5.41
CA PRO A 59 34.33 38.07 -5.32
C PRO A 59 33.03 38.43 -4.64
N ARG A 60 31.95 38.03 -5.25
CA ARG A 60 30.62 38.24 -4.71
C ARG A 60 29.79 37.02 -5.04
N PRO A 61 29.99 35.90 -4.38
CA PRO A 61 29.33 34.66 -4.65
C PRO A 61 27.89 34.73 -4.23
N ILE A 62 27.09 33.83 -4.75
CA ILE A 62 25.71 33.80 -4.33
C ILE A 62 25.57 33.42 -2.90
N ASP A 63 24.87 34.27 -2.16
CA ASP A 63 24.55 33.99 -0.78
C ASP A 63 23.08 33.67 -0.74
N VAL A 64 22.75 32.39 -0.68
CA VAL A 64 21.36 32.00 -0.78
C VAL A 64 20.61 32.41 0.48
N SER A 65 21.32 32.51 1.61
CA SER A 65 20.72 32.89 2.87
C SER A 65 20.23 34.32 2.88
N LYS A 66 20.66 35.09 1.89
CA LYS A 66 20.30 36.50 1.71
C LYS A 66 19.37 36.59 0.49
N ALA A 67 18.99 35.42 -0.05
CA ALA A 67 18.19 35.17 -1.23
C ALA A 67 18.77 35.77 -2.52
N ASP A 68 20.10 35.74 -2.67
CA ASP A 68 20.69 36.24 -3.90
C ASP A 68 20.32 35.40 -5.09
N GLY A 69 20.00 36.05 -6.20
CA GLY A 69 19.78 35.37 -7.45
C GLY A 69 18.46 34.67 -7.62
N ILE A 70 17.54 34.86 -6.69
CA ILE A 70 16.29 34.17 -6.81
C ILE A 70 15.19 34.81 -7.63
N ILE A 71 14.70 34.00 -8.54
CA ILE A 71 13.58 34.28 -9.39
C ILE A 71 12.39 33.78 -8.60
N TYR A 72 11.40 34.63 -8.43
CA TYR A 72 10.24 34.32 -7.61
C TYR A 72 9.41 33.23 -8.30
N PRO A 73 8.76 32.27 -7.60
CA PRO A 73 7.93 31.26 -8.25
C PRO A 73 6.98 32.03 -9.14
N GLN A 74 6.85 31.62 -10.39
CA GLN A 74 6.15 32.48 -11.33
C GLN A 74 4.66 32.61 -11.36
N GLY A 75 3.92 31.57 -11.09
CA GLY A 75 2.48 31.71 -11.26
C GLY A 75 1.72 32.02 -10.00
N ARG A 76 2.43 32.28 -8.91
CA ARG A 76 1.77 32.44 -7.64
C ARG A 76 2.60 33.12 -6.59
N THR A 77 1.98 33.45 -5.50
CA THR A 77 2.68 33.95 -4.33
C THR A 77 2.27 33.20 -3.11
N TYR A 78 3.07 33.38 -2.07
CA TYR A 78 2.87 32.76 -0.78
C TYR A 78 3.07 33.79 0.29
N SER A 79 2.52 33.57 1.48
CA SER A 79 2.69 34.52 2.56
C SER A 79 2.99 33.94 3.92
N ASN A 80 4.12 34.36 4.46
CA ASN A 80 4.51 33.96 5.80
C ASN A 80 4.71 32.42 5.92
N ILE A 81 5.26 31.76 4.94
CA ILE A 81 5.47 30.31 5.05
C ILE A 81 6.89 29.93 4.65
N THR A 82 7.32 28.77 5.08
CA THR A 82 8.57 28.21 4.57
C THR A 82 8.28 26.91 3.84
N ILE A 83 8.60 26.88 2.55
CA ILE A 83 8.38 25.66 1.75
C ILE A 83 9.55 25.32 0.87
N THR A 84 9.67 24.08 0.44
CA THR A 84 10.64 23.83 -0.61
C THR A 84 10.01 24.10 -1.95
N TYR A 85 10.84 24.42 -2.91
CA TYR A 85 10.42 24.72 -4.25
C TYR A 85 11.45 24.32 -5.28
N GLN A 86 10.97 23.71 -6.34
CA GLN A 86 11.80 23.28 -7.46
C GLN A 86 11.82 24.31 -8.57
N GLY A 87 13.01 24.75 -8.99
CA GLY A 87 13.07 25.75 -10.05
C GLY A 87 14.49 26.09 -10.45
N LEU A 88 14.66 27.08 -11.31
CA LEU A 88 15.98 27.41 -11.77
C LEU A 88 16.60 28.44 -10.86
N PHE A 89 17.67 28.00 -10.20
CA PHE A 89 18.38 28.78 -9.21
C PHE A 89 19.87 28.68 -9.41
N PRO A 90 20.65 29.67 -8.98
CA PRO A 90 22.10 29.63 -8.96
C PRO A 90 22.53 28.75 -7.76
N TYR A 91 23.72 28.20 -7.76
CA TYR A 91 24.20 27.42 -6.66
C TYR A 91 24.73 28.29 -5.53
N GLN A 92 24.50 27.84 -4.31
CA GLN A 92 25.10 28.53 -3.17
C GLN A 92 26.59 28.51 -3.31
N GLY A 93 27.20 29.69 -3.14
CA GLY A 93 28.64 29.79 -3.21
C GLY A 93 29.20 30.02 -4.59
N ASP A 94 28.35 30.06 -5.60
CA ASP A 94 28.85 30.27 -6.94
C ASP A 94 29.39 31.64 -7.12
N HIS A 95 30.65 31.74 -7.50
CA HIS A 95 31.30 33.04 -7.73
C HIS A 95 30.86 33.69 -8.99
N GLY A 96 30.47 32.89 -9.95
CA GLY A 96 30.04 33.40 -11.23
C GLY A 96 31.20 33.93 -12.01
N ASP A 97 30.86 34.63 -13.07
CA ASP A 97 31.83 35.23 -13.95
C ASP A 97 31.76 36.72 -13.82
N MET A 98 32.84 37.35 -13.41
CA MET A 98 32.80 38.79 -13.25
C MET A 98 33.21 39.50 -14.52
N TYR A 99 32.46 40.54 -14.85
CA TYR A 99 32.78 41.35 -16.00
C TYR A 99 32.80 42.81 -15.61
N VAL A 100 33.78 43.56 -16.09
CA VAL A 100 33.77 44.98 -15.75
C VAL A 100 34.01 45.82 -16.99
N TYR A 101 33.22 46.86 -17.14
CA TYR A 101 33.35 47.80 -18.22
C TYR A 101 34.24 48.94 -17.79
N SER A 102 34.95 49.58 -18.72
CA SER A 102 35.85 50.69 -18.39
C SER A 102 35.74 51.89 -19.29
N ALA A 103 36.52 52.89 -18.92
CA ALA A 103 36.71 54.08 -19.70
C ALA A 103 37.67 53.77 -20.83
N GLY A 104 37.50 54.45 -21.94
CA GLY A 104 38.42 54.29 -23.05
C GLY A 104 39.64 55.16 -22.85
N HIS A 105 40.51 55.16 -23.85
CA HIS A 105 41.74 55.93 -23.83
C HIS A 105 41.38 57.35 -24.13
N ALA A 106 42.17 58.29 -23.62
CA ALA A 106 41.94 59.71 -23.87
C ALA A 106 43.22 60.47 -23.84
N THR A 107 43.15 61.70 -24.25
CA THR A 107 44.25 62.64 -24.09
C THR A 107 43.59 63.94 -23.74
N GLY A 108 43.52 64.26 -22.46
CA GLY A 108 42.80 65.45 -22.08
C GLY A 108 41.32 65.35 -22.46
N THR A 109 40.87 66.30 -23.24
CA THR A 109 39.48 66.42 -23.66
C THR A 109 39.07 65.71 -24.93
N THR A 110 39.98 64.99 -25.55
CA THR A 110 39.66 64.27 -26.78
C THR A 110 39.80 62.77 -26.62
N PRO A 111 38.69 62.02 -26.37
CA PRO A 111 38.64 60.59 -26.21
C PRO A 111 39.23 59.96 -27.42
N GLN A 112 39.89 58.82 -27.26
CA GLN A 112 40.51 58.17 -28.39
C GLN A 112 40.00 56.77 -28.64
N LYS A 113 40.84 55.80 -28.34
CA LYS A 113 40.66 54.38 -28.56
C LYS A 113 39.79 53.74 -27.49
N LEU A 114 39.04 52.69 -27.84
CA LEU A 114 38.22 52.06 -26.81
C LEU A 114 39.10 51.11 -26.02
N PHE A 115 38.79 50.95 -24.74
CA PHE A 115 39.57 50.03 -23.91
C PHE A 115 38.70 48.95 -23.32
N VAL A 116 38.96 47.71 -23.73
CA VAL A 116 38.13 46.59 -23.32
C VAL A 116 38.89 45.37 -22.83
N ALA A 117 38.12 44.50 -22.22
CA ALA A 117 38.51 43.16 -21.82
C ALA A 117 38.32 42.21 -22.98
N ASN A 118 38.85 41.00 -22.91
CA ASN A 118 38.65 40.01 -24.01
C ASN A 118 37.30 39.36 -23.88
N TYR A 119 36.21 40.08 -23.84
CA TYR A 119 34.91 39.50 -23.59
C TYR A 119 34.21 39.00 -24.80
N SER A 120 34.43 39.61 -25.96
CA SER A 120 33.63 39.22 -27.11
C SER A 120 33.99 37.85 -27.61
N GLN A 121 35.18 37.41 -27.29
CA GLN A 121 35.71 36.15 -27.73
C GLN A 121 35.47 35.05 -26.71
N ASP A 122 35.02 35.44 -25.52
CA ASP A 122 34.79 34.52 -24.43
C ASP A 122 33.33 34.04 -24.49
N VAL A 123 33.06 33.05 -25.33
CA VAL A 123 31.69 32.61 -25.52
C VAL A 123 31.37 31.48 -24.59
N LYS A 124 30.25 31.62 -23.88
CA LYS A 124 29.84 30.65 -22.89
C LYS A 124 28.66 29.85 -23.32
N GLN A 125 28.53 28.67 -22.74
CA GLN A 125 27.37 27.85 -23.02
C GLN A 125 26.23 28.43 -22.19
N PHE A 126 25.07 28.65 -22.81
CA PHE A 126 23.87 29.21 -22.18
C PHE A 126 23.22 28.26 -21.20
N ALA A 127 23.09 27.00 -21.57
CA ALA A 127 22.44 26.01 -20.75
C ALA A 127 21.04 26.43 -20.36
N ASN A 128 20.79 26.64 -19.07
CA ASN A 128 19.44 26.96 -18.62
C ASN A 128 19.24 28.44 -18.42
N GLY A 129 20.23 29.24 -18.76
CA GLY A 129 20.13 30.66 -18.54
C GLY A 129 20.94 31.10 -17.36
N PHE A 130 20.79 32.38 -17.03
CA PHE A 130 21.60 33.00 -16.01
C PHE A 130 20.97 34.18 -15.33
N VAL A 131 21.54 34.53 -14.19
CA VAL A 131 21.15 35.73 -13.47
C VAL A 131 22.35 36.61 -13.32
N VAL A 132 22.13 37.91 -13.24
CA VAL A 132 23.20 38.84 -13.17
C VAL A 132 23.06 39.80 -12.00
N ARG A 133 24.13 39.94 -11.23
CA ARG A 133 24.17 40.89 -10.11
C ARG A 133 24.68 42.19 -10.70
N ILE A 134 23.86 43.26 -10.70
CA ILE A 134 24.25 44.52 -11.35
C ILE A 134 24.39 45.70 -10.38
N GLY A 135 25.56 46.34 -10.35
CA GLY A 135 25.75 47.52 -9.49
C GLY A 135 26.04 47.25 -8.03
N ALA A 136 26.53 46.07 -7.69
CA ALA A 136 26.79 45.73 -6.30
C ALA A 136 27.77 46.65 -5.62
N ALA A 137 28.74 47.14 -6.36
CA ALA A 137 29.75 48.00 -5.81
C ALA A 137 29.40 49.47 -5.88
N ALA A 138 28.21 49.80 -6.37
CA ALA A 138 27.90 51.21 -6.49
C ALA A 138 28.01 51.88 -5.13
N ASN A 139 28.47 53.14 -5.19
CA ASN A 139 28.72 54.06 -4.09
C ASN A 139 30.02 53.79 -3.35
N SER A 140 30.73 52.73 -3.70
CA SER A 140 31.99 52.44 -3.06
C SER A 140 33.05 53.14 -3.85
N THR A 141 34.19 53.43 -3.23
CA THR A 141 35.27 53.99 -4.04
C THR A 141 35.92 52.83 -4.78
N GLY A 142 36.11 52.99 -6.07
CA GLY A 142 36.72 51.98 -6.88
C GLY A 142 37.83 52.49 -7.71
N THR A 143 38.16 51.71 -8.72
CA THR A 143 39.25 52.03 -9.60
C THR A 143 38.78 52.30 -10.98
N VAL A 144 39.49 53.17 -11.64
CA VAL A 144 39.27 53.36 -13.04
C VAL A 144 40.14 52.27 -13.68
N ILE A 145 39.58 51.36 -14.43
CA ILE A 145 40.35 50.21 -14.88
C ILE A 145 41.53 50.59 -15.74
N ILE A 146 41.31 51.52 -16.64
CA ILE A 146 42.33 51.99 -17.56
C ILE A 146 43.48 52.70 -16.88
N SER A 147 43.24 53.23 -15.68
CA SER A 147 44.24 53.93 -14.91
C SER A 147 44.17 53.47 -13.46
N PRO A 148 44.87 52.39 -13.08
CA PRO A 148 44.84 51.75 -11.78
C PRO A 148 45.12 52.66 -10.59
N SER A 149 45.88 53.73 -10.81
CA SER A 149 46.20 54.65 -9.73
C SER A 149 45.11 55.70 -9.51
N THR A 150 44.14 55.74 -10.40
CA THR A 150 43.06 56.69 -10.33
C THR A 150 41.84 56.04 -9.68
N SER A 151 41.31 56.70 -8.66
CA SER A 151 40.13 56.21 -7.98
C SER A 151 38.95 57.08 -8.32
N ALA A 152 37.78 56.49 -8.22
CA ALA A 152 36.54 57.22 -8.48
C ALA A 152 35.41 56.51 -7.78
N THR A 153 34.31 57.22 -7.53
CA THR A 153 33.12 56.56 -7.00
C THR A 153 32.57 55.62 -8.05
N ILE A 154 32.22 54.40 -7.63
CA ILE A 154 31.66 53.40 -8.51
C ILE A 154 30.21 53.65 -8.85
N ARG A 155 29.91 53.60 -10.14
CA ARG A 155 28.55 53.78 -10.61
C ARG A 155 28.01 52.55 -11.30
N LYS A 156 26.72 52.32 -11.15
CA LYS A 156 26.09 51.18 -11.81
C LYS A 156 26.09 51.32 -13.30
N ILE A 157 26.42 50.21 -13.96
CA ILE A 157 26.38 50.14 -15.37
C ILE A 157 25.65 48.84 -15.76
N TYR A 158 24.92 48.81 -16.85
CA TYR A 158 24.20 47.64 -17.23
C TYR A 158 24.96 46.83 -18.22
N PRO A 159 24.89 45.52 -18.12
CA PRO A 159 25.53 44.57 -18.97
C PRO A 159 24.91 44.53 -20.33
N ALA A 160 25.71 44.23 -21.33
CA ALA A 160 25.20 44.02 -22.68
C ALA A 160 25.45 42.57 -23.06
N PHE A 161 24.50 41.94 -23.71
CA PHE A 161 24.66 40.53 -24.07
C PHE A 161 24.37 40.23 -25.51
N MET A 162 25.08 39.26 -26.03
CA MET A 162 24.81 38.75 -27.36
C MET A 162 24.52 37.26 -27.19
N LEU A 163 23.37 36.78 -27.65
CA LEU A 163 22.99 35.38 -27.46
C LEU A 163 22.55 34.69 -28.75
N GLY A 164 22.83 33.41 -28.89
CA GLY A 164 22.34 32.76 -30.09
C GLY A 164 22.52 31.27 -30.16
N SER A 165 22.18 30.73 -31.32
CA SER A 165 22.19 29.31 -31.62
C SER A 165 23.50 28.76 -32.11
N SER A 166 24.30 29.59 -32.74
CA SER A 166 25.52 29.13 -33.37
C SER A 166 26.57 30.19 -33.37
N VAL A 167 27.80 29.74 -33.10
CA VAL A 167 28.96 30.60 -33.04
C VAL A 167 30.11 30.12 -33.87
N GLY A 168 31.02 31.02 -34.15
CA GLY A 168 32.23 30.70 -34.87
C GLY A 168 33.10 31.90 -34.92
N ASN A 169 34.02 31.93 -35.87
CA ASN A 169 34.95 33.01 -35.96
C ASN A 169 34.62 34.05 -37.00
N PHE A 170 35.35 35.14 -36.94
CA PHE A 170 35.31 36.26 -37.85
C PHE A 170 36.36 36.06 -38.93
N SER A 171 36.48 37.01 -39.84
CA SER A 171 37.34 36.91 -41.00
C SER A 171 38.77 36.63 -40.67
N ASP A 172 39.29 37.19 -39.58
CA ASP A 172 40.68 36.97 -39.25
C ASP A 172 40.94 35.79 -38.31
N GLY A 173 39.91 35.00 -38.02
CA GLY A 173 40.05 33.87 -37.14
C GLY A 173 39.68 34.12 -35.67
N LYS A 174 39.37 35.36 -35.31
CA LYS A 174 39.00 35.57 -33.89
C LYS A 174 37.60 35.06 -33.64
N MET A 175 37.37 34.52 -32.46
CA MET A 175 36.02 34.02 -32.18
C MET A 175 35.08 35.05 -31.64
N GLY A 176 33.79 34.70 -31.66
CA GLY A 176 32.79 35.58 -31.11
C GLY A 176 31.76 35.96 -32.14
N ARG A 177 31.84 35.38 -33.33
CA ARG A 177 30.85 35.66 -34.32
C ARG A 177 29.63 34.80 -34.10
N PHE A 178 28.46 35.40 -34.17
CA PHE A 178 27.21 34.66 -34.05
C PHE A 178 26.56 34.58 -35.42
N PHE A 179 25.94 33.46 -35.70
CA PHE A 179 25.33 33.26 -37.01
C PHE A 179 23.84 33.27 -36.95
N ASN A 180 23.26 33.63 -38.08
CA ASN A 180 21.76 33.63 -38.20
C ASN A 180 21.27 34.70 -37.20
N HIS A 181 20.04 34.37 -36.67
CA HIS A 181 19.52 35.39 -35.76
C HIS A 181 20.13 35.32 -34.42
N THR A 182 20.54 36.48 -33.96
CA THR A 182 21.18 36.66 -32.69
C THR A 182 20.38 37.62 -31.86
N LEU A 183 20.22 37.28 -30.59
CA LEU A 183 19.51 38.13 -29.66
C LEU A 183 20.49 39.05 -29.00
N VAL A 184 20.21 40.31 -29.09
CA VAL A 184 21.09 41.27 -28.47
C VAL A 184 20.32 42.04 -27.44
N LEU A 185 20.87 42.05 -26.24
CA LEU A 185 20.32 42.82 -25.14
C LEU A 185 21.29 43.96 -24.92
N LEU A 186 20.91 45.16 -25.35
CA LEU A 186 21.84 46.26 -25.33
C LEU A 186 21.28 47.47 -24.59
N PRO A 187 21.73 47.78 -23.39
CA PRO A 187 21.26 48.90 -22.64
C PRO A 187 21.71 50.12 -23.38
N ASP A 188 20.93 51.18 -23.28
CA ASP A 188 21.25 52.41 -23.99
C ASP A 188 20.73 53.62 -23.22
N GLY A 189 20.96 54.79 -23.78
CA GLY A 189 20.45 56.02 -23.14
C GLY A 189 21.17 56.29 -21.87
N CYS A 190 22.43 55.93 -21.80
CA CYS A 190 23.25 56.11 -20.61
C CYS A 190 22.61 55.37 -19.42
N GLY A 191 22.07 54.18 -19.68
CA GLY A 191 21.46 53.38 -18.62
C GLY A 191 19.96 53.65 -18.37
N THR A 192 19.26 54.23 -19.34
CA THR A 192 17.83 54.49 -19.12
C THR A 192 16.92 53.54 -19.87
N LEU A 193 17.44 52.79 -20.83
CA LEU A 193 16.57 51.84 -21.50
C LEU A 193 17.30 50.53 -21.79
N LEU A 194 16.55 49.45 -21.80
CA LEU A 194 17.08 48.20 -22.28
C LEU A 194 16.53 47.91 -23.64
N ARG A 195 17.39 47.76 -24.65
CA ARG A 195 16.91 47.45 -25.98
C ARG A 195 17.17 46.02 -26.37
N ALA A 196 16.10 45.29 -26.61
CA ALA A 196 16.20 43.87 -26.97
C ALA A 196 15.85 43.65 -28.42
N PHE A 197 16.73 43.03 -29.18
CA PHE A 197 16.39 42.79 -30.57
C PHE A 197 16.91 41.48 -31.05
N TYR A 198 16.22 40.93 -32.04
CA TYR A 198 16.63 39.64 -32.59
C TYR A 198 16.84 39.85 -34.05
N CYS A 199 18.07 39.66 -34.45
CA CYS A 199 18.38 40.10 -35.85
C CYS A 199 19.63 39.34 -36.32
N ILE A 200 19.88 39.48 -37.64
CA ILE A 200 21.10 38.90 -38.18
C ILE A 200 22.16 39.95 -38.16
N LEU A 201 23.32 39.60 -37.63
CA LEU A 201 24.39 40.57 -37.55
C LEU A 201 25.38 40.33 -38.67
N GLU A 202 25.46 41.29 -39.57
CA GLU A 202 26.31 41.20 -40.74
C GLU A 202 27.57 42.02 -40.52
N PRO A 203 28.73 41.43 -40.31
CA PRO A 203 29.91 42.17 -40.01
C PRO A 203 30.23 43.18 -41.08
N ARG A 204 30.57 44.39 -40.67
CA ARG A 204 30.96 45.41 -41.60
C ARG A 204 32.40 45.24 -41.94
N SER A 205 32.77 45.66 -43.14
CA SER A 205 34.10 45.49 -43.69
C SER A 205 35.07 46.64 -43.56
N GLY A 206 34.68 47.68 -42.87
CA GLY A 206 35.53 48.85 -42.78
C GLY A 206 36.69 48.65 -41.81
N ASN A 207 37.46 49.70 -41.61
CA ASN A 207 38.66 49.58 -40.80
C ASN A 207 38.31 49.29 -39.37
N HIS A 208 38.92 48.24 -38.80
CA HIS A 208 38.72 47.78 -37.42
C HIS A 208 37.35 47.17 -37.18
N CYS A 209 36.65 46.85 -38.25
CA CYS A 209 35.35 46.22 -38.14
C CYS A 209 35.60 44.73 -38.31
N PRO A 210 34.72 43.84 -37.89
CA PRO A 210 34.89 42.38 -37.96
C PRO A 210 35.11 41.73 -39.31
N ALA A 211 34.70 42.37 -40.41
CA ALA A 211 35.00 41.78 -41.71
C ALA A 211 36.09 42.58 -42.43
N GLY A 212 36.73 43.51 -41.70
CA GLY A 212 37.74 44.37 -42.27
C GLY A 212 39.15 44.14 -41.73
N ASN A 213 40.01 45.14 -41.90
CA ASN A 213 41.40 45.06 -41.48
C ASN A 213 42.40 44.85 -40.39
N SER A 214 42.19 45.52 -39.25
CA SER A 214 43.03 45.38 -38.06
C SER A 214 41.93 45.21 -37.03
N TYR A 215 41.19 44.13 -37.13
CA TYR A 215 40.13 43.82 -36.19
C TYR A 215 40.67 43.11 -34.98
N THR A 216 40.16 43.52 -33.85
CA THR A 216 40.48 42.98 -32.54
C THR A 216 39.21 42.44 -31.91
N SER A 217 38.37 43.34 -31.47
CA SER A 217 37.07 43.04 -30.91
C SER A 217 36.12 44.13 -31.22
N PHE A 218 34.87 43.80 -31.41
CA PHE A 218 33.86 44.80 -31.56
C PHE A 218 33.56 45.28 -30.17
N ALA A 219 33.02 46.46 -30.04
CA ALA A 219 32.63 46.93 -28.73
C ALA A 219 31.59 47.99 -28.89
N THR A 220 30.79 48.18 -27.87
CA THR A 220 29.87 49.31 -27.91
C THR A 220 30.45 50.42 -27.08
N TYR A 221 29.91 51.60 -27.27
CA TYR A 221 30.36 52.73 -26.51
C TYR A 221 29.33 53.81 -26.51
N HIS A 222 29.49 54.73 -25.61
CA HIS A 222 28.72 55.95 -25.64
C HIS A 222 29.74 57.01 -25.26
N THR A 223 29.46 58.25 -25.62
CA THR A 223 30.32 59.40 -25.33
C THR A 223 29.59 60.38 -24.45
N PRO A 224 29.70 60.31 -23.11
CA PRO A 224 28.96 61.10 -22.16
C PRO A 224 28.91 62.56 -22.48
N ALA A 225 30.02 63.07 -23.02
CA ALA A 225 30.12 64.47 -23.36
C ALA A 225 29.02 64.92 -24.29
N THR A 226 28.58 64.05 -25.19
CA THR A 226 27.53 64.44 -26.13
C THR A 226 26.26 63.60 -25.96
N ASP A 227 26.40 62.42 -25.34
CA ASP A 227 25.29 61.49 -25.22
C ASP A 227 24.51 61.55 -23.93
N CYS A 228 25.12 62.09 -22.86
CA CYS A 228 24.44 62.05 -21.59
C CYS A 228 24.20 63.45 -21.03
N SER A 229 23.55 64.30 -21.83
CA SER A 229 23.21 65.66 -21.42
C SER A 229 22.21 65.55 -20.29
N ASP A 230 22.16 66.52 -19.38
CA ASP A 230 21.25 66.38 -18.23
C ASP A 230 19.81 66.13 -18.63
N GLY A 231 19.41 66.72 -19.73
CA GLY A 231 18.05 66.57 -20.22
C GLY A 231 17.97 65.46 -21.27
N ASN A 232 18.39 65.77 -22.48
CA ASN A 232 18.21 64.84 -23.57
C ASN A 232 19.31 63.81 -23.73
N TYR A 233 19.07 62.61 -23.17
CA TYR A 233 20.03 61.51 -23.32
C TYR A 233 19.86 60.93 -24.72
N ASN A 234 20.96 60.49 -25.32
CA ASN A 234 20.90 59.86 -26.63
C ASN A 234 20.49 58.42 -26.51
N ARG A 235 19.25 58.13 -26.85
CA ARG A 235 18.68 56.81 -26.64
C ARG A 235 19.17 55.81 -27.63
N ASN A 236 19.91 56.29 -28.64
CA ASN A 236 20.49 55.41 -29.63
C ASN A 236 22.02 55.42 -29.56
N ALA A 237 22.62 55.94 -28.49
CA ALA A 237 24.09 56.00 -28.52
C ALA A 237 24.77 54.64 -28.60
N SER A 238 24.27 53.66 -27.87
CA SER A 238 24.91 52.35 -27.88
C SER A 238 24.48 51.57 -29.09
N LEU A 239 23.23 51.83 -29.54
CA LEU A 239 22.78 51.13 -30.73
C LEU A 239 23.61 51.59 -31.90
N ASN A 240 23.88 52.88 -31.95
CA ASN A 240 24.63 53.41 -33.05
C ASN A 240 26.05 52.89 -33.05
N SER A 241 26.65 52.69 -31.88
CA SER A 241 28.00 52.15 -31.91
C SER A 241 28.00 50.70 -32.32
N PHE A 242 26.95 49.97 -31.95
CA PHE A 242 26.87 48.55 -32.28
C PHE A 242 26.85 48.42 -33.78
N LYS A 243 26.05 49.29 -34.40
CA LYS A 243 25.86 49.39 -35.84
C LYS A 243 27.10 49.74 -36.65
N GLU A 244 28.14 50.24 -35.97
CA GLU A 244 29.35 50.54 -36.66
C GLU A 244 30.07 49.24 -36.98
N TYR A 245 29.89 48.20 -36.16
CA TYR A 245 30.59 46.96 -36.38
C TYR A 245 29.73 45.99 -37.17
N PHE A 246 28.41 46.09 -37.00
CA PHE A 246 27.51 45.16 -37.69
C PHE A 246 26.36 45.84 -38.40
N ASN A 247 25.96 45.30 -39.52
CA ASN A 247 24.73 45.74 -40.14
C ASN A 247 23.63 44.86 -39.57
N LEU A 248 22.52 45.46 -39.17
CA LEU A 248 21.39 44.68 -38.62
C LEU A 248 20.42 44.34 -39.74
N ARG A 249 20.22 43.04 -39.95
CA ARG A 249 19.39 42.52 -41.03
C ARG A 249 18.32 41.53 -40.60
N ASN A 250 17.21 41.60 -41.25
CA ASN A 250 16.05 40.67 -40.93
C ASN A 250 15.73 40.71 -39.53
N CYS A 251 15.63 41.86 -38.89
CA CYS A 251 15.26 41.93 -37.51
C CYS A 251 13.83 41.51 -37.38
N THR A 252 13.52 40.70 -36.39
CA THR A 252 12.13 40.28 -36.28
C THR A 252 11.43 41.12 -35.25
N PHE A 253 12.20 41.69 -34.35
CA PHE A 253 11.67 42.57 -33.34
C PHE A 253 12.76 43.45 -32.82
N MET A 254 12.33 44.55 -32.22
CA MET A 254 13.17 45.40 -31.42
C MET A 254 12.27 46.04 -30.37
N TYR A 255 12.52 45.72 -29.12
CA TYR A 255 11.72 46.20 -28.02
C TYR A 255 12.53 47.04 -27.08
N THR A 256 11.93 48.02 -26.46
CA THR A 256 12.68 48.75 -25.45
C THR A 256 11.93 48.72 -24.15
N TYR A 257 12.67 48.75 -23.07
CA TYR A 257 12.10 48.79 -21.75
C TYR A 257 12.70 49.96 -21.05
N ASN A 258 11.94 50.68 -20.27
CA ASN A 258 12.49 51.82 -19.56
C ASN A 258 13.04 51.46 -18.21
N ILE A 259 14.13 52.10 -17.84
CA ILE A 259 14.78 51.96 -16.58
C ILE A 259 14.83 53.32 -15.85
N THR A 260 14.30 53.42 -14.65
CA THR A 260 14.43 54.68 -13.91
C THR A 260 15.85 54.67 -13.37
N GLU A 261 16.58 55.77 -13.44
CA GLU A 261 17.93 55.76 -12.90
C GLU A 261 18.02 55.80 -11.39
N ASP A 262 18.93 55.00 -10.86
CA ASP A 262 19.26 54.93 -9.46
C ASP A 262 20.61 54.23 -9.35
N GLU A 263 21.14 54.06 -8.13
CA GLU A 263 22.39 53.33 -7.89
C GLU A 263 22.15 52.07 -7.05
N ILE A 264 20.92 51.58 -7.11
CA ILE A 264 20.47 50.43 -6.34
C ILE A 264 20.89 49.08 -6.91
N LEU A 265 21.40 48.17 -6.08
CA LEU A 265 21.75 46.85 -6.62
C LEU A 265 20.52 46.16 -7.18
N GLU A 266 20.64 45.65 -8.40
CA GLU A 266 19.51 44.96 -8.99
C GLU A 266 19.91 43.69 -9.64
N TRP A 267 18.95 42.80 -9.77
CA TRP A 267 19.19 41.58 -10.47
C TRP A 267 18.44 41.50 -11.78
N PHE A 268 19.12 40.92 -12.75
CA PHE A 268 18.60 40.64 -14.09
C PHE A 268 18.67 39.15 -14.41
N GLY A 269 17.67 38.59 -15.06
CA GLY A 269 17.83 37.19 -15.43
C GLY A 269 17.27 36.84 -16.78
N ILE A 270 17.80 35.80 -17.36
CA ILE A 270 17.30 35.30 -18.63
C ILE A 270 17.14 33.78 -18.66
N THR A 271 16.00 33.32 -19.13
CA THR A 271 15.75 31.88 -19.30
C THR A 271 15.07 31.64 -20.65
N GLN A 272 14.99 30.40 -21.11
CA GLN A 272 14.25 30.16 -22.36
C GLN A 272 13.40 28.90 -22.27
N THR A 273 12.16 29.04 -22.72
CA THR A 273 11.18 27.95 -22.78
C THR A 273 10.54 27.91 -24.17
N ALA A 274 9.58 27.02 -24.38
CA ALA A 274 8.87 26.95 -25.66
C ALA A 274 8.16 28.26 -25.99
N GLN A 275 7.84 29.06 -24.97
CA GLN A 275 7.15 30.33 -25.15
C GLN A 275 8.08 31.47 -25.53
N GLY A 276 9.38 31.22 -25.53
CA GLY A 276 10.33 32.28 -25.84
C GLY A 276 11.30 32.55 -24.73
N VAL A 277 12.00 33.65 -24.89
CA VAL A 277 13.02 34.06 -23.95
C VAL A 277 12.42 34.95 -22.91
N HIS A 278 12.63 34.60 -21.67
CA HIS A 278 12.02 35.33 -20.58
C HIS A 278 13.04 36.19 -19.91
N LEU A 279 12.71 37.45 -19.80
CA LEU A 279 13.58 38.42 -19.15
C LEU A 279 13.02 38.74 -17.78
N PHE A 280 13.85 38.58 -16.77
CA PHE A 280 13.49 38.79 -15.39
C PHE A 280 14.21 39.96 -14.83
N SER A 281 13.60 40.65 -13.90
CA SER A 281 14.26 41.74 -13.22
C SER A 281 13.66 41.99 -11.88
N SER A 282 14.48 42.42 -10.96
CA SER A 282 14.00 42.83 -9.67
C SER A 282 13.43 44.25 -9.63
N ARG A 283 13.76 45.10 -10.61
CA ARG A 283 13.42 46.51 -10.44
C ARG A 283 11.99 46.92 -10.64
N TYR A 284 11.17 46.08 -11.21
CA TYR A 284 9.81 46.53 -11.43
C TYR A 284 8.86 46.05 -10.34
N VAL A 285 9.32 45.12 -9.50
CA VAL A 285 8.46 44.55 -8.45
C VAL A 285 9.09 44.62 -7.06
N ASP A 286 10.38 44.25 -6.95
CA ASP A 286 11.01 44.14 -5.65
C ASP A 286 12.34 44.88 -5.76
N LEU A 287 12.26 46.20 -5.88
CA LEU A 287 13.44 47.02 -6.15
C LEU A 287 14.45 46.96 -5.06
N TYR A 288 14.00 47.01 -3.85
CA TYR A 288 14.94 47.07 -2.78
C TYR A 288 15.28 45.70 -2.31
N GLY A 289 14.35 44.78 -2.48
CA GLY A 289 14.52 43.42 -2.02
C GLY A 289 15.39 42.50 -2.88
N GLY A 290 15.34 42.66 -4.21
CA GLY A 290 16.12 41.81 -5.09
C GLY A 290 15.44 40.59 -5.74
N ASN A 291 14.20 40.22 -5.38
CA ASN A 291 13.60 39.04 -6.03
C ASN A 291 13.30 39.39 -7.48
N MET A 292 13.53 38.45 -8.38
CA MET A 292 13.26 38.72 -9.79
C MET A 292 11.96 38.22 -10.29
N PHE A 293 11.30 39.09 -11.04
CA PHE A 293 10.02 38.81 -11.62
C PHE A 293 10.10 38.97 -13.10
N GLN A 294 9.29 38.26 -13.84
CA GLN A 294 9.36 38.42 -15.27
C GLN A 294 8.81 39.74 -15.73
N PHE A 295 9.53 40.40 -16.64
CA PHE A 295 9.01 41.66 -17.17
C PHE A 295 8.76 41.55 -18.67
N ALA A 296 9.34 40.56 -19.31
CA ALA A 296 9.15 40.44 -20.74
C ALA A 296 9.35 39.04 -21.24
N THR A 297 8.68 38.72 -22.34
CA THR A 297 8.93 37.48 -23.07
C THR A 297 9.24 37.87 -24.51
N LEU A 298 10.32 37.36 -25.06
CA LEU A 298 10.70 37.70 -26.40
C LEU A 298 10.39 36.52 -27.31
N PRO A 299 9.94 36.72 -28.54
CA PRO A 299 9.63 35.70 -29.50
C PRO A 299 10.84 35.13 -30.19
N VAL A 300 11.69 34.53 -29.38
CA VAL A 300 12.91 33.89 -29.80
C VAL A 300 12.71 32.41 -29.58
N TYR A 301 12.59 31.65 -30.66
CA TYR A 301 12.24 30.25 -30.48
C TYR A 301 13.33 29.30 -30.81
N ASP A 302 14.36 29.74 -31.48
CA ASP A 302 15.42 28.81 -31.73
C ASP A 302 16.10 28.70 -30.37
N THR A 303 16.78 27.61 -30.11
CA THR A 303 17.40 27.45 -28.78
C THR A 303 18.68 28.26 -28.65
N ILE A 304 18.76 29.02 -27.56
CA ILE A 304 19.98 29.74 -27.33
C ILE A 304 20.95 28.77 -26.76
N LYS A 305 22.10 28.68 -27.37
CA LYS A 305 23.09 27.75 -26.90
C LYS A 305 24.27 28.49 -26.38
N TYR A 306 24.52 29.67 -26.93
CA TYR A 306 25.71 30.44 -26.61
C TYR A 306 25.43 31.85 -26.26
N TYR A 307 26.28 32.42 -25.42
CA TYR A 307 26.17 33.84 -25.16
C TYR A 307 27.52 34.44 -24.90
N SER A 308 27.58 35.74 -25.03
CA SER A 308 28.79 36.46 -24.73
C SER A 308 28.46 37.81 -24.21
N ILE A 309 29.41 38.43 -23.55
CA ILE A 309 29.24 39.79 -23.07
C ILE A 309 29.75 40.74 -24.12
N ILE A 310 28.95 41.71 -24.48
CA ILE A 310 29.40 42.66 -25.45
C ILE A 310 30.22 43.65 -24.65
N PRO A 311 31.50 43.83 -24.88
CA PRO A 311 32.30 44.74 -24.12
C PRO A 311 31.80 46.13 -24.41
N HIS A 312 31.86 46.99 -23.43
CA HIS A 312 31.43 48.35 -23.56
C HIS A 312 32.51 49.24 -23.02
N SER A 313 32.78 50.32 -23.70
CA SER A 313 33.81 51.25 -23.25
C SER A 313 33.29 52.65 -23.33
N ILE A 314 33.50 53.41 -22.28
CA ILE A 314 32.91 54.74 -22.23
C ILE A 314 33.91 55.76 -22.70
N ARG A 315 33.55 56.56 -23.68
CA ARG A 315 34.51 57.51 -24.23
C ARG A 315 34.51 58.81 -23.47
N SER A 316 34.97 58.69 -22.25
CA SER A 316 35.08 59.80 -21.33
C SER A 316 36.34 60.54 -21.62
N ILE A 317 36.39 61.79 -21.24
CA ILE A 317 37.62 62.55 -21.33
C ILE A 317 38.54 62.05 -20.21
N GLN A 318 39.82 62.32 -20.32
CA GLN A 318 40.78 61.83 -19.35
C GLN A 318 40.52 62.36 -17.96
N SER A 319 39.99 63.57 -17.90
CA SER A 319 39.71 64.27 -16.67
C SER A 319 38.39 63.91 -16.01
N ASP A 320 37.60 63.05 -16.67
CA ASP A 320 36.28 62.69 -16.16
C ASP A 320 36.04 61.18 -16.22
N ARG A 321 37.03 60.38 -15.87
CA ARG A 321 36.82 58.95 -15.87
C ARG A 321 36.10 58.51 -14.61
N LYS A 322 35.17 57.59 -14.78
CA LYS A 322 34.42 57.07 -13.66
C LYS A 322 34.75 55.63 -13.44
N ALA A 323 34.50 55.15 -12.24
CA ALA A 323 34.66 53.74 -11.97
C ALA A 323 33.31 53.10 -12.24
N TRP A 324 33.27 52.04 -13.00
CA TRP A 324 31.98 51.43 -13.28
C TRP A 324 31.91 50.12 -12.53
N ALA A 325 30.74 49.84 -11.97
CA ALA A 325 30.57 48.63 -11.20
C ALA A 325 30.67 47.39 -12.04
N ALA A 326 31.30 46.36 -11.49
CA ALA A 326 31.37 45.08 -12.16
C ALA A 326 30.04 44.38 -12.04
N PHE A 327 29.72 43.56 -13.02
CA PHE A 327 28.53 42.74 -12.92
C PHE A 327 28.93 41.30 -12.88
N TYR A 328 28.08 40.50 -12.30
CA TYR A 328 28.43 39.10 -12.16
C TYR A 328 27.41 38.21 -12.73
N VAL A 329 27.83 37.26 -13.52
CA VAL A 329 26.89 36.35 -14.16
C VAL A 329 26.93 35.01 -13.51
N TYR A 330 25.79 34.48 -13.12
CA TYR A 330 25.75 33.20 -12.45
C TYR A 330 24.85 32.28 -13.24
N LYS A 331 25.22 31.02 -13.38
CA LYS A 331 24.38 30.10 -14.15
C LYS A 331 23.28 29.47 -13.34
N LEU A 332 22.16 29.23 -13.99
CA LEU A 332 21.03 28.57 -13.37
C LEU A 332 20.93 27.09 -13.64
N GLN A 333 20.31 26.39 -12.72
CA GLN A 333 20.07 24.96 -12.85
C GLN A 333 18.88 24.60 -12.03
N PRO A 334 18.20 23.50 -12.35
CA PRO A 334 17.03 22.98 -11.65
C PRO A 334 17.38 22.39 -10.31
N LEU A 335 17.27 23.22 -9.30
CA LEU A 335 17.63 22.89 -7.94
C LEU A 335 16.40 22.98 -7.04
N THR A 336 16.44 22.28 -5.90
CA THR A 336 15.38 22.50 -4.94
C THR A 336 15.93 23.45 -3.88
N PHE A 337 15.20 24.53 -3.65
CA PHE A 337 15.50 25.50 -2.61
C PHE A 337 14.45 25.51 -1.51
N LEU A 338 14.87 25.82 -0.29
CA LEU A 338 13.93 26.07 0.77
C LEU A 338 13.70 27.57 0.70
N LEU A 339 12.48 28.02 0.49
CA LEU A 339 12.24 29.46 0.34
C LEU A 339 11.40 30.02 1.47
N ASP A 340 11.93 31.07 2.12
CA ASP A 340 11.23 31.73 3.22
C ASP A 340 10.48 32.94 2.72
N PHE A 341 9.15 32.82 2.64
CA PHE A 341 8.29 33.88 2.13
C PHE A 341 7.82 34.72 3.30
N SER A 342 8.06 36.02 3.22
CA SER A 342 7.67 36.95 4.27
C SER A 342 6.20 37.23 4.18
N VAL A 343 5.66 38.00 5.10
CA VAL A 343 4.23 38.30 5.07
C VAL A 343 3.88 39.02 3.76
N ASP A 344 4.78 39.88 3.30
CA ASP A 344 4.57 40.63 2.06
C ASP A 344 4.93 39.82 0.82
N GLY A 345 5.26 38.55 1.02
CA GLY A 345 5.53 37.65 -0.06
C GLY A 345 6.90 37.62 -0.62
N TYR A 346 7.82 38.42 -0.11
CA TYR A 346 9.11 38.35 -0.75
C TYR A 346 9.98 37.32 -0.12
N ILE A 347 10.88 36.78 -0.92
CA ILE A 347 11.81 35.80 -0.42
C ILE A 347 13.02 36.53 0.09
N ARG A 348 13.28 36.35 1.36
CA ARG A 348 14.40 37.05 1.98
C ARG A 348 15.49 36.13 2.39
N ARG A 349 15.14 34.90 2.55
CA ARG A 349 16.07 33.90 3.01
C ARG A 349 15.79 32.59 2.29
N ALA A 350 16.84 31.83 1.97
CA ALA A 350 16.66 30.54 1.35
C ALA A 350 17.80 29.57 1.65
N ILE A 351 17.53 28.29 1.47
CA ILE A 351 18.52 27.23 1.56
C ILE A 351 18.69 26.51 0.21
N ASP A 352 19.93 26.35 -0.24
CA ASP A 352 20.22 25.53 -1.42
C ASP A 352 20.31 24.11 -0.89
N CYS A 353 19.26 23.28 -1.19
CA CYS A 353 19.18 21.98 -0.51
C CYS A 353 20.22 20.98 -0.94
N GLY A 354 20.99 21.31 -1.99
CA GLY A 354 22.02 20.38 -2.40
C GLY A 354 23.43 20.88 -2.09
N PHE A 355 23.55 22.01 -1.41
CA PHE A 355 24.85 22.60 -1.14
C PHE A 355 25.75 21.75 -0.27
N ASN A 356 25.22 21.33 0.86
CA ASN A 356 25.94 20.50 1.79
C ASN A 356 24.93 19.67 2.57
N ASP A 357 25.43 18.87 3.48
CA ASP A 357 24.62 17.98 4.28
C ASP A 357 23.76 18.70 5.30
N LEU A 358 24.26 19.81 5.79
CA LEU A 358 23.51 20.62 6.74
C LEU A 358 22.32 21.23 6.03
N SER A 359 22.52 21.66 4.79
CA SER A 359 21.45 22.25 4.02
C SER A 359 20.39 21.20 3.72
N GLN A 360 20.82 19.96 3.47
CA GLN A 360 19.88 18.88 3.18
C GLN A 360 18.99 18.66 4.38
N LEU A 361 19.58 18.77 5.57
CA LEU A 361 18.83 18.59 6.80
C LEU A 361 17.73 19.65 6.92
N HIS A 362 18.08 20.90 6.65
CA HIS A 362 17.07 21.96 6.78
C HIS A 362 15.97 21.75 5.79
N CYS A 363 16.32 21.32 4.60
CA CYS A 363 15.28 21.12 3.63
C CYS A 363 14.37 19.96 3.99
N SER A 364 14.92 18.88 4.55
CA SER A 364 14.07 17.73 4.85
C SER A 364 13.04 18.01 5.91
N TYR A 365 13.31 19.00 6.75
CA TYR A 365 12.33 19.39 7.78
C TYR A 365 11.57 20.61 7.38
N GLU A 366 11.86 21.11 6.18
CA GLU A 366 11.30 22.34 5.64
C GLU A 366 11.38 23.47 6.63
N SER A 367 12.54 23.64 7.23
CA SER A 367 12.71 24.68 8.21
C SER A 367 14.09 25.19 8.31
N PHE A 368 14.25 26.43 8.72
CA PHE A 368 15.57 27.02 8.89
C PHE A 368 16.14 26.74 10.26
N ASP A 369 15.31 26.17 11.11
CA ASP A 369 15.69 25.84 12.46
C ASP A 369 15.24 24.43 12.77
N VAL A 370 16.20 23.56 13.00
CA VAL A 370 15.90 22.19 13.30
C VAL A 370 16.54 21.95 14.63
N GLU A 371 16.11 20.93 15.34
CA GLU A 371 16.64 20.61 16.64
C GLU A 371 18.01 19.98 16.55
N SER A 372 18.75 20.06 17.65
CA SER A 372 20.06 19.45 17.72
C SER A 372 19.96 17.94 17.65
N GLY A 373 20.94 17.31 17.04
CA GLY A 373 20.92 15.86 16.97
C GLY A 373 21.83 15.35 15.90
N VAL A 374 21.83 14.05 15.74
CA VAL A 374 22.62 13.45 14.71
C VAL A 374 21.63 12.87 13.72
N TYR A 375 21.73 13.29 12.46
CA TYR A 375 20.75 12.89 11.45
C TYR A 375 21.36 12.27 10.24
N SER A 376 20.70 11.29 9.67
CA SER A 376 21.20 10.75 8.42
C SER A 376 20.67 11.59 7.28
N VAL A 377 21.54 11.83 6.32
CA VAL A 377 21.19 12.61 5.13
C VAL A 377 21.62 11.84 3.90
N SER A 378 21.29 12.33 2.73
CA SER A 378 21.67 11.62 1.55
C SER A 378 23.17 11.38 1.50
N SER A 379 23.52 10.19 1.01
CA SER A 379 24.91 9.75 0.92
C SER A 379 25.67 10.58 -0.08
N PHE A 380 26.98 10.58 0.06
CA PHE A 380 27.78 11.32 -0.87
C PHE A 380 28.02 10.35 -2.02
N GLU A 381 27.47 10.66 -3.18
CA GLU A 381 27.50 9.73 -4.28
C GLU A 381 28.84 9.61 -4.94
N ALA A 382 29.17 8.39 -5.30
CA ALA A 382 30.34 8.17 -6.13
C ALA A 382 29.87 8.52 -7.53
N LYS A 383 30.71 9.15 -8.34
CA LYS A 383 30.26 9.46 -9.68
C LYS A 383 31.19 8.77 -10.66
N PRO A 384 30.72 8.43 -11.87
CA PRO A 384 31.54 7.86 -12.90
C PRO A 384 32.67 8.77 -13.28
N SER A 385 33.82 8.16 -13.51
CA SER A 385 35.06 8.77 -13.91
C SER A 385 35.37 8.44 -15.36
N GLY A 386 34.45 7.74 -15.99
CA GLY A 386 34.61 7.26 -17.35
C GLY A 386 33.57 6.20 -17.67
N SER A 387 33.81 5.46 -18.74
CA SER A 387 32.89 4.42 -19.18
C SER A 387 33.61 3.28 -19.84
N VAL A 388 33.04 2.08 -19.80
CA VAL A 388 33.57 0.93 -20.52
C VAL A 388 32.51 0.37 -21.44
N VAL A 389 32.89 0.03 -22.65
CA VAL A 389 31.93 -0.54 -23.57
C VAL A 389 32.46 -1.77 -24.29
N GLU A 390 31.64 -2.81 -24.32
CA GLU A 390 31.97 -3.98 -25.13
C GLU A 390 30.73 -4.31 -25.94
N GLN A 391 30.89 -4.51 -27.24
CA GLN A 391 29.77 -4.88 -28.10
C GLN A 391 30.24 -5.94 -29.06
N ALA A 392 29.33 -6.74 -29.58
CA ALA A 392 29.78 -7.63 -30.64
C ALA A 392 30.21 -6.72 -31.78
N GLU A 393 31.35 -7.01 -32.37
CA GLU A 393 31.82 -6.24 -33.52
C GLU A 393 32.22 -7.22 -34.58
N GLY A 394 31.66 -7.10 -35.77
CA GLY A 394 32.01 -8.07 -36.79
C GLY A 394 31.17 -7.95 -38.04
N VAL A 395 30.48 -9.04 -38.32
CA VAL A 395 29.65 -9.20 -39.50
C VAL A 395 28.45 -8.28 -39.44
N GLU A 396 28.06 -7.76 -40.60
CA GLU A 396 26.88 -6.91 -40.69
C GLU A 396 25.64 -7.87 -40.64
N CYS A 397 24.54 -7.23 -40.11
CA CYS A 397 23.35 -8.40 -40.21
C CYS A 397 22.89 -7.98 -41.72
N ASP A 398 22.68 -9.45 -42.20
CA ASP A 398 22.43 -9.57 -43.65
C ASP A 398 20.98 -9.53 -44.07
N PHE A 399 20.60 -8.44 -44.73
CA PHE A 399 19.22 -8.25 -45.15
C PHE A 399 19.11 -8.55 -46.63
N SER A 400 20.12 -9.17 -47.21
CA SER A 400 20.08 -9.45 -48.61
C SER A 400 18.92 -10.31 -49.08
N PRO A 401 18.58 -11.47 -48.48
CA PRO A 401 17.45 -12.32 -48.88
C PRO A 401 16.20 -11.57 -49.23
N LEU A 402 15.96 -10.53 -48.43
CA LEU A 402 14.82 -9.65 -48.50
C LEU A 402 14.68 -8.96 -49.83
N LEU A 403 15.83 -8.66 -50.41
CA LEU A 403 15.93 -7.88 -51.62
C LEU A 403 15.94 -8.72 -52.89
N SER A 404 15.80 -10.05 -52.79
CA SER A 404 15.90 -10.85 -54.00
C SER A 404 14.76 -11.82 -54.26
N GLY A 405 14.05 -11.55 -55.34
CA GLY A 405 12.92 -12.39 -55.73
C GLY A 405 11.59 -11.82 -55.29
N THR A 406 10.53 -12.58 -55.47
CA THR A 406 9.20 -12.12 -55.16
C THR A 406 8.95 -12.33 -53.67
N PRO A 407 8.58 -11.32 -52.88
CA PRO A 407 8.27 -11.45 -51.48
C PRO A 407 7.06 -12.33 -51.36
N PRO A 408 6.87 -13.01 -50.26
CA PRO A 408 5.77 -13.87 -49.96
C PRO A 408 4.53 -13.08 -49.67
N GLN A 409 3.42 -13.74 -49.68
CA GLN A 409 2.17 -13.14 -49.26
C GLN A 409 2.16 -13.03 -47.75
N VAL A 410 1.32 -12.20 -47.21
CA VAL A 410 1.23 -11.98 -45.77
C VAL A 410 1.11 -13.23 -44.90
N TYR A 411 0.49 -14.29 -45.38
CA TYR A 411 0.32 -15.49 -44.56
C TYR A 411 1.52 -16.42 -44.64
N ASN A 412 2.40 -16.15 -45.58
CA ASN A 412 3.62 -16.90 -45.82
C ASN A 412 4.82 -16.04 -45.57
N PHE A 413 4.73 -15.09 -44.66
CA PHE A 413 5.81 -14.17 -44.45
C PHE A 413 7.11 -14.88 -44.20
N LYS A 414 8.21 -14.28 -44.62
CA LYS A 414 9.48 -14.90 -44.38
C LYS A 414 10.16 -14.22 -43.25
N ARG A 415 10.92 -15.01 -42.51
CA ARG A 415 11.58 -14.52 -41.34
C ARG A 415 13.07 -14.59 -41.37
N LEU A 416 13.68 -13.45 -41.12
CA LEU A 416 15.12 -13.35 -41.00
C LEU A 416 15.46 -13.11 -39.55
N VAL A 417 16.25 -13.99 -38.94
CA VAL A 417 16.57 -13.80 -37.54
C VAL A 417 18.01 -13.43 -37.42
N PHE A 418 18.23 -12.29 -36.79
CA PHE A 418 19.56 -11.76 -36.65
C PHE A 418 20.07 -11.84 -35.26
N THR A 419 21.21 -12.48 -35.12
CA THR A 419 21.90 -12.62 -33.84
C THR A 419 23.39 -12.37 -34.09
N ASN A 420 24.15 -11.92 -33.08
CA ASN A 420 25.60 -11.77 -33.23
C ASN A 420 26.03 -11.02 -34.48
N CYS A 421 25.48 -9.83 -34.68
CA CYS A 421 25.79 -9.03 -35.85
C CYS A 421 25.58 -7.54 -35.60
N ASN A 422 26.09 -6.73 -36.51
CA ASN A 422 25.90 -5.30 -36.42
C ASN A 422 24.73 -4.85 -37.29
N TYR A 423 23.75 -4.20 -36.71
CA TYR A 423 22.60 -3.87 -37.53
C TYR A 423 22.63 -2.42 -37.87
N ASN A 424 21.99 -2.12 -38.95
CA ASN A 424 21.78 -0.77 -39.42
C ASN A 424 20.43 -0.71 -40.13
N LEU A 425 19.45 -0.04 -39.44
CA LEU A 425 18.14 -0.04 -40.07
C LEU A 425 18.10 0.90 -41.23
N THR A 426 18.90 1.97 -41.19
CA THR A 426 18.91 2.95 -42.28
C THR A 426 19.31 2.26 -43.55
N LYS A 427 20.25 1.33 -43.43
CA LYS A 427 20.76 0.58 -44.58
C LYS A 427 19.62 -0.12 -45.30
N LEU A 428 18.62 -0.60 -44.56
CA LEU A 428 17.49 -1.27 -45.17
C LEU A 428 16.39 -0.29 -45.56
N LEU A 429 16.10 0.66 -44.69
CA LEU A 429 15.01 1.61 -44.86
C LEU A 429 15.25 2.49 -46.05
N SER A 430 16.51 2.83 -46.31
CA SER A 430 16.91 3.70 -47.38
C SER A 430 16.70 3.12 -48.75
N LEU A 431 16.44 1.82 -48.81
CA LEU A 431 16.19 1.16 -50.07
C LEU A 431 14.71 1.17 -50.44
N PHE A 432 13.85 1.62 -49.55
CA PHE A 432 12.41 1.58 -49.83
C PHE A 432 11.78 2.94 -49.64
N SER A 433 10.67 3.19 -50.30
CA SER A 433 9.99 4.43 -49.98
C SER A 433 9.07 4.13 -48.81
N VAL A 434 9.45 4.55 -47.63
CA VAL A 434 8.68 4.17 -46.46
C VAL A 434 7.44 4.98 -46.35
N ASN A 435 6.33 4.28 -46.19
CA ASN A 435 5.07 4.95 -46.11
C ASN A 435 4.65 5.11 -44.67
N ASP A 436 4.96 4.12 -43.85
CA ASP A 436 4.52 4.18 -42.46
C ASP A 436 5.45 3.39 -41.55
N PHE A 437 6.20 4.05 -40.70
CA PHE A 437 7.12 3.33 -39.79
C PHE A 437 6.79 3.66 -38.35
N THR A 438 6.19 2.72 -37.63
CA THR A 438 5.82 2.97 -36.23
C THR A 438 6.32 1.90 -35.31
N CYS A 439 6.52 2.29 -34.06
CA CYS A 439 6.99 1.36 -33.03
C CYS A 439 6.10 1.27 -31.83
N SER A 440 6.13 0.13 -31.18
CA SER A 440 5.36 -0.20 -30.00
C SER A 440 6.17 -0.90 -28.93
N GLN A 441 6.10 -0.32 -27.73
CA GLN A 441 6.84 -0.75 -26.53
C GLN A 441 8.34 -0.57 -26.67
N ILE A 442 8.73 0.31 -27.55
CA ILE A 442 10.11 0.73 -27.76
C ILE A 442 10.04 2.08 -28.42
N SER A 443 10.91 3.01 -28.05
CA SER A 443 10.87 4.29 -28.73
C SER A 443 11.49 4.17 -30.10
N PRO A 444 11.14 5.02 -31.05
CA PRO A 444 11.80 5.30 -32.30
C PRO A 444 13.30 5.48 -32.27
N ALA A 445 13.78 6.17 -31.22
CA ALA A 445 15.21 6.38 -31.15
C ALA A 445 15.89 5.10 -30.76
N ALA A 446 15.25 4.36 -29.88
CA ALA A 446 15.74 3.10 -29.36
C ALA A 446 15.77 2.00 -30.39
N ILE A 447 14.79 1.95 -31.30
CA ILE A 447 14.79 0.81 -32.21
C ILE A 447 16.03 0.76 -33.04
N ALA A 448 16.54 1.93 -33.39
CA ALA A 448 17.73 2.05 -34.19
C ALA A 448 19.05 2.11 -33.40
N SER A 449 19.00 2.13 -32.06
CA SER A 449 20.22 2.30 -31.30
C SER A 449 20.53 1.29 -30.18
N ASN A 450 19.56 0.49 -29.75
CA ASN A 450 19.82 -0.43 -28.65
C ASN A 450 20.37 -1.77 -29.08
N CYS A 451 21.00 -2.47 -28.15
CA CYS A 451 21.44 -3.82 -28.40
C CYS A 451 20.33 -4.81 -28.07
N TYR A 452 20.26 -5.89 -28.84
CA TYR A 452 19.24 -6.92 -28.64
C TYR A 452 19.82 -8.32 -28.60
N SER A 453 19.11 -9.25 -27.94
CA SER A 453 19.47 -10.67 -27.98
C SER A 453 19.27 -11.17 -29.39
N SER A 454 18.20 -10.68 -29.98
CA SER A 454 17.86 -11.02 -31.34
C SER A 454 16.99 -9.96 -31.94
N LEU A 455 17.05 -9.86 -33.26
CA LEU A 455 16.15 -9.02 -34.01
C LEU A 455 15.51 -9.91 -35.04
N ILE A 456 14.18 -9.95 -35.05
CA ILE A 456 13.49 -10.78 -36.00
C ILE A 456 12.75 -9.94 -37.01
N LEU A 457 13.08 -10.12 -38.27
CA LEU A 457 12.45 -9.37 -39.35
C LEU A 457 11.54 -10.22 -40.22
N ASP A 458 10.26 -9.92 -40.21
CA ASP A 458 9.24 -10.63 -40.98
C ASP A 458 8.80 -9.85 -42.20
N TYR A 459 9.10 -10.32 -43.40
CA TYR A 459 8.76 -9.48 -44.55
C TYR A 459 7.79 -10.16 -45.47
N PHE A 460 6.94 -9.35 -46.06
CA PHE A 460 5.91 -9.83 -46.98
C PHE A 460 5.32 -8.77 -47.89
N SER A 461 4.70 -9.19 -48.98
CA SER A 461 3.96 -8.28 -49.83
C SER A 461 2.72 -7.82 -49.08
N TYR A 462 2.35 -6.56 -49.18
CA TYR A 462 1.16 -6.12 -48.49
C TYR A 462 0.62 -4.84 -49.10
N PRO A 463 -0.64 -4.76 -49.51
CA PRO A 463 -1.21 -3.59 -50.11
C PRO A 463 -1.28 -2.51 -49.03
N LEU A 464 -1.06 -1.27 -49.40
CA LEU A 464 -1.09 -0.19 -48.42
C LEU A 464 -2.52 0.14 -48.09
N SER A 465 -3.42 -0.22 -48.98
CA SER A 465 -4.83 0.03 -48.79
C SER A 465 -5.40 -0.75 -47.63
N MET A 466 -4.67 -1.78 -47.17
CA MET A 466 -5.10 -2.59 -46.04
C MET A 466 -4.28 -2.29 -44.79
N LYS A 467 -3.59 -1.14 -44.78
CA LYS A 467 -2.72 -0.68 -43.69
C LYS A 467 -3.29 -0.91 -42.32
N SER A 468 -4.53 -0.52 -42.13
CA SER A 468 -5.20 -0.57 -40.85
C SER A 468 -5.48 -1.95 -40.34
N ASP A 469 -5.46 -2.93 -41.23
CA ASP A 469 -5.81 -4.29 -40.88
C ASP A 469 -4.67 -4.92 -40.08
N LEU A 470 -3.50 -4.26 -40.05
CA LEU A 470 -2.34 -4.72 -39.28
C LEU A 470 -2.28 -4.09 -37.88
N SER A 471 -3.26 -3.25 -37.55
CA SER A 471 -3.32 -2.62 -36.27
C SER A 471 -3.62 -3.63 -35.17
N VAL A 472 -3.08 -3.42 -33.97
CA VAL A 472 -3.35 -4.34 -32.86
C VAL A 472 -4.83 -4.45 -32.55
N SER A 473 -5.54 -3.33 -32.64
CA SER A 473 -6.95 -3.25 -32.39
C SER A 473 -7.85 -3.84 -33.48
N SER A 474 -7.27 -4.19 -34.62
CA SER A 474 -8.02 -4.71 -35.73
C SER A 474 -8.63 -6.08 -35.52
N ALA A 475 -9.85 -6.21 -36.02
CA ALA A 475 -10.59 -7.45 -36.00
C ALA A 475 -10.81 -7.96 -37.39
N GLY A 476 -10.05 -7.44 -38.35
CA GLY A 476 -10.20 -7.90 -39.71
C GLY A 476 -9.37 -9.17 -39.96
N PRO A 477 -9.43 -9.74 -41.16
CA PRO A 477 -8.76 -10.94 -41.61
C PRO A 477 -7.25 -10.99 -41.49
N ILE A 478 -6.55 -9.88 -41.58
CA ILE A 478 -5.12 -10.00 -41.49
C ILE A 478 -4.70 -10.30 -40.09
N SER A 479 -5.24 -9.53 -39.16
CA SER A 479 -4.86 -9.79 -37.79
C SER A 479 -5.47 -11.06 -37.21
N GLN A 480 -6.57 -11.53 -37.81
CA GLN A 480 -7.12 -12.75 -37.25
C GLN A 480 -6.59 -14.03 -37.89
N PHE A 481 -6.26 -14.01 -39.18
CA PHE A 481 -5.85 -15.25 -39.81
C PHE A 481 -4.52 -15.24 -40.52
N ASN A 482 -3.85 -14.10 -40.67
CA ASN A 482 -2.66 -14.11 -41.49
C ASN A 482 -1.38 -13.76 -40.77
N TYR A 483 -1.39 -12.63 -40.11
CA TYR A 483 -0.19 -12.15 -39.44
C TYR A 483 -0.49 -11.30 -38.25
N LYS A 484 0.14 -11.64 -37.13
CA LYS A 484 -0.04 -10.91 -35.91
C LYS A 484 1.29 -10.70 -35.23
N GLN A 485 1.53 -9.47 -34.77
CA GLN A 485 2.78 -9.14 -34.08
C GLN A 485 2.71 -9.47 -32.61
N SER A 486 3.87 -9.67 -32.00
CA SER A 486 3.99 -9.98 -30.60
C SER A 486 3.44 -8.92 -29.70
N PHE A 487 2.82 -9.35 -28.62
CA PHE A 487 2.33 -8.42 -27.62
C PHE A 487 3.34 -8.32 -26.48
N SER A 488 4.30 -9.26 -26.46
CA SER A 488 5.25 -9.36 -25.37
C SER A 488 6.56 -8.66 -25.65
N ASN A 489 7.04 -8.81 -26.86
CA ASN A 489 8.30 -8.21 -27.23
C ASN A 489 7.99 -6.88 -27.83
N PRO A 490 8.87 -5.90 -27.78
CA PRO A 490 8.76 -4.68 -28.52
C PRO A 490 8.75 -4.94 -29.99
N THR A 491 7.91 -4.24 -30.72
CA THR A 491 7.82 -4.41 -32.15
C THR A 491 7.74 -3.13 -32.94
N CYS A 492 8.11 -3.20 -34.19
CA CYS A 492 7.88 -2.12 -35.13
C CYS A 492 7.23 -2.68 -36.38
N LEU A 493 6.46 -1.84 -37.03
CA LEU A 493 5.88 -2.19 -38.31
C LEU A 493 6.22 -1.16 -39.34
N ILE A 494 6.79 -1.63 -40.44
CA ILE A 494 7.14 -0.75 -41.53
C ILE A 494 6.37 -1.13 -42.76
N LEU A 495 5.71 -0.17 -43.34
CA LEU A 495 5.03 -0.38 -44.59
C LEU A 495 5.75 0.48 -45.58
N ALA A 496 6.21 -0.12 -46.67
CA ALA A 496 7.01 0.62 -47.63
C ALA A 496 6.81 0.15 -49.04
N THR A 497 7.08 1.04 -49.97
CA THR A 497 6.95 0.76 -51.38
C THR A 497 8.29 0.50 -52.05
N VAL A 498 8.33 -0.54 -52.86
CA VAL A 498 9.53 -0.89 -53.58
C VAL A 498 9.71 0.14 -54.72
N PRO A 499 10.84 0.85 -54.82
CA PRO A 499 11.18 1.84 -55.83
C PRO A 499 11.27 1.18 -57.18
N HIS A 500 11.09 1.97 -58.24
CA HIS A 500 11.13 1.41 -59.59
C HIS A 500 12.48 0.87 -59.97
N ASN A 501 13.55 1.39 -59.37
CA ASN A 501 14.84 0.92 -59.73
C ASN A 501 15.40 -0.17 -58.79
N LEU A 502 14.53 -0.63 -57.86
CA LEU A 502 15.01 -1.72 -57.02
C LEU A 502 14.56 -2.99 -57.75
N THR A 503 15.34 -3.37 -58.76
CA THR A 503 14.90 -4.37 -59.74
C THR A 503 15.11 -5.77 -59.33
N THR A 504 15.67 -5.93 -58.16
CA THR A 504 15.94 -7.25 -57.64
C THR A 504 14.72 -7.85 -56.93
N ILE A 505 13.73 -6.99 -56.59
CA ILE A 505 12.49 -7.48 -55.96
C ILE A 505 11.43 -7.53 -57.03
N THR A 506 10.83 -8.68 -57.21
CA THR A 506 9.85 -8.84 -58.27
C THR A 506 8.47 -8.85 -57.69
N LYS A 507 7.44 -8.75 -58.51
CA LYS A 507 6.11 -8.67 -57.95
C LYS A 507 5.37 -9.96 -58.17
N PRO A 508 4.47 -10.34 -57.26
CA PRO A 508 3.55 -11.42 -57.43
C PRO A 508 2.47 -10.87 -58.35
N LEU A 509 1.60 -11.73 -58.83
CA LEU A 509 0.52 -11.29 -59.69
C LEU A 509 -0.52 -10.45 -58.97
N LYS A 510 -0.73 -10.73 -57.72
CA LYS A 510 -1.73 -10.08 -56.91
C LYS A 510 -1.34 -10.21 -55.47
N TYR A 511 -1.95 -9.39 -54.61
CA TYR A 511 -1.70 -9.55 -53.20
C TYR A 511 -2.78 -10.52 -52.74
N SER A 512 -2.50 -11.37 -51.76
CA SER A 512 -3.58 -12.24 -51.31
C SER A 512 -3.51 -12.51 -49.85
N TYR A 513 -4.61 -12.96 -49.32
CA TYR A 513 -4.70 -13.25 -47.91
C TYR A 513 -5.74 -14.27 -47.61
N ILE A 514 -5.68 -14.78 -46.41
CA ILE A 514 -6.67 -15.71 -45.92
C ILE A 514 -7.79 -14.91 -45.25
N ASN A 515 -9.03 -15.12 -45.65
CA ASN A 515 -10.09 -14.37 -44.98
C ASN A 515 -10.89 -15.28 -44.07
N LYS A 516 -10.60 -16.56 -44.15
CA LYS A 516 -11.23 -17.54 -43.32
C LYS A 516 -10.27 -18.64 -43.05
N CYS A 517 -10.22 -19.12 -41.84
CA CYS A 517 -9.45 -20.26 -41.44
C CYS A 517 -10.15 -20.90 -40.27
N SER A 518 -10.57 -22.14 -40.42
CA SER A 518 -11.36 -22.78 -39.36
C SER A 518 -11.28 -24.28 -39.38
N ARG A 519 -11.66 -24.91 -38.28
CA ARG A 519 -11.75 -26.34 -38.26
C ARG A 519 -13.15 -26.82 -38.11
N LEU A 520 -13.46 -27.84 -38.87
CA LEU A 520 -14.75 -28.49 -38.78
C LEU A 520 -14.48 -29.70 -37.95
N LEU A 521 -15.21 -29.87 -36.89
CA LEU A 521 -14.95 -30.98 -36.00
C LEU A 521 -15.60 -32.23 -36.55
N SER A 522 -15.29 -33.39 -35.98
CA SER A 522 -15.79 -34.67 -36.50
C SER A 522 -17.30 -34.77 -36.63
N ASP A 523 -18.05 -34.03 -35.81
CA ASP A 523 -19.50 -34.03 -35.87
C ASP A 523 -20.10 -33.32 -37.07
N ASP A 524 -19.27 -32.48 -37.69
CA ASP A 524 -19.61 -31.64 -38.83
C ASP A 524 -20.76 -30.70 -38.55
N ARG A 525 -20.86 -30.24 -37.31
CA ARG A 525 -21.86 -29.28 -36.93
C ARG A 525 -21.15 -28.03 -36.43
N THR A 526 -20.04 -28.27 -35.74
CA THR A 526 -19.27 -27.18 -35.14
C THR A 526 -18.07 -26.82 -35.94
N GLU A 527 -17.97 -25.52 -36.17
CA GLU A 527 -16.88 -24.89 -36.87
C GLU A 527 -16.15 -23.96 -35.91
N VAL A 528 -14.84 -24.14 -35.79
CA VAL A 528 -14.04 -23.36 -34.87
C VAL A 528 -13.00 -22.52 -35.58
N PRO A 529 -13.10 -21.19 -35.58
CA PRO A 529 -12.16 -20.29 -36.20
C PRO A 529 -10.78 -20.55 -35.64
N GLN A 530 -9.80 -20.61 -36.53
CA GLN A 530 -8.43 -20.85 -36.13
C GLN A 530 -7.64 -19.59 -36.22
N LEU A 531 -7.48 -18.92 -35.12
CA LEU A 531 -6.86 -17.63 -35.18
C LEU A 531 -5.38 -17.79 -35.16
N VAL A 532 -4.69 -16.88 -35.83
CA VAL A 532 -3.25 -16.92 -35.87
C VAL A 532 -2.67 -16.40 -34.56
N ASN A 533 -1.63 -17.04 -34.08
CA ASN A 533 -0.97 -16.60 -32.87
C ASN A 533 0.10 -15.59 -33.23
N ALA A 534 0.47 -14.73 -32.30
CA ALA A 534 1.50 -13.79 -32.62
C ALA A 534 2.78 -14.50 -32.94
N ASN A 535 3.44 -14.00 -33.99
CA ASN A 535 4.70 -14.49 -34.54
C ASN A 535 4.63 -15.89 -35.11
N GLN A 536 3.43 -16.40 -35.33
CA GLN A 536 3.30 -17.73 -35.90
C GLN A 536 2.60 -17.71 -37.22
N TYR A 537 2.56 -18.86 -37.85
CA TYR A 537 1.84 -19.02 -39.08
C TYR A 537 0.49 -19.61 -38.78
N SER A 538 -0.49 -19.25 -39.56
CA SER A 538 -1.83 -19.80 -39.48
C SER A 538 -1.81 -21.28 -39.81
N PRO A 539 -2.61 -22.14 -39.17
CA PRO A 539 -2.67 -23.56 -39.46
C PRO A 539 -3.11 -23.84 -40.88
N CYS A 540 -3.78 -22.88 -41.51
CA CYS A 540 -4.26 -23.01 -42.86
C CYS A 540 -3.23 -22.72 -43.90
N VAL A 541 -2.04 -22.34 -43.48
CA VAL A 541 -1.00 -22.04 -44.44
C VAL A 541 -0.70 -23.23 -45.31
N SER A 542 -0.75 -24.43 -44.75
CA SER A 542 -0.50 -25.60 -45.53
C SER A 542 -1.57 -25.92 -46.59
N ILE A 543 -2.77 -25.33 -46.48
CA ILE A 543 -3.79 -25.64 -47.48
C ILE A 543 -3.96 -24.51 -48.49
N VAL A 544 -3.55 -23.30 -48.09
CA VAL A 544 -3.64 -22.14 -48.93
C VAL A 544 -2.39 -22.03 -49.82
N PRO A 545 -2.52 -21.93 -51.16
CA PRO A 545 -1.44 -21.82 -52.13
C PRO A 545 -0.67 -20.53 -51.91
N SER A 546 0.56 -20.46 -52.45
CA SER A 546 1.36 -19.27 -52.25
C SER A 546 0.71 -18.02 -52.81
N THR A 547 -0.10 -18.18 -53.84
CA THR A 547 -0.89 -17.08 -54.38
C THR A 547 -2.32 -17.58 -54.47
N VAL A 548 -3.30 -16.82 -53.96
CA VAL A 548 -4.68 -17.26 -54.12
C VAL A 548 -5.03 -17.06 -55.57
N TRP A 549 -5.57 -18.07 -56.23
CA TRP A 549 -5.88 -17.91 -57.65
C TRP A 549 -6.91 -16.82 -57.87
N GLU A 550 -8.04 -16.95 -57.19
CA GLU A 550 -9.05 -15.92 -57.30
C GLU A 550 -9.77 -15.72 -55.99
N ASP A 551 -10.33 -14.54 -55.83
CA ASP A 551 -11.03 -14.24 -54.62
C ASP A 551 -12.17 -15.21 -54.44
N GLY A 552 -12.29 -15.79 -53.24
CA GLY A 552 -13.33 -16.75 -52.96
C GLY A 552 -12.90 -18.20 -53.01
N ASP A 553 -11.67 -18.48 -53.43
CA ASP A 553 -11.22 -19.87 -53.47
C ASP A 553 -11.33 -20.51 -52.12
N TYR A 554 -11.85 -21.72 -52.10
CA TYR A 554 -12.05 -22.43 -50.84
C TYR A 554 -11.12 -23.62 -50.80
N TYR A 555 -10.47 -23.80 -49.67
CA TYR A 555 -9.51 -24.85 -49.49
C TYR A 555 -9.93 -25.76 -48.40
N ARG A 556 -9.61 -27.04 -48.53
CA ARG A 556 -9.91 -27.99 -47.47
C ARG A 556 -8.91 -29.13 -47.36
N LYS A 557 -8.59 -29.51 -46.13
CA LYS A 557 -7.74 -30.65 -45.83
C LYS A 557 -8.42 -31.58 -44.85
N GLN A 558 -8.35 -32.87 -45.12
CA GLN A 558 -8.85 -33.85 -44.16
C GLN A 558 -7.78 -34.04 -43.11
N LEU A 559 -8.12 -33.85 -41.84
CA LEU A 559 -7.12 -34.01 -40.78
C LEU A 559 -7.07 -35.44 -40.30
N SER A 560 -5.86 -35.87 -39.91
CA SER A 560 -5.69 -37.19 -39.34
C SER A 560 -6.17 -37.18 -37.90
N PRO A 561 -6.38 -38.32 -37.24
CA PRO A 561 -6.75 -38.41 -35.83
C PRO A 561 -5.77 -37.72 -34.88
N LEU A 562 -4.51 -37.62 -35.28
CA LEU A 562 -3.45 -37.03 -34.44
C LEU A 562 -3.50 -35.53 -34.42
N GLU A 563 -4.26 -35.02 -35.38
CA GLU A 563 -4.49 -33.62 -35.60
C GLU A 563 -5.87 -33.25 -35.07
N GLY A 564 -6.55 -34.23 -34.44
CA GLY A 564 -7.87 -34.04 -33.87
C GLY A 564 -9.04 -34.44 -34.78
N GLY A 565 -8.74 -34.84 -36.00
CA GLY A 565 -9.79 -35.23 -36.92
C GLY A 565 -10.51 -34.05 -37.49
N GLY A 566 -11.51 -34.32 -38.32
CA GLY A 566 -12.27 -33.24 -38.92
C GLY A 566 -11.53 -32.65 -40.11
N TRP A 567 -11.95 -31.44 -40.47
CA TRP A 567 -11.41 -30.78 -41.64
C TRP A 567 -10.83 -29.44 -41.30
N LEU A 568 -9.77 -29.07 -41.96
CA LEU A 568 -9.25 -27.72 -41.83
C LEU A 568 -9.70 -27.02 -43.09
N VAL A 569 -10.38 -25.89 -42.98
CA VAL A 569 -10.82 -25.22 -44.19
C VAL A 569 -10.40 -23.76 -44.19
N ALA A 570 -10.33 -23.19 -45.37
CA ALA A 570 -9.95 -21.79 -45.47
C ALA A 570 -10.48 -21.17 -46.72
N SER A 571 -10.59 -19.87 -46.70
CA SER A 571 -10.95 -19.16 -47.90
C SER A 571 -9.95 -18.07 -48.16
N GLY A 572 -9.59 -17.94 -49.42
CA GLY A 572 -8.68 -16.91 -49.83
C GLY A 572 -9.40 -15.70 -50.38
N SER A 573 -8.67 -14.62 -50.49
CA SER A 573 -9.15 -13.39 -51.09
C SER A 573 -8.01 -12.66 -51.73
N THR A 574 -8.32 -11.76 -52.65
CA THR A 574 -7.25 -11.05 -53.34
C THR A 574 -7.42 -9.55 -53.41
N VAL A 575 -6.29 -8.88 -53.63
CA VAL A 575 -6.23 -7.44 -53.87
C VAL A 575 -5.43 -7.18 -55.14
N ALA A 576 -5.96 -6.35 -56.01
CA ALA A 576 -5.26 -6.06 -57.25
C ALA A 576 -3.90 -5.48 -56.99
N MET A 577 -2.95 -5.85 -57.82
CA MET A 577 -1.60 -5.38 -57.70
C MET A 577 -1.46 -3.96 -58.17
N THR A 578 -0.67 -3.24 -57.44
CA THR A 578 -0.28 -1.88 -57.62
C THR A 578 0.91 -1.71 -58.57
N GLU A 579 1.19 -0.47 -59.02
CA GLU A 579 2.28 -0.24 -59.96
C GLU A 579 3.62 -0.55 -59.34
N GLN A 580 3.76 -0.23 -58.09
CA GLN A 580 4.96 -0.50 -57.34
C GLN A 580 4.56 -1.46 -56.25
N LEU A 581 5.37 -2.45 -55.95
CA LEU A 581 5.02 -3.39 -54.93
C LEU A 581 5.07 -2.80 -53.57
N GLN A 582 4.03 -3.04 -52.82
CA GLN A 582 4.02 -2.57 -51.46
C GLN A 582 4.37 -3.75 -50.57
N MET A 583 5.23 -3.51 -49.59
CA MET A 583 5.69 -4.53 -48.65
C MET A 583 5.60 -4.14 -47.20
N GLY A 584 5.29 -5.11 -46.36
CA GLY A 584 5.32 -4.91 -44.94
C GLY A 584 6.55 -5.57 -44.34
N PHE A 585 7.07 -4.96 -43.28
CA PHE A 585 8.19 -5.51 -42.56
C PHE A 585 7.89 -5.47 -41.08
N GLY A 586 7.78 -6.60 -40.44
CA GLY A 586 7.57 -6.55 -39.01
C GLY A 586 8.91 -6.72 -38.34
N ILE A 587 9.17 -5.98 -37.28
CA ILE A 587 10.41 -6.16 -36.55
C ILE A 587 10.10 -6.47 -35.12
N THR A 588 10.63 -7.56 -34.61
CA THR A 588 10.44 -7.91 -33.20
C THR A 588 11.80 -7.98 -32.53
N VAL A 589 11.94 -7.35 -31.38
CA VAL A 589 13.26 -7.44 -30.72
C VAL A 589 13.17 -8.01 -29.33
N GLN A 590 14.15 -8.83 -29.00
CA GLN A 590 14.23 -9.42 -27.67
C GLN A 590 15.45 -8.88 -26.96
N TYR A 591 15.31 -8.64 -25.66
CA TYR A 591 16.35 -8.05 -24.84
C TYR A 591 17.12 -8.85 -23.79
N GLY A 592 17.04 -10.16 -23.75
CA GLY A 592 17.84 -10.82 -22.73
C GLY A 592 17.69 -12.33 -22.66
N THR A 593 17.86 -12.98 -23.79
CA THR A 593 17.78 -14.44 -23.84
C THR A 593 19.17 -14.99 -24.03
N ASP A 594 20.04 -14.10 -24.40
CA ASP A 594 21.43 -14.35 -24.74
C ASP A 594 22.18 -13.05 -24.55
N THR A 595 23.46 -13.08 -24.83
CA THR A 595 24.26 -11.88 -24.83
C THR A 595 23.57 -10.91 -25.83
N ASN A 596 23.37 -9.61 -25.51
CA ASN A 596 22.67 -8.80 -26.51
C ASN A 596 23.65 -8.36 -27.56
N SER A 597 23.86 -9.27 -28.48
CA SER A 597 24.87 -9.22 -29.51
C SER A 597 24.41 -8.61 -30.82
N VAL A 598 23.16 -8.20 -30.91
CA VAL A 598 22.71 -7.52 -32.12
C VAL A 598 22.77 -6.04 -31.78
N CYS A 599 23.80 -5.35 -32.25
CA CYS A 599 24.06 -3.96 -31.83
C CYS A 599 24.27 -3.09 -33.03
N PRO A 600 24.10 -1.78 -32.96
CA PRO A 600 24.49 -0.86 -34.00
C PRO A 600 26.00 -0.99 -34.08
N LYS A 601 26.66 -0.71 -35.18
CA LYS A 601 28.11 -0.80 -35.07
C LYS A 601 28.61 0.41 -34.29
N LEU A 602 29.70 0.20 -33.57
CA LEU A 602 30.35 1.20 -32.76
C LEU A 602 31.83 1.29 -33.04
N GLU A 603 32.35 2.50 -33.20
CA GLU A 603 33.79 2.67 -33.33
C GLU A 603 34.32 2.77 -31.89
N PHE A 604 35.22 1.87 -31.48
CA PHE A 604 35.68 1.87 -30.11
C PHE A 604 36.94 2.66 -29.86
N ALA A 605 36.92 3.41 -28.78
CA ALA A 605 38.09 4.12 -28.30
C ALA A 605 38.83 3.15 -27.37
N ASN A 606 40.13 3.31 -27.19
CA ASN A 606 40.78 2.32 -26.27
C ASN A 606 40.75 2.81 -24.88
N ASP A 607 40.05 3.86 -24.56
CA ASP A 607 39.88 4.31 -23.22
C ASP A 607 38.54 3.81 -22.66
N THR A 608 37.87 2.92 -23.40
CA THR A 608 36.60 2.35 -22.97
C THR A 608 36.77 0.89 -22.67
N LYS A 609 38.00 0.49 -22.51
CA LYS A 609 38.30 -0.87 -22.15
C LYS A 609 38.16 -1.01 -20.64
N ILE A 610 37.87 -2.23 -20.17
CA ILE A 610 37.79 -2.46 -18.75
C ILE A 610 39.16 -2.49 -18.09
N ALA A 611 40.12 -3.17 -18.70
CA ALA A 611 41.41 -3.32 -18.07
C ALA A 611 42.06 -1.98 -17.78
N SER A 612 41.81 -0.98 -18.62
CA SER A 612 42.42 0.32 -18.44
C SER A 612 41.76 1.17 -17.38
N GLN A 613 40.61 0.74 -16.85
CA GLN A 613 39.89 1.51 -15.85
C GLN A 613 39.57 0.71 -14.59
N LEU A 614 40.39 -0.27 -14.24
CA LEU A 614 40.06 -1.03 -13.07
C LEU A 614 40.18 -0.18 -11.84
N GLY A 615 39.24 -0.37 -10.93
CA GLY A 615 39.21 0.34 -9.66
C GLY A 615 38.43 1.63 -9.72
N ASN A 616 38.05 2.04 -10.92
CA ASN A 616 37.31 3.29 -11.06
C ASN A 616 35.83 3.05 -11.12
N CYS A 617 35.08 4.09 -10.75
CA CYS A 617 33.61 3.96 -11.02
C CYS A 617 33.41 4.47 -12.45
N VAL A 618 32.76 3.52 -13.20
CA VAL A 618 32.50 3.83 -14.60
C VAL A 618 31.08 3.46 -14.98
N GLU A 619 30.62 4.08 -16.04
CA GLU A 619 29.35 3.63 -16.59
C GLU A 619 29.72 2.44 -17.46
N TYR A 620 28.87 1.46 -17.58
CA TYR A 620 29.22 0.41 -18.51
C TYR A 620 28.08 0.04 -19.38
N SER A 621 28.44 -0.45 -20.55
CA SER A 621 27.50 -1.06 -21.48
C SER A 621 28.19 -2.26 -22.07
N LEU A 622 27.83 -3.43 -21.61
CA LEU A 622 28.48 -4.65 -22.03
C LEU A 622 27.48 -5.52 -22.75
N TYR A 623 27.53 -5.57 -24.05
CA TYR A 623 26.59 -6.35 -24.84
C TYR A 623 25.18 -6.10 -24.41
N GLY A 624 24.86 -4.83 -24.27
CA GLY A 624 23.52 -4.36 -23.94
C GLY A 624 23.18 -4.30 -22.48
N VAL A 625 24.08 -4.78 -21.65
CA VAL A 625 23.84 -4.77 -20.22
C VAL A 625 24.47 -3.52 -19.67
N SER A 626 23.74 -2.73 -18.91
CA SER A 626 24.33 -1.49 -18.47
C SER A 626 24.05 -1.12 -17.06
N GLY A 627 24.84 -0.19 -16.59
CA GLY A 627 24.72 0.30 -15.24
C GLY A 627 26.00 0.98 -14.85
N ARG A 628 26.21 1.14 -13.55
CA ARG A 628 27.42 1.78 -13.06
C ARG A 628 28.12 0.83 -12.11
N GLY A 629 29.44 0.87 -12.09
CA GLY A 629 30.15 0.03 -11.17
C GLY A 629 31.65 0.12 -11.29
N VAL A 630 32.29 -0.68 -10.49
CA VAL A 630 33.71 -0.74 -10.40
C VAL A 630 34.19 -2.11 -10.79
N PHE A 631 35.09 -2.19 -11.73
CA PHE A 631 35.60 -3.48 -12.17
C PHE A 631 36.86 -3.83 -11.43
N GLN A 632 37.00 -5.09 -11.08
CA GLN A 632 38.22 -5.56 -10.44
C GLN A 632 38.69 -6.83 -11.08
N ASN A 633 39.97 -7.04 -11.22
CA ASN A 633 40.51 -8.28 -11.69
C ASN A 633 40.37 -9.37 -10.68
N CYS A 634 39.76 -10.49 -10.90
CA CYS A 634 39.58 -11.50 -9.89
C CYS A 634 39.41 -12.92 -10.41
N THR A 635 39.35 -13.89 -9.53
CA THR A 635 39.19 -15.29 -9.90
C THR A 635 37.83 -15.58 -10.52
N ALA A 636 37.85 -16.29 -11.64
CA ALA A 636 36.64 -16.66 -12.34
C ALA A 636 35.77 -17.60 -11.59
N VAL A 637 34.47 -17.32 -11.64
CA VAL A 637 33.42 -18.14 -11.09
C VAL A 637 32.30 -18.24 -12.12
N GLY A 638 31.45 -19.24 -12.00
CA GLY A 638 30.32 -19.34 -12.91
C GLY A 638 30.74 -19.99 -14.22
N VAL A 639 29.84 -20.06 -15.18
CA VAL A 639 30.15 -20.69 -16.46
C VAL A 639 30.66 -19.63 -17.42
N ARG A 640 31.86 -19.81 -17.94
CA ARG A 640 32.49 -18.84 -18.83
C ARG A 640 31.71 -18.51 -20.05
N GLN A 641 31.10 -19.52 -20.61
CA GLN A 641 30.35 -19.39 -21.83
C GLN A 641 29.14 -18.52 -21.71
N GLN A 642 28.68 -18.29 -20.48
CA GLN A 642 27.49 -17.52 -20.26
C GLN A 642 27.77 -16.03 -20.07
N ARG A 643 29.05 -15.64 -20.02
CA ARG A 643 29.51 -14.24 -19.95
C ARG A 643 29.19 -13.39 -18.73
N PHE A 644 27.92 -13.33 -18.37
CA PHE A 644 27.50 -12.48 -17.26
C PHE A 644 27.16 -13.26 -16.01
N VAL A 645 27.83 -12.95 -14.91
CA VAL A 645 27.63 -13.63 -13.65
C VAL A 645 26.74 -12.78 -12.76
N TYR A 646 25.66 -13.37 -12.29
CA TYR A 646 24.71 -12.69 -11.43
C TYR A 646 24.68 -13.24 -10.03
N ASP A 647 24.31 -12.40 -9.08
CA ASP A 647 24.13 -12.83 -7.70
C ASP A 647 22.70 -13.26 -7.43
N ALA A 648 22.41 -13.51 -6.16
CA ALA A 648 21.12 -14.01 -5.70
C ALA A 648 20.04 -12.95 -5.68
N TYR A 649 20.40 -11.68 -5.93
CA TYR A 649 19.45 -10.58 -5.98
C TYR A 649 19.34 -10.08 -7.43
N GLN A 650 19.90 -10.86 -8.35
CA GLN A 650 19.96 -10.60 -9.79
C GLN A 650 20.76 -9.36 -10.17
N ASN A 651 21.78 -9.02 -9.39
CA ASN A 651 22.63 -7.91 -9.78
C ASN A 651 23.75 -8.48 -10.64
N LEU A 652 24.33 -7.69 -11.53
CA LEU A 652 25.48 -8.24 -12.24
C LEU A 652 26.66 -8.11 -11.31
N VAL A 653 27.33 -9.22 -11.02
CA VAL A 653 28.45 -9.20 -10.08
C VAL A 653 29.74 -9.66 -10.68
N GLY A 654 29.74 -10.06 -11.92
CA GLY A 654 30.96 -10.45 -12.55
C GLY A 654 30.77 -10.55 -14.03
N TYR A 655 31.88 -10.51 -14.74
CA TYR A 655 31.85 -10.55 -16.18
C TYR A 655 33.06 -11.13 -16.83
N TYR A 656 32.82 -11.98 -17.81
CA TYR A 656 33.90 -12.52 -18.59
C TYR A 656 34.03 -11.67 -19.82
N SER A 657 35.17 -11.01 -19.94
CA SER A 657 35.43 -10.10 -21.04
C SER A 657 35.97 -10.74 -22.27
N ASP A 658 35.79 -10.07 -23.41
CA ASP A 658 36.39 -10.62 -24.64
C ASP A 658 37.91 -10.47 -24.66
N ASP A 659 38.50 -9.74 -23.69
CA ASP A 659 39.95 -9.64 -23.63
C ASP A 659 40.56 -10.84 -22.87
N GLY A 660 39.72 -11.79 -22.45
CA GLY A 660 40.14 -13.01 -21.77
C GLY A 660 40.11 -12.99 -20.25
N ASN A 661 39.93 -11.81 -19.67
CA ASN A 661 39.90 -11.71 -18.21
C ASN A 661 38.52 -11.76 -17.61
N TYR A 662 38.49 -12.21 -16.37
CA TYR A 662 37.26 -12.17 -15.62
C TYR A 662 37.32 -11.05 -14.63
N TYR A 663 36.27 -10.25 -14.60
CA TYR A 663 36.26 -9.16 -13.67
C TYR A 663 35.13 -9.29 -12.71
N CYS A 664 35.37 -8.88 -11.49
CA CYS A 664 34.33 -8.79 -10.51
C CYS A 664 33.72 -7.43 -10.71
N LEU A 665 32.42 -7.32 -10.53
CA LEU A 665 31.81 -6.02 -10.65
C LEU A 665 31.18 -5.63 -9.33
N ARG A 666 31.57 -4.47 -8.84
CA ARG A 666 31.07 -3.97 -7.59
C ARG A 666 30.28 -2.74 -7.88
N ALA A 667 29.30 -2.44 -7.09
CA ALA A 667 28.55 -1.21 -7.37
C ALA A 667 29.42 -0.02 -7.11
N CYS A 668 29.18 1.08 -7.81
CA CYS A 668 29.88 2.25 -7.36
C CYS A 668 29.21 2.37 -6.01
N VAL A 669 29.96 2.57 -4.95
CA VAL A 669 29.38 2.63 -3.62
C VAL A 669 29.32 3.95 -3.08
N SER A 670 28.17 4.27 -2.54
CA SER A 670 28.04 5.59 -1.98
C SER A 670 28.70 5.66 -0.62
N VAL A 671 29.04 6.88 -0.22
CA VAL A 671 29.65 7.12 1.07
C VAL A 671 28.63 7.64 2.06
N PRO A 672 28.24 6.87 3.06
CA PRO A 672 27.30 7.26 4.11
C PRO A 672 27.52 8.63 4.67
N VAL A 673 26.48 9.39 4.94
CA VAL A 673 26.65 10.68 5.60
C VAL A 673 25.66 10.93 6.74
N SER A 674 26.17 11.32 7.88
CA SER A 674 25.36 11.73 9.03
C SER A 674 25.79 13.13 9.44
N VAL A 675 24.84 13.98 9.74
CA VAL A 675 25.19 15.34 10.13
C VAL A 675 25.02 15.45 11.61
N ILE A 676 26.05 15.95 12.25
CA ILE A 676 26.03 16.15 13.68
C ILE A 676 25.75 17.62 13.87
N TYR A 677 24.59 17.99 14.44
CA TYR A 677 24.25 19.42 14.50
C TYR A 677 23.85 19.91 15.84
N ASP A 678 24.42 21.06 16.20
CA ASP A 678 24.07 21.70 17.44
C ASP A 678 23.42 23.05 17.18
N LYS A 679 22.12 23.10 17.50
CA LYS A 679 21.22 24.23 17.29
C LYS A 679 21.64 25.50 18.01
N GLU A 680 22.12 25.35 19.24
CA GLU A 680 22.54 26.47 20.06
C GLU A 680 23.80 27.13 19.53
N THR A 681 24.74 26.33 19.04
CA THR A 681 25.96 26.94 18.54
C THR A 681 25.90 27.21 17.05
N LYS A 682 24.93 26.61 16.34
CA LYS A 682 24.88 26.73 14.90
C LYS A 682 26.17 26.17 14.26
N THR A 683 26.60 25.04 14.77
CA THR A 683 27.80 24.37 14.26
C THR A 683 27.47 22.94 13.92
N HIS A 684 28.32 22.34 13.10
CA HIS A 684 28.10 20.96 12.75
C HIS A 684 29.38 20.26 12.40
N ALA A 685 29.26 18.96 12.33
CA ALA A 685 30.33 18.06 11.96
C ALA A 685 29.74 16.97 11.09
N THR A 686 30.54 16.38 10.23
CA THR A 686 30.03 15.36 9.33
C THR A 686 30.64 14.00 9.59
N LEU A 687 29.79 13.01 9.80
CA LEU A 687 30.25 11.63 10.02
C LEU A 687 29.98 10.77 8.82
N PHE A 688 31.04 10.11 8.38
CA PHE A 688 30.96 9.20 7.27
C PHE A 688 31.05 7.81 7.85
N GLY A 689 29.91 7.28 8.22
CA GLY A 689 29.94 6.09 8.99
C GLY A 689 30.43 4.95 8.18
N SER A 690 31.24 4.11 8.80
CA SER A 690 31.78 2.90 8.17
C SER A 690 32.85 3.17 7.14
N VAL A 691 33.25 4.42 6.96
CA VAL A 691 34.22 4.79 5.94
C VAL A 691 35.59 5.09 6.49
N ALA A 692 36.63 4.49 5.90
CA ALA A 692 37.98 4.86 6.31
C ALA A 692 38.27 6.26 5.76
N CYS A 693 39.03 7.08 6.50
CA CYS A 693 39.30 8.46 6.09
C CYS A 693 40.17 8.57 4.86
N GLU A 694 40.70 7.47 4.37
CA GLU A 694 41.50 7.48 3.17
C GLU A 694 40.68 7.93 1.96
N HIS A 695 39.34 7.85 2.08
CA HIS A 695 38.43 8.26 1.02
C HIS A 695 37.90 9.66 1.20
N ILE A 696 38.30 10.32 2.28
CA ILE A 696 37.72 11.62 2.56
C ILE A 696 38.82 12.67 2.55
N TYR A 718 41.76 21.47 10.86
CA TYR A 718 42.10 20.06 11.07
C TYR A 718 41.64 19.21 9.89
N GLY A 719 42.34 18.11 9.68
CA GLY A 719 41.99 17.17 8.63
C GLY A 719 40.92 16.24 9.18
N PRO A 720 40.56 15.17 8.46
CA PRO A 720 39.57 14.20 8.86
C PRO A 720 40.07 13.38 10.05
N LEU A 721 39.16 13.02 10.96
CA LEU A 721 39.49 12.21 12.13
C LEU A 721 38.92 10.80 12.05
N GLN A 722 39.75 9.77 12.19
CA GLN A 722 39.20 8.43 12.10
C GLN A 722 38.71 8.02 13.47
N THR A 723 37.45 7.61 13.57
CA THR A 723 36.91 7.20 14.86
C THR A 723 36.39 5.78 14.74
N PRO A 724 36.04 5.10 15.83
CA PRO A 724 35.40 3.77 15.87
C PRO A 724 34.09 3.62 15.11
N VAL A 725 33.45 4.73 14.74
CA VAL A 725 32.19 4.65 14.00
C VAL A 725 32.31 5.15 12.57
N GLY A 726 33.49 5.56 12.15
CA GLY A 726 33.65 6.10 10.81
C GLY A 726 34.55 7.31 10.80
N CYS A 727 34.62 7.99 9.68
CA CYS A 727 35.50 9.14 9.52
C CYS A 727 34.72 10.42 9.82
N VAL A 728 35.24 11.30 10.67
CA VAL A 728 34.47 12.48 10.96
C VAL A 728 35.22 13.77 10.70
N LEU A 729 34.60 14.65 9.93
CA LEU A 729 35.16 15.98 9.64
C LEU A 729 34.44 16.99 10.52
N GLY A 730 35.15 17.99 11.01
CA GLY A 730 34.49 18.99 11.83
C GLY A 730 34.65 18.74 13.32
N LEU A 731 35.17 17.56 13.69
CA LEU A 731 35.42 17.28 15.08
C LEU A 731 36.91 17.32 15.34
N VAL A 732 37.26 17.73 16.54
CA VAL A 732 38.65 17.70 16.96
C VAL A 732 38.76 16.73 18.11
N ASN A 733 39.77 15.87 18.05
CA ASN A 733 39.91 14.88 19.15
C ASN A 733 40.34 15.61 20.43
N SER A 734 39.54 15.32 21.51
CA SER A 734 39.81 16.04 22.76
C SER A 734 40.33 15.26 23.94
N SER A 735 40.25 13.93 23.92
CA SER A 735 40.64 13.11 25.08
C SER A 735 39.98 13.60 26.37
N LEU A 736 38.71 13.87 26.25
CA LEU A 736 37.85 14.40 27.29
C LEU A 736 36.70 13.45 27.49
N PHE A 737 36.23 13.30 28.73
CA PHE A 737 35.07 12.47 28.99
C PHE A 737 33.82 13.23 29.42
N VAL A 738 32.68 12.70 29.01
CA VAL A 738 31.37 13.26 29.37
C VAL A 738 30.47 12.19 29.94
N GLU A 739 29.40 12.62 30.64
CA GLU A 739 28.40 11.64 31.05
C GLU A 739 27.15 12.14 30.34
N ASP A 740 27.13 13.45 30.27
CA ASP A 740 26.04 14.25 29.76
C ASP A 740 26.12 14.48 28.25
N CYS A 741 25.90 13.37 27.56
CA CYS A 741 26.10 13.45 26.08
C CYS A 741 24.74 13.66 25.38
N LYS A 742 24.79 14.74 24.53
CA LYS A 742 23.59 15.11 23.79
C LYS A 742 23.64 14.71 22.32
N LEU A 743 24.84 14.49 21.81
CA LEU A 743 25.04 14.15 20.41
C LEU A 743 25.86 12.88 20.29
N PRO A 744 25.33 11.73 20.71
CA PRO A 744 26.04 10.47 20.72
C PRO A 744 26.34 10.10 19.30
N LEU A 745 27.51 9.56 19.07
CA LEU A 745 27.87 9.16 17.71
C LEU A 745 27.76 7.70 17.47
N GLY A 746 27.73 6.94 18.55
CA GLY A 746 27.73 5.49 18.47
C GLY A 746 28.88 4.97 19.27
N GLN A 747 28.87 3.68 19.54
CA GLN A 747 29.89 3.10 20.38
C GLN A 747 29.87 3.93 21.64
N SER A 748 30.97 4.49 22.09
CA SER A 748 30.87 5.30 23.31
C SER A 748 31.43 6.66 23.08
N LEU A 749 31.19 7.14 21.87
CA LEU A 749 31.65 8.42 21.39
C LEU A 749 30.54 9.45 21.43
N CYS A 750 30.93 10.72 21.61
CA CYS A 750 29.98 11.81 21.67
C CYS A 750 30.53 13.10 21.06
N ALA A 751 29.70 13.82 20.32
CA ALA A 751 30.16 15.13 19.83
C ALA A 751 29.83 16.17 20.90
N LEU A 752 30.82 16.96 21.27
CA LEU A 752 30.66 17.94 22.30
C LEU A 752 30.96 19.34 21.78
N PRO A 753 30.00 20.24 21.67
CA PRO A 753 30.22 21.56 21.12
C PRO A 753 31.15 22.35 22.01
N ASP A 754 31.92 23.24 21.39
CA ASP A 754 32.85 24.14 22.07
C ASP A 754 32.15 25.46 22.35
N THR A 755 31.68 25.62 23.57
CA THR A 755 30.87 26.76 23.98
C THR A 755 30.73 26.86 25.47
N PRO A 768 31.39 30.37 18.62
CA PRO A 768 31.53 28.95 18.95
C PRO A 768 32.68 28.34 18.18
N GLY A 769 33.25 27.28 18.71
CA GLY A 769 34.36 26.61 18.04
C GLY A 769 33.93 25.33 17.35
N GLU A 770 34.87 24.44 17.17
CA GLU A 770 34.60 23.16 16.53
C GLU A 770 34.06 22.21 17.56
N MET A 771 33.31 21.20 17.14
CA MET A 771 32.86 20.25 18.11
C MET A 771 34.03 19.34 18.48
N ARG A 772 34.08 18.98 19.72
CA ARG A 772 35.08 18.07 20.23
C ARG A 772 34.62 16.63 20.15
N LEU A 773 35.54 15.71 19.93
CA LEU A 773 35.17 14.32 20.04
C LEU A 773 35.51 13.87 21.44
N ALA A 774 34.46 13.54 22.19
CA ALA A 774 34.55 13.15 23.59
C ALA A 774 34.12 11.71 23.74
N SER A 775 34.63 11.07 24.78
CA SER A 775 34.24 9.71 25.07
C SER A 775 33.24 9.70 26.22
N ILE A 776 32.31 8.79 26.21
CA ILE A 776 31.37 8.74 27.31
C ILE A 776 31.98 7.93 28.44
N ALA A 777 31.98 8.51 29.61
CA ALA A 777 32.55 7.88 30.78
C ALA A 777 31.67 6.81 31.38
N PHE A 778 32.30 5.79 31.93
CA PHE A 778 31.58 4.87 32.75
C PHE A 778 31.69 5.45 34.14
N ASN A 779 30.58 5.62 34.81
CA ASN A 779 30.58 6.20 36.14
C ASN A 779 30.67 5.07 37.17
N HIS A 780 31.84 4.84 37.76
CA HIS A 780 32.00 3.72 38.65
C HIS A 780 31.25 3.89 39.95
N PRO A 781 30.67 2.83 40.51
CA PRO A 781 29.99 2.80 41.77
C PRO A 781 31.01 2.88 42.88
N ILE A 782 30.54 3.20 44.07
CA ILE A 782 31.45 3.27 45.21
C ILE A 782 31.95 1.87 45.45
N GLN A 783 33.25 1.69 45.55
CA GLN A 783 33.78 0.35 45.75
C GLN A 783 33.84 0.02 47.21
N VAL A 784 33.23 -1.09 47.60
CA VAL A 784 33.25 -1.45 49.01
C VAL A 784 33.89 -2.81 49.13
N ASP A 785 35.00 -2.89 49.84
CA ASP A 785 35.73 -4.14 49.96
C ASP A 785 35.15 -5.16 50.91
N GLN A 786 35.32 -6.42 50.57
CA GLN A 786 34.91 -7.48 51.46
C GLN A 786 36.03 -7.76 52.43
N LEU A 787 35.69 -8.23 53.62
CA LEU A 787 36.72 -8.51 54.59
C LEU A 787 36.98 -10.00 54.75
N ASN A 788 38.21 -10.30 54.98
CA ASN A 788 38.70 -11.69 55.34
C ASN A 788 38.43 -11.89 56.76
N SER A 789 37.27 -11.90 57.26
CA SER A 789 36.93 -11.95 58.66
C SER A 789 35.49 -12.36 58.86
N SER A 790 35.09 -12.40 60.12
CA SER A 790 33.72 -12.69 60.53
C SER A 790 32.87 -11.42 60.52
N TYR A 791 33.49 -10.29 60.18
CA TYR A 791 32.83 -9.00 60.10
C TYR A 791 32.60 -8.62 58.63
N PHE A 792 31.90 -7.52 58.41
CA PHE A 792 31.76 -7.03 57.04
C PHE A 792 31.79 -5.52 57.02
N LYS A 793 32.16 -4.97 55.87
CA LYS A 793 32.08 -3.53 55.68
C LYS A 793 30.71 -3.08 55.26
N LEU A 794 30.28 -2.04 55.93
CA LEU A 794 29.02 -1.40 55.67
C LEU A 794 29.23 -0.05 55.10
N SER A 795 28.83 0.16 53.87
CA SER A 795 28.91 1.49 53.31
C SER A 795 27.52 2.08 53.61
N ILE A 796 27.48 3.06 54.50
CA ILE A 796 26.20 3.59 54.96
C ILE A 796 26.18 5.11 54.86
N PRO A 797 25.08 5.73 54.43
CA PRO A 797 24.93 7.17 54.28
C PRO A 797 25.10 7.88 55.57
N THR A 798 25.59 9.12 55.51
CA THR A 798 25.69 9.94 56.71
C THR A 798 24.84 11.17 56.47
N ASN A 799 24.45 11.31 55.23
CA ASN A 799 23.66 12.47 54.79
C ASN A 799 22.59 12.04 53.83
N PHE A 800 21.65 12.90 53.54
CA PHE A 800 20.63 12.59 52.58
C PHE A 800 19.98 13.82 52.01
N SER A 801 19.27 13.60 50.93
CA SER A 801 18.44 14.61 50.33
C SER A 801 17.20 13.95 49.77
N PHE A 802 16.22 14.77 49.47
CA PHE A 802 15.05 14.24 48.79
C PHE A 802 15.14 14.72 47.36
N GLY A 803 14.63 13.96 46.44
CA GLY A 803 14.61 14.47 45.07
C GLY A 803 13.39 13.97 44.39
N VAL A 804 13.07 14.55 43.25
CA VAL A 804 11.87 14.14 42.57
C VAL A 804 12.15 13.57 41.22
N THR A 805 11.72 12.35 41.00
CA THR A 805 11.85 11.78 39.70
C THR A 805 10.55 12.11 39.03
N GLN A 806 10.60 12.75 37.89
CA GLN A 806 9.38 13.11 37.22
C GLN A 806 9.13 12.07 36.16
N GLU A 807 7.88 11.71 35.98
CA GLU A 807 7.56 10.73 34.97
C GLU A 807 6.27 11.02 34.27
N TYR A 808 6.28 10.93 32.97
CA TYR A 808 5.05 11.09 32.25
C TYR A 808 4.60 9.81 31.62
N ILE A 809 3.34 9.48 31.86
CA ILE A 809 2.77 8.32 31.24
C ILE A 809 1.60 8.74 30.39
N GLN A 810 1.68 8.40 29.12
CA GLN A 810 0.60 8.74 28.22
C GLN A 810 -0.52 7.77 28.43
N THR A 811 -1.74 8.22 28.55
CA THR A 811 -2.82 7.23 28.73
C THR A 811 -3.76 7.23 27.53
N THR A 812 -3.75 8.32 26.78
CA THR A 812 -4.60 8.48 25.63
C THR A 812 -3.87 9.00 24.44
N ILE A 813 -4.54 8.97 23.31
CA ILE A 813 -4.10 9.63 22.10
C ILE A 813 -5.28 10.50 21.70
N GLN A 814 -5.06 11.47 20.83
CA GLN A 814 -6.19 12.26 20.35
C GLN A 814 -7.05 11.36 19.50
N LYS A 815 -8.37 11.42 19.72
CA LYS A 815 -9.33 10.63 18.98
C LYS A 815 -9.73 11.36 17.73
N VAL A 816 -9.59 10.69 16.59
CA VAL A 816 -9.89 11.29 15.31
C VAL A 816 -10.79 10.41 14.48
N THR A 817 -11.75 11.01 13.80
CA THR A 817 -12.56 10.28 12.85
C THR A 817 -12.34 10.90 11.50
N VAL A 818 -12.60 10.16 10.44
CA VAL A 818 -12.41 10.71 9.13
C VAL A 818 -13.62 10.54 8.25
N ASP A 819 -14.03 11.59 7.58
CA ASP A 819 -15.09 11.43 6.62
C ASP A 819 -14.35 10.97 5.37
N CYS A 820 -14.25 9.64 5.33
CA CYS A 820 -13.40 9.00 4.24
C CYS A 820 -13.96 9.32 2.92
N LYS A 821 -15.19 9.29 2.65
CA LYS A 821 -15.72 9.55 1.35
C LYS A 821 -15.37 10.97 0.95
N GLN A 822 -15.53 11.94 1.87
CA GLN A 822 -15.16 13.30 1.51
C GLN A 822 -13.67 13.44 1.32
N TYR A 823 -12.88 12.79 2.16
CA TYR A 823 -11.44 12.90 2.07
C TYR A 823 -10.94 12.50 0.72
N VAL A 824 -11.42 11.35 0.25
CA VAL A 824 -10.95 10.82 -1.00
C VAL A 824 -11.51 11.53 -2.22
N CYS A 825 -12.82 11.77 -2.24
CA CYS A 825 -13.43 12.30 -3.47
C CYS A 825 -13.89 13.73 -3.46
N ASN A 826 -13.93 14.40 -2.33
CA ASN A 826 -14.34 15.79 -2.28
C ASN A 826 -15.67 16.12 -2.90
N GLY A 827 -16.64 15.23 -2.80
CA GLY A 827 -17.96 15.49 -3.31
C GLY A 827 -18.14 15.25 -4.80
N PHE A 828 -17.11 14.78 -5.50
CA PHE A 828 -17.24 14.56 -6.92
C PHE A 828 -17.83 13.23 -7.20
N GLN A 829 -18.90 13.21 -7.98
CA GLN A 829 -19.62 11.98 -8.23
C GLN A 829 -18.84 10.99 -9.05
N LYS A 830 -17.99 11.47 -9.95
CA LYS A 830 -17.24 10.53 -10.76
C LYS A 830 -16.28 9.78 -9.87
N CYS A 831 -15.64 10.49 -8.97
CA CYS A 831 -14.75 9.84 -8.07
C CYS A 831 -15.50 8.85 -7.21
N GLU A 832 -16.65 9.24 -6.69
CA GLU A 832 -17.37 8.33 -5.80
C GLU A 832 -17.73 7.06 -6.52
N GLN A 833 -18.08 7.19 -7.80
CA GLN A 833 -18.40 6.06 -8.63
C GLN A 833 -17.24 5.11 -8.79
N LEU A 834 -16.03 5.66 -8.84
CA LEU A 834 -14.86 4.81 -8.99
C LEU A 834 -14.46 4.24 -7.65
N LEU A 835 -14.70 4.98 -6.59
CA LEU A 835 -14.37 4.57 -5.24
C LEU A 835 -15.13 3.32 -4.86
N ARG A 836 -16.35 3.20 -5.35
CA ARG A 836 -17.17 2.04 -5.05
C ARG A 836 -16.56 0.73 -5.53
N GLU A 837 -15.64 0.79 -6.47
CA GLU A 837 -15.09 -0.43 -7.05
C GLU A 837 -13.98 -0.99 -6.21
N TYR A 838 -13.68 -0.29 -5.11
CA TYR A 838 -12.68 -0.69 -4.14
C TYR A 838 -13.34 -1.32 -2.93
N GLY A 839 -14.64 -1.56 -3.03
CA GLY A 839 -15.35 -2.22 -1.96
C GLY A 839 -15.73 -1.26 -0.88
N GLN A 840 -16.08 -1.79 0.29
CA GLN A 840 -16.55 -0.92 1.35
C GLN A 840 -15.36 -0.36 2.11
N PHE A 841 -14.55 0.40 1.40
CA PHE A 841 -13.32 0.95 1.91
C PHE A 841 -13.57 1.86 3.07
N CYS A 842 -14.50 2.77 2.88
CA CYS A 842 -14.76 3.74 3.89
C CYS A 842 -15.45 3.15 5.08
N SER A 843 -16.16 2.03 4.91
CA SER A 843 -16.78 1.44 6.07
C SER A 843 -15.68 0.92 6.95
N LYS A 844 -14.63 0.38 6.33
CA LYS A 844 -13.52 -0.16 7.09
C LYS A 844 -12.75 0.92 7.81
N ILE A 845 -12.59 2.07 7.17
CA ILE A 845 -11.88 3.17 7.82
C ILE A 845 -12.66 3.64 9.02
N ASN A 846 -13.96 3.78 8.86
CA ASN A 846 -14.76 4.28 9.94
C ASN A 846 -14.89 3.34 11.09
N GLN A 847 -14.98 2.05 10.81
CA GLN A 847 -15.13 1.10 11.88
C GLN A 847 -13.84 0.92 12.61
N ALA A 848 -12.72 0.96 11.89
CA ALA A 848 -11.46 0.81 12.56
C ALA A 848 -11.19 1.96 13.50
N LEU A 849 -11.55 3.17 13.08
CA LEU A 849 -11.32 4.31 13.95
C LEU A 849 -12.33 4.35 15.04
N HIS A 850 -13.54 3.90 14.78
CA HIS A 850 -14.53 3.94 15.82
C HIS A 850 -14.07 3.07 16.96
N GLY A 851 -13.58 1.87 16.63
CA GLY A 851 -13.12 0.96 17.66
C GLY A 851 -11.93 1.53 18.40
N ALA A 852 -11.00 2.15 17.64
CA ALA A 852 -9.82 2.76 18.23
C ALA A 852 -10.17 3.89 19.15
N ASN A 853 -11.25 4.61 18.85
CA ASN A 853 -11.65 5.72 19.68
C ASN A 853 -12.36 5.22 20.93
N LEU A 854 -13.13 4.12 20.80
CA LEU A 854 -13.83 3.56 21.97
C LEU A 854 -12.80 3.10 22.94
N ARG A 855 -11.71 2.59 22.40
CA ARG A 855 -10.63 2.09 23.22
C ARG A 855 -10.10 3.12 24.19
N GLN A 856 -10.08 4.41 23.80
CA GLN A 856 -9.57 5.38 24.74
C GLN A 856 -10.65 5.69 25.72
N ASP A 857 -11.89 5.70 25.32
CA ASP A 857 -12.88 6.01 26.34
C ASP A 857 -12.88 4.90 27.38
N ASP A 858 -12.64 3.65 26.95
CA ASP A 858 -12.62 2.55 27.90
C ASP A 858 -11.36 2.60 28.74
N SER A 859 -10.25 2.99 28.13
CA SER A 859 -8.99 3.09 28.84
C SER A 859 -9.04 4.13 29.92
N VAL A 860 -9.64 5.27 29.59
CA VAL A 860 -9.80 6.37 30.52
C VAL A 860 -10.73 6.01 31.62
N ARG A 861 -11.86 5.40 31.28
CA ARG A 861 -12.81 5.05 32.29
C ARG A 861 -12.21 4.10 33.31
N ASN A 862 -11.40 3.14 32.83
CA ASN A 862 -10.79 2.14 33.69
C ASN A 862 -9.70 2.75 34.53
N LEU A 863 -8.93 3.64 33.93
CA LEU A 863 -7.85 4.26 34.65
C LEU A 863 -8.39 5.10 35.75
N PHE A 864 -9.40 5.89 35.48
CA PHE A 864 -9.89 6.74 36.55
C PHE A 864 -10.64 5.99 37.59
N ALA A 865 -11.30 4.91 37.19
CA ALA A 865 -11.99 4.12 38.19
C ALA A 865 -11.01 3.63 39.23
N SER A 866 -9.76 3.37 38.82
CA SER A 866 -8.73 2.91 39.72
C SER A 866 -8.01 4.02 40.50
N VAL A 867 -7.99 5.26 39.97
CA VAL A 867 -7.31 6.32 40.73
C VAL A 867 -8.24 6.72 41.84
N LYS A 868 -9.55 6.61 41.56
CA LYS A 868 -10.58 7.01 42.49
C LYS A 868 -10.39 6.45 43.86
N SER A 869 -10.48 7.33 44.85
CA SER A 869 -10.36 6.98 46.24
C SER A 869 -11.71 6.54 46.80
N SER A 870 -11.70 5.68 47.80
CA SER A 870 -12.92 5.32 48.51
C SER A 870 -13.26 6.34 49.56
N GLN A 871 -12.23 6.68 50.31
CA GLN A 871 -12.21 7.58 51.44
C GLN A 871 -11.06 8.54 51.20
N SER A 872 -11.21 9.80 51.59
CA SER A 872 -10.16 10.79 51.42
C SER A 872 -10.33 11.95 52.38
N SER A 873 -9.25 12.62 52.76
CA SER A 873 -9.42 13.81 53.56
C SER A 873 -9.58 15.02 52.64
N PRO A 874 -10.30 16.07 53.04
CA PRO A 874 -10.39 17.32 52.31
C PRO A 874 -9.04 17.98 52.15
N ILE A 875 -8.82 18.66 51.04
CA ILE A 875 -7.60 19.43 50.90
C ILE A 875 -7.93 20.80 51.42
N ILE A 876 -7.15 21.30 52.34
CA ILE A 876 -7.39 22.63 52.88
C ILE A 876 -6.11 23.38 52.64
N PRO A 877 -6.09 24.70 52.58
CA PRO A 877 -4.85 25.43 52.51
C PRO A 877 -4.06 25.01 53.72
N GLY A 878 -2.77 24.74 53.59
CA GLY A 878 -2.03 24.33 54.78
C GLY A 878 -1.85 22.81 54.82
N PHE A 879 -2.52 22.13 53.88
CA PHE A 879 -2.41 20.70 53.74
C PHE A 879 -0.93 20.46 53.61
N GLY A 880 -0.40 19.47 54.31
CA GLY A 880 1.01 19.18 54.31
C GLY A 880 1.73 19.59 55.60
N GLY A 881 1.13 20.49 56.36
CA GLY A 881 1.79 20.90 57.60
C GLY A 881 3.10 21.61 57.26
N ASP A 882 4.22 21.10 57.79
CA ASP A 882 5.53 21.68 57.54
C ASP A 882 6.03 21.35 56.15
N PHE A 883 5.35 20.42 55.50
CA PHE A 883 5.69 19.97 54.18
C PHE A 883 4.90 20.83 53.21
N ASN A 884 5.51 21.59 52.42
CA ASN A 884 5.01 22.55 51.51
C ASN A 884 4.32 21.92 50.33
N LEU A 885 3.15 21.62 50.27
CA LEU A 885 2.43 20.97 49.20
C LEU A 885 1.57 21.95 48.44
N THR A 886 1.82 23.27 48.58
CA THR A 886 0.91 24.25 47.95
C THR A 886 0.92 24.11 46.46
N LEU A 887 2.03 23.61 45.94
CA LEU A 887 2.31 23.30 44.55
C LEU A 887 1.25 22.34 44.00
N LEU A 888 0.85 21.40 44.87
CA LEU A 888 -0.10 20.36 44.53
C LEU A 888 -1.55 20.71 44.90
N GLU A 889 -1.76 21.63 45.84
CA GLU A 889 -3.11 21.97 46.27
C GLU A 889 -3.84 22.60 45.08
N PRO A 890 -5.14 22.35 44.89
CA PRO A 890 -5.95 22.97 43.85
C PRO A 890 -5.94 24.47 44.02
N VAL A 891 -5.85 25.21 42.92
CA VAL A 891 -5.89 26.65 43.02
C VAL A 891 -7.32 27.15 43.10
N ALA A 900 -10.82 22.74 39.85
CA ALA A 900 -9.60 23.53 39.98
C ALA A 900 -8.36 22.67 39.87
N ARG A 901 -7.47 23.05 38.98
CA ARG A 901 -6.22 22.32 38.83
C ARG A 901 -5.21 22.89 39.81
N SER A 902 -4.19 22.10 40.12
CA SER A 902 -3.12 22.54 41.03
C SER A 902 -2.18 23.50 40.32
N ALA A 903 -1.35 24.19 41.07
CA ALA A 903 -0.41 25.11 40.45
C ALA A 903 0.57 24.42 39.53
N ILE A 904 1.06 23.24 39.92
CA ILE A 904 2.05 22.57 39.06
C ILE A 904 1.35 22.07 37.82
N GLU A 905 0.12 21.65 37.98
CA GLU A 905 -0.67 21.13 36.89
C GLU A 905 -0.94 22.23 35.87
N ASP A 906 -1.27 23.43 36.33
CA ASP A 906 -1.48 24.51 35.37
C ASP A 906 -0.18 24.86 34.70
N LEU A 907 0.94 24.80 35.45
CA LEU A 907 2.19 25.17 34.84
C LEU A 907 2.56 24.17 33.77
N LEU A 908 2.29 22.89 34.06
CA LEU A 908 2.61 21.83 33.12
C LEU A 908 1.86 22.05 31.84
N PHE A 909 0.59 22.41 31.94
CA PHE A 909 -0.17 22.66 30.72
C PHE A 909 0.25 23.93 30.01
N ASP A 910 0.54 25.01 30.77
CA ASP A 910 0.90 26.28 30.14
C ASP A 910 2.20 26.22 29.38
N LYS A 911 3.11 25.35 29.81
CA LYS A 911 4.41 25.24 29.18
C LYS A 911 4.46 24.32 27.99
N VAL A 912 3.36 23.62 27.70
CA VAL A 912 3.35 22.69 26.57
C VAL A 912 2.57 23.35 25.43
N THR A 913 3.13 23.36 24.22
CA THR A 913 2.40 24.02 23.15
C THR A 913 1.43 23.06 22.53
N ILE A 914 0.15 23.38 22.73
CA ILE A 914 -0.95 22.55 22.29
C ILE A 914 -1.92 23.38 21.48
N ALA A 915 -2.28 22.95 20.28
CA ALA A 915 -3.27 23.71 19.51
C ALA A 915 -4.63 23.55 20.17
N ASP A 916 -5.46 24.59 20.15
CA ASP A 916 -6.80 24.49 20.70
C ASP A 916 -7.77 23.87 19.71
N PRO A 917 -8.30 22.67 19.93
CA PRO A 917 -9.19 21.96 19.03
C PRO A 917 -10.56 22.62 18.84
N GLY A 918 -10.97 23.55 19.73
CA GLY A 918 -12.25 24.18 19.43
C GLY A 918 -13.44 23.27 19.61
N TYR A 919 -13.47 22.49 20.67
CA TYR A 919 -14.54 21.53 20.81
C TYR A 919 -15.94 22.14 20.79
N MET A 920 -16.12 23.34 21.33
CA MET A 920 -17.46 23.91 21.36
C MET A 920 -17.85 24.66 20.09
N GLN A 921 -16.92 25.43 19.51
CA GLN A 921 -17.27 26.21 18.32
C GLN A 921 -16.13 26.42 17.33
N GLY A 922 -15.19 25.48 17.22
CA GLY A 922 -14.02 25.60 16.34
C GLY A 922 -14.35 25.84 14.89
N TYR A 923 -15.49 25.31 14.48
CA TYR A 923 -15.98 25.47 13.11
C TYR A 923 -16.05 26.92 12.78
N ASP A 924 -16.57 27.71 13.72
CA ASP A 924 -16.76 29.12 13.53
C ASP A 924 -15.49 29.90 13.75
N ASP A 925 -14.65 29.45 14.66
CA ASP A 925 -13.44 30.22 14.89
C ASP A 925 -12.63 30.25 13.61
N CYS A 926 -12.63 29.13 12.91
CA CYS A 926 -11.86 28.99 11.67
C CYS A 926 -12.45 29.71 10.51
N MET A 927 -13.64 30.27 10.66
CA MET A 927 -14.26 31.04 9.60
C MET A 927 -14.16 32.54 9.91
N GLN A 928 -14.44 32.93 11.16
CA GLN A 928 -14.44 34.34 11.51
C GLN A 928 -13.04 34.88 11.76
N GLN A 929 -12.11 34.00 12.16
CA GLN A 929 -10.74 34.42 12.36
C GLN A 929 -9.84 33.78 11.30
N GLY A 930 -10.15 32.53 10.96
CA GLY A 930 -9.32 31.80 10.02
C GLY A 930 -8.19 31.09 10.78
N PRO A 931 -7.29 30.41 10.08
CA PRO A 931 -6.18 29.66 10.62
C PRO A 931 -5.25 30.53 11.43
N ALA A 932 -4.74 29.98 12.54
CA ALA A 932 -3.79 30.68 13.41
C ALA A 932 -2.43 30.88 12.75
N SER A 933 -2.00 29.90 11.96
CA SER A 933 -0.70 29.95 11.32
C SER A 933 -0.62 29.03 10.14
N ALA A 934 0.57 28.91 9.59
CA ALA A 934 0.77 28.00 8.47
C ALA A 934 0.52 26.58 8.97
N ARG A 935 -0.05 25.71 8.16
CA ARG A 935 -0.23 24.36 8.62
C ARG A 935 -1.04 24.22 9.89
N ASP A 936 -2.17 24.93 9.97
CA ASP A 936 -3.05 24.87 11.12
C ASP A 936 -3.93 23.64 10.98
N LEU A 937 -3.66 22.64 11.81
CA LEU A 937 -4.28 21.34 11.72
C LEU A 937 -5.62 21.29 12.38
N ILE A 938 -5.99 22.39 13.02
CA ILE A 938 -7.31 22.37 13.60
C ILE A 938 -8.23 22.90 12.52
N CYS A 939 -7.84 23.96 11.85
CA CYS A 939 -8.75 24.47 10.82
C CYS A 939 -8.79 23.57 9.61
N ALA A 940 -7.74 22.76 9.43
CA ALA A 940 -7.68 21.82 8.35
C ALA A 940 -8.77 20.81 8.44
N GLN A 941 -9.34 20.62 9.62
CA GLN A 941 -10.35 19.60 9.78
C GLN A 941 -11.55 19.79 8.89
N TYR A 942 -11.95 21.04 8.69
CA TYR A 942 -13.22 21.31 8.03
C TYR A 942 -13.04 21.40 6.55
N VAL A 943 -11.78 21.29 6.17
CA VAL A 943 -11.35 21.41 4.80
C VAL A 943 -10.98 20.06 4.25
N ALA A 944 -10.13 19.34 5.00
CA ALA A 944 -9.63 18.03 4.64
C ALA A 944 -10.64 16.93 4.83
N GLY A 945 -11.59 17.06 5.77
CA GLY A 945 -12.53 15.98 5.96
C GLY A 945 -12.26 15.12 7.20
N TYR A 946 -11.63 15.66 8.22
CA TYR A 946 -11.35 14.88 9.43
C TYR A 946 -11.81 15.64 10.63
N LYS A 947 -12.07 14.95 11.72
CA LYS A 947 -12.52 15.62 12.92
C LYS A 947 -11.84 15.15 14.17
N VAL A 948 -11.44 16.10 14.97
CA VAL A 948 -10.88 15.79 16.28
C VAL A 948 -12.02 15.70 17.29
N LEU A 949 -12.11 14.58 17.99
CA LEU A 949 -13.18 14.38 18.93
C LEU A 949 -12.74 14.76 20.32
N PRO A 950 -13.65 15.24 21.18
CA PRO A 950 -13.39 15.57 22.54
C PRO A 950 -13.13 14.31 23.37
N PRO A 951 -12.37 14.43 24.46
CA PRO A 951 -12.03 13.44 25.42
C PRO A 951 -13.24 13.08 26.24
N LEU A 952 -13.19 11.89 26.85
CA LEU A 952 -14.26 11.36 27.69
C LEU A 952 -14.61 12.14 28.91
N MET A 953 -13.63 12.77 29.55
CA MET A 953 -13.87 13.55 30.76
C MET A 953 -13.43 14.99 30.55
N ASP A 954 -14.16 15.96 31.13
CA ASP A 954 -13.73 17.35 31.00
C ASP A 954 -12.63 17.56 32.01
N VAL A 955 -12.00 18.71 31.94
CA VAL A 955 -10.92 19.07 32.83
C VAL A 955 -11.29 19.11 34.30
N ASN A 956 -12.45 19.63 34.64
CA ASN A 956 -12.72 19.70 36.06
C ASN A 956 -12.91 18.31 36.65
N MET A 957 -13.45 17.36 35.88
CA MET A 957 -13.60 16.04 36.43
C MET A 957 -12.25 15.38 36.61
N GLU A 958 -11.33 15.56 35.66
CA GLU A 958 -10.03 14.94 35.86
C GLU A 958 -9.34 15.55 37.05
N ALA A 959 -9.51 16.87 37.23
CA ALA A 959 -8.90 17.52 38.37
C ALA A 959 -9.47 16.97 39.65
N ALA A 960 -10.78 16.70 39.67
CA ALA A 960 -11.43 16.17 40.84
C ALA A 960 -10.85 14.83 41.22
N TYR A 961 -10.50 14.02 40.22
CA TYR A 961 -9.95 12.72 40.53
C TYR A 961 -8.58 12.83 41.15
N THR A 962 -7.73 13.73 40.65
CA THR A 962 -6.40 13.78 41.23
C THR A 962 -6.39 14.55 42.52
N SER A 963 -7.38 15.41 42.70
CA SER A 963 -7.45 16.16 43.94
C SER A 963 -7.87 15.24 45.06
N SER A 964 -8.82 14.33 44.76
CA SER A 964 -9.27 13.43 45.79
C SER A 964 -8.19 12.42 46.09
N LEU A 965 -7.34 12.16 45.09
CA LEU A 965 -6.23 11.25 45.24
C LEU A 965 -5.22 11.86 46.18
N LEU A 966 -4.95 13.16 46.01
CA LEU A 966 -3.96 13.83 46.86
C LEU A 966 -4.35 13.71 48.31
N GLY A 967 -5.63 13.91 48.57
CA GLY A 967 -6.12 13.93 49.94
C GLY A 967 -6.21 12.57 50.57
N SER A 968 -6.02 11.54 49.76
CA SER A 968 -6.08 10.19 50.27
C SER A 968 -4.70 9.66 50.61
N ILE A 969 -3.62 10.35 50.23
CA ILE A 969 -2.32 9.71 50.36
C ILE A 969 -1.88 9.38 51.76
N ALA A 970 -1.96 10.32 52.67
CA ALA A 970 -1.48 10.07 54.01
C ALA A 970 -2.24 8.95 54.69
N GLY A 971 -3.52 8.85 54.44
CA GLY A 971 -4.33 7.88 55.13
C GLY A 971 -4.57 6.59 54.43
N VAL A 972 -3.96 6.41 53.27
CA VAL A 972 -4.22 5.19 52.54
C VAL A 972 -3.00 4.30 52.70
N GLY A 973 -1.80 4.85 52.54
CA GLY A 973 -0.60 4.03 52.64
C GLY A 973 -0.15 3.91 54.09
N TRP A 974 -1.04 3.49 54.98
CA TRP A 974 -0.70 3.50 56.40
C TRP A 974 -0.66 2.11 57.01
N THR A 975 -1.72 1.31 56.90
CA THR A 975 -1.66 -0.02 57.50
C THR A 975 -2.30 -1.12 56.69
N ALA A 976 -2.47 -2.28 57.32
CA ALA A 976 -3.03 -3.47 56.65
C ALA A 976 -4.43 -3.26 56.11
N GLY A 977 -4.69 -3.81 54.93
CA GLY A 977 -6.00 -3.79 54.29
C GLY A 977 -6.18 -2.52 53.49
N LEU A 978 -7.14 -2.51 52.57
CA LEU A 978 -7.40 -1.31 51.79
C LEU A 978 -8.72 -0.68 52.19
N SER A 979 -9.30 -1.17 53.28
CA SER A 979 -10.64 -0.81 53.71
C SER A 979 -10.82 0.33 54.69
N SER A 980 -9.78 0.74 55.39
CA SER A 980 -9.97 1.77 56.38
C SER A 980 -9.12 2.94 56.03
N PHE A 981 -9.51 4.11 56.49
CA PHE A 981 -8.75 5.30 56.20
C PHE A 981 -8.32 6.03 57.45
N ALA A 982 -7.03 6.27 57.53
CA ALA A 982 -6.50 6.97 58.69
C ALA A 982 -6.32 8.44 58.36
N ALA A 983 -7.15 9.30 58.89
CA ALA A 983 -7.03 10.70 58.54
C ALA A 983 -5.97 11.34 59.41
N ILE A 984 -4.74 11.19 58.97
CA ILE A 984 -3.60 11.64 59.72
C ILE A 984 -2.91 12.71 58.92
N PRO A 985 -2.13 13.57 59.52
CA PRO A 985 -1.34 14.58 58.88
C PRO A 985 -0.38 14.03 57.88
N PHE A 986 -0.13 14.75 56.82
CA PHE A 986 0.84 14.39 55.82
C PHE A 986 2.19 14.19 56.46
N ALA A 987 2.57 15.11 57.33
CA ALA A 987 3.86 15.02 57.97
C ALA A 987 4.02 13.72 58.74
N GLN A 988 2.96 13.27 59.38
CA GLN A 988 3.02 12.08 60.18
C GLN A 988 3.23 10.89 59.26
N SER A 989 2.60 10.94 58.09
CA SER A 989 2.76 9.91 57.09
C SER A 989 4.17 9.84 56.60
N ILE A 990 4.80 11.00 56.38
CA ILE A 990 6.18 11.01 55.92
C ILE A 990 7.09 10.39 56.94
N PHE A 991 6.88 10.68 58.21
CA PHE A 991 7.78 10.10 59.17
C PHE A 991 7.60 8.60 59.24
N TYR A 992 6.39 8.09 59.06
CA TYR A 992 6.26 6.63 59.06
C TYR A 992 6.95 6.05 57.84
N ARG A 993 6.84 6.73 56.69
CA ARG A 993 7.50 6.30 55.47
C ARG A 993 9.00 6.30 55.56
N LEU A 994 9.57 7.26 56.27
CA LEU A 994 11.00 7.29 56.45
C LEU A 994 11.45 6.23 57.43
N ASN A 995 10.65 5.99 58.45
CA ASN A 995 11.01 4.98 59.41
C ASN A 995 11.02 3.62 58.78
N GLY A 996 10.12 3.45 57.83
CA GLY A 996 9.94 2.20 57.14
C GLY A 996 11.04 1.86 56.17
N VAL A 997 11.95 2.79 55.92
CA VAL A 997 13.01 2.50 54.99
C VAL A 997 14.34 2.45 55.69
N GLY A 998 14.34 2.49 57.03
CA GLY A 998 15.60 2.41 57.72
C GLY A 998 16.11 3.65 58.44
N ILE A 999 15.30 4.67 58.60
CA ILE A 999 15.80 5.82 59.37
C ILE A 999 15.17 5.70 60.73
N THR A 1000 15.95 5.68 61.79
CA THR A 1000 15.33 5.43 63.09
C THR A 1000 14.52 6.58 63.59
N GLN A 1001 13.68 6.31 64.59
CA GLN A 1001 12.81 7.32 65.16
C GLN A 1001 13.56 8.36 65.93
N GLN A 1002 14.71 8.02 66.48
CA GLN A 1002 15.46 9.03 67.21
C GLN A 1002 15.95 10.07 66.23
N VAL A 1003 16.31 9.62 65.05
CA VAL A 1003 16.83 10.50 64.02
C VAL A 1003 15.73 11.37 63.47
N LEU A 1004 14.58 10.76 63.19
CA LEU A 1004 13.49 11.50 62.62
C LEU A 1004 12.99 12.53 63.60
N SER A 1005 13.01 12.19 64.90
CA SER A 1005 12.54 13.11 65.92
C SER A 1005 13.46 14.31 66.09
N GLU A 1006 14.77 14.09 66.00
CA GLU A 1006 15.71 15.19 66.12
C GLU A 1006 15.69 16.09 64.92
N ASN A 1007 15.45 15.50 63.75
CA ASN A 1007 15.49 16.20 62.48
C ASN A 1007 14.17 16.51 61.84
N GLN A 1008 13.07 16.61 62.56
CA GLN A 1008 11.83 16.84 61.81
C GLN A 1008 11.81 18.11 60.99
N LYS A 1009 12.46 19.16 61.46
CA LYS A 1009 12.44 20.41 60.70
C LYS A 1009 13.40 20.31 59.54
N LEU A 1010 14.48 19.55 59.72
CA LEU A 1010 15.47 19.40 58.67
C LEU A 1010 14.88 18.58 57.53
N ILE A 1011 14.12 17.57 57.90
CA ILE A 1011 13.48 16.70 56.93
C ILE A 1011 12.44 17.46 56.16
N ALA A 1012 11.60 18.23 56.86
CA ALA A 1012 10.61 19.01 56.15
C ALA A 1012 11.28 20.00 55.22
N ASN A 1013 12.41 20.59 55.65
CA ASN A 1013 13.05 21.54 54.77
C ASN A 1013 13.62 20.89 53.55
N LYS A 1014 14.18 19.70 53.69
CA LYS A 1014 14.74 19.04 52.53
C LYS A 1014 13.66 18.62 51.56
N PHE A 1015 12.54 18.18 52.11
CA PHE A 1015 11.43 17.77 51.30
C PHE A 1015 10.95 18.95 50.50
N ASN A 1016 10.83 20.10 51.19
CA ASN A 1016 10.36 21.32 50.56
C ASN A 1016 11.30 21.80 49.50
N GLN A 1017 12.60 21.59 49.68
CA GLN A 1017 13.54 21.99 48.66
C GLN A 1017 13.36 21.11 47.45
N ALA A 1018 13.13 19.81 47.67
CA ALA A 1018 12.98 18.89 46.55
C ALA A 1018 11.80 19.25 45.68
N LEU A 1019 10.70 19.68 46.31
CA LEU A 1019 9.54 20.04 45.52
C LEU A 1019 9.62 21.44 45.02
N GLY A 1020 10.18 22.35 45.81
CA GLY A 1020 10.25 23.73 45.39
C GLY A 1020 11.13 23.86 44.16
N ALA A 1021 12.17 23.02 44.10
CA ALA A 1021 13.13 22.98 43.02
C ALA A 1021 12.53 22.59 41.71
N MET A 1022 11.37 21.97 41.78
CA MET A 1022 10.68 21.49 40.63
C MET A 1022 9.79 22.55 40.00
N GLN A 1023 9.56 23.63 40.71
CA GLN A 1023 8.76 24.72 40.17
C GLN A 1023 9.48 25.22 38.92
N THR A 1024 10.81 25.19 38.98
CA THR A 1024 11.69 25.62 37.89
C THR A 1024 11.97 24.50 36.88
N GLY A 1025 11.41 23.32 37.13
CA GLY A 1025 11.56 22.14 36.32
C GLY A 1025 11.11 22.02 34.88
N PHE A 1026 10.00 22.64 34.51
CA PHE A 1026 9.47 22.45 33.16
C PHE A 1026 10.21 23.23 32.09
N THR A 1027 11.35 22.66 31.72
CA THR A 1027 12.30 23.19 30.78
C THR A 1027 12.94 22.15 29.91
N THR A 1028 13.96 22.56 29.17
CA THR A 1028 14.65 21.75 28.16
C THR A 1028 15.43 20.58 28.73
N THR A 1029 15.76 20.63 29.98
CA THR A 1029 16.55 19.59 30.61
C THR A 1029 15.69 18.55 31.32
N ASN A 1030 14.37 18.74 31.30
CA ASN A 1030 13.44 17.84 31.97
C ASN A 1030 12.89 16.78 31.03
N GLU A 1031 13.45 15.59 31.07
CA GLU A 1031 13.04 14.55 30.14
C GLU A 1031 11.57 14.23 30.20
N ALA A 1032 11.00 14.18 31.40
CA ALA A 1032 9.58 13.88 31.53
C ALA A 1032 8.76 14.95 30.85
N PHE A 1033 9.22 16.18 30.97
CA PHE A 1033 8.51 17.28 30.35
C PHE A 1033 8.56 17.14 28.83
N GLN A 1034 9.75 16.83 28.25
CA GLN A 1034 9.70 16.64 26.80
C GLN A 1034 8.79 15.49 26.42
N LYS A 1035 8.71 14.44 27.22
CA LYS A 1035 7.80 13.39 26.81
C LYS A 1035 6.38 13.89 26.73
N VAL A 1036 6.03 14.86 27.56
CA VAL A 1036 4.69 15.41 27.50
C VAL A 1036 4.52 16.13 26.16
N GLN A 1037 5.52 16.95 25.80
CA GLN A 1037 5.45 17.68 24.53
C GLN A 1037 5.47 16.74 23.36
N ASP A 1038 6.19 15.64 23.46
CA ASP A 1038 6.26 14.72 22.36
C ASP A 1038 4.94 14.01 22.16
N ALA A 1039 4.23 13.69 23.26
CA ALA A 1039 2.93 13.06 23.08
C ALA A 1039 2.03 13.99 22.29
N VAL A 1040 2.17 15.28 22.57
CA VAL A 1040 1.42 16.32 21.89
C VAL A 1040 1.84 16.40 20.43
N ASN A 1041 3.14 16.34 20.18
CA ASN A 1041 3.62 16.43 18.83
C ASN A 1041 3.19 15.23 18.03
N ASN A 1042 3.05 14.07 18.67
CA ASN A 1042 2.64 12.89 17.94
C ASN A 1042 1.21 13.02 17.49
N ASN A 1043 0.39 13.69 18.29
CA ASN A 1043 -0.98 13.87 17.88
C ASN A 1043 -1.01 14.79 16.67
N ALA A 1044 -0.16 15.81 16.70
CA ALA A 1044 -0.12 16.73 15.58
C ALA A 1044 0.37 16.06 14.32
N GLN A 1045 1.33 15.15 14.45
CA GLN A 1045 1.84 14.51 13.27
C GLN A 1045 0.80 13.63 12.63
N ALA A 1046 0.00 12.98 13.47
CA ALA A 1046 -1.04 12.12 12.95
C ALA A 1046 -2.00 12.90 12.09
N LEU A 1047 -2.28 14.15 12.48
CA LEU A 1047 -3.24 14.95 11.74
C LEU A 1047 -2.59 15.55 10.52
N SER A 1048 -1.27 15.77 10.57
CA SER A 1048 -0.60 16.39 9.46
C SER A 1048 -0.59 15.47 8.29
N LYS A 1049 -0.72 14.15 8.50
CA LYS A 1049 -0.69 13.28 7.35
C LYS A 1049 -1.92 13.55 6.52
N LEU A 1050 -3.06 13.71 7.16
CA LEU A 1050 -4.26 13.96 6.39
C LEU A 1050 -4.24 15.34 5.80
N ALA A 1051 -3.78 16.33 6.54
CA ALA A 1051 -3.80 17.67 5.99
C ALA A 1051 -2.86 17.82 4.79
N SER A 1052 -1.68 17.19 4.86
CA SER A 1052 -0.68 17.37 3.82
C SER A 1052 -0.75 16.48 2.61
N GLU A 1053 -1.43 15.35 2.71
CA GLU A 1053 -1.43 14.44 1.58
C GLU A 1053 -2.43 14.74 0.51
N LEU A 1054 -3.40 15.60 0.75
CA LEU A 1054 -4.38 15.87 -0.28
C LEU A 1054 -3.84 16.73 -1.39
N SER A 1055 -2.69 17.33 -1.18
CA SER A 1055 -2.08 18.18 -2.19
C SER A 1055 -1.22 17.38 -3.16
N ASN A 1056 -1.05 16.09 -2.89
CA ASN A 1056 -0.21 15.27 -3.74
C ASN A 1056 -0.97 14.84 -4.96
N THR A 1057 -0.26 14.56 -6.06
CA THR A 1057 -0.98 14.15 -7.25
C THR A 1057 -0.80 12.68 -7.49
N PHE A 1058 0.23 12.09 -6.89
CA PHE A 1058 0.48 10.68 -7.04
C PHE A 1058 0.60 10.27 -8.49
N GLY A 1059 1.21 11.14 -9.30
CA GLY A 1059 1.42 10.93 -10.71
C GLY A 1059 0.36 11.52 -11.61
N ALA A 1060 -0.74 11.99 -11.02
CA ALA A 1060 -1.83 12.60 -11.74
C ALA A 1060 -1.47 13.99 -12.21
N ILE A 1061 -2.22 14.49 -13.17
CA ILE A 1061 -2.04 15.83 -13.73
C ILE A 1061 -2.40 16.94 -12.76
N SER A 1062 -3.21 16.62 -11.79
CA SER A 1062 -3.62 17.53 -10.75
C SER A 1062 -4.06 16.81 -9.50
N ALA A 1063 -3.95 17.48 -8.35
CA ALA A 1063 -4.47 16.93 -7.09
C ALA A 1063 -5.96 17.18 -6.99
N SER A 1064 -6.47 17.99 -7.91
CA SER A 1064 -7.85 18.33 -7.96
C SER A 1064 -8.65 17.46 -8.91
N ILE A 1065 -9.68 16.85 -8.36
CA ILE A 1065 -10.56 16.03 -9.16
C ILE A 1065 -11.26 16.90 -10.15
N GLY A 1066 -11.65 18.09 -9.73
CA GLY A 1066 -12.32 19.03 -10.60
C GLY A 1066 -11.46 19.39 -11.82
N ASP A 1067 -10.13 19.49 -11.67
CA ASP A 1067 -9.27 19.80 -12.80
C ASP A 1067 -9.20 18.64 -13.75
N ILE A 1068 -9.21 17.44 -13.20
CA ILE A 1068 -9.14 16.27 -14.03
C ILE A 1068 -10.37 16.16 -14.87
N ILE A 1069 -11.52 16.37 -14.25
CA ILE A 1069 -12.78 16.28 -14.97
C ILE A 1069 -12.89 17.35 -16.01
N GLN A 1070 -12.50 18.58 -15.66
CA GLN A 1070 -12.55 19.69 -16.59
C GLN A 1070 -11.64 19.53 -17.80
N ARG A 1071 -10.48 18.88 -17.64
CA ARG A 1071 -9.56 18.72 -18.74
C ARG A 1071 -9.67 17.45 -19.57
N LEU A 1072 -10.05 16.32 -18.96
CA LEU A 1072 -10.05 15.04 -19.67
C LEU A 1072 -11.39 14.35 -19.87
N ASP A 1073 -11.48 13.57 -20.94
CA ASP A 1073 -12.62 12.71 -21.19
C ASP A 1073 -12.50 11.40 -20.42
N PRO A 1074 -13.60 10.72 -20.10
CA PRO A 1074 -13.68 9.49 -19.32
C PRO A 1074 -12.58 8.43 -19.47
N PRO A 1075 -12.17 7.97 -20.62
CA PRO A 1075 -11.16 6.92 -20.64
C PRO A 1075 -9.81 7.35 -20.03
N GLU A 1076 -9.52 8.65 -19.99
CA GLU A 1076 -8.25 9.10 -19.42
C GLU A 1076 -8.53 9.73 -18.07
N GLN A 1077 -9.72 10.34 -17.97
CA GLN A 1077 -10.18 11.02 -16.79
C GLN A 1077 -10.23 10.03 -15.66
N ASP A 1078 -10.67 8.81 -16.01
CA ASP A 1078 -10.80 7.71 -15.08
C ASP A 1078 -9.46 7.34 -14.51
N ALA A 1079 -8.45 7.21 -15.36
CA ALA A 1079 -7.12 6.84 -14.93
C ALA A 1079 -6.52 7.85 -13.99
N GLN A 1080 -6.80 9.13 -14.24
CA GLN A 1080 -6.25 10.17 -13.41
C GLN A 1080 -6.94 10.26 -12.07
N ILE A 1081 -8.26 10.06 -12.05
CA ILE A 1081 -8.98 10.09 -10.81
C ILE A 1081 -8.55 8.92 -10.00
N ASP A 1082 -8.39 7.79 -10.68
CA ASP A 1082 -7.98 6.58 -10.01
C ASP A 1082 -6.61 6.74 -9.36
N ARG A 1083 -5.67 7.47 -10.00
CA ARG A 1083 -4.41 7.68 -9.28
C ARG A 1083 -4.64 8.42 -7.99
N LEU A 1084 -5.53 9.42 -8.01
CA LEU A 1084 -5.75 10.14 -6.77
C LEU A 1084 -6.41 9.25 -5.76
N ILE A 1085 -7.32 8.38 -6.20
CA ILE A 1085 -7.96 7.49 -5.26
C ILE A 1085 -6.94 6.58 -4.65
N ASN A 1086 -6.09 5.96 -5.45
CA ASN A 1086 -5.16 5.04 -4.85
C ASN A 1086 -4.30 5.70 -3.81
N GLY A 1087 -3.86 6.92 -4.08
CA GLY A 1087 -3.01 7.64 -3.15
C GLY A 1087 -3.70 7.99 -1.88
N ARG A 1088 -4.98 8.32 -1.97
CA ARG A 1088 -5.73 8.72 -0.81
C ARG A 1088 -6.17 7.51 -0.01
N LEU A 1089 -6.43 6.39 -0.68
CA LEU A 1089 -6.83 5.21 0.04
C LEU A 1089 -5.63 4.74 0.83
N THR A 1090 -4.45 4.86 0.22
CA THR A 1090 -3.20 4.46 0.85
C THR A 1090 -2.95 5.30 2.06
N THR A 1091 -3.16 6.60 1.92
CA THR A 1091 -2.98 7.50 3.03
C THR A 1091 -3.89 7.17 4.17
N LEU A 1092 -5.17 6.90 3.88
CA LEU A 1092 -6.07 6.57 4.95
C LEU A 1092 -5.75 5.25 5.57
N ASN A 1093 -5.27 4.28 4.79
CA ASN A 1093 -4.93 3.03 5.43
C ASN A 1093 -3.76 3.22 6.35
N ALA A 1094 -2.80 4.05 5.94
CA ALA A 1094 -1.64 4.30 6.79
C ALA A 1094 -2.03 4.99 8.05
N PHE A 1095 -2.96 5.94 7.94
CA PHE A 1095 -3.45 6.68 9.09
C PHE A 1095 -4.10 5.77 10.07
N VAL A 1096 -4.99 4.94 9.58
CA VAL A 1096 -5.68 4.05 10.45
C VAL A 1096 -4.71 3.09 11.06
N ALA A 1097 -3.79 2.54 10.28
CA ALA A 1097 -2.87 1.61 10.90
C ALA A 1097 -2.14 2.27 12.05
N GLN A 1098 -1.77 3.55 11.92
CA GLN A 1098 -1.10 4.19 13.01
C GLN A 1098 -2.02 4.53 14.15
N GLN A 1099 -3.28 4.84 13.89
CA GLN A 1099 -4.12 5.14 15.03
C GLN A 1099 -4.30 3.88 15.82
N LEU A 1100 -4.35 2.72 15.16
CA LEU A 1100 -4.45 1.47 15.90
C LEU A 1100 -3.17 1.18 16.65
N VAL A 1101 -2.00 1.47 16.07
CA VAL A 1101 -0.77 1.24 16.80
C VAL A 1101 -0.65 2.15 18.00
N ARG A 1102 -0.98 3.42 17.79
CA ARG A 1102 -0.88 4.40 18.84
C ARG A 1102 -1.90 4.19 19.93
N SER A 1103 -3.09 3.73 19.59
CA SER A 1103 -4.09 3.49 20.61
C SER A 1103 -3.78 2.23 21.38
N GLU A 1104 -3.08 1.27 20.75
CA GLU A 1104 -2.72 0.06 21.47
C GLU A 1104 -1.64 0.42 22.47
N SER A 1105 -0.69 1.24 22.02
CA SER A 1105 0.39 1.65 22.88
C SER A 1105 -0.10 2.47 24.03
N ALA A 1106 -1.00 3.42 23.77
CA ALA A 1106 -1.53 4.24 24.83
C ALA A 1106 -2.30 3.40 25.82
N ALA A 1107 -3.02 2.38 25.35
CA ALA A 1107 -3.75 1.53 26.28
C ALA A 1107 -2.82 0.76 27.20
N LEU A 1108 -1.68 0.28 26.67
CA LEU A 1108 -0.75 -0.44 27.53
C LEU A 1108 -0.19 0.49 28.54
N SER A 1109 0.09 1.69 28.09
CA SER A 1109 0.67 2.72 28.90
C SER A 1109 -0.31 3.09 29.99
N ALA A 1110 -1.60 3.18 29.65
CA ALA A 1110 -2.60 3.47 30.65
C ALA A 1110 -2.63 2.43 31.75
N GLN A 1111 -2.36 1.17 31.42
CA GLN A 1111 -2.34 0.17 32.48
C GLN A 1111 -1.09 0.36 33.32
N LEU A 1112 -0.02 0.90 32.75
CA LEU A 1112 1.16 1.17 33.54
C LEU A 1112 0.83 2.28 34.51
N ALA A 1113 0.11 3.29 34.02
CA ALA A 1113 -0.28 4.41 34.87
C ALA A 1113 -1.14 3.93 36.01
N LYS A 1114 -2.02 2.97 35.72
CA LYS A 1114 -2.89 2.38 36.73
C LYS A 1114 -2.06 1.74 37.81
N ASP A 1115 -1.03 0.98 37.40
CA ASP A 1115 -0.18 0.32 38.36
C ASP A 1115 0.59 1.30 39.18
N LYS A 1116 1.06 2.37 38.57
CA LYS A 1116 1.79 3.35 39.36
C LYS A 1116 0.90 4.08 40.31
N VAL A 1117 -0.32 4.36 39.96
CA VAL A 1117 -1.08 5.02 40.97
C VAL A 1117 -1.23 4.08 42.15
N ASN A 1118 -1.56 2.82 41.89
CA ASN A 1118 -1.77 1.93 43.03
C ASN A 1118 -0.53 1.57 43.82
N GLU A 1119 0.60 1.46 43.13
CA GLU A 1119 1.89 1.08 43.72
C GLU A 1119 2.67 2.23 44.27
N CYS A 1120 2.73 3.39 43.71
CA CYS A 1120 3.42 4.51 43.97
C CYS A 1120 2.82 5.62 44.86
N VAL A 1121 1.46 5.80 44.39
CA VAL A 1121 0.78 6.94 44.98
C VAL A 1121 -0.06 6.52 46.16
N LYS A 1122 -0.78 5.43 46.01
CA LYS A 1122 -1.64 4.95 47.08
C LYS A 1122 -0.89 4.06 48.05
N ALA A 1123 0.38 3.88 47.81
CA ALA A 1123 1.21 3.03 48.63
C ALA A 1123 2.65 3.46 48.57
N GLN A 1124 3.41 3.11 49.60
CA GLN A 1124 4.85 3.32 49.51
C GLN A 1124 5.40 2.08 48.81
N SER A 1125 6.22 2.25 47.78
CA SER A 1125 6.73 1.09 47.07
C SER A 1125 8.05 0.64 47.60
N LYS A 1126 8.26 -0.67 47.59
CA LYS A 1126 9.53 -1.27 47.98
C LYS A 1126 10.27 -1.83 46.77
N ARG A 1127 9.77 -1.52 45.58
CA ARG A 1127 10.35 -2.01 44.34
C ARG A 1127 11.36 -1.02 43.78
N SER A 1128 12.62 -1.39 43.79
CA SER A 1128 13.61 -0.45 43.33
C SER A 1128 13.36 -0.11 41.89
N GLY A 1129 13.36 1.17 41.58
CA GLY A 1129 13.27 1.64 40.21
C GLY A 1129 11.88 1.61 39.61
N PHE A 1130 10.90 1.15 40.37
CA PHE A 1130 9.58 1.10 39.76
C PHE A 1130 9.00 2.46 39.72
N CYS A 1131 9.12 3.15 40.82
CA CYS A 1131 8.60 4.47 40.94
C CYS A 1131 9.75 5.36 40.49
N GLY A 1132 10.37 6.06 41.40
CA GLY A 1132 11.50 6.88 41.00
C GLY A 1132 12.81 6.21 41.38
N GLN A 1133 13.87 7.00 41.34
CA GLN A 1133 15.19 6.51 41.71
C GLN A 1133 15.38 6.73 43.19
N GLY A 1134 16.27 5.98 43.80
CA GLY A 1134 16.52 6.13 45.22
C GLY A 1134 15.45 5.35 45.94
N THR A 1135 15.28 5.57 47.23
CA THR A 1135 14.29 4.79 47.96
C THR A 1135 12.97 5.53 47.91
N HIS A 1136 11.90 4.89 47.49
CA HIS A 1136 10.64 5.60 47.39
C HIS A 1136 10.04 5.96 48.71
N ILE A 1137 9.57 7.21 48.79
CA ILE A 1137 8.88 7.69 49.96
C ILE A 1137 7.43 8.01 49.63
N VAL A 1138 7.20 8.94 48.73
CA VAL A 1138 5.81 9.32 48.42
C VAL A 1138 5.68 9.77 46.98
N SER A 1139 4.56 9.51 46.32
CA SER A 1139 4.38 10.04 44.98
C SER A 1139 3.09 10.82 44.88
N PHE A 1140 3.08 11.76 43.95
CA PHE A 1140 1.90 12.57 43.69
C PHE A 1140 1.54 12.48 42.23
N VAL A 1141 0.28 12.68 41.90
CA VAL A 1141 -0.15 12.69 40.49
C VAL A 1141 -0.98 13.89 40.11
N VAL A 1142 -0.64 14.48 38.96
CA VAL A 1142 -1.42 15.56 38.36
C VAL A 1142 -1.73 15.14 36.95
N ASN A 1143 -2.68 15.80 36.29
CA ASN A 1143 -2.97 15.43 34.92
C ASN A 1143 -2.00 16.12 33.99
N ALA A 1144 -1.79 15.51 32.85
CA ALA A 1144 -0.94 16.01 31.80
C ALA A 1144 -1.76 15.99 30.52
N PRO A 1145 -1.40 16.74 29.48
CA PRO A 1145 -2.09 16.80 28.21
C PRO A 1145 -2.59 15.48 27.62
N ASN A 1146 -1.82 14.42 27.66
CA ASN A 1146 -2.33 13.16 27.13
C ASN A 1146 -2.18 12.03 28.14
N GLY A 1147 -2.26 12.35 29.42
CA GLY A 1147 -2.03 11.31 30.42
C GLY A 1147 -1.78 11.85 31.80
N LEU A 1148 -0.98 11.13 32.57
CA LEU A 1148 -0.70 11.52 33.94
C LEU A 1148 0.76 11.90 34.12
N TYR A 1149 1.00 12.85 35.00
CA TYR A 1149 2.35 13.22 35.31
C TYR A 1149 2.62 12.83 36.77
N PHE A 1150 3.56 11.92 36.96
CA PHE A 1150 3.91 11.38 38.26
C PHE A 1150 5.03 12.17 38.84
N MET A 1151 4.92 12.39 40.13
CA MET A 1151 5.88 13.19 40.82
C MET A 1151 6.45 12.32 41.92
N HIS A 1152 7.56 11.63 41.70
CA HIS A 1152 7.97 10.63 42.70
C HIS A 1152 9.02 11.16 43.62
N VAL A 1153 8.75 11.20 44.92
CA VAL A 1153 9.74 11.75 45.81
C VAL A 1153 10.49 10.60 46.44
N GLY A 1154 11.79 10.58 46.23
CA GLY A 1154 12.60 9.51 46.77
C GLY A 1154 13.64 10.02 47.72
N TYR A 1155 14.20 9.11 48.46
CA TYR A 1155 15.26 9.36 49.41
C TYR A 1155 16.58 9.04 48.78
N TYR A 1156 17.44 10.03 48.75
CA TYR A 1156 18.72 9.89 48.12
C TYR A 1156 19.83 10.04 49.13
N PRO A 1157 20.57 9.00 49.42
CA PRO A 1157 21.62 8.99 50.38
C PRO A 1157 22.83 9.71 49.84
N SER A 1158 23.68 10.20 50.72
CA SER A 1158 24.95 10.77 50.31
C SER A 1158 26.00 10.67 51.41
N ASN A 1159 27.23 10.97 51.05
CA ASN A 1159 28.34 10.97 51.98
C ASN A 1159 28.47 9.66 52.72
N HIS A 1160 28.47 8.56 52.00
CA HIS A 1160 28.60 7.28 52.62
C HIS A 1160 29.92 7.11 53.30
N ILE A 1161 29.91 6.41 54.42
CA ILE A 1161 31.14 6.08 55.12
C ILE A 1161 31.21 4.59 55.29
N GLU A 1162 32.38 4.08 55.55
CA GLU A 1162 32.48 2.67 55.83
C GLU A 1162 32.69 2.41 57.31
N VAL A 1163 31.90 1.48 57.83
CA VAL A 1163 32.02 1.06 59.22
C VAL A 1163 32.09 -0.44 59.25
N VAL A 1164 32.50 -0.99 60.37
CA VAL A 1164 32.57 -2.43 60.52
C VAL A 1164 31.36 -2.96 61.24
N SER A 1165 30.72 -3.96 60.64
CA SER A 1165 29.50 -4.53 61.14
C SER A 1165 29.57 -6.01 61.46
N ALA A 1166 28.69 -6.42 62.37
CA ALA A 1166 28.53 -7.80 62.78
C ALA A 1166 27.36 -8.45 62.06
N TYR A 1167 27.39 -9.76 61.90
CA TYR A 1167 26.24 -10.42 61.33
C TYR A 1167 25.19 -10.60 62.39
N GLY A 1168 25.66 -10.60 63.62
CA GLY A 1168 24.88 -10.78 64.82
C GLY A 1168 25.82 -10.87 66.01
N LEU A 1169 25.23 -10.83 67.20
CA LEU A 1169 25.96 -10.88 68.44
C LEU A 1169 25.44 -11.97 69.35
N CYS A 1170 26.32 -12.73 69.98
CA CYS A 1170 25.95 -13.75 70.92
C CYS A 1170 26.53 -13.53 72.29
N ASP A 1171 25.86 -13.95 73.31
CA ASP A 1171 26.47 -13.89 74.63
C ASP A 1171 27.59 -14.92 74.70
N ALA A 1172 28.81 -14.48 74.92
CA ALA A 1172 29.94 -15.40 74.94
C ALA A 1172 29.80 -16.46 76.02
N ALA A 1173 29.19 -16.09 77.16
CA ALA A 1173 29.01 -17.03 78.27
C ALA A 1173 27.82 -17.92 78.00
N ASN A 1174 26.87 -17.41 77.23
CA ASN A 1174 25.63 -18.09 76.91
C ASN A 1174 25.43 -18.10 75.40
N PRO A 1175 26.19 -18.92 74.67
CA PRO A 1175 26.39 -18.93 73.22
C PRO A 1175 25.17 -19.25 72.40
N THR A 1176 24.10 -19.71 73.02
CA THR A 1176 22.89 -20.00 72.27
C THR A 1176 21.94 -18.80 72.28
N ASN A 1177 22.30 -17.75 73.04
CA ASN A 1177 21.46 -16.57 73.13
C ASN A 1177 22.01 -15.48 72.20
N CYS A 1178 21.44 -15.37 71.01
CA CYS A 1178 21.97 -14.47 70.00
C CYS A 1178 20.94 -13.54 69.44
N ILE A 1179 21.41 -12.39 69.00
CA ILE A 1179 20.60 -11.38 68.34
C ILE A 1179 21.13 -10.93 67.00
N ALA A 1180 20.21 -10.45 66.21
CA ALA A 1180 20.48 -9.87 64.92
C ALA A 1180 19.76 -8.57 64.91
N PRO A 1181 20.24 -7.57 64.17
CA PRO A 1181 19.61 -6.29 64.05
C PRO A 1181 18.35 -6.36 63.22
N VAL A 1182 17.43 -5.46 63.49
CA VAL A 1182 16.23 -5.35 62.68
C VAL A 1182 16.19 -4.06 61.91
N ASN A 1183 16.18 -4.18 60.59
CA ASN A 1183 16.18 -3.05 59.65
C ASN A 1183 17.33 -2.08 59.89
N GLY A 1184 18.48 -2.64 60.20
CA GLY A 1184 19.64 -1.88 60.52
C GLY A 1184 20.81 -2.78 60.74
N TYR A 1185 21.86 -2.21 61.30
CA TYR A 1185 23.08 -2.92 61.50
C TYR A 1185 23.65 -2.77 62.87
N PHE A 1186 24.41 -3.78 63.29
CA PHE A 1186 25.20 -3.71 64.51
C PHE A 1186 26.58 -3.25 64.07
N ILE A 1187 27.04 -2.13 64.62
CA ILE A 1187 28.30 -1.51 64.21
C ILE A 1187 29.25 -1.31 65.38
N LYS A 1188 30.55 -1.28 65.08
CA LYS A 1188 31.53 -1.03 66.13
C LYS A 1188 31.69 0.44 66.35
N THR A 1189 31.79 0.84 67.61
CA THR A 1189 31.99 2.23 67.97
C THR A 1189 32.41 2.35 69.42
N GLU A 1197 30.64 -0.71 73.06
CA GLU A 1197 31.37 -1.29 71.96
C GLU A 1197 30.50 -1.42 70.73
N TRP A 1198 29.48 -2.26 70.82
CA TRP A 1198 28.55 -2.43 69.73
C TRP A 1198 27.37 -1.52 69.88
N SER A 1199 26.90 -0.99 68.78
CA SER A 1199 25.71 -0.16 68.80
C SER A 1199 24.92 -0.44 67.57
N TYR A 1200 23.72 0.08 67.50
CA TYR A 1200 22.83 -0.13 66.39
C TYR A 1200 22.66 1.10 65.52
N THR A 1201 22.56 0.92 64.21
CA THR A 1201 22.22 2.07 63.37
C THR A 1201 21.15 1.62 62.38
N GLY A 1202 20.25 2.52 61.98
CA GLY A 1202 19.23 2.15 60.99
C GLY A 1202 19.89 1.98 59.64
N SER A 1203 19.30 1.19 58.75
CA SER A 1203 19.98 0.93 57.49
C SER A 1203 20.14 2.07 56.54
N SER A 1204 19.33 3.11 56.64
CA SER A 1204 19.45 4.18 55.68
C SER A 1204 20.17 5.39 56.18
N PHE A 1205 20.58 5.40 57.42
CA PHE A 1205 21.21 6.61 57.89
C PHE A 1205 22.07 6.30 59.06
N TYR A 1206 23.34 6.66 58.98
CA TYR A 1206 24.22 6.35 60.07
C TYR A 1206 23.97 7.24 61.23
N ALA A 1207 23.59 6.62 62.31
CA ALA A 1207 23.24 7.32 63.51
C ALA A 1207 23.23 6.33 64.64
N PRO A 1208 24.37 6.02 65.24
CA PRO A 1208 24.46 4.99 66.26
C PRO A 1208 23.56 5.29 67.45
N GLU A 1209 22.94 4.23 67.97
CA GLU A 1209 22.08 4.29 69.14
C GLU A 1209 22.28 2.98 69.86
N PRO A 1210 21.94 2.83 71.13
CA PRO A 1210 22.09 1.60 71.87
C PRO A 1210 21.32 0.45 71.27
N ILE A 1211 21.85 -0.75 71.43
CA ILE A 1211 21.17 -1.95 71.04
C ILE A 1211 20.17 -2.27 72.13
N THR A 1212 18.93 -2.39 71.74
CA THR A 1212 17.83 -2.64 72.67
C THR A 1212 16.94 -3.70 72.10
N SER A 1213 15.96 -4.13 72.85
CA SER A 1213 15.01 -5.11 72.37
C SER A 1213 14.12 -4.60 71.26
N LEU A 1214 14.10 -3.29 71.04
CA LEU A 1214 13.28 -2.70 70.01
C LEU A 1214 13.96 -2.65 68.65
N ASN A 1215 15.24 -3.01 68.58
CA ASN A 1215 15.96 -2.93 67.31
C ASN A 1215 16.68 -4.24 67.01
N THR A 1216 16.33 -5.27 67.77
CA THR A 1216 16.90 -6.59 67.63
C THR A 1216 15.86 -7.67 67.58
N LYS A 1217 16.27 -8.82 67.10
CA LYS A 1217 15.45 -10.01 67.14
C LYS A 1217 16.31 -11.15 67.62
N TYR A 1218 15.73 -12.11 68.32
CA TYR A 1218 16.54 -13.24 68.73
C TYR A 1218 16.62 -14.18 67.58
N VAL A 1219 17.80 -14.73 67.40
CA VAL A 1219 18.09 -15.65 66.33
C VAL A 1219 18.82 -16.89 66.78
N ALA A 1220 18.82 -17.90 65.93
CA ALA A 1220 19.62 -19.07 66.20
C ALA A 1220 21.09 -18.65 66.06
N PRO A 1221 22.02 -19.24 66.82
CA PRO A 1221 23.43 -18.94 66.76
C PRO A 1221 24.05 -19.33 65.45
N GLN A 1222 25.02 -18.54 65.01
CA GLN A 1222 25.76 -18.78 63.78
C GLN A 1222 27.22 -18.54 63.99
N VAL A 1223 28.04 -19.17 63.16
CA VAL A 1223 29.48 -19.07 63.21
C VAL A 1223 30.00 -17.66 62.96
N THR A 1224 29.22 -16.84 62.31
CA THR A 1224 29.60 -15.47 61.98
C THR A 1224 29.18 -14.45 63.03
N TYR A 1225 28.51 -14.90 64.07
CA TYR A 1225 28.06 -13.97 65.09
C TYR A 1225 29.24 -13.75 66.03
N GLN A 1226 29.34 -12.56 66.61
CA GLN A 1226 30.45 -12.28 67.51
C GLN A 1226 30.18 -12.77 68.89
N ASN A 1227 31.20 -13.27 69.62
CA ASN A 1227 31.03 -13.62 70.99
C ASN A 1227 31.34 -12.49 71.90
N ILE A 1228 30.41 -11.84 72.54
CA ILE A 1228 30.69 -10.67 73.35
C ILE A 1228 30.61 -11.01 74.83
N SER A 1229 31.62 -10.59 75.58
CA SER A 1229 31.77 -10.91 76.99
C SER A 1229 31.81 -9.75 77.99
N THR A 1230 31.71 -8.52 77.54
CA THR A 1230 31.80 -7.39 78.45
C THR A 1230 30.56 -6.53 78.43
N ASN A 1231 30.53 -5.57 77.53
CA ASN A 1231 29.36 -4.68 77.51
C ASN A 1231 28.25 -5.29 76.69
N LEU A 1232 27.57 -6.22 77.32
CA LEU A 1232 26.52 -7.00 76.71
C LEU A 1232 25.32 -6.07 76.65
N PRO A 1233 24.60 -5.98 75.53
CA PRO A 1233 23.41 -5.18 75.42
C PRO A 1233 22.30 -5.87 76.22
N PRO A 1234 21.29 -5.14 76.70
CA PRO A 1234 20.15 -5.63 77.42
C PRO A 1234 19.42 -6.88 76.88
N PRO A 1235 19.24 -7.13 75.58
CA PRO A 1235 18.62 -8.36 75.12
C PRO A 1235 19.46 -9.61 75.43
N LEU A 1236 20.78 -9.47 75.63
CA LEU A 1236 21.64 -10.60 76.00
C LEU A 1236 21.92 -10.68 77.50
N LEU A 1237 21.57 -9.63 78.26
CA LEU A 1237 21.82 -9.68 79.70
C LEU A 1237 20.76 -10.49 80.41
N GLY A 1238 20.82 -11.80 80.22
CA GLY A 1238 19.83 -12.73 80.75
C GLY A 1238 20.48 -13.76 81.64
N THR B 32 17.17 -22.89 -52.23
CA THR B 32 17.25 -24.21 -51.63
C THR B 32 18.67 -24.77 -51.62
N VAL B 33 18.84 -25.79 -50.79
CA VAL B 33 20.10 -26.43 -50.56
C VAL B 33 20.26 -27.79 -51.17
N ASP B 34 21.36 -27.94 -51.87
CA ASP B 34 21.74 -29.20 -52.48
C ASP B 34 22.24 -30.11 -51.36
N VAL B 35 21.59 -31.26 -51.21
CA VAL B 35 21.88 -32.19 -50.13
C VAL B 35 22.40 -33.51 -50.70
N GLY B 36 22.95 -33.42 -51.90
CA GLY B 36 23.53 -34.57 -52.57
C GLY B 36 22.47 -35.20 -53.44
N PRO B 37 22.82 -36.24 -54.18
CA PRO B 37 21.98 -36.96 -55.12
C PRO B 37 20.92 -37.80 -54.45
N ASP B 38 19.88 -38.11 -55.23
CA ASP B 38 18.84 -39.04 -54.82
C ASP B 38 19.38 -40.45 -54.80
N SER B 39 18.80 -41.31 -54.01
CA SER B 39 19.14 -42.71 -54.06
C SER B 39 18.72 -43.27 -55.41
N VAL B 40 19.51 -44.19 -55.90
CA VAL B 40 19.24 -44.83 -57.17
C VAL B 40 18.76 -46.26 -57.02
N LYS B 41 18.48 -46.67 -55.81
CA LYS B 41 18.02 -48.03 -55.64
C LYS B 41 16.52 -48.14 -55.95
N SER B 42 16.16 -49.27 -56.55
CA SER B 42 14.78 -49.58 -56.93
C SER B 42 13.94 -50.15 -55.79
N ALA B 43 14.61 -50.42 -54.69
CA ALA B 43 13.98 -50.98 -53.53
C ALA B 43 14.69 -50.57 -52.28
N CYS B 44 13.92 -50.59 -51.21
CA CYS B 44 14.36 -50.34 -49.86
C CYS B 44 14.67 -51.65 -49.16
N ILE B 45 15.46 -51.64 -48.12
CA ILE B 45 15.66 -52.85 -47.37
C ILE B 45 14.42 -53.09 -46.52
N GLU B 46 13.97 -54.34 -46.58
CA GLU B 46 12.80 -54.82 -45.86
C GLU B 46 12.96 -54.58 -44.37
N VAL B 47 11.90 -54.10 -43.74
CA VAL B 47 11.95 -53.84 -42.32
C VAL B 47 10.98 -54.72 -41.55
N ASP B 48 11.54 -55.42 -40.57
CA ASP B 48 10.82 -56.31 -39.69
C ASP B 48 10.43 -55.62 -38.39
N ILE B 49 9.15 -55.35 -38.19
CA ILE B 49 8.77 -54.65 -36.98
C ILE B 49 8.27 -55.68 -35.96
N GLN B 50 8.98 -55.84 -34.85
CA GLN B 50 8.52 -56.79 -33.82
C GLN B 50 8.60 -56.15 -32.46
N GLN B 51 7.58 -55.39 -32.10
CA GLN B 51 7.59 -54.57 -30.91
C GLN B 51 7.79 -55.33 -29.64
N THR B 52 7.36 -56.58 -29.61
CA THR B 52 7.53 -57.38 -28.41
C THR B 52 8.96 -57.35 -27.91
N PHE B 53 9.92 -57.40 -28.81
CA PHE B 53 11.32 -57.46 -28.45
C PHE B 53 11.84 -56.19 -27.87
N PHE B 54 11.14 -55.10 -28.09
CA PHE B 54 11.54 -53.80 -27.64
C PHE B 54 10.72 -53.36 -26.42
N ASP B 55 9.82 -54.22 -25.94
CA ASP B 55 8.99 -53.88 -24.78
C ASP B 55 9.73 -54.20 -23.50
N LYS B 56 10.71 -53.37 -23.19
CA LYS B 56 11.59 -53.58 -22.05
C LYS B 56 11.29 -52.61 -20.95
N THR B 57 11.58 -53.00 -19.73
CA THR B 57 11.40 -52.14 -18.57
C THR B 57 12.73 -51.87 -17.92
N TRP B 58 13.27 -50.71 -18.25
CA TRP B 58 14.58 -50.24 -17.81
C TRP B 58 14.43 -48.80 -17.37
N PRO B 59 13.65 -48.52 -16.32
CA PRO B 59 13.25 -47.19 -15.92
C PRO B 59 14.37 -46.30 -15.46
N ARG B 60 14.39 -45.09 -15.95
CA ARG B 60 15.35 -44.09 -15.57
C ARG B 60 14.65 -42.76 -15.53
N PRO B 61 13.85 -42.48 -14.52
CA PRO B 61 13.06 -41.30 -14.40
C PRO B 61 13.92 -40.12 -14.09
N ILE B 62 13.41 -38.94 -14.32
CA ILE B 62 14.17 -37.77 -13.98
C ILE B 62 14.36 -37.63 -12.51
N ASP B 63 15.62 -37.50 -12.12
CA ASP B 63 15.97 -37.26 -10.74
C ASP B 63 16.42 -35.82 -10.67
N VAL B 64 15.55 -34.95 -10.21
CA VAL B 64 15.85 -33.53 -10.24
C VAL B 64 16.95 -33.23 -9.21
N SER B 65 17.03 -34.03 -8.15
CA SER B 65 18.03 -33.82 -7.10
C SER B 65 19.43 -34.07 -7.58
N LYS B 66 19.56 -34.68 -8.76
CA LYS B 66 20.83 -35.00 -9.39
C LYS B 66 20.98 -34.08 -10.63
N ALA B 67 20.03 -33.14 -10.76
CA ALA B 67 19.85 -32.18 -11.84
C ALA B 67 19.66 -32.81 -13.23
N ASP B 68 18.96 -33.95 -13.30
CA ASP B 68 18.72 -34.56 -14.60
C ASP B 68 17.83 -33.70 -15.46
N GLY B 69 18.18 -33.58 -16.72
CA GLY B 69 17.34 -32.92 -17.70
C GLY B 69 17.35 -31.41 -17.69
N ILE B 70 18.23 -30.82 -16.92
CA ILE B 70 18.22 -29.37 -16.85
C ILE B 70 19.02 -28.62 -17.90
N ILE B 71 18.31 -27.70 -18.51
CA ILE B 71 18.83 -26.75 -19.45
C ILE B 71 19.22 -25.56 -18.60
N TYR B 72 20.44 -25.11 -18.75
CA TYR B 72 20.99 -24.05 -17.94
C TYR B 72 20.28 -22.73 -18.26
N PRO B 73 20.02 -21.79 -17.32
CA PRO B 73 19.39 -20.52 -17.64
C PRO B 73 20.21 -19.94 -18.77
N GLN B 74 19.55 -19.49 -19.82
CA GLN B 74 20.29 -19.17 -21.02
C GLN B 74 21.10 -17.91 -21.16
N GLY B 75 20.69 -16.81 -20.60
CA GLY B 75 21.44 -15.60 -20.87
C GLY B 75 22.46 -15.22 -19.81
N ARG B 76 22.66 -16.09 -18.84
CA ARG B 76 23.50 -15.74 -17.72
C ARG B 76 23.97 -16.90 -16.92
N THR B 77 24.89 -16.64 -16.02
CA THR B 77 25.31 -17.63 -15.06
C THR B 77 25.27 -17.08 -13.66
N TYR B 78 25.36 -17.99 -12.71
CA TYR B 78 25.33 -17.68 -11.30
C TYR B 78 26.42 -18.46 -10.61
N SER B 79 26.87 -18.01 -9.45
CA SER B 79 27.90 -18.74 -8.73
C SER B 79 27.69 -18.89 -7.25
N ASN B 80 27.67 -20.14 -6.82
CA ASN B 80 27.56 -20.46 -5.40
C ASN B 80 26.23 -19.94 -4.77
N ILE B 81 25.12 -19.99 -5.46
CA ILE B 81 23.87 -19.52 -4.88
C ILE B 81 22.75 -20.52 -5.06
N THR B 82 21.72 -20.41 -4.27
CA THR B 82 20.51 -21.20 -4.51
C THR B 82 19.35 -20.25 -4.79
N ILE B 83 18.78 -20.36 -5.98
CA ILE B 83 17.63 -19.50 -6.34
C ILE B 83 16.53 -20.27 -7.03
N THR B 84 15.31 -19.74 -7.01
CA THR B 84 14.32 -20.36 -7.89
C THR B 84 14.44 -19.76 -9.27
N TYR B 85 14.01 -20.53 -10.24
CA TYR B 85 14.05 -20.14 -11.62
C TYR B 85 12.91 -20.72 -12.42
N GLN B 86 12.31 -19.89 -13.24
CA GLN B 86 11.22 -20.30 -14.11
C GLN B 86 11.71 -20.66 -15.50
N GLY B 87 11.37 -21.85 -15.98
CA GLY B 87 11.84 -22.24 -17.31
C GLY B 87 11.32 -23.59 -17.74
N LEU B 88 11.79 -24.09 -18.87
CA LEU B 88 11.29 -25.37 -19.35
C LEU B 88 12.11 -26.50 -18.80
N PHE B 89 11.44 -27.31 -18.00
CA PHE B 89 12.06 -28.41 -17.27
C PHE B 89 11.20 -29.65 -17.36
N PRO B 90 11.76 -30.85 -17.26
CA PRO B 90 11.05 -32.10 -17.15
C PRO B 90 10.49 -32.21 -15.71
N TYR B 91 9.47 -33.00 -15.49
CA TYR B 91 8.93 -33.19 -14.17
C TYR B 91 9.73 -34.19 -13.37
N GLN B 92 9.85 -33.93 -12.07
CA GLN B 92 10.48 -34.91 -11.19
C GLN B 92 9.71 -36.20 -11.25
N GLY B 93 10.44 -37.29 -11.45
CA GLY B 93 9.81 -38.59 -11.48
C GLY B 93 9.31 -39.04 -12.83
N ASP B 94 9.44 -38.20 -13.85
CA ASP B 94 8.96 -38.56 -15.16
C ASP B 94 9.77 -39.65 -15.75
N HIS B 95 9.14 -40.76 -16.08
CA HIS B 95 9.82 -41.90 -16.69
C HIS B 95 10.19 -41.67 -18.12
N GLY B 96 9.41 -40.84 -18.79
CA GLY B 96 9.65 -40.54 -20.17
C GLY B 96 9.29 -41.71 -21.04
N ASP B 97 9.71 -41.62 -22.28
CA ASP B 97 9.47 -42.64 -23.26
C ASP B 97 10.77 -43.30 -23.63
N MET B 98 10.89 -44.58 -23.40
CA MET B 98 12.15 -45.23 -23.71
C MET B 98 12.14 -45.77 -25.12
N TYR B 99 13.25 -45.55 -25.82
CA TYR B 99 13.42 -46.07 -27.15
C TYR B 99 14.73 -46.82 -27.25
N VAL B 100 14.74 -47.97 -27.91
CA VAL B 100 16.01 -48.66 -28.06
C VAL B 100 16.20 -49.12 -29.49
N TYR B 101 17.39 -48.90 -30.00
CA TYR B 101 17.77 -49.32 -31.33
C TYR B 101 18.42 -50.69 -31.25
N SER B 102 18.32 -51.48 -32.30
CA SER B 102 18.90 -52.82 -32.32
C SER B 102 19.66 -53.19 -33.56
N ALA B 103 20.22 -54.39 -33.51
CA ALA B 103 20.87 -55.01 -34.63
C ALA B 103 19.80 -55.57 -35.55
N GLY B 104 20.12 -55.62 -36.82
CA GLY B 104 19.20 -56.21 -37.78
C GLY B 104 19.40 -57.70 -37.81
N HIS B 105 18.67 -58.35 -38.72
CA HIS B 105 18.73 -59.78 -38.91
C HIS B 105 19.98 -60.10 -39.67
N ALA B 106 20.53 -61.28 -39.46
CA ALA B 106 21.72 -61.71 -40.17
C ALA B 106 21.74 -63.20 -40.33
N THR B 107 22.67 -63.66 -41.12
CA THR B 107 22.95 -65.09 -41.23
C THR B 107 24.45 -65.15 -41.36
N GLY B 108 25.15 -65.38 -40.25
CA GLY B 108 26.58 -65.36 -40.31
C GLY B 108 27.09 -63.97 -40.70
N THR B 109 27.86 -63.92 -41.78
CA THR B 109 28.48 -62.71 -42.27
C THR B 109 27.71 -61.86 -43.25
N THR B 110 26.49 -62.25 -43.56
CA THR B 110 25.68 -61.50 -44.51
C THR B 110 24.42 -60.93 -43.86
N PRO B 111 24.41 -59.64 -43.43
CA PRO B 111 23.31 -58.95 -42.80
C PRO B 111 22.13 -59.03 -43.71
N GLN B 112 20.93 -59.10 -43.18
CA GLN B 112 19.75 -59.21 -44.00
C GLN B 112 18.76 -58.07 -43.80
N LYS B 113 17.65 -58.40 -43.16
CA LYS B 113 16.50 -57.55 -42.92
C LYS B 113 16.72 -56.61 -41.73
N LEU B 114 16.11 -55.43 -41.75
CA LEU B 114 16.31 -54.55 -40.62
C LEU B 114 15.35 -54.96 -39.52
N PHE B 115 15.75 -54.77 -38.26
CA PHE B 115 14.88 -55.13 -37.15
C PHE B 115 14.59 -53.92 -36.27
N VAL B 116 13.33 -53.52 -36.24
CA VAL B 116 12.92 -52.33 -35.53
C VAL B 116 11.71 -52.49 -34.64
N ALA B 117 11.54 -51.50 -33.81
CA ALA B 117 10.37 -51.25 -32.98
C ALA B 117 9.33 -50.50 -33.78
N ASN B 118 8.11 -50.41 -33.28
CA ASN B 118 7.04 -49.65 -34.00
C ASN B 118 7.21 -48.17 -33.75
N TYR B 119 8.31 -47.56 -33.98
CA TYR B 119 8.55 -46.18 -33.61
C TYR B 119 8.09 -45.18 -34.62
N SER B 120 8.13 -45.52 -35.91
CA SER B 120 7.85 -44.50 -36.91
C SER B 120 6.39 -44.11 -36.92
N GLN B 121 5.56 -44.99 -36.42
CA GLN B 121 4.13 -44.82 -36.39
C GLN B 121 3.66 -44.23 -35.08
N ASP B 122 4.57 -44.15 -34.12
CA ASP B 122 4.25 -43.65 -32.79
C ASP B 122 4.53 -42.14 -32.75
N VAL B 123 3.59 -41.34 -33.23
CA VAL B 123 3.83 -39.91 -33.33
C VAL B 123 3.34 -39.21 -32.10
N LYS B 124 4.21 -38.39 -31.52
CA LYS B 124 3.91 -37.69 -30.30
C LYS B 124 3.68 -36.24 -30.49
N GLN B 125 2.95 -35.64 -29.57
CA GLN B 125 2.74 -34.21 -29.61
C GLN B 125 4.02 -33.57 -29.07
N PHE B 126 4.57 -32.59 -29.78
CA PHE B 126 5.79 -31.88 -29.42
C PHE B 126 5.63 -30.98 -28.22
N ALA B 127 4.54 -30.23 -28.17
CA ALA B 127 4.28 -29.30 -27.09
C ALA B 127 5.42 -28.31 -26.92
N ASN B 128 6.12 -28.34 -25.77
CA ASN B 128 7.16 -27.37 -25.51
C ASN B 128 8.53 -27.91 -25.83
N GLY B 129 8.61 -29.12 -26.36
CA GLY B 129 9.89 -29.71 -26.62
C GLY B 129 10.24 -30.77 -25.61
N PHE B 130 11.46 -31.26 -25.73
CA PHE B 130 11.90 -32.39 -24.93
C PHE B 130 13.39 -32.46 -24.70
N VAL B 131 13.74 -33.27 -23.72
CA VAL B 131 15.13 -33.57 -23.45
C VAL B 131 15.33 -35.06 -23.54
N VAL B 132 16.53 -35.47 -23.89
CA VAL B 132 16.81 -36.85 -24.08
C VAL B 132 18.02 -37.31 -23.30
N ARG B 133 17.86 -38.41 -22.58
CA ARG B 133 18.96 -39.02 -21.82
C ARG B 133 19.61 -40.01 -22.78
N ILE B 134 20.88 -39.78 -23.16
CA ILE B 134 21.54 -40.63 -24.16
C ILE B 134 22.74 -41.41 -23.64
N GLY B 135 22.72 -42.75 -23.77
CA GLY B 135 23.85 -43.56 -23.33
C GLY B 135 23.94 -43.87 -21.85
N ALA B 136 22.84 -43.79 -21.13
CA ALA B 136 22.87 -44.02 -19.68
C ALA B 136 23.36 -45.39 -19.30
N ALA B 137 23.07 -46.38 -20.11
CA ALA B 137 23.46 -47.74 -19.83
C ALA B 137 24.82 -48.10 -20.39
N ALA B 138 25.52 -47.17 -21.01
CA ALA B 138 26.78 -47.54 -21.61
C ALA B 138 27.69 -48.09 -20.54
N ASN B 139 28.50 -49.08 -20.98
CA ASN B 139 29.47 -49.86 -20.23
C ASN B 139 28.84 -50.96 -19.39
N SER B 140 27.54 -51.05 -19.35
CA SER B 140 26.88 -52.10 -18.59
C SER B 140 26.72 -53.27 -19.51
N THR B 141 26.60 -54.47 -18.98
CA THR B 141 26.29 -55.57 -19.86
C THR B 141 24.80 -55.52 -20.16
N GLY B 142 24.45 -55.61 -21.43
CA GLY B 142 23.06 -55.57 -21.83
C GLY B 142 22.71 -56.68 -22.74
N THR B 143 21.60 -56.49 -23.42
CA THR B 143 21.07 -57.49 -24.30
C THR B 143 21.09 -57.03 -25.72
N VAL B 144 21.27 -57.99 -26.60
CA VAL B 144 21.10 -57.70 -27.99
C VAL B 144 19.59 -57.89 -28.19
N ILE B 145 18.89 -56.88 -28.63
CA ILE B 145 17.43 -56.98 -28.64
C ILE B 145 16.91 -58.09 -29.54
N ILE B 146 17.50 -58.22 -30.69
CA ILE B 146 17.13 -59.23 -31.68
C ILE B 146 17.36 -60.64 -31.21
N SER B 147 18.28 -60.82 -30.27
CA SER B 147 18.62 -62.11 -29.72
C SER B 147 18.72 -62.01 -28.20
N PRO B 148 17.61 -62.16 -27.46
CA PRO B 148 17.49 -61.99 -26.02
C PRO B 148 18.48 -62.82 -25.19
N SER B 149 18.92 -63.95 -25.70
CA SER B 149 19.87 -64.78 -24.98
C SER B 149 21.31 -64.35 -25.15
N THR B 150 21.54 -63.41 -26.06
CA THR B 150 22.86 -62.91 -26.34
C THR B 150 23.11 -61.62 -25.58
N SER B 151 24.21 -61.59 -24.85
CA SER B 151 24.59 -60.41 -24.10
C SER B 151 25.76 -59.74 -24.75
N ALA B 152 25.87 -58.44 -24.52
CA ALA B 152 26.98 -57.66 -25.05
C ALA B 152 27.15 -56.42 -24.23
N THR B 153 28.34 -55.82 -24.27
CA THR B 153 28.53 -54.54 -23.60
C THR B 153 27.69 -53.48 -24.31
N ILE B 154 26.98 -52.66 -23.53
CA ILE B 154 26.15 -51.60 -24.06
C ILE B 154 26.95 -50.41 -24.53
N ARG B 155 26.66 -49.96 -25.75
CA ARG B 155 27.32 -48.80 -26.31
C ARG B 155 26.36 -47.67 -26.58
N LYS B 156 26.84 -46.45 -26.41
CA LYS B 156 25.99 -45.30 -26.70
C LYS B 156 25.65 -45.17 -28.16
N ILE B 157 24.38 -44.87 -28.40
CA ILE B 157 23.90 -44.62 -29.71
C ILE B 157 23.06 -43.35 -29.69
N TYR B 158 23.05 -42.56 -30.74
CA TYR B 158 22.32 -41.33 -30.75
C TYR B 158 20.99 -41.50 -31.38
N PRO B 159 19.97 -40.85 -30.86
CA PRO B 159 18.63 -40.87 -31.33
C PRO B 159 18.47 -40.14 -32.62
N ALA B 160 17.52 -40.58 -33.44
CA ALA B 160 17.19 -39.88 -34.66
C ALA B 160 15.77 -39.38 -34.53
N PHE B 161 15.50 -38.16 -34.98
CA PHE B 161 14.16 -37.62 -34.86
C PHE B 161 13.60 -37.05 -36.13
N MET B 162 12.31 -37.15 -36.27
CA MET B 162 11.59 -36.52 -37.37
C MET B 162 10.56 -35.59 -36.74
N LEU B 163 10.59 -34.30 -37.08
CA LEU B 163 9.68 -33.35 -36.47
C LEU B 163 8.92 -32.48 -37.47
N GLY B 164 7.69 -32.10 -37.17
CA GLY B 164 7.03 -31.23 -38.12
C GLY B 164 5.69 -30.70 -37.68
N SER B 165 5.05 -30.01 -38.62
CA SER B 165 3.79 -29.31 -38.43
C SER B 165 2.56 -30.14 -38.67
N SER B 166 2.67 -31.16 -39.49
CA SER B 166 1.52 -31.94 -39.88
C SER B 166 1.87 -33.36 -40.18
N VAL B 167 1.00 -34.26 -39.72
CA VAL B 167 1.18 -35.68 -39.91
C VAL B 167 -0.03 -36.38 -40.47
N GLY B 168 0.19 -37.55 -40.99
CA GLY B 168 -0.87 -38.38 -41.53
C GLY B 168 -0.31 -39.70 -41.92
N ASN B 169 -1.02 -40.40 -42.79
CA ASN B 169 -0.61 -41.71 -43.18
C ASN B 169 0.09 -41.78 -44.52
N PHE B 170 0.65 -42.93 -44.79
CA PHE B 170 1.31 -43.31 -46.01
C PHE B 170 0.31 -44.01 -46.92
N SER B 171 0.75 -44.46 -48.07
CA SER B 171 -0.10 -45.01 -49.09
C SER B 171 -0.91 -46.18 -48.64
N ASP B 172 -0.35 -47.03 -47.77
CA ASP B 172 -1.11 -48.19 -47.32
C ASP B 172 -1.91 -47.97 -46.04
N GLY B 173 -1.97 -46.74 -45.56
CA GLY B 173 -2.70 -46.45 -44.34
C GLY B 173 -1.87 -46.41 -43.06
N LYS B 174 -0.59 -46.75 -43.13
CA LYS B 174 0.19 -46.70 -41.89
C LYS B 174 0.52 -45.27 -41.53
N MET B 175 0.55 -44.94 -40.25
CA MET B 175 0.87 -43.57 -39.90
C MET B 175 2.33 -43.29 -39.77
N GLY B 176 2.65 -42.00 -39.72
CA GLY B 176 4.03 -41.59 -39.54
C GLY B 176 4.52 -40.75 -40.68
N ARG B 177 3.64 -40.39 -41.60
CA ARG B 177 4.05 -39.54 -42.68
C ARG B 177 3.98 -38.10 -42.24
N PHE B 178 5.01 -37.34 -42.55
CA PHE B 178 5.05 -35.92 -42.26
C PHE B 178 4.87 -35.15 -43.55
N PHE B 179 4.16 -34.05 -43.49
CA PHE B 179 3.88 -33.27 -44.68
C PHE B 179 4.62 -31.97 -44.70
N ASN B 180 4.85 -31.49 -45.90
CA ASN B 180 5.52 -30.16 -46.08
C ASN B 180 6.95 -30.35 -45.51
N HIS B 181 7.43 -29.19 -44.95
CA HIS B 181 8.79 -29.31 -44.46
C HIS B 181 8.87 -29.98 -43.13
N THR B 182 9.76 -30.93 -43.05
CA THR B 182 9.99 -31.74 -41.89
C THR B 182 11.41 -31.56 -41.46
N LEU B 183 11.60 -31.41 -40.16
CA LEU B 183 12.92 -31.30 -39.59
C LEU B 183 13.41 -32.67 -39.22
N VAL B 184 14.56 -33.02 -39.72
CA VAL B 184 15.12 -34.29 -39.41
C VAL B 184 16.44 -34.10 -38.73
N LEU B 185 16.55 -34.74 -37.58
CA LEU B 185 17.79 -34.74 -36.81
C LEU B 185 18.33 -36.15 -36.94
N LEU B 186 19.37 -36.32 -37.76
CA LEU B 186 19.83 -37.65 -38.05
C LEU B 186 21.31 -37.81 -37.77
N PRO B 187 21.73 -38.50 -36.72
CA PRO B 187 23.10 -38.69 -36.40
C PRO B 187 23.67 -39.57 -37.48
N ASP B 188 24.94 -39.38 -37.77
CA ASP B 188 25.58 -40.15 -38.82
C ASP B 188 27.06 -40.35 -38.51
N GLY B 189 27.74 -41.04 -39.40
CA GLY B 189 29.19 -41.24 -39.23
C GLY B 189 29.47 -42.15 -38.09
N CYS B 190 28.58 -43.10 -37.84
CA CYS B 190 28.70 -44.04 -36.74
C CYS B 190 28.76 -43.28 -35.40
N GLY B 191 27.96 -42.21 -35.29
CA GLY B 191 27.93 -41.44 -34.04
C GLY B 191 28.94 -40.29 -33.97
N THR B 192 29.45 -39.82 -35.11
CA THR B 192 30.42 -38.71 -35.05
C THR B 192 29.84 -37.38 -35.47
N LEU B 193 28.69 -37.38 -36.13
CA LEU B 193 28.11 -36.09 -36.49
C LEU B 193 26.60 -36.08 -36.30
N LEU B 194 26.07 -34.92 -35.99
CA LEU B 194 24.63 -34.75 -36.00
C LEU B 194 24.25 -33.97 -37.23
N ARG B 195 23.40 -34.54 -38.09
CA ARG B 195 22.97 -33.81 -39.27
C ARG B 195 21.55 -33.32 -39.15
N ALA B 196 21.38 -32.01 -39.20
CA ALA B 196 20.06 -31.41 -39.06
C ALA B 196 19.61 -30.81 -40.37
N PHE B 197 18.44 -31.20 -40.85
CA PHE B 197 17.98 -30.62 -42.11
C PHE B 197 16.50 -30.41 -42.11
N TYR B 198 16.08 -29.45 -42.89
CA TYR B 198 14.65 -29.14 -42.96
C TYR B 198 14.28 -29.24 -44.40
N CYS B 199 13.41 -30.19 -44.68
CA CYS B 199 13.19 -30.49 -46.12
C CYS B 199 11.81 -31.17 -46.26
N ILE B 200 11.41 -31.31 -47.55
CA ILE B 200 10.18 -32.03 -47.81
C ILE B 200 10.55 -33.47 -48.10
N LEU B 201 9.87 -34.39 -47.42
CA LEU B 201 10.18 -35.78 -47.62
C LEU B 201 9.16 -36.39 -48.55
N GLU B 202 9.64 -36.80 -49.71
CA GLU B 202 8.80 -37.38 -50.75
C GLU B 202 8.94 -38.88 -50.75
N PRO B 203 7.97 -39.65 -50.31
CA PRO B 203 8.09 -41.08 -50.21
C PRO B 203 8.45 -41.69 -51.54
N ARG B 204 9.41 -42.60 -51.53
CA ARG B 204 9.77 -43.31 -52.73
C ARG B 204 8.84 -44.46 -52.93
N SER B 205 8.64 -44.82 -54.18
CA SER B 205 7.70 -45.85 -54.59
C SER B 205 8.21 -47.25 -54.80
N GLY B 206 9.48 -47.47 -54.51
CA GLY B 206 10.06 -48.78 -54.76
C GLY B 206 9.63 -49.82 -53.72
N ASN B 207 10.18 -50.99 -53.86
CA ASN B 207 9.76 -52.09 -53.00
C ASN B 207 10.13 -51.82 -51.55
N HIS B 208 9.15 -51.95 -50.65
CA HIS B 208 9.30 -51.72 -49.21
C HIS B 208 9.50 -50.26 -48.85
N CYS B 209 9.26 -49.37 -49.78
CA CYS B 209 9.41 -47.95 -49.52
C CYS B 209 8.00 -47.45 -49.19
N PRO B 210 7.82 -46.31 -48.53
CA PRO B 210 6.52 -45.77 -48.12
C PRO B 210 5.46 -45.51 -49.18
N ALA B 211 5.84 -45.32 -50.44
CA ALA B 211 4.82 -45.15 -51.48
C ALA B 211 4.74 -46.39 -52.35
N GLY B 212 5.41 -47.47 -51.95
CA GLY B 212 5.47 -48.70 -52.73
C GLY B 212 4.77 -49.89 -52.07
N ASN B 213 5.13 -51.08 -52.52
CA ASN B 213 4.53 -52.31 -52.03
C ASN B 213 4.20 -53.23 -50.89
N SER B 214 5.21 -53.49 -50.05
CA SER B 214 5.05 -54.30 -48.84
C SER B 214 5.76 -53.38 -47.86
N TYR B 215 5.19 -52.21 -47.64
CA TYR B 215 5.73 -51.26 -46.70
C TYR B 215 5.26 -51.54 -45.30
N THR B 216 6.19 -51.42 -44.39
CA THR B 216 6.00 -51.60 -42.97
C THR B 216 6.35 -50.31 -42.25
N SER B 217 7.63 -50.05 -42.16
CA SER B 217 8.18 -48.84 -41.59
C SER B 217 9.44 -48.48 -42.29
N PHE B 218 9.70 -47.20 -42.40
CA PHE B 218 10.97 -46.76 -42.92
C PHE B 218 11.93 -46.89 -41.79
N ALA B 219 13.20 -46.99 -42.06
CA ALA B 219 14.17 -47.02 -40.99
C ALA B 219 15.49 -46.58 -41.54
N THR B 220 16.35 -46.08 -40.68
CA THR B 220 17.70 -45.80 -41.13
C THR B 220 18.59 -46.93 -40.68
N TYR B 221 19.76 -46.99 -41.27
CA TYR B 221 20.71 -47.99 -40.89
C TYR B 221 22.10 -47.60 -41.30
N HIS B 222 23.05 -48.27 -40.73
CA HIS B 222 24.41 -48.16 -41.19
C HIS B 222 24.90 -49.59 -41.14
N THR B 223 25.97 -49.88 -41.90
CA THR B 223 26.57 -51.21 -41.96
C THR B 223 28.01 -51.13 -41.48
N PRO B 224 28.30 -51.35 -40.18
CA PRO B 224 29.60 -51.19 -39.57
C PRO B 224 30.73 -51.79 -40.36
N ALA B 225 30.44 -52.93 -40.98
CA ALA B 225 31.45 -53.63 -41.76
C ALA B 225 32.06 -52.76 -42.84
N THR B 226 31.27 -51.86 -43.43
CA THR B 226 31.81 -51.01 -44.48
C THR B 226 31.78 -49.53 -44.11
N ASP B 227 30.94 -49.17 -43.12
CA ASP B 227 30.75 -47.78 -42.76
C ASP B 227 31.56 -47.29 -41.59
N CYS B 228 32.04 -48.19 -40.74
CA CYS B 228 32.73 -47.74 -39.55
C CYS B 228 34.16 -48.24 -39.50
N SER B 229 34.92 -47.97 -40.56
CA SER B 229 36.32 -48.35 -40.63
C SER B 229 37.07 -47.57 -39.57
N ASP B 230 38.17 -48.07 -39.02
CA ASP B 230 38.84 -47.35 -37.93
C ASP B 230 39.20 -45.93 -38.30
N GLY B 231 39.55 -45.71 -39.54
CA GLY B 231 39.91 -44.40 -40.02
C GLY B 231 38.72 -43.68 -40.65
N ASN B 232 38.41 -44.05 -41.88
CA ASN B 232 37.40 -43.33 -42.61
C ASN B 232 35.96 -43.79 -42.36
N TYR B 233 35.27 -43.09 -41.47
CA TYR B 233 33.86 -43.41 -41.21
C TYR B 233 33.03 -42.83 -42.35
N ASN B 234 31.96 -43.51 -42.71
CA ASN B 234 31.07 -43.00 -43.76
C ASN B 234 30.11 -41.99 -43.19
N ARG B 235 30.37 -40.74 -43.47
CA ARG B 235 29.62 -39.64 -42.87
C ARG B 235 28.25 -39.48 -43.45
N ASN B 236 27.99 -40.23 -44.52
CA ASN B 236 26.68 -40.21 -45.16
C ASN B 236 25.98 -41.57 -45.03
N ALA B 237 26.45 -42.47 -44.16
CA ALA B 237 25.79 -43.78 -44.13
C ALA B 237 24.32 -43.73 -43.74
N SER B 238 23.98 -42.92 -42.75
CA SER B 238 22.59 -42.88 -42.31
C SER B 238 21.79 -41.98 -43.21
N LEU B 239 22.44 -40.97 -43.78
CA LEU B 239 21.72 -40.11 -44.69
C LEU B 239 21.34 -40.90 -45.91
N ASN B 240 22.27 -41.74 -46.36
CA ASN B 240 22.00 -42.51 -47.55
C ASN B 240 20.91 -43.50 -47.32
N SER B 241 20.81 -44.09 -46.12
CA SER B 241 19.71 -45.01 -45.92
C SER B 241 18.39 -44.28 -45.82
N PHE B 242 18.41 -43.07 -45.28
CA PHE B 242 17.18 -42.30 -45.14
C PHE B 242 16.62 -42.04 -46.51
N LYS B 243 17.53 -41.67 -47.41
CA LYS B 243 17.25 -41.37 -48.82
C LYS B 243 16.70 -42.52 -49.63
N GLU B 244 16.83 -43.75 -49.10
CA GLU B 244 16.28 -44.88 -49.81
C GLU B 244 14.77 -44.87 -49.66
N TYR B 245 14.25 -44.31 -48.55
CA TYR B 245 12.82 -44.33 -48.33
C TYR B 245 12.20 -43.03 -48.79
N PHE B 246 12.96 -41.94 -48.71
CA PHE B 246 12.41 -40.64 -49.11
C PHE B 246 13.31 -39.86 -50.04
N ASN B 247 12.70 -39.12 -50.95
CA ASN B 247 13.46 -38.16 -51.73
C ASN B 247 13.45 -36.87 -50.96
N LEU B 248 14.60 -36.21 -50.83
CA LEU B 248 14.66 -34.94 -50.10
C LEU B 248 14.50 -33.79 -51.09
N ARG B 249 13.46 -32.98 -50.87
CA ARG B 249 13.10 -31.89 -51.76
C ARG B 249 12.93 -30.54 -51.07
N ASN B 250 13.32 -29.53 -51.77
CA ASN B 250 13.21 -28.10 -51.21
C ASN B 250 13.83 -28.01 -49.91
N CYS B 251 15.02 -28.53 -49.68
CA CYS B 251 15.68 -28.41 -48.42
C CYS B 251 16.05 -26.98 -48.23
N THR B 252 15.85 -26.44 -47.04
CA THR B 252 16.20 -25.05 -46.86
C THR B 252 17.53 -24.94 -46.20
N PHE B 253 17.92 -25.99 -45.50
CA PHE B 253 19.20 -26.06 -44.86
C PHE B 253 19.57 -27.48 -44.60
N MET B 254 20.86 -27.70 -44.42
CA MET B 254 21.41 -28.92 -43.89
C MET B 254 22.69 -28.56 -43.17
N TYR B 255 22.68 -28.78 -41.87
CA TYR B 255 23.80 -28.43 -41.01
C TYR B 255 24.38 -29.64 -40.37
N THR B 256 25.68 -29.65 -40.13
CA THR B 256 26.23 -30.75 -39.38
C THR B 256 26.96 -30.25 -38.17
N TYR B 257 26.96 -31.05 -37.13
CA TYR B 257 27.67 -30.72 -35.92
C TYR B 257 28.56 -31.87 -35.61
N ASN B 258 29.76 -31.63 -35.15
CA ASN B 258 30.65 -32.73 -34.83
C ASN B 258 30.50 -33.21 -33.41
N ILE B 259 30.62 -34.50 -33.23
CA ILE B 259 30.58 -35.16 -31.95
C ILE B 259 31.90 -35.93 -31.72
N THR B 260 32.61 -35.65 -30.64
CA THR B 260 33.79 -36.45 -30.35
C THR B 260 33.28 -37.75 -29.75
N GLU B 261 33.82 -38.89 -30.16
CA GLU B 261 33.32 -40.14 -29.58
C GLU B 261 33.78 -40.42 -28.17
N ASP B 262 32.85 -40.90 -27.37
CA ASP B 262 33.07 -41.32 -26.01
C ASP B 262 31.87 -42.21 -25.62
N GLU B 263 31.86 -42.73 -24.39
CA GLU B 263 30.73 -43.53 -23.86
C GLU B 263 30.07 -42.82 -22.67
N ILE B 264 30.23 -41.51 -22.61
CA ILE B 264 29.75 -40.67 -21.54
C ILE B 264 28.25 -40.34 -21.62
N LEU B 265 27.52 -40.46 -20.52
CA LEU B 265 26.10 -40.09 -20.58
C LEU B 265 25.95 -38.62 -20.92
N GLU B 266 25.09 -38.34 -21.91
CA GLU B 266 24.89 -36.97 -22.29
C GLU B 266 23.45 -36.64 -22.47
N TRP B 267 23.15 -35.37 -22.36
CA TRP B 267 21.80 -34.93 -22.60
C TRP B 267 21.70 -34.08 -23.86
N PHE B 268 20.59 -34.29 -24.55
CA PHE B 268 20.20 -33.54 -25.75
C PHE B 268 18.85 -32.88 -25.55
N GLY B 269 18.66 -31.66 -26.04
CA GLY B 269 17.33 -31.10 -25.92
C GLY B 269 16.90 -30.29 -27.10
N ILE B 270 15.60 -30.19 -27.28
CA ILE B 270 15.04 -29.37 -28.35
C ILE B 270 13.86 -28.53 -27.89
N THR B 271 13.88 -27.24 -28.22
CA THR B 271 12.76 -26.34 -27.93
C THR B 271 12.48 -25.47 -29.15
N GLN B 272 11.36 -24.77 -29.20
CA GLN B 272 11.13 -23.86 -30.32
C GLN B 272 10.52 -22.54 -29.87
N THR B 273 11.09 -21.45 -30.40
CA THR B 273 10.66 -20.08 -30.15
C THR B 273 10.49 -19.34 -31.47
N ALA B 274 10.16 -18.05 -31.41
CA ALA B 274 10.05 -17.25 -32.64
C ALA B 274 11.37 -17.20 -33.40
N GLN B 275 12.49 -17.42 -32.71
CA GLN B 275 13.81 -17.38 -33.32
C GLN B 275 14.18 -18.67 -34.01
N GLY B 276 13.36 -19.70 -33.89
CA GLY B 276 13.68 -20.99 -34.48
C GLY B 276 13.78 -22.10 -33.48
N VAL B 277 14.29 -23.21 -33.94
CA VAL B 277 14.44 -24.40 -33.15
C VAL B 277 15.78 -24.41 -32.49
N HIS B 278 15.77 -24.59 -31.20
CA HIS B 278 16.99 -24.53 -30.43
C HIS B 278 17.41 -25.89 -30.04
N LEU B 279 18.66 -26.22 -30.35
CA LEU B 279 19.23 -27.51 -30.02
C LEU B 279 20.18 -27.32 -28.86
N PHE B 280 19.96 -28.10 -27.82
CA PHE B 280 20.74 -28.04 -26.59
C PHE B 280 21.52 -29.29 -26.41
N SER B 281 22.66 -29.19 -25.79
CA SER B 281 23.45 -30.35 -25.47
C SER B 281 24.36 -30.11 -24.32
N SER B 282 24.61 -31.14 -23.55
CA SER B 282 25.56 -31.06 -22.48
C SER B 282 27.02 -31.22 -22.95
N ARG B 283 27.26 -31.79 -24.13
CA ARG B 283 28.64 -32.17 -24.43
C ARG B 283 29.59 -31.09 -24.82
N TYR B 284 29.13 -29.90 -25.13
CA TYR B 284 30.08 -28.90 -25.55
C TYR B 284 30.47 -27.97 -24.41
N VAL B 285 29.74 -28.04 -23.29
CA VAL B 285 30.00 -27.15 -22.15
C VAL B 285 30.19 -27.90 -20.83
N ASP B 286 29.31 -28.87 -20.54
CA ASP B 286 29.30 -29.53 -19.25
C ASP B 286 29.24 -31.03 -19.54
N LEU B 287 30.35 -31.56 -20.08
CA LEU B 287 30.36 -32.93 -20.56
C LEU B 287 30.16 -33.93 -19.47
N TYR B 288 30.79 -33.70 -18.36
CA TYR B 288 30.72 -34.69 -17.32
C TYR B 288 29.57 -34.40 -16.41
N GLY B 289 29.21 -33.14 -16.32
CA GLY B 289 28.15 -32.70 -15.44
C GLY B 289 26.71 -32.94 -15.91
N GLY B 290 26.45 -32.80 -17.21
CA GLY B 290 25.11 -32.99 -17.74
C GLY B 290 24.23 -31.74 -17.97
N ASN B 291 24.64 -30.53 -17.57
CA ASN B 291 23.75 -29.38 -17.83
C ASN B 291 23.74 -29.10 -19.33
N MET B 292 22.58 -28.77 -19.87
CA MET B 292 22.50 -28.48 -21.29
C MET B 292 22.56 -27.05 -21.65
N PHE B 293 23.36 -26.78 -22.68
CA PHE B 293 23.57 -25.46 -23.20
C PHE B 293 23.21 -25.43 -24.65
N GLN B 294 22.78 -24.30 -25.15
CA GLN B 294 22.44 -24.26 -26.54
C GLN B 294 23.64 -24.34 -27.44
N PHE B 295 23.57 -25.17 -28.47
CA PHE B 295 24.68 -25.24 -29.42
C PHE B 295 24.26 -24.79 -30.79
N ALA B 296 22.97 -24.76 -31.06
CA ALA B 296 22.52 -24.36 -32.38
C ALA B 296 21.12 -23.83 -32.38
N THR B 297 20.84 -22.96 -33.33
CA THR B 297 19.48 -22.52 -33.61
C THR B 297 19.22 -22.79 -35.09
N LEU B 298 18.10 -23.44 -35.39
CA LEU B 298 17.79 -23.77 -36.76
C LEU B 298 16.69 -22.85 -37.24
N PRO B 299 16.70 -22.39 -38.49
CA PRO B 299 15.70 -21.53 -39.08
C PRO B 299 14.44 -22.25 -39.49
N VAL B 300 13.80 -22.81 -38.50
CA VAL B 300 12.56 -23.53 -38.62
C VAL B 300 11.50 -22.69 -37.95
N TYR B 301 10.61 -22.10 -38.71
CA TYR B 301 9.68 -21.16 -38.11
C TYR B 301 8.27 -21.63 -38.06
N ASP B 302 7.93 -22.67 -38.79
CA ASP B 302 6.58 -23.13 -38.67
C ASP B 302 6.59 -23.84 -37.32
N THR B 303 5.44 -23.96 -36.69
CA THR B 303 5.42 -24.60 -35.37
C THR B 303 5.52 -26.11 -35.44
N ILE B 304 6.44 -26.65 -34.66
CA ILE B 304 6.52 -28.09 -34.63
C ILE B 304 5.43 -28.55 -33.72
N LYS B 305 4.62 -29.45 -34.22
CA LYS B 305 3.52 -29.95 -33.43
C LYS B 305 3.72 -31.39 -33.14
N TYR B 306 4.41 -32.09 -34.02
CA TYR B 306 4.56 -33.53 -33.92
C TYR B 306 5.97 -33.98 -34.05
N TYR B 307 6.29 -35.09 -33.41
CA TYR B 307 7.59 -35.69 -33.64
C TYR B 307 7.52 -37.19 -33.53
N SER B 308 8.52 -37.82 -34.08
CA SER B 308 8.63 -39.26 -33.97
C SER B 308 10.06 -39.66 -33.94
N ILE B 309 10.31 -40.86 -33.48
CA ILE B 309 11.66 -41.39 -33.48
C ILE B 309 11.87 -42.16 -34.75
N ILE B 310 12.95 -41.87 -35.44
CA ILE B 310 13.21 -42.60 -36.64
C ILE B 310 13.88 -43.86 -36.18
N PRO B 311 13.34 -45.06 -36.41
CA PRO B 311 13.95 -46.27 -35.94
C PRO B 311 15.23 -46.45 -36.70
N HIS B 312 16.22 -47.01 -36.04
CA HIS B 312 17.51 -47.25 -36.63
C HIS B 312 17.88 -48.67 -36.36
N SER B 313 18.43 -49.33 -37.35
CA SER B 313 18.84 -50.73 -37.19
C SER B 313 20.22 -50.90 -37.74
N ILE B 314 21.06 -51.57 -36.98
CA ILE B 314 22.45 -51.69 -37.39
C ILE B 314 22.67 -52.98 -38.12
N ARG B 315 23.20 -52.91 -39.34
CA ARG B 315 23.36 -54.13 -40.12
C ARG B 315 24.66 -54.82 -39.83
N SER B 316 24.72 -55.32 -38.62
CA SER B 316 25.86 -56.04 -38.11
C SER B 316 25.77 -57.47 -38.57
N ILE B 317 26.91 -58.13 -38.62
CA ILE B 317 26.91 -59.55 -38.89
C ILE B 317 26.40 -60.26 -37.63
N GLN B 318 25.97 -61.50 -37.76
CA GLN B 318 25.41 -62.24 -36.64
C GLN B 318 26.40 -62.42 -35.51
N SER B 319 27.66 -62.53 -35.87
CA SER B 319 28.75 -62.75 -34.96
C SER B 319 29.28 -61.50 -34.28
N ASP B 320 28.75 -60.33 -34.64
CA ASP B 320 29.25 -59.07 -34.10
C ASP B 320 28.10 -58.14 -33.69
N ARG B 321 27.08 -58.68 -33.06
CA ARG B 321 26.00 -57.84 -32.58
C ARG B 321 26.36 -57.14 -31.28
N LYS B 322 26.01 -55.88 -31.19
CA LYS B 322 26.28 -55.10 -30.00
C LYS B 322 25.01 -54.76 -29.30
N ALA B 323 25.11 -54.46 -28.03
CA ALA B 323 23.95 -53.99 -27.31
C ALA B 323 23.98 -52.47 -27.41
N TRP B 324 22.89 -51.84 -27.79
CA TRP B 324 22.92 -50.39 -27.90
C TRP B 324 22.12 -49.81 -26.78
N ALA B 325 22.62 -48.72 -26.21
CA ALA B 325 21.93 -48.11 -25.08
C ALA B 325 20.61 -47.52 -25.47
N ALA B 326 19.63 -47.65 -24.60
CA ALA B 326 18.34 -47.03 -24.80
C ALA B 326 18.43 -45.56 -24.52
N PHE B 327 17.62 -44.78 -25.18
CA PHE B 327 17.55 -43.36 -24.88
C PHE B 327 16.18 -43.04 -24.36
N TYR B 328 16.10 -42.00 -23.58
CA TYR B 328 14.82 -41.68 -22.99
C TYR B 328 14.41 -40.30 -23.28
N VAL B 329 13.19 -40.13 -23.70
CA VAL B 329 12.69 -38.80 -24.05
C VAL B 329 11.76 -38.30 -22.98
N TYR B 330 12.00 -37.09 -22.50
CA TYR B 330 11.17 -36.53 -21.45
C TYR B 330 10.60 -35.23 -21.93
N LYS B 331 9.34 -34.96 -21.64
CA LYS B 331 8.75 -33.70 -22.10
C LYS B 331 9.01 -32.55 -21.18
N LEU B 332 9.14 -31.36 -21.76
CA LEU B 332 9.33 -30.14 -21.02
C LEU B 332 8.09 -29.33 -20.80
N GLN B 333 8.08 -28.57 -19.72
CA GLN B 333 6.98 -27.69 -19.40
C GLN B 333 7.50 -26.57 -18.55
N PRO B 334 6.84 -25.41 -18.52
CA PRO B 334 7.18 -24.24 -17.75
C PRO B 334 6.94 -24.43 -16.27
N LEU B 335 7.98 -24.84 -15.59
CA LEU B 335 7.96 -25.16 -14.18
C LEU B 335 8.89 -24.24 -13.42
N THR B 336 8.66 -24.08 -12.12
CA THR B 336 9.63 -23.37 -11.33
C THR B 336 10.47 -24.41 -10.61
N PHE B 337 11.79 -24.31 -10.78
CA PHE B 337 12.75 -25.15 -10.10
C PHE B 337 13.62 -24.37 -9.11
N LEU B 338 14.03 -25.04 -8.05
CA LEU B 338 15.02 -24.44 -7.16
C LEU B 338 16.33 -24.94 -7.73
N LEU B 339 17.23 -24.05 -8.13
CA LEU B 339 18.48 -24.49 -8.75
C LEU B 339 19.68 -24.15 -7.90
N ASP B 340 20.50 -25.17 -7.61
CA ASP B 340 21.71 -25.01 -6.82
C ASP B 340 22.92 -24.85 -7.72
N PHE B 341 23.43 -23.62 -7.82
CA PHE B 341 24.56 -23.30 -8.68
C PHE B 341 25.83 -23.41 -7.87
N SER B 342 26.76 -24.22 -8.35
CA SER B 342 28.03 -24.43 -7.69
C SER B 342 28.95 -23.27 -7.93
N VAL B 343 30.12 -23.27 -7.33
CA VAL B 343 31.04 -22.15 -7.54
C VAL B 343 31.39 -22.01 -9.00
N ASP B 344 31.54 -23.15 -9.70
CA ASP B 344 31.87 -23.17 -11.11
C ASP B 344 30.65 -22.95 -12.00
N GLY B 345 29.51 -22.68 -11.40
CA GLY B 345 28.31 -22.37 -12.10
C GLY B 345 27.45 -23.49 -12.56
N TYR B 346 27.83 -24.73 -12.30
CA TYR B 346 26.96 -25.76 -12.81
C TYR B 346 25.88 -26.11 -11.86
N ILE B 347 24.77 -26.55 -12.38
CA ILE B 347 23.67 -26.96 -11.56
C ILE B 347 23.85 -28.43 -11.26
N ARG B 348 23.96 -28.73 -9.98
CA ARG B 348 24.19 -30.12 -9.59
C ARG B 348 23.05 -30.70 -8.85
N ARG B 349 22.24 -29.82 -8.31
CA ARG B 349 21.12 -30.23 -7.51
C ARG B 349 19.96 -29.30 -7.77
N ALA B 350 18.73 -29.82 -7.77
CA ALA B 350 17.56 -28.99 -7.95
C ALA B 350 16.32 -29.58 -7.30
N ILE B 351 15.34 -28.71 -7.07
CA ILE B 351 14.01 -29.10 -6.59
C ILE B 351 12.93 -28.75 -7.62
N ASP B 352 12.06 -29.72 -7.93
CA ASP B 352 10.90 -29.44 -8.78
C ASP B 352 9.84 -28.92 -7.81
N CYS B 353 9.57 -27.59 -7.86
CA CYS B 353 8.75 -26.99 -6.82
C CYS B 353 7.29 -27.39 -6.84
N GLY B 354 6.88 -28.09 -7.90
CA GLY B 354 5.49 -28.52 -7.94
C GLY B 354 5.33 -30.02 -7.75
N PHE B 355 6.40 -30.72 -7.46
CA PHE B 355 6.35 -32.18 -7.35
C PHE B 355 5.49 -32.67 -6.21
N ASN B 356 5.74 -32.15 -5.03
CA ASN B 356 5.00 -32.50 -3.85
C ASN B 356 5.04 -31.32 -2.90
N ASP B 357 4.42 -31.50 -1.74
CA ASP B 357 4.32 -30.47 -0.73
C ASP B 357 5.64 -30.18 -0.04
N LEU B 358 6.46 -31.19 0.07
CA LEU B 358 7.78 -31.02 0.68
C LEU B 358 8.63 -30.17 -0.25
N SER B 359 8.51 -30.41 -1.55
CA SER B 359 9.27 -29.64 -2.51
C SER B 359 8.82 -28.20 -2.50
N GLN B 360 7.52 -27.97 -2.31
CA GLN B 360 7.00 -26.60 -2.27
C GLN B 360 7.60 -25.86 -1.12
N LEU B 361 7.78 -26.57 0.00
CA LEU B 361 8.38 -25.98 1.19
C LEU B 361 9.79 -25.52 0.90
N HIS B 362 10.59 -26.38 0.26
CA HIS B 362 11.96 -26.00 0.00
C HIS B 362 12.03 -24.82 -0.92
N CYS B 363 11.14 -24.79 -1.89
CA CYS B 363 11.17 -23.67 -2.79
C CYS B 363 10.77 -22.38 -2.12
N SER B 364 9.80 -22.42 -1.20
CA SER B 364 9.34 -21.18 -0.58
C SER B 364 10.39 -20.53 0.27
N TYR B 365 11.34 -21.33 0.77
CA TYR B 365 12.43 -20.78 1.55
C TYR B 365 13.68 -20.62 0.75
N GLU B 366 13.59 -20.97 -0.53
CA GLU B 366 14.70 -20.99 -1.47
C GLU B 366 15.90 -21.69 -0.90
N SER B 367 15.67 -22.87 -0.35
CA SER B 367 16.74 -23.60 0.27
C SER B 367 16.52 -25.09 0.24
N PHE B 368 17.60 -25.85 0.24
CA PHE B 368 17.50 -27.30 0.27
C PHE B 368 17.42 -27.83 1.67
N ASP B 369 17.61 -26.94 2.63
CA ASP B 369 17.57 -27.28 4.03
C ASP B 369 16.72 -26.26 4.76
N VAL B 370 15.62 -26.73 5.30
CA VAL B 370 14.73 -25.86 6.01
C VAL B 370 14.63 -26.48 7.39
N GLU B 371 14.22 -25.71 8.36
CA GLU B 371 14.10 -26.18 9.73
C GLU B 371 12.90 -27.08 9.91
N SER B 372 12.95 -27.90 10.95
CA SER B 372 11.83 -28.77 11.28
C SER B 372 10.62 -27.96 11.70
N GLY B 373 9.45 -28.45 11.37
CA GLY B 373 8.25 -27.76 11.78
C GLY B 373 7.06 -28.19 10.98
N VAL B 374 5.94 -27.57 11.24
CA VAL B 374 4.75 -27.87 10.50
C VAL B 374 4.44 -26.60 9.72
N TYR B 375 4.35 -26.73 8.39
CA TYR B 375 4.19 -25.57 7.52
C TYR B 375 3.01 -25.67 6.61
N SER B 376 2.35 -24.57 6.36
CA SER B 376 1.29 -24.60 5.39
C SER B 376 1.87 -24.39 4.01
N VAL B 377 1.37 -25.14 3.06
CA VAL B 377 1.81 -25.07 1.67
C VAL B 377 0.59 -24.94 0.78
N SER B 378 0.80 -24.74 -0.50
CA SER B 378 -0.34 -24.61 -1.38
C SER B 378 -1.27 -25.79 -1.27
N SER B 379 -2.57 -25.49 -1.33
CA SER B 379 -3.62 -26.49 -1.22
C SER B 379 -3.60 -27.42 -2.39
N PHE B 380 -4.18 -28.58 -2.20
CA PHE B 380 -4.25 -29.53 -3.28
C PHE B 380 -5.52 -29.15 -4.04
N GLU B 381 -5.36 -28.67 -5.26
CA GLU B 381 -6.47 -28.13 -6.01
C GLU B 381 -7.42 -29.18 -6.52
N ALA B 382 -8.69 -28.85 -6.46
CA ALA B 382 -9.69 -29.66 -7.12
C ALA B 382 -9.60 -29.26 -8.56
N LYS B 383 -9.73 -30.18 -9.51
CA LYS B 383 -9.66 -29.78 -10.89
C LYS B 383 -10.98 -30.16 -11.54
N PRO B 384 -11.42 -29.45 -12.59
CA PRO B 384 -12.59 -29.77 -13.34
C PRO B 384 -12.50 -31.14 -13.95
N SER B 385 -13.62 -31.84 -13.92
CA SER B 385 -13.84 -33.16 -14.44
C SER B 385 -14.70 -33.11 -15.69
N GLY B 386 -15.03 -31.91 -16.10
CA GLY B 386 -15.93 -31.65 -17.22
C GLY B 386 -16.38 -30.21 -17.22
N SER B 387 -17.44 -29.94 -17.98
CA SER B 387 -17.99 -28.60 -18.09
C SER B 387 -19.48 -28.63 -18.31
N VAL B 388 -20.18 -27.56 -17.91
CA VAL B 388 -21.60 -27.41 -18.19
C VAL B 388 -21.83 -26.11 -18.92
N VAL B 389 -22.67 -26.15 -19.94
CA VAL B 389 -22.96 -24.93 -20.66
C VAL B 389 -24.45 -24.73 -20.92
N GLU B 390 -24.93 -23.53 -20.64
CA GLU B 390 -26.29 -23.18 -21.02
C GLU B 390 -26.22 -21.83 -21.72
N GLN B 391 -26.86 -21.72 -22.88
CA GLN B 391 -26.89 -20.47 -23.62
C GLN B 391 -28.28 -20.27 -24.16
N ALA B 392 -28.67 -19.04 -24.43
CA ALA B 392 -29.93 -18.89 -25.11
C ALA B 392 -29.75 -19.56 -26.47
N GLU B 393 -30.70 -20.35 -26.89
CA GLU B 393 -30.64 -20.98 -28.20
C GLU B 393 -31.98 -20.75 -28.87
N GLY B 394 -31.96 -20.16 -30.05
CA GLY B 394 -33.24 -19.90 -30.68
C GLY B 394 -33.13 -19.07 -31.94
N VAL B 395 -33.79 -17.93 -31.88
CA VAL B 395 -33.89 -17.00 -32.98
C VAL B 395 -32.53 -16.37 -33.28
N GLU B 396 -32.28 -16.13 -34.56
CA GLU B 396 -31.04 -15.47 -34.97
C GLU B 396 -31.23 -13.96 -34.67
N CYS B 397 -30.00 -13.34 -34.42
CA CYS B 397 -30.43 -11.75 -34.19
C CYS B 397 -30.32 -11.37 -35.77
N ASP B 398 -31.57 -10.44 -35.75
CA ASP B 398 -32.00 -9.98 -37.10
C ASP B 398 -31.40 -8.67 -37.57
N PHE B 399 -30.53 -8.78 -38.57
CA PHE B 399 -29.84 -7.60 -39.09
C PHE B 399 -30.48 -7.19 -40.39
N SER B 400 -31.66 -7.73 -40.68
CA SER B 400 -32.30 -7.39 -41.93
C SER B 400 -32.60 -5.90 -42.14
N PRO B 401 -33.20 -5.15 -41.20
CA PRO B 401 -33.49 -3.72 -41.35
C PRO B 401 -32.38 -2.93 -41.99
N LEU B 402 -31.16 -3.29 -41.59
CA LEU B 402 -29.92 -2.69 -41.98
C LEU B 402 -29.69 -2.73 -43.47
N LEU B 403 -30.17 -3.81 -44.07
CA LEU B 403 -29.95 -4.12 -45.46
C LEU B 403 -31.03 -3.59 -46.39
N SER B 404 -32.03 -2.85 -45.86
CA SER B 404 -33.11 -2.43 -46.73
C SER B 404 -33.44 -0.95 -46.72
N GLY B 405 -33.21 -0.31 -47.85
CA GLY B 405 -33.48 1.11 -47.99
C GLY B 405 -32.24 1.96 -47.83
N THR B 406 -32.41 3.26 -47.80
CA THR B 406 -31.31 4.19 -47.72
C THR B 406 -30.90 4.32 -46.25
N PRO B 407 -29.64 4.08 -45.85
CA PRO B 407 -29.18 4.24 -44.51
C PRO B 407 -29.28 5.70 -44.16
N PRO B 408 -29.42 6.04 -42.91
CA PRO B 408 -29.50 7.38 -42.39
C PRO B 408 -28.17 8.06 -42.43
N GLN B 409 -28.18 9.36 -42.26
CA GLN B 409 -26.96 10.11 -42.13
C GLN B 409 -26.41 9.89 -40.74
N VAL B 410 -25.15 10.17 -40.52
CA VAL B 410 -24.48 9.97 -39.24
C VAL B 410 -25.19 10.56 -38.02
N TYR B 411 -25.91 11.66 -38.16
CA TYR B 411 -26.57 12.26 -37.00
C TYR B 411 -27.93 11.65 -36.73
N ASN B 412 -28.42 10.87 -37.67
CA ASN B 412 -29.69 10.19 -37.59
C ASN B 412 -29.48 8.70 -37.58
N PHE B 413 -28.39 8.23 -37.03
CA PHE B 413 -28.08 6.82 -37.09
C PHE B 413 -29.21 5.99 -36.55
N LYS B 414 -29.37 4.79 -37.11
CA LYS B 414 -30.42 3.94 -36.62
C LYS B 414 -29.84 2.89 -35.75
N ARG B 415 -30.61 2.50 -34.76
CA ARG B 415 -30.17 1.55 -33.79
C ARG B 415 -30.95 0.28 -33.71
N LEU B 416 -30.22 -0.81 -33.82
CA LEU B 416 -30.80 -2.14 -33.69
C LEU B 416 -30.32 -2.72 -32.38
N VAL B 417 -31.23 -3.07 -31.49
CA VAL B 417 -30.81 -3.60 -30.20
C VAL B 417 -31.15 -5.07 -30.14
N PHE B 418 -30.13 -5.86 -29.91
CA PHE B 418 -30.28 -7.29 -29.90
C PHE B 418 -30.17 -7.87 -28.53
N THR B 419 -31.21 -8.58 -28.13
CA THR B 419 -31.25 -9.28 -26.86
C THR B 419 -31.82 -10.66 -27.11
N ASN B 420 -31.51 -11.67 -26.28
CA ASN B 420 -32.13 -12.99 -26.40
C ASN B 420 -32.11 -13.57 -27.80
N CYS B 421 -30.92 -13.62 -28.40
CA CYS B 421 -30.77 -14.12 -29.75
C CYS B 421 -29.38 -14.65 -30.01
N ASN B 422 -29.23 -15.37 -31.12
CA ASN B 422 -27.93 -15.88 -31.51
C ASN B 422 -27.27 -14.97 -32.53
N TYR B 423 -26.09 -14.47 -32.24
CA TYR B 423 -25.51 -13.52 -33.17
C TYR B 423 -24.44 -14.18 -33.97
N ASN B 424 -24.23 -13.63 -35.11
CA ASN B 424 -23.14 -14.02 -36.00
C ASN B 424 -22.67 -12.77 -36.76
N LEU B 425 -21.45 -12.32 -36.37
CA LEU B 425 -21.01 -11.10 -37.02
C LEU B 425 -20.57 -11.36 -38.42
N THR B 426 -20.06 -12.56 -38.70
CA THR B 426 -19.59 -12.90 -40.04
C THR B 426 -20.75 -12.77 -41.00
N LYS B 427 -21.93 -13.18 -40.55
CA LYS B 427 -23.14 -13.14 -41.36
C LYS B 427 -23.40 -11.73 -41.87
N LEU B 428 -23.08 -10.72 -41.06
CA LEU B 428 -23.28 -9.34 -41.46
C LEU B 428 -22.07 -8.78 -42.18
N LEU B 429 -20.88 -9.08 -41.69
CA LEU B 429 -19.63 -8.54 -42.22
C LEU B 429 -19.37 -9.01 -43.62
N SER B 430 -19.79 -10.24 -43.91
CA SER B 430 -19.59 -10.88 -45.19
C SER B 430 -20.39 -10.26 -46.31
N LEU B 431 -21.36 -9.41 -45.95
CA LEU B 431 -22.16 -8.74 -46.94
C LEU B 431 -21.56 -7.41 -47.35
N PHE B 432 -20.50 -6.96 -46.70
CA PHE B 432 -19.93 -5.66 -47.02
C PHE B 432 -18.46 -5.76 -47.30
N SER B 433 -17.91 -4.82 -48.06
CA SER B 433 -16.48 -4.84 -48.20
C SER B 433 -15.93 -4.03 -47.03
N VAL B 434 -15.39 -4.70 -46.04
CA VAL B 434 -14.99 -3.99 -44.84
C VAL B 434 -13.70 -3.29 -45.06
N ASN B 435 -13.68 -2.01 -44.73
CA ASN B 435 -12.50 -1.23 -44.92
C ASN B 435 -11.73 -1.11 -43.64
N ASP B 436 -12.44 -1.02 -42.53
CA ASP B 436 -11.76 -0.83 -41.25
C ASP B 436 -12.58 -1.38 -40.10
N PHE B 437 -12.12 -2.45 -39.47
CA PHE B 437 -12.87 -3.03 -38.34
C PHE B 437 -12.00 -3.07 -37.10
N THR B 438 -12.28 -2.19 -36.14
CA THR B 438 -11.45 -2.15 -34.92
C THR B 438 -12.30 -2.20 -33.68
N CYS B 439 -11.70 -2.69 -32.61
CA CYS B 439 -12.37 -2.81 -31.32
C CYS B 439 -11.64 -2.12 -30.19
N SER B 440 -12.40 -1.70 -29.21
CA SER B 440 -11.94 -1.02 -28.02
C SER B 440 -12.57 -1.53 -26.75
N GLN B 441 -11.70 -1.89 -25.81
CA GLN B 441 -12.03 -2.47 -24.50
C GLN B 441 -12.64 -3.86 -24.62
N ILE B 442 -12.38 -4.50 -25.72
CA ILE B 442 -12.76 -5.88 -26.00
C ILE B 442 -11.82 -6.37 -27.07
N SER B 443 -11.35 -7.60 -26.98
CA SER B 443 -10.49 -8.09 -28.05
C SER B 443 -11.30 -8.41 -29.27
N PRO B 444 -10.73 -8.39 -30.46
CA PRO B 444 -11.20 -8.95 -31.70
C PRO B 444 -11.75 -10.36 -31.67
N ALA B 445 -11.10 -11.21 -30.88
CA ALA B 445 -11.59 -12.58 -30.82
C ALA B 445 -12.85 -12.63 -30.00
N ALA B 446 -12.88 -11.82 -28.96
CA ALA B 446 -13.99 -11.73 -28.04
C ALA B 446 -15.22 -11.12 -28.65
N ILE B 447 -15.08 -10.12 -29.53
CA ILE B 447 -16.29 -9.49 -30.02
C ILE B 447 -17.19 -10.45 -30.73
N ALA B 448 -16.57 -11.40 -31.43
CA ALA B 448 -17.30 -12.41 -32.17
C ALA B 448 -17.63 -13.68 -31.38
N SER B 449 -17.18 -13.81 -30.12
CA SER B 449 -17.39 -15.06 -29.40
C SER B 449 -18.02 -14.99 -28.00
N ASN B 450 -18.10 -13.82 -27.38
CA ASN B 450 -18.64 -13.75 -26.03
C ASN B 450 -20.13 -13.56 -25.98
N CYS B 451 -20.72 -13.90 -24.85
CA CYS B 451 -22.12 -13.62 -24.62
C CYS B 451 -22.30 -12.22 -24.03
N TYR B 452 -23.40 -11.57 -24.40
CA TYR B 452 -23.68 -10.22 -23.93
C TYR B 452 -25.10 -10.08 -23.41
N SER B 453 -25.32 -9.10 -22.52
CA SER B 453 -26.68 -8.76 -22.07
C SER B 453 -27.43 -8.18 -23.25
N SER B 454 -26.70 -7.40 -24.01
CA SER B 454 -27.22 -6.77 -25.21
C SER B 454 -26.13 -6.44 -26.15
N LEU B 455 -26.48 -6.39 -27.42
CA LEU B 455 -25.58 -5.89 -28.45
C LEU B 455 -26.32 -4.79 -29.17
N ILE B 456 -25.73 -3.61 -29.22
CA ILE B 456 -26.37 -2.50 -29.88
C ILE B 456 -25.63 -2.12 -31.12
N LEU B 457 -26.33 -2.17 -32.25
CA LEU B 457 -25.75 -1.84 -33.54
C LEU B 457 -26.27 -0.55 -34.13
N ASP B 458 -25.40 0.44 -34.27
CA ASP B 458 -25.74 1.76 -34.80
C ASP B 458 -25.27 1.92 -36.24
N TYR B 459 -26.16 2.01 -37.20
CA TYR B 459 -25.66 2.06 -38.58
C TYR B 459 -26.04 3.34 -39.27
N PHE B 460 -25.15 3.78 -40.14
CA PHE B 460 -25.33 5.01 -40.88
C PHE B 460 -24.46 5.15 -42.12
N SER B 461 -24.84 6.03 -43.04
CA SER B 461 -23.99 6.35 -44.17
C SER B 461 -22.80 7.14 -43.65
N TYR B 462 -21.62 6.88 -44.19
CA TYR B 462 -20.47 7.64 -43.74
C TYR B 462 -19.34 7.59 -44.76
N PRO B 463 -18.80 8.70 -45.22
CA PRO B 463 -17.74 8.73 -46.19
C PRO B 463 -16.50 8.17 -45.54
N LEU B 464 -15.69 7.43 -46.28
CA LEU B 464 -14.50 6.85 -45.70
C LEU B 464 -13.44 7.90 -45.56
N SER B 465 -13.57 8.96 -46.33
CA SER B 465 -12.63 10.06 -46.29
C SER B 465 -12.64 10.79 -44.97
N MET B 466 -13.70 10.57 -44.17
CA MET B 466 -13.82 11.20 -42.86
C MET B 466 -13.58 10.18 -41.74
N LYS B 467 -12.96 9.04 -42.07
CA LYS B 467 -12.66 7.94 -41.15
C LYS B 467 -12.16 8.38 -39.80
N SER B 468 -11.18 9.26 -39.82
CA SER B 468 -10.52 9.71 -38.61
C SER B 468 -11.36 10.55 -37.70
N ASP B 469 -12.45 11.08 -38.22
CA ASP B 469 -13.30 11.98 -37.46
C ASP B 469 -14.12 11.18 -36.44
N LEU B 470 -14.12 9.84 -36.58
CA LEU B 470 -14.81 8.95 -35.65
C LEU B 470 -13.90 8.44 -34.54
N SER B 471 -12.64 8.87 -34.54
CA SER B 471 -11.69 8.47 -33.53
C SER B 471 -12.05 9.08 -32.19
N VAL B 472 -11.76 8.37 -31.10
CA VAL B 472 -12.05 8.89 -29.76
C VAL B 472 -11.34 10.20 -29.50
N SER B 473 -10.11 10.31 -29.98
CA SER B 473 -9.28 11.49 -29.83
C SER B 473 -9.67 12.68 -30.71
N SER B 474 -10.59 12.47 -31.65
CA SER B 474 -11.00 13.51 -32.56
C SER B 474 -11.78 14.66 -31.93
N ALA B 475 -11.44 15.84 -32.42
CA ALA B 475 -12.11 17.05 -32.03
C ALA B 475 -12.85 17.67 -33.19
N GLY B 476 -13.08 16.86 -34.22
CA GLY B 476 -13.81 17.38 -35.37
C GLY B 476 -15.32 17.27 -35.15
N PRO B 477 -16.12 17.73 -36.10
CA PRO B 477 -17.57 17.76 -36.10
C PRO B 477 -18.30 16.45 -35.91
N ILE B 478 -17.75 15.32 -36.32
CA ILE B 478 -18.51 14.11 -36.14
C ILE B 478 -18.52 13.72 -34.70
N SER B 479 -17.36 13.73 -34.10
CA SER B 479 -17.32 13.34 -32.70
C SER B 479 -17.89 14.40 -31.76
N GLN B 480 -17.95 15.66 -32.22
CA GLN B 480 -18.52 16.64 -31.32
C GLN B 480 -20.01 16.84 -31.49
N PHE B 481 -20.55 16.71 -32.70
CA PHE B 481 -21.96 16.99 -32.88
C PHE B 481 -22.81 15.90 -33.48
N ASN B 482 -22.23 14.81 -33.97
CA ASN B 482 -23.06 13.87 -34.69
C ASN B 482 -23.17 12.50 -34.07
N TYR B 483 -22.03 11.89 -33.80
CA TYR B 483 -22.00 10.55 -33.29
C TYR B 483 -20.79 10.28 -32.44
N LYS B 484 -21.03 9.74 -31.26
CA LYS B 484 -19.97 9.42 -30.35
C LYS B 484 -20.24 8.07 -29.72
N GLN B 485 -19.19 7.22 -29.67
CA GLN B 485 -19.31 5.90 -29.06
C GLN B 485 -19.10 5.94 -27.58
N SER B 486 -19.63 4.94 -26.89
CA SER B 486 -19.50 4.81 -25.45
C SER B 486 -18.10 4.69 -24.98
N PHE B 487 -17.82 5.31 -23.83
CA PHE B 487 -16.52 5.19 -23.23
C PHE B 487 -16.57 4.11 -22.14
N SER B 488 -17.79 3.71 -21.77
CA SER B 488 -18.00 2.79 -20.65
C SER B 488 -18.14 1.35 -21.10
N ASN B 489 -18.85 1.14 -22.18
CA ASN B 489 -19.07 -0.18 -22.65
C ASN B 489 -18.01 -0.47 -23.68
N PRO B 490 -17.61 -1.71 -23.91
CA PRO B 490 -16.79 -2.09 -25.02
C PRO B 490 -17.46 -1.78 -26.32
N THR B 491 -16.69 -1.28 -27.27
CA THR B 491 -17.24 -0.96 -28.57
C THR B 491 -16.38 -1.38 -29.73
N CYS B 492 -17.01 -1.53 -30.88
CA CYS B 492 -16.30 -1.71 -32.12
C CYS B 492 -16.82 -0.74 -33.15
N LEU B 493 -15.96 -0.37 -34.08
CA LEU B 493 -16.37 0.46 -35.19
C LEU B 493 -16.00 -0.21 -36.49
N ILE B 494 -17.00 -0.36 -37.35
CA ILE B 494 -16.79 -0.94 -38.65
C ILE B 494 -17.10 0.06 -39.72
N LEU B 495 -16.16 0.27 -40.61
CA LEU B 495 -16.40 1.11 -41.76
C LEU B 495 -16.35 0.19 -42.93
N ALA B 496 -17.39 0.20 -43.75
CA ALA B 496 -17.47 -0.73 -44.86
C ALA B 496 -18.18 -0.17 -46.06
N THR B 497 -17.87 -0.71 -47.21
CA THR B 497 -18.48 -0.29 -48.45
C THR B 497 -19.52 -1.26 -48.94
N VAL B 498 -20.65 -0.73 -49.37
CA VAL B 498 -21.73 -1.54 -49.88
C VAL B 498 -21.32 -2.02 -51.28
N PRO B 499 -21.31 -3.34 -51.56
CA PRO B 499 -20.98 -3.97 -52.82
C PRO B 499 -21.97 -3.59 -53.88
N HIS B 500 -21.56 -3.66 -55.14
CA HIS B 500 -22.45 -3.28 -56.23
C HIS B 500 -23.66 -4.18 -56.34
N ASN B 501 -23.55 -5.42 -55.91
CA ASN B 501 -24.67 -6.30 -56.04
C ASN B 501 -25.56 -6.39 -54.77
N LEU B 502 -25.22 -5.52 -53.78
CA LEU B 502 -26.10 -5.54 -52.61
C LEU B 502 -27.15 -4.46 -52.91
N THR B 503 -28.14 -4.84 -53.70
CA THR B 503 -29.06 -3.88 -54.32
C THR B 503 -30.19 -3.46 -53.46
N THR B 504 -30.23 -4.01 -52.28
CA THR B 504 -31.28 -3.69 -51.35
C THR B 504 -30.97 -2.43 -50.54
N ILE B 505 -29.69 -2.00 -50.55
CA ILE B 505 -29.31 -0.78 -49.84
C ILE B 505 -29.17 0.31 -50.88
N THR B 506 -29.88 1.39 -50.69
CA THR B 506 -29.88 2.45 -51.70
C THR B 506 -29.03 3.60 -51.20
N LYS B 507 -28.72 4.56 -52.06
CA LYS B 507 -27.84 5.61 -51.61
C LYS B 507 -28.61 6.90 -51.43
N PRO B 508 -28.22 7.75 -50.49
CA PRO B 508 -28.71 9.08 -50.34
C PRO B 508 -28.04 9.88 -51.44
N LEU B 509 -28.47 11.10 -51.65
CA LEU B 509 -27.85 11.95 -52.65
C LEU B 509 -26.44 12.38 -52.30
N LYS B 510 -26.19 12.55 -51.02
CA LYS B 510 -24.93 13.02 -50.53
C LYS B 510 -24.77 12.57 -49.11
N TYR B 511 -23.55 12.62 -48.59
CA TYR B 511 -23.36 12.31 -47.19
C TYR B 511 -23.51 13.65 -46.48
N SER B 512 -24.05 13.69 -45.27
CA SER B 512 -24.09 14.98 -44.61
C SER B 512 -23.90 14.87 -43.13
N TYR B 513 -23.59 15.98 -42.53
CA TYR B 513 -23.36 16.02 -41.11
C TYR B 513 -23.60 17.38 -40.55
N ILE B 514 -23.68 17.42 -39.24
CA ILE B 514 -23.82 18.66 -38.52
C ILE B 514 -22.42 19.19 -38.21
N ASN B 515 -22.12 20.43 -38.57
CA ASN B 515 -20.79 20.93 -38.22
C ASN B 515 -20.88 21.95 -37.11
N LYS B 516 -22.09 22.28 -36.75
CA LYS B 516 -22.35 23.21 -35.67
C LYS B 516 -23.63 22.84 -35.02
N CYS B 517 -23.67 22.88 -33.72
CA CYS B 517 -24.86 22.67 -32.92
C CYS B 517 -24.70 23.45 -31.65
N SER B 518 -25.55 24.41 -31.40
CA SER B 518 -25.39 25.27 -30.24
C SER B 518 -26.66 25.91 -29.75
N ARG B 519 -26.65 26.40 -28.52
CA ARG B 519 -27.79 27.14 -28.05
C ARG B 519 -27.46 28.59 -27.81
N LEU B 520 -28.38 29.42 -28.20
CA LEU B 520 -28.28 30.84 -27.97
C LEU B 520 -29.15 31.07 -26.78
N LEU B 521 -28.61 31.67 -25.76
CA LEU B 521 -29.38 31.84 -24.54
C LEU B 521 -30.26 33.05 -24.68
N SER B 522 -31.19 33.26 -23.75
CA SER B 522 -32.16 34.36 -23.84
C SER B 522 -31.56 35.75 -24.01
N ASP B 523 -30.35 35.96 -23.50
CA ASP B 523 -29.67 37.24 -23.62
C ASP B 523 -29.16 37.56 -25.02
N ASP B 524 -29.06 36.53 -25.85
CA ASP B 524 -28.55 36.57 -27.21
C ASP B 524 -27.15 37.12 -27.31
N ARG B 525 -26.34 36.85 -26.28
CA ARG B 525 -24.95 37.23 -26.28
C ARG B 525 -24.12 35.96 -26.19
N THR B 526 -24.63 35.01 -25.40
CA THR B 526 -23.92 33.77 -25.16
C THR B 526 -24.44 32.63 -25.98
N GLU B 527 -23.49 31.97 -26.62
CA GLU B 527 -23.71 30.80 -27.44
C GLU B 527 -23.00 29.61 -26.81
N VAL B 528 -23.73 28.54 -26.58
CA VAL B 528 -23.21 27.37 -25.93
C VAL B 528 -23.22 26.15 -26.83
N PRO B 529 -22.08 25.62 -27.25
CA PRO B 529 -21.98 24.45 -28.10
C PRO B 529 -22.68 23.28 -27.43
N GLN B 530 -23.48 22.57 -28.21
CA GLN B 530 -24.20 21.42 -27.68
C GLN B 530 -23.58 20.15 -28.15
N LEU B 531 -22.75 19.57 -27.31
CA LEU B 531 -22.00 18.43 -27.76
C LEU B 531 -22.85 17.20 -27.63
N VAL B 532 -22.63 16.26 -28.53
CA VAL B 532 -23.38 15.02 -28.50
C VAL B 532 -22.81 14.12 -27.40
N ASN B 533 -23.70 13.44 -26.69
CA ASN B 533 -23.27 12.51 -25.66
C ASN B 533 -23.07 11.15 -26.29
N ALA B 534 -22.25 10.32 -25.67
CA ALA B 534 -22.06 9.01 -26.23
C ALA B 534 -23.36 8.25 -26.25
N ASN B 535 -23.59 7.57 -27.37
CA ASN B 535 -24.77 6.76 -27.67
C ASN B 535 -26.07 7.54 -27.77
N GLN B 536 -25.97 8.86 -27.85
CA GLN B 536 -27.18 9.66 -27.96
C GLN B 536 -27.23 10.42 -29.24
N TYR B 537 -28.36 11.07 -29.46
CA TYR B 537 -28.52 11.92 -30.61
C TYR B 537 -28.27 13.35 -30.20
N SER B 538 -27.73 14.13 -31.08
CA SER B 538 -27.53 15.55 -30.90
C SER B 538 -28.86 16.25 -30.72
N PRO B 539 -28.99 17.28 -29.87
CA PRO B 539 -30.22 18.04 -29.69
C PRO B 539 -30.67 18.73 -30.96
N CYS B 540 -29.75 18.94 -31.89
CA CYS B 540 -30.04 19.58 -33.14
C CYS B 540 -30.62 18.66 -34.17
N VAL B 541 -30.74 17.39 -33.86
CA VAL B 541 -31.29 16.46 -34.81
C VAL B 541 -32.67 16.85 -35.23
N SER B 542 -33.47 17.39 -34.31
CA SER B 542 -34.79 17.80 -34.65
C SER B 542 -34.87 19.02 -35.59
N ILE B 543 -33.78 19.79 -35.75
CA ILE B 543 -33.85 20.95 -36.63
C ILE B 543 -33.14 20.69 -37.96
N VAL B 544 -32.23 19.72 -37.97
CA VAL B 544 -31.48 19.37 -39.14
C VAL B 544 -32.27 18.31 -39.96
N PRO B 545 -32.53 18.54 -41.25
CA PRO B 545 -33.25 17.67 -42.16
C PRO B 545 -32.49 16.35 -42.35
N SER B 546 -33.20 15.32 -42.81
CA SER B 546 -32.53 14.03 -42.98
C SER B 546 -31.37 14.08 -43.95
N THR B 547 -31.42 15.00 -44.90
CA THR B 547 -30.31 15.24 -45.81
C THR B 547 -30.07 16.75 -45.79
N VAL B 548 -28.83 17.19 -45.60
CA VAL B 548 -28.58 18.62 -45.66
C VAL B 548 -28.67 19.01 -47.12
N TRP B 549 -29.46 20.03 -47.45
CA TRP B 549 -29.61 20.40 -48.85
C TRP B 549 -28.28 20.82 -49.46
N GLU B 550 -27.64 21.80 -48.82
CA GLU B 550 -26.34 22.20 -49.32
C GLU B 550 -25.43 22.60 -48.17
N ASP B 551 -24.15 22.52 -48.43
CA ASP B 551 -23.19 22.84 -47.42
C ASP B 551 -23.39 24.27 -46.98
N GLY B 552 -23.45 24.50 -45.66
CA GLY B 552 -23.64 25.84 -45.13
C GLY B 552 -25.07 26.13 -44.67
N ASP B 553 -26.01 25.23 -44.92
CA ASP B 553 -27.38 25.49 -44.49
C ASP B 553 -27.45 25.72 -43.02
N TYR B 554 -28.19 26.74 -42.62
CA TYR B 554 -28.30 27.09 -41.22
C TYR B 554 -29.70 26.83 -40.75
N TYR B 555 -29.81 26.20 -39.59
CA TYR B 555 -31.08 25.83 -39.05
C TYR B 555 -31.28 26.49 -37.73
N ARG B 556 -32.53 26.83 -37.42
CA ARG B 556 -32.85 27.41 -36.12
C ARG B 556 -34.24 27.04 -35.60
N LYS B 557 -34.31 26.79 -34.30
CA LYS B 557 -35.57 26.54 -33.61
C LYS B 557 -35.72 27.45 -32.41
N GLN B 558 -36.88 28.03 -32.23
CA GLN B 558 -37.16 28.82 -31.04
C GLN B 558 -37.51 27.83 -29.95
N LEU B 559 -36.80 27.88 -28.81
CA LEU B 559 -37.08 26.96 -27.73
C LEU B 559 -38.13 27.52 -26.79
N SER B 560 -38.94 26.62 -26.23
CA SER B 560 -39.95 27.02 -25.26
C SER B 560 -39.26 27.25 -23.93
N PRO B 561 -39.89 27.90 -22.94
CA PRO B 561 -39.36 28.09 -21.60
C PRO B 561 -38.98 26.80 -20.88
N LEU B 562 -39.60 25.70 -21.24
CA LEU B 562 -39.38 24.39 -20.59
C LEU B 562 -38.11 23.73 -21.05
N GLU B 563 -37.62 24.27 -22.16
CA GLU B 563 -36.43 23.85 -22.84
C GLU B 563 -35.30 24.83 -22.52
N GLY B 564 -35.59 25.80 -21.64
CA GLY B 564 -34.63 26.81 -21.22
C GLY B 564 -34.67 28.12 -21.99
N GLY B 565 -35.52 28.20 -23.01
CA GLY B 565 -35.63 29.41 -23.79
C GLY B 565 -34.48 29.56 -24.76
N GLY B 566 -34.48 30.66 -25.49
CA GLY B 566 -33.42 30.89 -26.44
C GLY B 566 -33.65 30.12 -27.72
N TRP B 567 -32.58 29.97 -28.48
CA TRP B 567 -32.64 29.31 -29.78
C TRP B 567 -31.71 28.15 -29.87
N LEU B 568 -32.12 27.12 -30.57
CA LEU B 568 -31.22 26.04 -30.86
C LEU B 568 -30.81 26.25 -32.29
N VAL B 569 -29.52 26.29 -32.59
CA VAL B 569 -29.13 26.52 -33.98
C VAL B 569 -28.13 25.47 -34.43
N ALA B 570 -28.05 25.28 -35.72
CA ALA B 570 -27.12 24.32 -36.27
C ALA B 570 -26.74 24.64 -37.67
N SER B 571 -25.62 24.14 -38.08
CA SER B 571 -25.21 24.26 -39.45
C SER B 571 -24.88 22.90 -40.01
N GLY B 572 -25.34 22.68 -41.23
CA GLY B 572 -25.04 21.44 -41.92
C GLY B 572 -23.88 21.59 -42.86
N SER B 573 -23.37 20.45 -43.29
CA SER B 573 -22.31 20.38 -44.28
C SER B 573 -22.46 19.12 -45.07
N THR B 574 -21.84 19.07 -46.25
CA THR B 574 -21.99 17.89 -47.08
C THR B 574 -20.70 17.35 -47.64
N VAL B 575 -20.76 16.07 -48.02
CA VAL B 575 -19.68 15.38 -48.70
C VAL B 575 -20.23 14.71 -49.96
N ALA B 576 -19.56 14.89 -51.08
CA ALA B 576 -20.03 14.29 -52.31
C ALA B 576 -20.12 12.80 -52.19
N MET B 577 -21.15 12.24 -52.81
CA MET B 577 -21.37 10.82 -52.80
C MET B 577 -20.40 10.09 -53.70
N THR B 578 -19.97 8.97 -53.20
CA THR B 578 -19.09 8.02 -53.80
C THR B 578 -19.82 7.01 -54.71
N GLU B 579 -19.06 6.25 -55.52
CA GLU B 579 -19.69 5.29 -56.44
C GLU B 579 -20.40 4.18 -55.70
N GLN B 580 -19.80 3.76 -54.60
CA GLN B 580 -20.39 2.74 -53.76
C GLN B 580 -20.64 3.42 -52.43
N LEU B 581 -21.75 3.13 -51.79
CA LEU B 581 -22.05 3.76 -50.53
C LEU B 581 -21.17 3.27 -49.44
N GLN B 582 -20.64 4.21 -48.70
CA GLN B 582 -19.83 3.84 -47.57
C GLN B 582 -20.69 3.97 -46.33
N MET B 583 -20.61 2.98 -45.45
CA MET B 583 -21.38 2.94 -44.21
C MET B 583 -20.56 2.67 -42.96
N GLY B 584 -20.96 3.30 -41.87
CA GLY B 584 -20.37 3.00 -40.59
C GLY B 584 -21.32 2.16 -39.76
N PHE B 585 -20.75 1.29 -38.94
CA PHE B 585 -21.51 0.48 -38.02
C PHE B 585 -20.89 0.55 -36.65
N GLY B 586 -21.57 1.10 -35.69
CA GLY B 586 -20.98 1.09 -34.35
C GLY B 586 -21.56 -0.10 -33.61
N ILE B 587 -20.75 -0.79 -32.85
CA ILE B 587 -21.26 -1.88 -32.04
C ILE B 587 -20.93 -1.64 -30.60
N THR B 588 -21.93 -1.66 -29.74
CA THR B 588 -21.68 -1.50 -28.31
C THR B 588 -22.19 -2.74 -27.59
N VAL B 589 -21.39 -3.30 -26.70
CA VAL B 589 -21.89 -4.48 -25.99
C VAL B 589 -21.89 -4.31 -24.50
N GLN B 590 -22.93 -4.82 -23.87
CA GLN B 590 -23.05 -4.78 -22.42
C GLN B 590 -22.98 -6.18 -21.87
N TYR B 591 -22.31 -6.33 -20.73
CA TYR B 591 -22.07 -7.62 -20.10
C TYR B 591 -22.78 -8.05 -18.82
N GLY B 592 -23.80 -7.37 -18.36
CA GLY B 592 -24.41 -7.88 -17.14
C GLY B 592 -25.56 -7.06 -16.59
N THR B 593 -26.53 -6.78 -17.42
CA THR B 593 -27.70 -6.01 -17.01
C THR B 593 -28.88 -6.94 -16.95
N ASP B 594 -28.67 -8.09 -17.55
CA ASP B 594 -29.66 -9.14 -17.72
C ASP B 594 -28.89 -10.43 -17.94
N THR B 595 -29.61 -11.50 -18.14
CA THR B 595 -28.99 -12.77 -18.50
C THR B 595 -28.18 -12.49 -19.79
N ASN B 596 -26.92 -12.96 -19.91
CA ASN B 596 -26.22 -12.61 -21.16
C ASN B 596 -26.65 -13.55 -22.25
N SER B 597 -27.79 -13.20 -22.81
CA SER B 597 -28.54 -13.98 -23.76
C SER B 597 -28.23 -13.70 -25.21
N VAL B 598 -27.31 -12.79 -25.47
CA VAL B 598 -26.92 -12.56 -26.86
C VAL B 598 -25.62 -13.34 -27.03
N CYS B 599 -25.69 -14.52 -27.65
CA CYS B 599 -24.54 -15.44 -27.70
C CYS B 599 -24.30 -15.89 -29.10
N PRO B 600 -23.12 -16.36 -29.47
CA PRO B 600 -22.87 -17.00 -30.73
C PRO B 600 -23.71 -18.25 -30.70
N LYS B 601 -24.13 -18.83 -31.81
CA LYS B 601 -24.87 -20.08 -31.60
C LYS B 601 -23.88 -21.18 -31.24
N LEU B 602 -24.36 -22.12 -30.44
CA LEU B 602 -23.59 -23.25 -29.98
C LEU B 602 -24.31 -24.56 -30.20
N GLU B 603 -23.61 -25.55 -30.73
CA GLU B 603 -24.21 -26.88 -30.84
C GLU B 603 -23.94 -27.55 -29.49
N PHE B 604 -24.98 -27.97 -28.77
CA PHE B 604 -24.77 -28.55 -27.46
C PHE B 604 -24.65 -30.05 -27.42
N ALA B 605 -23.69 -30.52 -26.65
CA ALA B 605 -23.53 -31.93 -26.38
C ALA B 605 -24.40 -32.24 -25.15
N ASN B 606 -24.82 -33.48 -24.98
CA ASN B 606 -25.68 -33.69 -23.75
C ASN B 606 -24.83 -34.06 -22.60
N ASP B 607 -23.53 -33.97 -22.68
CA ASP B 607 -22.67 -34.20 -21.57
C ASP B 607 -22.26 -32.86 -20.93
N THR B 608 -22.90 -31.76 -21.37
CA THR B 608 -22.64 -30.44 -20.83
C THR B 608 -23.83 -29.94 -20.07
N LYS B 609 -24.69 -30.85 -19.72
CA LYS B 609 -25.84 -30.53 -18.93
C LYS B 609 -25.43 -30.52 -17.46
N ILE B 610 -26.15 -29.76 -16.64
CA ILE B 610 -25.87 -29.75 -15.22
C ILE B 610 -26.35 -31.01 -14.53
N ALA B 611 -27.55 -31.46 -14.84
CA ALA B 611 -28.10 -32.60 -14.14
C ALA B 611 -27.22 -33.83 -14.27
N SER B 612 -26.54 -33.98 -15.41
CA SER B 612 -25.70 -35.14 -15.64
C SER B 612 -24.36 -35.09 -14.94
N GLN B 613 -24.00 -33.93 -14.35
CA GLN B 613 -22.71 -33.79 -13.69
C GLN B 613 -22.83 -33.29 -12.26
N LEU B 614 -23.92 -33.59 -11.57
CA LEU B 614 -24.04 -33.09 -10.22
C LEU B 614 -23.01 -33.73 -9.34
N GLY B 615 -22.44 -32.92 -8.45
CA GLY B 615 -21.45 -33.39 -7.50
C GLY B 615 -20.04 -33.30 -8.01
N ASN B 616 -19.88 -33.01 -9.29
CA ASN B 616 -18.55 -32.93 -9.86
C ASN B 616 -18.06 -31.51 -9.90
N CYS B 617 -16.74 -31.37 -9.93
CA CYS B 617 -16.21 -29.99 -10.21
C CYS B 617 -16.14 -29.88 -11.73
N VAL B 618 -16.83 -28.78 -12.16
CA VAL B 618 -16.88 -28.53 -13.59
C VAL B 618 -16.63 -27.08 -13.90
N GLU B 619 -16.22 -26.83 -15.12
CA GLU B 619 -16.15 -25.44 -15.55
C GLU B 619 -17.57 -25.11 -15.97
N TYR B 620 -18.01 -23.89 -15.79
CA TYR B 620 -19.33 -23.59 -16.31
C TYR B 620 -19.35 -22.33 -17.07
N SER B 621 -20.29 -22.27 -18.00
CA SER B 621 -20.62 -21.05 -18.72
C SER B 621 -22.12 -21.03 -18.85
N LEU B 622 -22.77 -20.22 -18.05
CA LEU B 622 -24.22 -20.18 -18.02
C LEU B 622 -24.67 -18.80 -18.45
N TYR B 623 -25.14 -18.67 -19.67
CA TYR B 623 -25.58 -17.39 -20.20
C TYR B 623 -24.56 -16.32 -19.94
N GLY B 624 -23.31 -16.65 -20.24
CA GLY B 624 -22.20 -15.72 -20.14
C GLY B 624 -21.53 -15.64 -18.80
N VAL B 625 -22.10 -16.30 -17.81
CA VAL B 625 -21.54 -16.27 -16.48
C VAL B 625 -20.65 -17.47 -16.34
N SER B 626 -19.42 -17.29 -15.91
CA SER B 626 -18.54 -18.43 -15.87
C SER B 626 -17.67 -18.53 -14.68
N GLY B 627 -17.14 -19.71 -14.50
CA GLY B 627 -16.26 -19.99 -13.39
C GLY B 627 -16.20 -21.47 -13.18
N ARG B 628 -15.78 -21.89 -12.01
CA ARG B 628 -15.67 -23.31 -11.70
C ARG B 628 -16.49 -23.59 -10.46
N GLY B 629 -17.09 -24.77 -10.39
CA GLY B 629 -17.84 -25.12 -9.22
C GLY B 629 -18.52 -26.44 -9.30
N VAL B 630 -19.24 -26.74 -8.25
CA VAL B 630 -19.94 -27.97 -8.09
C VAL B 630 -21.41 -27.71 -7.98
N PHE B 631 -22.19 -28.35 -8.81
CA PHE B 631 -23.64 -28.13 -8.77
C PHE B 631 -24.30 -29.18 -7.91
N GLN B 632 -25.30 -28.75 -7.16
CA GLN B 632 -26.07 -29.68 -6.35
C GLN B 632 -27.54 -29.42 -6.52
N ASN B 633 -28.36 -30.42 -6.52
CA ASN B 633 -29.79 -30.27 -6.54
C ASN B 633 -30.32 -29.75 -5.23
N CYS B 634 -31.01 -28.67 -5.11
CA CYS B 634 -31.44 -28.17 -3.84
C CYS B 634 -32.68 -27.30 -3.87
N THR B 635 -33.19 -26.89 -2.72
CA THR B 635 -34.38 -26.07 -2.62
C THR B 635 -34.15 -24.67 -3.17
N ALA B 636 -35.09 -24.21 -3.99
CA ALA B 636 -35.03 -22.90 -4.59
C ALA B 636 -35.16 -21.78 -3.61
N VAL B 637 -34.32 -20.78 -3.80
CA VAL B 637 -34.32 -19.54 -3.07
C VAL B 637 -34.18 -18.38 -4.05
N GLY B 638 -34.56 -17.19 -3.66
CA GLY B 638 -34.38 -16.03 -4.54
C GLY B 638 -35.53 -15.95 -5.54
N VAL B 639 -35.45 -15.00 -6.46
CA VAL B 639 -36.50 -14.83 -7.45
C VAL B 639 -36.17 -15.66 -8.69
N ARG B 640 -37.05 -16.57 -9.06
CA ARG B 640 -36.83 -17.47 -10.19
C ARG B 640 -36.56 -16.79 -11.48
N GLN B 641 -37.27 -15.72 -11.71
CA GLN B 641 -37.18 -14.97 -12.94
C GLN B 641 -35.84 -14.33 -13.17
N GLN B 642 -35.06 -14.18 -12.10
CA GLN B 642 -33.78 -13.53 -12.19
C GLN B 642 -32.63 -14.49 -12.49
N ARG B 643 -32.91 -15.80 -12.51
CA ARG B 643 -31.96 -16.85 -12.88
C ARG B 643 -30.73 -17.11 -12.02
N PHE B 644 -29.97 -16.08 -11.75
CA PHE B 644 -28.72 -16.24 -11.01
C PHE B 644 -28.83 -15.72 -9.59
N VAL B 645 -28.55 -16.60 -8.62
CA VAL B 645 -28.63 -16.24 -7.21
C VAL B 645 -27.23 -15.97 -6.69
N TYR B 646 -27.05 -14.81 -6.11
CA TYR B 646 -25.76 -14.39 -5.56
C TYR B 646 -25.79 -14.28 -4.06
N ASP B 647 -24.62 -14.46 -3.45
CA ASP B 647 -24.47 -14.26 -2.02
C ASP B 647 -24.05 -12.84 -1.68
N ALA B 648 -23.72 -12.62 -0.42
CA ALA B 648 -23.38 -11.32 0.12
C ALA B 648 -21.98 -10.86 -0.25
N TYR B 649 -21.20 -11.75 -0.87
CA TYR B 649 -19.85 -11.42 -1.33
C TYR B 649 -19.83 -11.38 -2.87
N GLN B 650 -21.02 -11.39 -3.46
CA GLN B 650 -21.28 -11.40 -4.89
C GLN B 650 -20.76 -12.63 -5.63
N ASN B 651 -20.72 -13.78 -4.95
CA ASN B 651 -20.34 -15.00 -5.65
C ASN B 651 -21.60 -15.61 -6.22
N LEU B 652 -21.51 -16.37 -7.30
CA LEU B 652 -22.73 -17.04 -7.74
C LEU B 652 -22.91 -18.25 -6.85
N VAL B 653 -24.06 -18.35 -6.18
CA VAL B 653 -24.27 -19.45 -5.26
C VAL B 653 -25.46 -20.31 -5.60
N GLY B 654 -26.17 -19.95 -6.65
CA GLY B 654 -27.27 -20.79 -7.06
C GLY B 654 -27.71 -20.40 -8.44
N TYR B 655 -28.43 -21.31 -9.06
CA TYR B 655 -28.88 -21.08 -10.42
C TYR B 655 -30.14 -21.79 -10.79
N TYR B 656 -31.03 -21.07 -11.45
CA TYR B 656 -32.24 -21.67 -11.96
C TYR B 656 -31.97 -22.03 -13.39
N SER B 657 -32.01 -23.32 -13.67
CA SER B 657 -31.71 -23.85 -15.00
C SER B 657 -32.89 -23.87 -15.93
N ASP B 658 -32.59 -23.89 -17.23
CA ASP B 658 -33.71 -24.02 -18.18
C ASP B 658 -34.33 -25.42 -18.18
N ASP B 659 -33.72 -26.39 -17.48
CA ASP B 659 -34.30 -27.71 -17.40
C ASP B 659 -35.35 -27.78 -16.26
N GLY B 660 -35.60 -26.65 -15.58
CA GLY B 660 -36.60 -26.54 -14.53
C GLY B 660 -36.09 -26.70 -13.10
N ASN B 661 -34.86 -27.16 -12.95
CA ASN B 661 -34.32 -27.36 -11.60
C ASN B 661 -33.52 -26.19 -11.08
N TYR B 662 -33.49 -26.10 -9.77
CA TYR B 662 -32.64 -25.14 -9.11
C TYR B 662 -31.43 -25.83 -8.55
N TYR B 663 -30.27 -25.29 -8.83
CA TYR B 663 -29.09 -25.90 -8.30
C TYR B 663 -28.35 -24.95 -7.41
N CYS B 664 -27.75 -25.51 -6.39
CA CYS B 664 -26.88 -24.75 -5.53
C CYS B 664 -25.54 -24.82 -6.20
N LEU B 665 -24.77 -23.77 -6.12
CA LEU B 665 -23.43 -23.82 -6.68
C LEU B 665 -22.41 -23.61 -5.59
N ARG B 666 -21.51 -24.54 -5.49
CA ARG B 666 -20.47 -24.48 -4.49
C ARG B 666 -19.16 -24.33 -5.20
N ALA B 667 -18.20 -23.71 -4.60
CA ALA B 667 -16.93 -23.59 -5.30
C ALA B 667 -16.28 -24.95 -5.40
N CYS B 668 -15.48 -25.16 -6.43
CA CYS B 668 -14.71 -26.36 -6.36
C CYS B 668 -13.87 -26.00 -5.16
N VAL B 669 -13.75 -26.88 -4.19
CA VAL B 669 -13.01 -26.55 -2.97
C VAL B 669 -11.73 -27.18 -2.90
N SER B 670 -10.75 -26.39 -2.54
CA SER B 670 -9.44 -26.95 -2.45
C SER B 670 -9.27 -27.73 -1.17
N VAL B 671 -8.31 -28.64 -1.16
CA VAL B 671 -8.01 -29.45 0.00
C VAL B 671 -6.79 -28.91 0.72
N PRO B 672 -6.93 -28.33 1.90
CA PRO B 672 -5.84 -27.81 2.73
C PRO B 672 -4.64 -28.70 2.81
N VAL B 673 -3.43 -28.19 2.78
CA VAL B 673 -2.25 -29.02 2.97
C VAL B 673 -1.23 -28.39 3.93
N SER B 674 -0.80 -29.17 4.91
CA SER B 674 0.28 -28.77 5.82
C SER B 674 1.35 -29.85 5.77
N VAL B 675 2.60 -29.46 5.74
CA VAL B 675 3.67 -30.44 5.68
C VAL B 675 4.30 -30.52 7.03
N ILE B 676 4.41 -31.74 7.52
CA ILE B 676 5.02 -31.98 8.81
C ILE B 676 6.43 -32.44 8.49
N TYR B 677 7.46 -31.67 8.84
CA TYR B 677 8.82 -32.04 8.43
C TYR B 677 9.82 -32.09 9.52
N ASP B 678 10.61 -33.15 9.51
CA ASP B 678 11.68 -33.30 10.45
C ASP B 678 13.02 -33.32 9.74
N LYS B 679 13.79 -32.25 9.97
CA LYS B 679 15.07 -31.96 9.36
C LYS B 679 16.15 -33.00 9.65
N GLU B 680 16.16 -33.50 10.88
CA GLU B 680 17.14 -34.49 11.30
C GLU B 680 16.92 -35.84 10.65
N THR B 681 15.66 -36.23 10.48
CA THR B 681 15.43 -37.53 9.85
C THR B 681 15.22 -37.42 8.37
N LYS B 682 14.98 -36.20 7.85
CA LYS B 682 14.65 -36.05 6.44
C LYS B 682 13.39 -36.84 6.08
N THR B 683 12.39 -36.74 6.95
CA THR B 683 11.12 -37.43 6.74
C THR B 683 9.99 -36.44 6.87
N HIS B 684 8.84 -36.80 6.33
CA HIS B 684 7.71 -35.93 6.44
C HIS B 684 6.41 -36.68 6.39
N ALA B 685 5.37 -35.96 6.75
CA ALA B 685 4.00 -36.44 6.73
C ALA B 685 3.13 -35.30 6.25
N THR B 686 2.00 -35.63 5.66
CA THR B 686 1.13 -34.60 5.13
C THR B 686 -0.20 -34.53 5.85
N LEU B 687 -0.55 -33.35 6.32
CA LEU B 687 -1.84 -33.14 7.00
C LEU B 687 -2.79 -32.36 6.15
N PHE B 688 -3.97 -32.92 5.98
CA PHE B 688 -5.02 -32.30 5.24
C PHE B 688 -6.03 -31.81 6.23
N GLY B 689 -5.81 -30.61 6.71
CA GLY B 689 -6.57 -30.17 7.84
C GLY B 689 -7.98 -29.96 7.46
N SER B 690 -8.87 -30.35 8.35
CA SER B 690 -10.32 -30.19 8.18
C SER B 690 -10.92 -31.14 7.16
N VAL B 691 -10.14 -32.05 6.60
CA VAL B 691 -10.62 -32.94 5.56
C VAL B 691 -10.85 -34.35 6.05
N ALA B 692 -12.03 -34.91 5.73
CA ALA B 692 -12.24 -36.32 6.06
C ALA B 692 -11.40 -37.16 5.09
N CYS B 693 -10.86 -38.29 5.56
CA CYS B 693 -9.99 -39.13 4.74
C CYS B 693 -10.68 -39.80 3.58
N GLU B 694 -11.99 -39.69 3.50
CA GLU B 694 -12.74 -40.26 2.39
C GLU B 694 -12.34 -39.59 1.07
N HIS B 695 -11.73 -38.40 1.15
CA HIS B 695 -11.29 -37.66 -0.04
C HIS B 695 -9.83 -37.87 -0.34
N ILE B 696 -9.14 -38.66 0.49
CA ILE B 696 -7.71 -38.80 0.30
C ILE B 696 -7.37 -40.25 0.00
N TYR B 718 1.01 -47.92 5.10
CA TYR B 718 -0.25 -47.58 5.76
C TYR B 718 -1.09 -46.63 4.92
N GLY B 719 -2.40 -46.71 5.11
CA GLY B 719 -3.32 -45.85 4.40
C GLY B 719 -3.41 -44.54 5.18
N PRO B 720 -4.34 -43.64 4.84
CA PRO B 720 -4.54 -42.37 5.49
C PRO B 720 -5.09 -42.56 6.89
N LEU B 721 -4.67 -41.72 7.84
CA LEU B 721 -5.14 -41.77 9.22
C LEU B 721 -6.04 -40.60 9.58
N GLN B 722 -7.24 -40.87 10.09
CA GLN B 722 -8.11 -39.74 10.41
C GLN B 722 -7.79 -39.29 11.81
N THR B 723 -7.49 -38.01 12.00
CA THR B 723 -7.17 -37.49 13.32
C THR B 723 -8.14 -36.36 13.64
N PRO B 724 -8.20 -35.87 14.88
CA PRO B 724 -8.97 -34.71 15.32
C PRO B 724 -8.70 -33.39 14.60
N VAL B 725 -7.60 -33.30 13.86
CA VAL B 725 -7.29 -32.07 13.13
C VAL B 725 -7.37 -32.23 11.62
N GLY B 726 -7.73 -33.41 11.13
CA GLY B 726 -7.76 -33.64 9.71
C GLY B 726 -7.21 -35.00 9.35
N CYS B 727 -7.02 -35.23 8.07
CA CYS B 727 -6.54 -36.52 7.58
C CYS B 727 -5.04 -36.48 7.42
N VAL B 728 -4.31 -37.43 7.96
CA VAL B 728 -2.87 -37.35 7.81
C VAL B 728 -2.25 -38.58 7.16
N LEU B 729 -1.46 -38.34 6.13
CA LEU B 729 -0.73 -39.42 5.45
C LEU B 729 0.72 -39.37 5.92
N GLY B 730 1.34 -40.52 6.09
CA GLY B 730 2.74 -40.50 6.49
C GLY B 730 2.92 -40.71 8.00
N LEU B 731 1.82 -40.65 8.75
CA LEU B 731 1.88 -40.91 10.17
C LEU B 731 1.29 -42.27 10.46
N VAL B 732 1.82 -42.90 11.48
CA VAL B 732 1.26 -44.16 11.96
C VAL B 732 0.77 -43.95 13.37
N ASN B 733 -0.44 -44.43 13.63
CA ASN B 733 -0.99 -44.22 15.00
C ASN B 733 -0.20 -45.09 15.99
N SER B 734 0.28 -44.38 17.07
CA SER B 734 1.13 -45.11 18.02
C SER B 734 0.60 -45.33 19.42
N SER B 735 -0.46 -44.64 19.82
CA SER B 735 -0.97 -44.74 21.21
C SER B 735 0.14 -44.55 22.23
N LEU B 736 0.94 -43.54 21.98
CA LEU B 736 2.10 -43.16 22.75
C LEU B 736 1.93 -41.73 23.20
N PHE B 737 2.42 -41.40 24.39
CA PHE B 737 2.37 -40.02 24.87
C PHE B 737 3.73 -39.34 24.96
N VAL B 738 3.71 -38.04 24.70
CA VAL B 738 4.89 -37.20 24.80
C VAL B 738 4.63 -35.97 25.64
N GLU B 739 5.71 -35.33 26.11
CA GLU B 739 5.52 -34.05 26.78
C GLU B 739 6.31 -33.09 25.90
N ASP B 740 7.37 -33.67 25.39
CA ASP B 740 8.39 -33.03 24.59
C ASP B 740 8.07 -33.02 23.11
N CYS B 741 7.05 -32.23 22.80
CA CYS B 741 6.58 -32.26 21.39
C CYS B 741 7.18 -31.10 20.60
N LYS B 742 7.78 -31.53 19.45
CA LYS B 742 8.44 -30.56 18.57
C LYS B 742 7.63 -30.26 17.33
N LEU B 743 6.72 -31.13 16.96
CA LEU B 743 5.92 -30.99 15.77
C LEU B 743 4.45 -31.11 16.10
N PRO B 744 3.88 -30.16 16.85
CA PRO B 744 2.52 -30.20 17.30
C PRO B 744 1.62 -30.10 16.10
N LEU B 745 0.55 -30.86 16.11
CA LEU B 745 -0.37 -30.83 14.97
C LEU B 745 -1.59 -30.02 15.21
N GLY B 746 -1.88 -29.77 16.47
CA GLY B 746 -3.09 -29.08 16.86
C GLY B 746 -3.83 -29.94 17.86
N GLN B 747 -4.80 -29.37 18.53
CA GLN B 747 -5.51 -30.09 19.56
C GLN B 747 -4.42 -30.62 20.48
N SER B 748 -4.35 -31.88 20.77
CA SER B 748 -3.26 -32.33 21.65
C SER B 748 -2.49 -33.42 21.00
N LEU B 749 -2.35 -33.29 19.70
CA LEU B 749 -1.65 -34.23 18.85
C LEU B 749 -0.27 -33.75 18.50
N CYS B 750 0.64 -34.69 18.28
CA CYS B 750 2.02 -34.39 17.94
C CYS B 750 2.63 -35.40 16.97
N ALA B 751 3.39 -34.92 15.99
CA ALA B 751 4.10 -35.87 15.13
C ALA B 751 5.44 -36.19 15.78
N LEU B 752 5.72 -37.46 15.91
CA LEU B 752 6.92 -37.91 16.56
C LEU B 752 7.77 -38.76 15.63
N PRO B 753 8.94 -38.33 15.18
CA PRO B 753 9.75 -39.07 14.24
C PRO B 753 10.23 -40.35 14.86
N ASP B 754 10.40 -41.37 14.02
CA ASP B 754 10.91 -42.69 14.42
C ASP B 754 12.41 -42.72 14.21
N THR B 755 13.15 -42.53 15.30
CA THR B 755 14.59 -42.39 15.27
C THR B 755 15.20 -42.50 16.64
N PRO B 768 15.67 -43.89 9.07
CA PRO B 768 14.54 -43.40 9.84
C PRO B 768 13.25 -44.03 9.36
N GLY B 769 12.26 -44.09 10.24
CA GLY B 769 10.98 -44.68 9.88
C GLY B 769 9.92 -43.62 9.61
N GLU B 770 8.68 -44.01 9.79
CA GLU B 770 7.57 -43.10 9.58
C GLU B 770 7.36 -42.30 10.84
N MET B 771 6.76 -41.13 10.73
CA MET B 771 6.48 -40.40 11.95
C MET B 771 5.30 -41.06 12.65
N ARG B 772 5.35 -41.09 13.94
CA ARG B 772 4.28 -41.60 14.76
C ARG B 772 3.29 -40.51 15.14
N LEU B 773 2.03 -40.87 15.27
CA LEU B 773 1.10 -39.91 15.80
C LEU B 773 1.00 -40.17 17.30
N ALA B 774 1.45 -39.18 18.07
CA ALA B 774 1.52 -39.24 19.51
C ALA B 774 0.58 -38.22 20.11
N SER B 775 0.14 -38.49 21.32
CA SER B 775 -0.71 -37.54 22.03
C SER B 775 0.13 -36.81 23.07
N ILE B 776 -0.18 -35.56 23.32
CA ILE B 776 0.56 -34.85 24.32
C ILE B 776 -0.06 -35.14 25.68
N ALA B 777 0.77 -35.55 26.61
CA ALA B 777 0.34 -35.90 27.94
C ALA B 777 0.07 -34.69 28.81
N PHE B 778 -0.90 -34.84 29.68
CA PHE B 778 -1.06 -33.87 30.74
C PHE B 778 -0.20 -34.42 31.86
N ASN B 779 0.67 -33.60 32.39
CA ASN B 779 1.54 -34.03 33.46
C ASN B 779 0.90 -33.70 34.80
N HIS B 780 0.33 -34.68 35.48
CA HIS B 780 -0.40 -34.41 36.70
C HIS B 780 0.51 -34.00 37.83
N PRO B 781 0.08 -33.06 38.68
CA PRO B 781 0.76 -32.60 39.85
C PRO B 781 0.68 -33.67 40.92
N ILE B 782 1.53 -33.55 41.92
CA ILE B 782 1.51 -34.50 43.01
C ILE B 782 0.19 -34.33 43.72
N GLN B 783 -0.55 -35.40 43.93
CA GLN B 783 -1.85 -35.27 44.58
C GLN B 783 -1.69 -35.34 46.07
N VAL B 784 -2.20 -34.34 46.77
CA VAL B 784 -2.07 -34.35 48.22
C VAL B 784 -3.46 -34.29 48.80
N ASP B 785 -3.84 -35.30 49.55
CA ASP B 785 -5.18 -35.39 50.11
C ASP B 785 -5.45 -34.51 51.30
N GLN B 786 -6.67 -34.04 51.41
CA GLN B 786 -7.07 -33.29 52.58
C GLN B 786 -7.54 -34.26 53.63
N LEU B 787 -7.40 -33.89 54.89
CA LEU B 787 -7.83 -34.77 55.95
C LEU B 787 -9.12 -34.32 56.59
N ASN B 788 -9.89 -35.30 56.97
CA ASN B 788 -11.16 -35.12 57.78
C ASN B 788 -10.75 -34.96 59.18
N SER B 789 -10.06 -33.99 59.60
CA SER B 789 -9.51 -33.84 60.93
C SER B 789 -9.10 -32.42 61.19
N SER B 790 -8.55 -32.20 62.37
CA SER B 790 -8.00 -30.91 62.78
C SER B 790 -6.55 -30.76 62.33
N TYR B 791 -6.03 -31.78 61.67
CA TYR B 791 -4.67 -31.80 61.14
C TYR B 791 -4.70 -31.58 59.62
N PHE B 792 -3.53 -31.46 59.02
CA PHE B 792 -3.48 -31.41 57.56
C PHE B 792 -2.27 -32.15 57.05
N LYS B 793 -2.33 -32.57 55.81
CA LYS B 793 -1.18 -33.16 55.14
C LYS B 793 -0.28 -32.11 54.55
N LEU B 794 0.99 -32.30 54.82
CA LEU B 794 2.03 -31.47 54.29
C LEU B 794 2.88 -32.21 53.33
N SER B 795 2.87 -31.81 52.09
CA SER B 795 3.75 -32.43 51.12
C SER B 795 4.99 -31.53 51.16
N ILE B 796 6.09 -32.04 51.67
CA ILE B 796 7.28 -31.23 51.89
C ILE B 796 8.50 -31.90 51.29
N PRO B 797 9.42 -31.18 50.64
CA PRO B 797 10.62 -31.69 50.01
C PRO B 797 11.53 -32.33 51.01
N THR B 798 12.29 -33.33 50.57
CA THR B 798 13.29 -33.95 51.44
C THR B 798 14.62 -33.75 50.77
N ASN B 799 14.55 -33.32 49.53
CA ASN B 799 15.74 -33.11 48.71
C ASN B 799 15.61 -31.86 47.90
N PHE B 800 16.67 -31.41 47.31
CA PHE B 800 16.62 -30.24 46.44
C PHE B 800 17.77 -30.19 45.49
N SER B 801 17.59 -29.33 44.51
CA SER B 801 18.63 -28.99 43.57
C SER B 801 18.53 -27.54 43.20
N PHE B 802 19.56 -27.02 42.61
CA PHE B 802 19.47 -25.66 42.08
C PHE B 802 19.39 -25.80 40.58
N GLY B 803 18.74 -24.89 39.94
CA GLY B 803 18.74 -24.95 38.48
C GLY B 803 18.70 -23.56 37.95
N VAL B 804 18.99 -23.41 36.67
CA VAL B 804 19.00 -22.09 36.11
C VAL B 804 17.99 -21.91 35.02
N THR B 805 17.14 -20.95 35.20
CA THR B 805 16.19 -20.63 34.17
C THR B 805 16.89 -19.56 33.37
N GLN B 806 17.04 -19.77 32.09
CA GLN B 806 17.72 -18.78 31.27
C GLN B 806 16.66 -17.95 30.61
N GLU B 807 16.90 -16.67 30.51
CA GLU B 807 15.94 -15.81 29.85
C GLU B 807 16.58 -14.74 29.04
N TYR B 808 16.10 -14.54 27.84
CA TYR B 808 16.60 -13.46 27.04
C TYR B 808 15.58 -12.39 26.86
N ILE B 809 15.98 -11.16 27.14
CA ILE B 809 15.10 -10.05 26.91
C ILE B 809 15.74 -9.12 25.91
N GLN B 810 15.04 -8.86 24.83
CA GLN B 810 15.57 -7.98 23.82
C GLN B 810 15.36 -6.56 24.28
N THR B 811 16.36 -5.71 24.20
CA THR B 811 16.12 -4.33 24.64
C THR B 811 16.19 -3.37 23.47
N THR B 812 16.84 -3.80 22.41
CA THR B 812 17.04 -2.98 21.23
C THR B 812 16.76 -3.73 19.97
N ILE B 813 16.71 -2.99 18.87
CA ILE B 813 16.67 -3.53 17.54
C ILE B 813 17.83 -2.86 16.83
N GLN B 814 18.25 -3.39 15.70
CA GLN B 814 19.29 -2.72 14.94
C GLN B 814 18.70 -1.44 14.40
N LYS B 815 19.45 -0.34 14.52
CA LYS B 815 19.03 0.96 14.04
C LYS B 815 19.44 1.12 12.60
N VAL B 816 18.48 1.45 11.75
CA VAL B 816 18.72 1.59 10.34
C VAL B 816 18.17 2.89 9.80
N THR B 817 18.92 3.52 8.92
CA THR B 817 18.41 4.69 8.22
C THR B 817 18.40 4.38 6.76
N VAL B 818 17.59 5.07 5.99
CA VAL B 818 17.55 4.81 4.58
C VAL B 818 17.72 6.05 3.75
N ASP B 819 18.58 5.99 2.75
CA ASP B 819 18.66 7.13 1.85
C ASP B 819 17.55 6.84 0.85
N CYS B 820 16.38 7.37 1.24
CA CYS B 820 15.12 7.05 0.47
C CYS B 820 15.24 7.55 -0.91
N LYS B 821 15.73 8.68 -1.20
CA LYS B 821 15.80 9.18 -2.54
C LYS B 821 16.67 8.25 -3.37
N GLN B 822 17.83 7.83 -2.82
CA GLN B 822 18.66 6.92 -3.59
C GLN B 822 18.01 5.57 -3.75
N TYR B 823 17.35 5.09 -2.70
CA TYR B 823 16.73 3.77 -2.76
C TYR B 823 15.74 3.69 -3.89
N VAL B 824 14.88 4.70 -3.97
CA VAL B 824 13.84 4.69 -4.96
C VAL B 824 14.32 4.99 -6.37
N CYS B 825 15.14 6.04 -6.52
CA CYS B 825 15.48 6.47 -7.88
C CYS B 825 16.88 6.21 -8.37
N ASN B 826 17.81 5.79 -7.52
CA ASN B 826 19.15 5.50 -7.95
C ASN B 826 19.88 6.59 -8.69
N GLY B 827 19.63 7.84 -8.35
CA GLY B 827 20.32 8.93 -8.99
C GLY B 827 19.75 9.38 -10.32
N PHE B 828 18.66 8.77 -10.77
CA PHE B 828 18.11 9.16 -12.05
C PHE B 828 17.21 10.34 -11.90
N GLN B 829 17.46 11.37 -12.68
CA GLN B 829 16.71 12.61 -12.54
C GLN B 829 15.28 12.49 -12.97
N LYS B 830 14.99 11.62 -13.94
CA LYS B 830 13.62 11.50 -14.36
C LYS B 830 12.81 10.91 -13.23
N CYS B 831 13.36 9.91 -12.59
CA CYS B 831 12.68 9.32 -11.48
C CYS B 831 12.48 10.34 -10.39
N GLU B 832 13.52 11.10 -10.07
CA GLU B 832 13.38 12.05 -8.96
C GLU B 832 12.29 13.04 -9.25
N GLN B 833 12.18 13.44 -10.51
CA GLN B 833 11.14 14.35 -10.94
C GLN B 833 9.76 13.79 -10.73
N LEU B 834 9.62 12.47 -10.91
CA LEU B 834 8.31 11.88 -10.72
C LEU B 834 8.05 11.62 -9.25
N LEU B 835 9.12 11.36 -8.50
CA LEU B 835 9.03 11.10 -7.07
C LEU B 835 8.49 12.30 -6.34
N ARG B 836 8.81 13.48 -6.82
CA ARG B 836 8.35 14.70 -6.20
C ARG B 836 6.83 14.85 -6.20
N GLU B 837 6.15 14.12 -7.06
CA GLU B 837 4.71 14.28 -7.19
C GLU B 837 3.97 13.46 -6.16
N TYR B 838 4.75 12.75 -5.34
CA TYR B 838 4.24 11.93 -4.25
C TYR B 838 4.41 12.66 -2.93
N GLY B 839 4.79 13.92 -3.00
CA GLY B 839 4.92 14.73 -1.81
C GLY B 839 6.23 14.49 -1.11
N GLN B 840 6.31 14.89 0.15
CA GLN B 840 7.58 14.77 0.84
C GLN B 840 7.70 13.38 1.43
N PHE B 841 7.72 12.41 0.54
CA PHE B 841 7.74 11.02 0.91
C PHE B 841 8.97 10.67 1.69
N CYS B 842 10.10 11.08 1.17
CA CYS B 842 11.34 10.74 1.79
C CYS B 842 11.54 11.49 3.09
N SER B 843 10.91 12.64 3.26
CA SER B 843 11.08 13.31 4.51
C SER B 843 10.39 12.48 5.57
N LYS B 844 9.26 11.90 5.20
CA LYS B 844 8.51 11.08 6.14
C LYS B 844 9.26 9.83 6.51
N ILE B 845 9.93 9.21 5.54
CA ILE B 845 10.69 8.01 5.82
C ILE B 845 11.82 8.32 6.76
N ASN B 846 12.51 9.43 6.51
CA ASN B 846 13.64 9.76 7.33
C ASN B 846 13.28 10.16 8.72
N GLN B 847 12.17 10.88 8.87
CA GLN B 847 11.79 11.33 10.19
C GLN B 847 11.25 10.19 10.99
N ALA B 848 10.52 9.28 10.35
CA ALA B 848 10.00 8.16 11.09
C ALA B 848 11.12 7.29 11.61
N LEU B 849 12.16 7.09 10.80
CA LEU B 849 13.24 6.26 11.25
C LEU B 849 14.10 6.99 12.23
N HIS B 850 14.22 8.29 12.08
CA HIS B 850 15.06 9.02 13.01
C HIS B 850 14.46 8.89 14.39
N GLY B 851 13.15 9.06 14.49
CA GLY B 851 12.49 8.94 15.77
C GLY B 851 12.62 7.54 16.34
N ALA B 852 12.44 6.53 15.47
CA ALA B 852 12.57 5.14 15.87
C ALA B 852 13.94 4.82 16.36
N ASN B 853 14.96 5.46 15.79
CA ASN B 853 16.32 5.20 16.20
C ASN B 853 16.63 5.91 17.50
N LEU B 854 16.06 7.11 17.72
CA LEU B 854 16.30 7.84 18.96
C LEU B 854 15.72 7.05 20.08
N ARG B 855 14.61 6.37 19.79
CA ARG B 855 13.94 5.57 20.78
C ARG B 855 14.82 4.51 21.36
N GLN B 856 15.75 3.94 20.59
CA GLN B 856 16.60 2.93 21.18
C GLN B 856 17.68 3.61 21.95
N ASP B 857 18.16 4.74 21.51
CA ASP B 857 19.19 5.34 22.33
C ASP B 857 18.58 5.74 23.68
N ASP B 858 17.32 6.16 23.69
CA ASP B 858 16.70 6.53 24.95
C ASP B 858 16.40 5.32 25.78
N SER B 859 16.00 4.22 25.13
CA SER B 859 15.69 2.99 25.82
C SER B 859 16.90 2.43 26.49
N VAL B 860 18.03 2.46 25.79
CA VAL B 860 19.29 1.97 26.31
C VAL B 860 19.79 2.83 27.42
N ARG B 861 19.71 4.14 27.25
CA ARG B 861 20.20 5.02 28.28
C ARG B 861 19.44 4.81 29.57
N ASN B 862 18.11 4.61 29.47
CA ASN B 862 17.26 4.43 30.63
C ASN B 862 17.49 3.09 31.27
N LEU B 863 17.68 2.07 30.45
CA LEU B 863 17.90 0.75 30.97
C LEU B 863 19.18 0.70 31.72
N PHE B 864 20.24 1.26 31.17
CA PHE B 864 21.49 1.16 31.88
C PHE B 864 21.55 2.04 33.06
N ALA B 865 20.86 3.17 33.02
CA ALA B 865 20.84 4.01 34.19
C ALA B 865 20.29 3.26 35.37
N SER B 866 19.35 2.34 35.12
CA SER B 866 18.77 1.55 36.17
C SER B 866 19.57 0.31 36.57
N VAL B 867 20.41 -0.23 35.67
CA VAL B 867 21.19 -1.41 36.07
C VAL B 867 22.32 -0.91 36.95
N LYS B 868 22.76 0.32 36.67
CA LYS B 868 23.87 0.92 37.36
C LYS B 868 23.73 0.85 38.85
N SER B 869 24.81 0.40 39.49
CA SER B 869 24.89 0.30 40.93
C SER B 869 25.35 1.62 41.54
N SER B 870 24.94 1.89 42.76
CA SER B 870 25.44 3.05 43.50
C SER B 870 26.77 2.74 44.13
N GLN B 871 26.78 1.58 44.78
CA GLN B 871 27.87 1.02 45.56
C GLN B 871 28.03 -0.41 45.06
N SER B 872 29.26 -0.91 45.01
CA SER B 872 29.52 -2.27 44.58
C SER B 872 30.85 -2.78 45.10
N SER B 873 31.00 -4.08 45.29
CA SER B 873 32.30 -4.58 45.65
C SER B 873 33.10 -4.88 44.38
N PRO B 874 34.42 -4.80 44.37
CA PRO B 874 35.27 -5.21 43.28
C PRO B 874 35.12 -6.69 42.98
N ILE B 875 35.23 -7.06 41.72
CA ILE B 875 35.24 -8.48 41.37
C ILE B 875 36.68 -8.89 41.41
N ILE B 876 37.01 -9.91 42.15
CA ILE B 876 38.38 -10.38 42.21
C ILE B 876 38.31 -11.83 41.81
N PRO B 877 39.37 -12.46 41.32
CA PRO B 877 39.36 -13.87 41.07
C PRO B 877 39.00 -14.52 42.38
N GLY B 878 38.12 -15.50 42.40
CA GLY B 878 37.80 -16.11 43.69
C GLY B 878 36.48 -15.56 44.24
N PHE B 879 35.95 -14.55 43.54
CA PHE B 879 34.68 -13.96 43.88
C PHE B 879 33.74 -15.13 43.90
N GLY B 880 32.88 -15.22 44.91
CA GLY B 880 31.95 -16.32 45.06
C GLY B 880 32.34 -17.29 46.17
N GLY B 881 33.62 -17.28 46.58
CA GLY B 881 34.01 -18.19 47.65
C GLY B 881 33.87 -19.64 47.15
N ASP B 882 33.07 -20.44 47.86
CA ASP B 882 32.85 -21.83 47.50
C ASP B 882 31.90 -21.96 46.32
N PHE B 883 31.27 -20.85 45.97
CA PHE B 883 30.33 -20.78 44.89
C PHE B 883 31.12 -20.37 43.66
N ASN B 884 31.21 -21.16 42.69
CA ASN B 884 31.96 -21.05 41.49
C ASN B 884 31.41 -20.02 40.57
N LEU B 885 31.71 -18.84 40.54
CA LEU B 885 31.18 -17.78 39.73
C LEU B 885 32.17 -17.41 38.65
N THR B 886 33.18 -18.24 38.36
CA THR B 886 34.22 -17.83 37.39
C THR B 886 33.65 -17.59 36.04
N LEU B 887 32.54 -18.28 35.76
CA LEU B 887 31.72 -18.22 34.57
C LEU B 887 31.28 -16.77 34.32
N LEU B 888 30.96 -16.09 35.41
CA LEU B 888 30.46 -14.72 35.40
C LEU B 888 31.56 -13.66 35.57
N GLU B 889 32.70 -14.02 36.15
CA GLU B 889 33.76 -13.04 36.38
C GLU B 889 34.27 -12.54 35.02
N PRO B 890 34.63 -11.27 34.86
CA PRO B 890 35.20 -10.73 33.63
C PRO B 890 36.48 -11.46 33.30
N VAL B 891 36.71 -11.73 32.03
CA VAL B 891 37.95 -12.39 31.66
C VAL B 891 39.06 -11.38 31.51
N ALA B 900 36.11 -5.87 29.73
CA ALA B 900 36.23 -7.33 29.65
C ALA B 900 34.89 -8.00 29.88
N ARG B 901 34.50 -8.85 28.95
CA ARG B 901 33.25 -9.59 29.09
C ARG B 901 33.54 -10.86 29.89
N SER B 902 32.50 -11.42 30.49
CA SER B 902 32.63 -12.67 31.24
C SER B 902 32.75 -13.85 30.30
N ALA B 903 33.15 -15.00 30.82
CA ALA B 903 33.26 -16.17 29.98
C ALA B 903 31.94 -16.60 29.37
N ILE B 904 30.86 -16.53 30.14
CA ILE B 904 29.58 -16.98 29.60
C ILE B 904 29.12 -15.99 28.56
N GLU B 905 29.41 -14.73 28.80
CA GLU B 905 29.01 -13.67 27.91
C GLU B 905 29.74 -13.82 26.57
N ASP B 906 31.04 -14.14 26.60
CA ASP B 906 31.72 -14.36 25.32
C ASP B 906 31.18 -15.58 24.64
N LEU B 907 30.83 -16.62 25.42
CA LEU B 907 30.35 -17.81 24.78
C LEU B 907 29.02 -17.54 24.12
N LEU B 908 28.18 -16.75 24.78
CA LEU B 908 26.87 -16.42 24.26
C LEU B 908 27.02 -15.71 22.95
N PHE B 909 27.94 -14.77 22.86
CA PHE B 909 28.15 -14.07 21.60
C PHE B 909 28.78 -14.95 20.54
N ASP B 910 29.75 -15.80 20.92
CA ASP B 910 30.43 -16.64 19.92
C ASP B 910 29.52 -17.65 19.27
N LYS B 911 28.52 -18.10 20.02
CA LYS B 911 27.61 -19.11 19.51
C LYS B 911 26.46 -18.58 18.69
N VAL B 912 26.33 -17.26 18.60
CA VAL B 912 25.21 -16.68 17.83
C VAL B 912 25.78 -16.18 16.51
N THR B 913 25.15 -16.53 15.39
CA THR B 913 25.72 -16.06 14.13
C THR B 913 25.20 -14.69 13.81
N ILE B 914 26.14 -13.73 13.84
CA ILE B 914 25.85 -12.32 13.65
C ILE B 914 26.75 -11.77 12.57
N ALA B 915 26.20 -11.11 11.56
CA ALA B 915 27.05 -10.51 10.54
C ALA B 915 27.77 -9.32 11.16
N ASP B 916 29.02 -9.07 10.76
CA ASP B 916 29.76 -7.92 11.26
C ASP B 916 29.40 -6.66 10.47
N PRO B 917 28.73 -5.66 11.06
CA PRO B 917 28.30 -4.45 10.40
C PRO B 917 29.45 -3.53 9.94
N GLY B 918 30.68 -3.70 10.45
CA GLY B 918 31.72 -2.85 9.92
C GLY B 918 31.60 -1.40 10.33
N TYR B 919 31.28 -1.14 11.58
CA TYR B 919 31.07 0.24 11.98
C TYR B 919 32.22 1.17 11.70
N MET B 920 33.47 0.72 11.81
CA MET B 920 34.59 1.62 11.59
C MET B 920 34.99 1.76 10.13
N GLN B 921 35.00 0.67 9.37
CA GLN B 921 35.45 0.75 7.98
C GLN B 921 34.77 -0.23 7.01
N GLY B 922 33.52 -0.60 7.26
CA GLY B 922 32.79 -1.58 6.45
C GLY B 922 32.70 -1.23 4.99
N TYR B 923 32.68 0.08 4.72
CA TYR B 923 32.62 0.59 3.37
C TYR B 923 33.76 0.01 2.56
N ASP B 924 34.93 -0.01 3.17
CA ASP B 924 36.13 -0.48 2.53
C ASP B 924 36.23 -1.98 2.54
N ASP B 925 35.74 -2.61 3.57
CA ASP B 925 35.87 -4.06 3.60
C ASP B 925 35.11 -4.64 2.42
N CYS B 926 33.98 -4.03 2.12
CA CYS B 926 33.10 -4.51 1.03
C CYS B 926 33.63 -4.17 -0.34
N MET B 927 34.70 -3.41 -0.43
CA MET B 927 35.31 -3.10 -1.70
C MET B 927 36.59 -3.92 -1.89
N GLN B 928 37.42 -4.00 -0.84
CA GLN B 928 38.69 -4.71 -0.97
C GLN B 928 38.54 -6.22 -0.86
N GLN B 929 37.49 -6.67 -0.15
CA GLN B 929 37.25 -8.09 -0.03
C GLN B 929 35.97 -8.45 -0.79
N GLY B 930 34.98 -7.55 -0.73
CA GLY B 930 33.70 -7.83 -1.34
C GLY B 930 32.80 -8.58 -0.33
N PRO B 931 31.59 -8.97 -0.73
CA PRO B 931 30.62 -9.66 0.08
C PRO B 931 31.14 -10.99 0.60
N ALA B 932 30.77 -11.31 1.85
CA ALA B 932 31.18 -12.57 2.47
C ALA B 932 30.48 -13.77 1.86
N SER B 933 29.23 -13.59 1.45
CA SER B 933 28.45 -14.68 0.88
C SER B 933 27.29 -14.17 0.07
N ALA B 934 26.44 -15.11 -0.36
CA ALA B 934 25.26 -14.71 -1.11
C ALA B 934 24.37 -13.91 -0.18
N ARG B 935 23.68 -12.91 -0.69
CA ARG B 935 22.80 -12.17 0.17
C ARG B 935 23.47 -11.55 1.39
N ASP B 936 24.60 -10.90 1.18
CA ASP B 936 25.33 -10.23 2.25
C ASP B 936 24.70 -8.87 2.48
N LEU B 937 24.00 -8.75 3.60
CA LEU B 937 23.20 -7.58 3.90
C LEU B 937 24.01 -6.46 4.49
N ILE B 938 25.28 -6.72 4.72
CA ILE B 938 26.08 -5.63 5.22
C ILE B 938 26.63 -4.94 3.98
N CYS B 939 27.10 -5.70 3.01
CA CYS B 939 27.64 -5.02 1.84
C CYS B 939 26.55 -4.42 1.00
N ALA B 940 25.33 -4.94 1.13
CA ALA B 940 24.18 -4.43 0.43
C ALA B 940 23.91 -3.01 0.79
N GLN B 941 24.39 -2.56 1.94
CA GLN B 941 24.08 -1.22 2.38
C GLN B 941 24.54 -0.14 1.42
N TYR B 942 25.70 -0.36 0.81
CA TYR B 942 26.32 0.70 0.04
C TYR B 942 25.85 0.69 -1.37
N VAL B 943 25.05 -0.32 -1.65
CA VAL B 943 24.52 -0.60 -2.96
C VAL B 943 23.06 -0.22 -3.02
N ALA B 944 22.29 -0.72 -2.04
CA ALA B 944 20.86 -0.51 -1.93
C ALA B 944 20.50 0.87 -1.44
N GLY B 945 21.35 1.53 -0.63
CA GLY B 945 20.97 2.83 -0.14
C GLY B 945 20.51 2.86 1.32
N TYR B 946 20.97 1.91 2.13
CA TYR B 946 20.57 1.91 3.54
C TYR B 946 21.78 1.79 4.41
N LYS B 947 21.67 2.22 5.65
CA LYS B 947 22.81 2.17 6.55
C LYS B 947 22.48 1.64 7.90
N VAL B 948 23.32 0.74 8.37
CA VAL B 948 23.19 0.25 9.73
C VAL B 948 23.98 1.15 10.67
N LEU B 949 23.31 1.67 11.69
CA LEU B 949 23.94 2.59 12.60
C LEU B 949 24.48 1.86 13.81
N PRO B 950 25.57 2.34 14.41
CA PRO B 950 26.13 1.80 15.61
C PRO B 950 25.22 2.05 16.81
N PRO B 951 25.30 1.20 17.83
CA PRO B 951 24.61 1.25 19.09
C PRO B 951 25.14 2.38 19.91
N LEU B 952 24.33 2.81 20.89
CA LEU B 952 24.66 3.90 21.80
C LEU B 952 25.86 3.70 22.69
N MET B 953 26.10 2.47 23.13
CA MET B 953 27.23 2.17 24.00
C MET B 953 28.14 1.14 23.35
N ASP B 954 29.46 1.26 23.55
CA ASP B 954 30.35 0.25 23.00
C ASP B 954 30.32 -0.94 23.92
N VAL B 955 30.94 -2.02 23.52
CA VAL B 955 30.99 -3.23 24.29
C VAL B 955 31.65 -3.10 25.65
N ASN B 956 32.73 -2.37 25.75
CA ASN B 956 33.36 -2.33 27.05
C ASN B 956 32.49 -1.59 28.05
N MET B 957 31.74 -0.59 27.62
CA MET B 957 30.87 0.10 28.55
C MET B 957 29.74 -0.79 29.00
N GLU B 958 29.17 -1.58 28.08
CA GLU B 958 28.09 -2.44 28.53
C GLU B 958 28.63 -3.48 29.49
N ALA B 959 29.85 -3.98 29.22
CA ALA B 959 30.45 -4.95 30.12
C ALA B 959 30.66 -4.35 31.48
N ALA B 960 31.07 -3.07 31.53
CA ALA B 960 31.30 -2.39 32.78
C ALA B 960 30.03 -2.32 33.60
N TYR B 961 28.90 -2.13 32.93
CA TYR B 961 27.67 -2.05 33.67
C TYR B 961 27.29 -3.38 34.29
N THR B 962 27.47 -4.47 33.56
CA THR B 962 27.04 -5.73 34.14
C THR B 962 28.07 -6.27 35.11
N SER B 963 29.31 -5.82 34.96
CA SER B 963 30.33 -6.25 35.88
C SER B 963 30.13 -5.59 37.21
N SER B 964 29.74 -4.30 37.19
CA SER B 964 29.53 -3.61 38.45
C SER B 964 28.28 -4.11 39.09
N LEU B 965 27.35 -4.62 38.28
CA LEU B 965 26.12 -5.19 38.77
C LEU B 965 26.43 -6.47 39.49
N LEU B 966 27.31 -7.30 38.93
CA LEU B 966 27.65 -8.57 39.56
C LEU B 966 28.18 -8.36 40.94
N GLY B 967 29.04 -7.36 41.08
CA GLY B 967 29.70 -7.09 42.34
C GLY B 967 28.83 -6.46 43.37
N SER B 968 27.64 -6.06 42.96
CA SER B 968 26.72 -5.43 43.87
C SER B 968 25.73 -6.44 44.41
N ILE B 969 25.67 -7.65 43.89
CA ILE B 969 24.55 -8.51 44.28
C ILE B 969 24.50 -8.92 45.73
N ALA B 970 25.59 -9.39 46.27
CA ALA B 970 25.57 -9.86 47.64
C ALA B 970 25.21 -8.76 48.62
N GLY B 971 25.67 -7.55 48.36
CA GLY B 971 25.47 -6.47 49.29
C GLY B 971 24.31 -5.58 49.04
N VAL B 972 23.51 -5.89 48.02
CA VAL B 972 22.41 -5.01 47.73
C VAL B 972 21.15 -5.68 48.23
N GLY B 973 20.97 -6.97 47.95
CA GLY B 973 19.76 -7.65 48.36
C GLY B 973 19.89 -8.18 49.79
N TRP B 974 20.24 -7.30 50.73
CA TRP B 974 20.53 -7.76 52.08
C TRP B 974 19.55 -7.23 53.11
N THR B 975 19.35 -5.91 53.22
CA THR B 975 18.42 -5.42 54.22
C THR B 975 17.58 -4.24 53.79
N ALA B 976 16.90 -3.63 54.76
CA ALA B 976 15.97 -2.52 54.49
C ALA B 976 16.65 -1.32 53.85
N GLY B 977 15.95 -0.69 52.90
CA GLY B 977 16.41 0.52 52.24
C GLY B 977 17.31 0.19 51.06
N LEU B 978 17.48 1.13 50.14
CA LEU B 978 18.36 0.90 49.00
C LEU B 978 19.64 1.71 49.10
N SER B 979 19.84 2.32 50.27
CA SER B 979 20.91 3.27 50.49
C SER B 979 22.23 2.79 51.05
N SER B 980 22.28 1.60 51.63
CA SER B 980 23.53 1.16 52.21
C SER B 980 23.99 -0.08 51.54
N PHE B 981 25.27 -0.34 51.58
CA PHE B 981 25.80 -1.54 50.94
C PHE B 981 26.56 -2.40 51.91
N ALA B 982 26.18 -3.65 51.96
CA ALA B 982 26.86 -4.58 52.85
C ALA B 982 27.88 -5.38 52.07
N ALA B 983 29.15 -5.11 52.24
CA ALA B 983 30.14 -5.84 51.47
C ALA B 983 30.42 -7.15 52.12
N ILE B 984 29.57 -8.12 51.82
CA ILE B 984 29.61 -9.41 52.43
C ILE B 984 29.92 -10.41 51.36
N PRO B 985 30.46 -11.58 51.68
CA PRO B 985 30.69 -12.67 50.78
C PRO B 985 29.48 -13.14 50.06
N PHE B 986 29.63 -13.55 48.83
CA PHE B 986 28.57 -14.12 48.05
C PHE B 986 27.95 -15.28 48.77
N ALA B 987 28.79 -16.15 49.31
CA ALA B 987 28.29 -17.32 50.01
C ALA B 987 27.39 -16.95 51.16
N GLN B 988 27.73 -15.88 51.86
CA GLN B 988 26.96 -15.47 53.01
C GLN B 988 25.60 -15.01 52.54
N SER B 989 25.58 -14.34 51.40
CA SER B 989 24.36 -13.87 50.79
C SER B 989 23.45 -15.01 50.42
N ILE B 990 24.04 -16.08 49.86
CA ILE B 990 23.26 -17.24 49.49
C ILE B 990 22.62 -17.87 50.69
N PHE B 991 23.36 -17.97 51.79
CA PHE B 991 22.73 -18.61 52.92
C PHE B 991 21.62 -17.77 53.47
N TYR B 992 21.72 -16.43 53.41
CA TYR B 992 20.58 -15.65 53.87
C TYR B 992 19.40 -15.83 52.95
N ARG B 993 19.66 -15.92 51.64
CA ARG B 993 18.62 -16.15 50.65
C ARG B 993 17.92 -17.48 50.80
N LEU B 994 18.66 -18.51 51.18
CA LEU B 994 18.05 -19.81 51.40
C LEU B 994 17.26 -19.81 52.69
N ASN B 995 17.77 -19.12 53.71
CA ASN B 995 17.05 -19.09 54.96
C ASN B 995 15.75 -18.39 54.80
N GLY B 996 15.75 -17.40 53.92
CA GLY B 996 14.59 -16.59 53.68
C GLY B 996 13.49 -17.27 52.92
N VAL B 997 13.75 -18.48 52.41
CA VAL B 997 12.71 -19.16 51.68
C VAL B 997 12.24 -20.39 52.42
N GLY B 998 12.69 -20.57 53.67
CA GLY B 998 12.23 -21.72 54.41
C GLY B 998 13.22 -22.81 54.71
N ILE B 999 14.51 -22.61 54.48
CA ILE B 999 15.44 -23.66 54.85
C ILE B 999 16.06 -23.21 56.16
N THR B 1000 16.01 -24.03 57.20
CA THR B 1000 16.48 -23.53 58.48
C THR B 1000 17.98 -23.40 58.54
N GLN B 1001 18.46 -22.67 59.54
CA GLN B 1001 19.89 -22.45 59.70
C GLN B 1001 20.62 -23.68 60.13
N GLN B 1002 19.96 -24.59 60.81
CA GLN B 1002 20.65 -25.81 61.20
C GLN B 1002 20.97 -26.60 59.96
N VAL B 1003 20.07 -26.57 58.99
CA VAL B 1003 20.24 -27.31 57.76
C VAL B 1003 21.30 -26.68 56.91
N LEU B 1004 21.25 -25.36 56.80
CA LEU B 1004 22.22 -24.69 55.97
C LEU B 1004 23.60 -24.84 56.54
N SER B 1005 23.71 -24.86 57.87
CA SER B 1005 25.01 -25.00 58.52
C SER B 1005 25.62 -26.37 58.32
N GLU B 1006 24.78 -27.41 58.37
CA GLU B 1006 25.27 -28.77 58.17
C GLU B 1006 25.65 -29.03 56.73
N ASN B 1007 24.92 -28.40 55.82
CA ASN B 1007 25.09 -28.61 54.40
C ASN B 1007 25.78 -27.52 53.62
N GLN B 1008 26.62 -26.68 54.22
CA GLN B 1008 27.16 -25.61 53.40
C GLN B 1008 27.96 -26.09 52.20
N LYS B 1009 28.66 -27.21 52.33
CA LYS B 1009 29.47 -27.67 51.20
C LYS B 1009 28.56 -28.33 50.19
N LEU B 1010 27.49 -28.94 50.65
CA LEU B 1010 26.56 -29.62 49.75
C LEU B 1010 25.82 -28.59 48.92
N ILE B 1011 25.46 -27.49 49.55
CA ILE B 1011 24.75 -26.41 48.91
C ILE B 1011 25.64 -25.76 47.88
N ALA B 1012 26.89 -25.47 48.25
CA ALA B 1012 27.79 -24.88 47.28
C ALA B 1012 28.00 -25.82 46.12
N ASN B 1013 28.07 -27.12 46.37
CA ASN B 1013 28.29 -28.03 45.26
C ASN B 1013 27.10 -28.08 44.35
N LYS B 1014 25.89 -28.04 44.90
CA LYS B 1014 24.72 -28.08 44.03
C LYS B 1014 24.60 -26.83 43.22
N PHE B 1015 24.95 -25.70 43.83
CA PHE B 1015 24.89 -24.43 43.13
C PHE B 1015 25.85 -24.48 41.97
N ASN B 1016 27.05 -24.99 42.24
CA ASN B 1016 28.09 -25.06 41.24
C ASN B 1016 27.72 -25.99 40.11
N GLN B 1017 26.98 -27.05 40.43
CA GLN B 1017 26.54 -27.94 39.37
C GLN B 1017 25.54 -27.22 38.50
N ALA B 1018 24.63 -26.45 39.12
CA ALA B 1018 23.61 -25.76 38.36
C ALA B 1018 24.21 -24.79 37.37
N LEU B 1019 25.27 -24.10 37.78
CA LEU B 1019 25.88 -23.14 36.86
C LEU B 1019 26.85 -23.81 35.94
N GLY B 1020 27.57 -24.82 36.41
CA GLY B 1020 28.53 -25.48 35.56
C GLY B 1020 27.86 -26.16 34.40
N ALA B 1021 26.65 -26.66 34.67
CA ALA B 1021 25.81 -27.37 33.69
C ALA B 1021 25.38 -26.50 32.55
N MET B 1022 25.45 -25.20 32.78
CA MET B 1022 25.04 -24.23 31.82
C MET B 1022 26.14 -23.87 30.84
N GLN B 1023 27.36 -24.26 31.14
CA GLN B 1023 28.47 -24.00 30.25
C GLN B 1023 28.15 -24.72 28.93
N THR B 1024 27.51 -25.88 29.06
CA THR B 1024 27.10 -26.72 27.93
C THR B 1024 25.74 -26.32 27.35
N GLY B 1025 25.12 -25.31 27.95
CA GLY B 1025 23.81 -24.79 27.59
C GLY B 1025 23.50 -24.17 26.24
N PHE B 1026 24.43 -23.44 25.63
CA PHE B 1026 24.11 -22.73 24.40
C PHE B 1026 24.07 -23.62 23.17
N THR B 1027 22.94 -24.30 23.06
CA THR B 1027 22.63 -25.28 22.04
C THR B 1027 21.20 -25.23 21.59
N THR B 1028 20.83 -26.24 20.81
CA THR B 1028 19.52 -26.34 20.14
C THR B 1028 18.35 -26.55 21.09
N THR B 1029 18.63 -27.01 22.28
CA THR B 1029 17.59 -27.29 23.24
C THR B 1029 17.37 -26.15 24.22
N ASN B 1030 18.14 -25.07 24.07
CA ASN B 1030 18.06 -23.93 24.96
C ASN B 1030 17.15 -22.84 24.40
N GLU B 1031 15.91 -22.77 24.85
CA GLU B 1031 14.97 -21.82 24.29
C GLU B 1031 15.44 -20.39 24.38
N ALA B 1032 16.03 -20.01 25.51
CA ALA B 1032 16.50 -18.64 25.66
C ALA B 1032 17.57 -18.34 24.64
N PHE B 1033 18.40 -19.32 24.37
CA PHE B 1033 19.45 -19.14 23.39
C PHE B 1033 18.84 -18.94 22.00
N GLN B 1034 17.85 -19.76 21.61
CA GLN B 1034 17.27 -19.47 20.31
C GLN B 1034 16.65 -18.09 20.28
N LYS B 1035 16.06 -17.62 21.38
CA LYS B 1035 15.50 -16.28 21.29
C LYS B 1035 16.57 -15.26 20.98
N VAL B 1036 17.81 -15.51 21.44
CA VAL B 1036 18.87 -14.57 21.13
C VAL B 1036 19.13 -14.61 19.64
N GLN B 1037 19.21 -15.82 19.07
CA GLN B 1037 19.47 -15.95 17.64
C GLN B 1037 18.32 -15.38 16.82
N ASP B 1038 17.10 -15.52 17.31
CA ASP B 1038 15.97 -15.01 16.58
C ASP B 1038 15.97 -13.51 16.57
N ALA B 1039 16.38 -12.87 17.68
CA ALA B 1039 16.43 -11.42 17.66
C ALA B 1039 17.38 -10.96 16.57
N VAL B 1040 18.46 -11.72 16.41
CA VAL B 1040 19.45 -11.46 15.40
C VAL B 1040 18.89 -11.70 14.01
N ASN B 1041 18.14 -12.78 13.86
CA ASN B 1041 17.57 -13.07 12.57
C ASN B 1041 16.54 -12.04 12.20
N ASN B 1042 15.85 -11.46 13.18
CA ASN B 1042 14.84 -10.47 12.85
C ASN B 1042 15.50 -9.22 12.32
N ASN B 1043 16.69 -8.91 12.83
CA ASN B 1043 17.37 -7.74 12.31
C ASN B 1043 17.77 -8.00 10.87
N ALA B 1044 18.21 -9.23 10.59
CA ALA B 1044 18.60 -9.55 9.24
C ALA B 1044 17.43 -9.51 8.30
N GLN B 1045 16.27 -9.96 8.76
CA GLN B 1045 15.12 -9.96 7.87
C GLN B 1045 14.71 -8.57 7.51
N ALA B 1046 14.82 -7.66 8.48
CA ALA B 1046 14.45 -6.29 8.22
C ALA B 1046 15.28 -5.70 7.12
N LEU B 1047 16.56 -6.08 7.07
CA LEU B 1047 17.45 -5.53 6.06
C LEU B 1047 17.26 -6.23 4.73
N SER B 1048 16.82 -7.49 4.78
CA SER B 1048 16.67 -8.23 3.55
C SER B 1048 15.55 -7.68 2.75
N LYS B 1049 14.60 -6.97 3.38
CA LYS B 1049 13.52 -6.46 2.57
C LYS B 1049 14.07 -5.40 1.64
N LEU B 1050 14.94 -4.55 2.15
CA LEU B 1050 15.48 -3.52 1.29
C LEU B 1050 16.43 -4.12 0.28
N ALA B 1051 17.25 -5.07 0.68
CA ALA B 1051 18.18 -5.61 -0.28
C ALA B 1051 17.50 -6.37 -1.41
N SER B 1052 16.43 -7.11 -1.10
CA SER B 1052 15.79 -7.94 -2.10
C SER B 1052 14.73 -7.32 -2.95
N GLU B 1053 14.14 -6.21 -2.52
CA GLU B 1053 13.05 -5.66 -3.28
C GLU B 1053 13.44 -4.79 -4.45
N LEU B 1054 14.69 -4.37 -4.53
CA LEU B 1054 15.06 -3.51 -5.64
C LEU B 1054 15.18 -4.25 -6.94
N SER B 1055 15.19 -5.57 -6.89
CA SER B 1055 15.28 -6.38 -8.09
C SER B 1055 13.92 -6.64 -8.71
N ASN B 1056 12.85 -6.23 -8.02
CA ASN B 1056 11.51 -6.48 -8.53
C ASN B 1056 11.15 -5.47 -9.58
N THR B 1057 10.25 -5.82 -10.49
CA THR B 1057 9.88 -4.87 -11.51
C THR B 1057 8.52 -4.31 -11.24
N PHE B 1058 7.72 -5.01 -10.44
CA PHE B 1058 6.40 -4.55 -10.11
C PHE B 1058 5.55 -4.28 -11.34
N GLY B 1059 5.73 -5.13 -12.36
CA GLY B 1059 5.01 -5.05 -13.61
C GLY B 1059 5.75 -4.28 -14.71
N ALA B 1060 6.83 -3.62 -14.35
CA ALA B 1060 7.64 -2.85 -15.28
C ALA B 1060 8.47 -3.76 -16.16
N ILE B 1061 8.94 -3.22 -17.26
CA ILE B 1061 9.79 -3.94 -18.22
C ILE B 1061 11.16 -4.26 -17.68
N SER B 1062 11.59 -3.50 -16.69
CA SER B 1062 12.85 -3.71 -16.03
C SER B 1062 12.86 -3.13 -14.65
N ALA B 1063 13.70 -3.67 -13.76
CA ALA B 1063 13.90 -3.12 -12.42
C ALA B 1063 14.85 -1.94 -12.47
N SER B 1064 15.47 -1.76 -13.62
CA SER B 1064 16.40 -0.69 -13.85
C SER B 1064 15.77 0.52 -14.49
N ILE B 1065 15.93 1.65 -13.84
CA ILE B 1065 15.43 2.89 -14.35
C ILE B 1065 16.17 3.22 -15.61
N GLY B 1066 17.47 2.96 -15.60
CA GLY B 1066 18.29 3.22 -16.76
C GLY B 1066 17.81 2.44 -18.00
N ASP B 1067 17.30 1.21 -17.83
CA ASP B 1067 16.79 0.44 -18.96
C ASP B 1067 15.52 1.03 -19.48
N ILE B 1068 14.70 1.54 -18.56
CA ILE B 1068 13.44 2.13 -18.96
C ILE B 1068 13.69 3.35 -19.77
N ILE B 1069 14.61 4.19 -19.31
CA ILE B 1069 14.92 5.41 -20.01
C ILE B 1069 15.53 5.14 -21.36
N GLN B 1070 16.46 4.19 -21.41
CA GLN B 1070 17.11 3.83 -22.64
C GLN B 1070 16.17 3.24 -23.70
N ARG B 1071 15.14 2.50 -23.28
CA ARG B 1071 14.22 1.91 -24.23
C ARG B 1071 12.98 2.71 -24.60
N LEU B 1072 12.42 3.49 -23.67
CA LEU B 1072 11.15 4.17 -23.92
C LEU B 1072 11.16 5.68 -23.95
N ASP B 1073 10.23 6.26 -24.71
CA ASP B 1073 9.99 7.69 -24.72
C ASP B 1073 9.09 8.10 -23.56
N PRO B 1074 9.16 9.34 -23.08
CA PRO B 1074 8.43 9.89 -21.94
C PRO B 1074 7.00 9.44 -21.70
N PRO B 1075 6.04 9.43 -22.61
CA PRO B 1075 4.70 9.03 -22.25
C PRO B 1075 4.60 7.59 -21.74
N GLU B 1076 5.53 6.71 -22.12
CA GLU B 1076 5.48 5.33 -21.67
C GLU B 1076 6.55 5.12 -20.62
N GLN B 1077 7.65 5.86 -20.77
CA GLN B 1077 8.80 5.81 -19.90
C GLN B 1077 8.34 6.18 -18.51
N ASP B 1078 7.43 7.17 -18.46
CA ASP B 1078 6.87 7.69 -17.23
C ASP B 1078 6.11 6.62 -16.51
N ALA B 1079 5.26 5.90 -17.23
CA ALA B 1079 4.45 4.84 -16.65
C ALA B 1079 5.28 3.74 -16.06
N GLN B 1080 6.39 3.42 -16.72
CA GLN B 1080 7.25 2.35 -16.26
C GLN B 1080 8.06 2.76 -15.05
N ILE B 1081 8.52 4.01 -15.04
CA ILE B 1081 9.29 4.48 -13.90
C ILE B 1081 8.36 4.54 -12.73
N ASP B 1082 7.14 5.01 -12.99
CA ASP B 1082 6.16 5.13 -11.96
C ASP B 1082 5.84 3.77 -11.33
N ARG B 1083 5.79 2.68 -12.13
CA ARG B 1083 5.59 1.40 -11.46
C ARG B 1083 6.69 1.10 -10.49
N LEU B 1084 7.93 1.43 -10.88
CA LEU B 1084 9.01 1.13 -9.97
C LEU B 1084 8.91 2.01 -8.74
N ILE B 1085 8.49 3.25 -8.91
CA ILE B 1085 8.36 4.12 -7.76
C ILE B 1085 7.31 3.58 -6.84
N ASN B 1086 6.15 3.21 -7.36
CA ASN B 1086 5.12 2.77 -6.45
C ASN B 1086 5.58 1.58 -5.65
N GLY B 1087 6.28 0.65 -6.29
CA GLY B 1087 6.75 -0.54 -5.60
C GLY B 1087 7.76 -0.25 -4.54
N ARG B 1088 8.62 0.73 -4.79
CA ARG B 1088 9.66 1.06 -3.86
C ARG B 1088 9.13 1.91 -2.74
N LEU B 1089 8.13 2.75 -3.02
CA LEU B 1089 7.57 3.56 -1.97
C LEU B 1089 6.85 2.63 -1.01
N THR B 1090 6.19 1.61 -1.58
CA THR B 1090 5.46 0.63 -0.80
C THR B 1090 6.40 -0.13 0.08
N THR B 1091 7.54 -0.53 -0.48
CA THR B 1091 8.53 -1.25 0.28
C THR B 1091 9.05 -0.42 1.43
N LEU B 1092 9.35 0.86 1.17
CA LEU B 1092 9.83 1.67 2.26
C LEU B 1092 8.78 1.93 3.29
N ASN B 1093 7.52 2.05 2.89
CA ASN B 1093 6.52 2.27 3.92
C ASN B 1093 6.39 1.04 4.78
N ALA B 1094 6.50 -0.15 4.16
CA ALA B 1094 6.40 -1.38 4.93
C ALA B 1094 7.55 -1.51 5.89
N PHE B 1095 8.74 -1.12 5.42
CA PHE B 1095 9.93 -1.18 6.25
C PHE B 1095 9.81 -0.30 7.44
N VAL B 1096 9.39 0.94 7.20
CA VAL B 1096 9.25 1.85 8.30
C VAL B 1096 8.19 1.37 9.23
N ALA B 1097 7.06 0.90 8.71
CA ALA B 1097 6.05 0.46 9.63
C ALA B 1097 6.59 -0.63 10.54
N GLN B 1098 7.42 -1.52 10.02
CA GLN B 1098 7.97 -2.55 10.87
C GLN B 1098 9.03 -2.03 11.79
N GLN B 1099 9.82 -1.04 11.38
CA GLN B 1099 10.81 -0.57 12.33
C GLN B 1099 10.11 0.07 13.48
N LEU B 1100 8.98 0.73 13.23
CA LEU B 1100 8.22 1.32 14.33
C LEU B 1100 7.60 0.23 15.20
N VAL B 1101 7.10 -0.85 14.60
CA VAL B 1101 6.53 -1.92 15.42
C VAL B 1101 7.60 -2.59 16.25
N ARG B 1102 8.74 -2.86 15.64
CA ARG B 1102 9.83 -3.54 16.31
C ARG B 1102 10.47 -2.68 17.37
N SER B 1103 10.56 -1.37 17.14
CA SER B 1103 11.15 -0.50 18.14
C SER B 1103 10.21 -0.29 19.30
N GLU B 1104 8.89 -0.38 19.04
CA GLU B 1104 7.94 -0.21 20.13
C GLU B 1104 8.03 -1.44 21.00
N SER B 1105 8.12 -2.61 20.35
CA SER B 1105 8.20 -3.85 21.08
C SER B 1105 9.45 -3.94 21.88
N ALA B 1106 10.58 -3.56 21.28
CA ALA B 1106 11.84 -3.60 22.00
C ALA B 1106 11.82 -2.65 23.17
N ALA B 1107 11.18 -1.49 23.03
CA ALA B 1107 11.12 -0.56 24.15
C ALA B 1107 10.32 -1.14 25.31
N LEU B 1108 9.22 -1.85 25.01
CA LEU B 1108 8.45 -2.43 26.11
C LEU B 1108 9.25 -3.48 26.78
N SER B 1109 9.97 -4.23 25.96
CA SER B 1109 10.79 -5.31 26.43
C SER B 1109 11.89 -4.75 27.29
N ALA B 1110 12.47 -3.64 26.89
CA ALA B 1110 13.50 -3.00 27.69
C ALA B 1110 13.00 -2.63 29.07
N GLN B 1111 11.73 -2.23 29.17
CA GLN B 1111 11.23 -1.92 30.51
C GLN B 1111 11.05 -3.20 31.30
N LEU B 1112 10.79 -4.32 30.63
CA LEU B 1112 10.70 -5.58 31.34
C LEU B 1112 12.07 -5.93 31.88
N ALA B 1113 13.10 -5.70 31.05
CA ALA B 1113 14.47 -5.98 31.47
C ALA B 1113 14.83 -5.14 32.67
N LYS B 1114 14.37 -3.89 32.66
CA LYS B 1114 14.61 -2.98 33.77
C LYS B 1114 14.02 -3.53 35.04
N ASP B 1115 12.78 -4.03 34.95
CA ASP B 1115 12.13 -4.58 36.11
C ASP B 1115 12.81 -5.82 36.59
N LYS B 1116 13.28 -6.66 35.69
CA LYS B 1116 13.98 -7.83 36.15
C LYS B 1116 15.29 -7.52 36.77
N VAL B 1117 16.00 -6.53 36.29
CA VAL B 1117 17.22 -6.29 37.00
C VAL B 1117 16.88 -5.87 38.41
N ASN B 1118 15.92 -4.96 38.57
CA ASN B 1118 15.63 -4.50 39.92
C ASN B 1118 14.99 -5.52 40.84
N GLU B 1119 14.15 -6.38 40.28
CA GLU B 1119 13.41 -7.39 41.02
C GLU B 1119 14.15 -8.68 41.20
N CYS B 1120 14.90 -9.20 40.29
CA CYS B 1120 15.56 -10.35 40.18
C CYS B 1120 17.04 -10.46 40.65
N VAL B 1121 17.69 -9.30 40.09
CA VAL B 1121 19.14 -9.30 40.24
C VAL B 1121 19.56 -8.51 41.45
N LYS B 1122 18.96 -7.36 41.64
CA LYS B 1122 19.31 -6.51 42.77
C LYS B 1122 18.51 -6.85 44.00
N ALA B 1123 17.68 -7.86 43.90
CA ALA B 1123 16.84 -8.29 44.98
C ALA B 1123 16.49 -9.76 44.85
N GLN B 1124 16.15 -10.38 45.97
CA GLN B 1124 15.60 -11.73 45.88
C GLN B 1124 14.10 -11.55 45.65
N SER B 1125 13.55 -12.22 44.66
CA SER B 1125 12.12 -12.05 44.39
C SER B 1125 11.28 -13.06 45.09
N LYS B 1126 10.11 -12.64 45.52
CA LYS B 1126 9.11 -13.50 46.14
C LYS B 1126 7.93 -13.75 45.21
N ARG B 1127 8.06 -13.31 43.97
CA ARG B 1127 7.01 -13.45 42.98
C ARG B 1127 7.16 -14.73 42.17
N SER B 1128 6.25 -15.67 42.36
CA SER B 1128 6.41 -16.90 41.66
C SER B 1128 6.37 -16.67 40.18
N GLY B 1129 7.33 -17.24 39.47
CA GLY B 1129 7.33 -17.21 38.03
C GLY B 1129 7.79 -15.92 37.40
N PHE B 1130 8.11 -14.92 38.21
CA PHE B 1130 8.53 -13.68 37.61
C PHE B 1130 9.91 -13.79 37.10
N CYS B 1131 10.76 -14.35 37.92
CA CYS B 1131 12.13 -14.52 37.58
C CYS B 1131 12.17 -15.89 36.92
N GLY B 1132 12.73 -16.88 37.57
CA GLY B 1132 12.73 -18.20 36.97
C GLY B 1132 11.68 -19.08 37.61
N GLN B 1133 11.81 -20.37 37.35
CA GLN B 1133 10.89 -21.34 37.94
C GLN B 1133 11.42 -21.79 39.27
N GLY B 1134 10.56 -22.29 40.13
CA GLY B 1134 11.02 -22.76 41.43
C GLY B 1134 11.11 -21.53 42.32
N THR B 1135 11.76 -21.66 43.46
CA THR B 1135 11.82 -20.51 44.35
C THR B 1135 13.05 -19.68 44.01
N HIS B 1136 12.89 -18.40 43.77
CA HIS B 1136 14.05 -17.61 43.38
C HIS B 1136 15.05 -17.41 44.50
N ILE B 1137 16.33 -17.59 44.14
CA ILE B 1137 17.41 -17.35 45.05
C ILE B 1137 18.25 -16.19 44.58
N VAL B 1138 18.87 -16.31 43.42
CA VAL B 1138 19.75 -15.23 42.94
C VAL B 1138 19.74 -15.15 41.42
N SER B 1139 19.85 -13.97 40.84
CA SER B 1139 19.97 -13.89 39.39
C SER B 1139 21.20 -13.12 38.98
N PHE B 1140 21.70 -13.44 37.80
CA PHE B 1140 22.84 -12.75 37.24
C PHE B 1140 22.49 -12.23 35.87
N VAL B 1141 23.16 -11.17 35.43
CA VAL B 1141 22.94 -10.62 34.09
C VAL B 1141 24.21 -10.41 33.29
N VAL B 1142 24.17 -10.85 32.03
CA VAL B 1142 25.26 -10.59 31.08
C VAL B 1142 24.62 -9.95 29.87
N ASN B 1143 25.41 -9.35 28.99
CA ASN B 1143 24.83 -8.76 27.81
C ASN B 1143 24.65 -9.82 26.75
N ALA B 1144 23.70 -9.58 25.88
CA ALA B 1144 23.38 -10.44 24.76
C ALA B 1144 23.37 -9.56 23.52
N PRO B 1145 23.49 -10.10 22.31
CA PRO B 1145 23.47 -9.37 21.06
C PRO B 1145 22.46 -8.24 20.91
N ASN B 1146 21.22 -8.43 21.34
CA ASN B 1146 20.26 -7.34 21.21
C ASN B 1146 19.57 -7.06 22.53
N GLY B 1147 20.27 -7.30 23.64
CA GLY B 1147 19.61 -7.12 24.94
C GLY B 1147 20.36 -7.76 26.07
N LEU B 1148 19.62 -8.22 27.08
CA LEU B 1148 20.22 -8.82 28.26
C LEU B 1148 19.90 -10.30 28.36
N TYR B 1149 20.84 -11.04 28.90
CA TYR B 1149 20.59 -12.45 29.13
C TYR B 1149 20.58 -12.67 30.65
N PHE B 1150 19.45 -13.10 31.16
CA PHE B 1150 19.24 -13.31 32.58
C PHE B 1150 19.53 -14.73 32.92
N MET B 1151 20.15 -14.88 34.06
CA MET B 1151 20.56 -16.18 34.49
C MET B 1151 19.91 -16.41 35.85
N HIS B 1152 18.73 -17.04 35.91
CA HIS B 1152 18.02 -17.04 37.19
C HIS B 1152 18.26 -18.32 37.94
N VAL B 1153 18.81 -18.27 39.15
CA VAL B 1153 19.06 -19.49 39.86
C VAL B 1153 17.95 -19.69 40.86
N GLY B 1154 17.25 -20.80 40.72
CA GLY B 1154 16.15 -21.08 41.62
C GLY B 1154 16.37 -22.34 42.38
N TYR B 1155 15.57 -22.49 43.41
CA TYR B 1155 15.57 -23.65 44.28
C TYR B 1155 14.47 -24.58 43.85
N TYR B 1156 14.86 -25.80 43.52
CA TYR B 1156 13.94 -26.78 43.04
C TYR B 1156 13.84 -27.95 43.99
N PRO B 1157 12.72 -28.15 44.64
CA PRO B 1157 12.51 -29.18 45.60
C PRO B 1157 12.35 -30.51 44.89
N SER B 1158 12.62 -31.59 45.61
CA SER B 1158 12.35 -32.91 45.10
C SER B 1158 12.11 -33.92 46.22
N ASN B 1159 11.65 -35.10 45.83
CA ASN B 1159 11.41 -36.19 46.76
C ASN B 1159 10.50 -35.77 47.89
N HIS B 1160 9.37 -35.19 47.57
CA HIS B 1160 8.46 -34.77 48.58
C HIS B 1160 7.88 -35.93 49.33
N ILE B 1161 7.65 -35.74 50.62
CA ILE B 1161 7.00 -36.74 51.45
C ILE B 1161 5.81 -36.13 52.09
N GLU B 1162 4.90 -36.95 52.56
CA GLU B 1162 3.78 -36.41 53.29
C GLU B 1162 3.92 -36.64 54.77
N VAL B 1163 3.70 -35.59 55.53
CA VAL B 1163 3.72 -35.66 56.98
C VAL B 1163 2.45 -35.03 57.51
N VAL B 1164 2.15 -35.27 58.77
CA VAL B 1164 0.98 -34.68 59.38
C VAL B 1164 1.35 -33.46 60.18
N SER B 1165 0.64 -32.36 59.91
CA SER B 1165 0.91 -31.08 60.51
C SER B 1165 -0.24 -30.49 61.30
N ALA B 1166 0.13 -29.64 62.26
CA ALA B 1166 -0.82 -28.90 63.09
C ALA B 1166 -1.00 -27.50 62.56
N TYR B 1167 -2.15 -26.90 62.85
CA TYR B 1167 -2.31 -25.49 62.47
C TYR B 1167 -1.64 -24.63 63.49
N GLY B 1168 -1.48 -25.19 64.67
CA GLY B 1168 -0.89 -24.56 65.82
C GLY B 1168 -1.04 -25.49 67.01
N LEU B 1169 -0.37 -25.12 68.10
CA LEU B 1169 -0.37 -25.90 69.33
C LEU B 1169 -0.75 -25.04 70.51
N CYS B 1170 -1.59 -25.53 71.40
CA CYS B 1170 -1.97 -24.84 72.60
C CYS B 1170 -1.65 -25.62 73.85
N ASP B 1171 -1.36 -24.96 74.92
CA ASP B 1171 -1.20 -25.68 76.18
C ASP B 1171 -2.55 -26.19 76.62
N ALA B 1172 -2.70 -27.50 76.74
CA ALA B 1172 -4.01 -28.06 77.11
C ALA B 1172 -4.47 -27.57 78.47
N ALA B 1173 -3.53 -27.36 79.40
CA ALA B 1173 -3.87 -26.89 80.75
C ALA B 1173 -4.13 -25.39 80.74
N ASN B 1174 -3.49 -24.71 79.79
CA ASN B 1174 -3.56 -23.26 79.66
C ASN B 1174 -3.92 -22.90 78.23
N PRO B 1175 -5.19 -23.11 77.84
CA PRO B 1175 -5.73 -23.10 76.48
C PRO B 1175 -5.66 -21.78 75.75
N THR B 1176 -5.34 -20.70 76.45
CA THR B 1176 -5.24 -19.42 75.78
C THR B 1176 -3.79 -19.14 75.35
N ASN B 1177 -2.87 -20.04 75.74
CA ASN B 1177 -1.46 -19.87 75.40
C ASN B 1177 -1.11 -20.75 74.20
N CYS B 1178 -1.12 -20.15 73.01
CA CYS B 1178 -0.94 -20.92 71.78
C CYS B 1178 0.15 -20.38 70.91
N ILE B 1179 0.74 -21.27 70.14
CA ILE B 1179 1.75 -20.96 69.15
C ILE B 1179 1.45 -21.47 67.77
N ALA B 1180 2.05 -20.78 66.83
CA ALA B 1180 2.00 -21.13 65.43
C ALA B 1180 3.41 -21.12 64.96
N PRO B 1181 3.78 -21.90 63.96
CA PRO B 1181 5.10 -21.94 63.40
C PRO B 1181 5.38 -20.70 62.58
N VAL B 1182 6.65 -20.34 62.49
CA VAL B 1182 7.06 -19.25 61.65
C VAL B 1182 7.90 -19.71 60.50
N ASN B 1183 7.41 -19.50 59.29
CA ASN B 1183 8.05 -19.91 58.04
C ASN B 1183 8.37 -21.39 57.99
N GLY B 1184 7.46 -22.18 58.52
CA GLY B 1184 7.62 -23.59 58.62
C GLY B 1184 6.40 -24.23 59.18
N TYR B 1185 6.54 -25.48 59.57
CA TYR B 1185 5.41 -26.25 60.05
C TYR B 1185 5.69 -26.98 61.32
N PHE B 1186 4.62 -27.23 62.07
CA PHE B 1186 4.68 -28.10 63.24
C PHE B 1186 4.27 -29.48 62.74
N ILE B 1187 5.14 -30.45 62.90
CA ILE B 1187 4.91 -31.80 62.38
C ILE B 1187 4.99 -32.86 63.46
N LYS B 1188 4.29 -33.98 63.22
CA LYS B 1188 4.34 -35.09 64.17
C LYS B 1188 5.56 -35.94 63.91
N THR B 1189 6.22 -36.36 64.97
CA THR B 1189 7.37 -37.22 64.87
C THR B 1189 7.72 -37.82 66.22
N GLU B 1197 7.18 -35.28 70.58
CA GLU B 1197 6.00 -35.52 69.76
C GLU B 1197 5.94 -34.55 68.60
N TRP B 1198 5.76 -33.28 68.92
CA TRP B 1198 5.73 -32.25 67.90
C TRP B 1198 7.09 -31.66 67.69
N SER B 1199 7.42 -31.36 66.46
CA SER B 1199 8.67 -30.71 66.16
C SER B 1199 8.44 -29.73 65.05
N TYR B 1200 9.43 -28.92 64.76
CA TYR B 1200 9.33 -27.90 63.73
C TYR B 1200 10.16 -28.22 62.51
N THR B 1201 9.66 -27.90 61.33
CA THR B 1201 10.51 -28.04 60.14
C THR B 1201 10.36 -26.77 59.31
N GLY B 1202 11.40 -26.35 58.59
CA GLY B 1202 11.29 -25.17 57.74
C GLY B 1202 10.41 -25.50 56.55
N SER B 1203 9.77 -24.51 55.95
CA SER B 1203 8.85 -24.84 54.87
C SER B 1203 9.41 -25.39 53.59
N SER B 1204 10.69 -25.18 53.33
CA SER B 1204 11.22 -25.67 52.06
C SER B 1204 12.02 -26.93 52.18
N PHE B 1205 12.21 -27.44 53.36
CA PHE B 1205 13.05 -28.61 53.44
C PHE B 1205 12.74 -29.36 54.69
N TYR B 1206 12.41 -30.63 54.55
CA TYR B 1206 12.07 -31.39 55.71
C TYR B 1206 13.27 -31.72 56.52
N ALA B 1207 13.27 -31.23 57.72
CA ALA B 1207 14.39 -31.40 58.61
C ALA B 1207 13.93 -31.06 59.99
N PRO B 1208 13.32 -31.98 60.72
CA PRO B 1208 12.72 -31.70 62.01
C PRO B 1208 13.76 -31.20 63.01
N GLU B 1209 13.36 -30.22 63.81
CA GLU B 1209 14.18 -29.64 64.85
C GLU B 1209 13.23 -29.29 65.98
N PRO B 1210 13.66 -29.08 67.21
CA PRO B 1210 12.79 -28.72 68.32
C PRO B 1210 12.04 -27.44 68.09
N ILE B 1211 10.85 -27.37 68.65
CA ILE B 1211 10.06 -26.15 68.64
C ILE B 1211 10.61 -25.27 69.74
N THR B 1212 10.98 -24.08 69.36
CA THR B 1212 11.59 -23.11 70.26
C THR B 1212 10.97 -21.77 70.03
N SER B 1213 11.32 -20.80 70.84
CA SER B 1213 10.81 -19.45 70.66
C SER B 1213 11.33 -18.77 69.40
N LEU B 1214 12.34 -19.35 68.77
CA LEU B 1214 12.91 -18.78 67.57
C LEU B 1214 12.20 -19.22 66.30
N ASN B 1215 11.28 -20.18 66.41
CA ASN B 1215 10.60 -20.69 65.22
C ASN B 1215 9.09 -20.68 65.39
N THR B 1216 8.65 -19.98 66.43
CA THR B 1216 7.24 -19.85 66.76
C THR B 1216 6.84 -18.42 67.02
N LYS B 1217 5.54 -18.19 66.95
CA LYS B 1217 4.97 -16.92 67.35
C LYS B 1217 3.76 -17.21 68.21
N TYR B 1218 3.48 -16.34 69.15
CA TYR B 1218 2.29 -16.57 69.94
C TYR B 1218 1.11 -16.07 69.18
N VAL B 1219 0.05 -16.83 69.24
CA VAL B 1219 -1.18 -16.52 68.54
C VAL B 1219 -2.41 -16.62 69.41
N ALA B 1220 -3.50 -16.06 68.93
CA ALA B 1220 -4.77 -16.25 69.60
C ALA B 1220 -5.15 -17.72 69.40
N PRO B 1221 -5.86 -18.35 70.34
CA PRO B 1221 -6.31 -19.73 70.26
C PRO B 1221 -7.32 -19.93 69.17
N GLN B 1222 -7.28 -21.10 68.54
CA GLN B 1222 -8.20 -21.48 67.49
C GLN B 1222 -8.65 -22.90 67.68
N VAL B 1223 -9.81 -23.22 67.15
CA VAL B 1223 -10.40 -24.54 67.21
C VAL B 1223 -9.58 -25.63 66.54
N THR B 1224 -8.71 -25.24 65.62
CA THR B 1224 -7.87 -26.17 64.89
C THR B 1224 -6.52 -26.41 65.52
N TYR B 1225 -6.24 -25.73 66.62
CA TYR B 1225 -4.95 -25.91 67.26
C TYR B 1225 -5.05 -27.15 68.13
N GLN B 1226 -3.95 -27.86 68.30
CA GLN B 1226 -3.96 -29.07 69.10
C GLN B 1226 -3.81 -28.77 70.55
N ASN B 1227 -4.48 -29.53 71.45
CA ASN B 1227 -4.27 -29.37 72.85
C ASN B 1227 -3.21 -30.29 73.35
N ILE B 1228 -2.04 -29.84 73.70
CA ILE B 1228 -0.96 -30.73 74.10
C ILE B 1228 -0.75 -30.67 75.61
N SER B 1229 -0.66 -31.85 76.21
CA SER B 1229 -0.55 -32.00 77.66
C SER B 1229 0.68 -32.69 78.23
N THR B 1230 1.60 -33.12 77.39
CA THR B 1230 2.77 -33.83 77.88
C THR B 1230 4.08 -33.14 77.53
N ASN B 1231 4.60 -33.46 76.38
CA ASN B 1231 5.88 -32.85 76.01
C ASN B 1231 5.67 -31.50 75.39
N LEU B 1232 5.41 -30.54 76.26
CA LEU B 1232 5.09 -29.19 75.89
C LEU B 1232 6.41 -28.56 75.48
N PRO B 1233 6.49 -27.83 74.36
CA PRO B 1233 7.68 -27.14 73.94
C PRO B 1233 7.89 -25.95 74.87
N PRO B 1234 9.12 -25.47 75.04
CA PRO B 1234 9.47 -24.32 75.83
C PRO B 1234 8.64 -23.04 75.69
N PRO B 1235 8.11 -22.60 74.54
CA PRO B 1235 7.25 -21.43 74.48
C PRO B 1235 5.93 -21.62 75.22
N LEU B 1236 5.48 -22.87 75.42
CA LEU B 1236 4.25 -23.14 76.18
C LEU B 1236 4.51 -23.53 77.63
N LEU B 1237 5.76 -23.80 78.00
CA LEU B 1237 6.05 -24.17 79.38
C LEU B 1237 6.11 -22.95 80.26
N GLY B 1238 4.94 -22.38 80.52
CA GLY B 1238 4.81 -21.13 81.27
C GLY B 1238 3.93 -21.33 82.48
N THR C 32 -43.08 1.85 -41.09
CA THR C 32 -44.02 2.32 -40.08
C THR C 32 -45.16 1.35 -39.82
N VAL C 33 -45.82 1.58 -38.71
CA VAL C 33 -46.88 0.72 -38.21
C VAL C 33 -48.26 1.30 -38.35
N ASP C 34 -49.12 0.49 -38.90
CA ASP C 34 -50.52 0.81 -39.05
C ASP C 34 -51.17 0.66 -37.68
N VAL C 35 -51.76 1.75 -37.18
CA VAL C 35 -52.34 1.80 -35.85
C VAL C 35 -53.85 2.04 -35.93
N GLY C 36 -54.42 1.65 -37.07
CA GLY C 36 -55.84 1.76 -37.31
C GLY C 36 -56.12 3.09 -37.97
N PRO C 37 -57.37 3.35 -38.31
CA PRO C 37 -57.83 4.53 -39.00
C PRO C 37 -57.82 5.77 -38.15
N ASP C 38 -57.81 6.93 -38.82
CA ASP C 38 -57.95 8.21 -38.19
C ASP C 38 -59.37 8.40 -37.69
N SER C 39 -59.55 9.22 -36.68
CA SER C 39 -60.88 9.58 -36.25
C SER C 39 -61.55 10.37 -37.36
N VAL C 40 -62.85 10.17 -37.49
CA VAL C 40 -63.63 10.84 -38.50
C VAL C 40 -64.54 11.91 -37.91
N LYS C 41 -64.37 12.21 -36.64
CA LYS C 41 -65.21 13.23 -36.05
C LYS C 41 -64.69 14.62 -36.39
N SER C 42 -65.62 15.54 -36.59
CA SER C 42 -65.33 16.95 -36.91
C SER C 42 -65.05 17.80 -35.69
N ALA C 43 -65.25 17.21 -34.54
CA ALA C 43 -65.05 17.89 -33.28
C ALA C 43 -64.67 16.92 -32.20
N CYS C 44 -63.98 17.48 -31.22
CA CYS C 44 -63.59 16.82 -30.01
C CYS C 44 -64.60 17.07 -28.91
N ILE C 45 -64.64 16.24 -27.90
CA ILE C 45 -65.50 16.55 -26.78
C ILE C 45 -64.86 17.64 -25.95
N GLU C 46 -65.68 18.62 -25.62
CA GLU C 46 -65.29 19.78 -24.84
C GLU C 46 -64.72 19.36 -23.50
N VAL C 47 -63.62 19.99 -23.11
CA VAL C 47 -62.98 19.66 -21.86
C VAL C 47 -63.02 20.81 -20.88
N ASP C 48 -63.56 20.54 -19.70
CA ASP C 48 -63.68 21.48 -18.61
C ASP C 48 -62.52 21.35 -17.63
N ILE C 49 -61.63 22.32 -17.58
CA ILE C 49 -60.50 22.18 -16.68
C ILE C 49 -60.79 22.98 -15.41
N GLN C 50 -60.93 22.30 -14.28
CA GLN C 50 -61.17 23.01 -13.02
C GLN C 50 -60.27 22.49 -11.93
N GLN C 51 -59.04 22.98 -11.89
CA GLN C 51 -58.00 22.45 -11.03
C GLN C 51 -58.35 22.48 -9.58
N THR C 52 -59.16 23.43 -9.16
CA THR C 52 -59.53 23.51 -7.76
C THR C 52 -60.03 22.18 -7.23
N PHE C 53 -60.80 21.47 -8.04
CA PHE C 53 -61.43 20.23 -7.62
C PHE C 53 -60.44 19.10 -7.45
N PHE C 54 -59.27 19.25 -8.04
CA PHE C 54 -58.26 18.23 -8.02
C PHE C 54 -57.13 18.60 -7.06
N ASP C 55 -57.27 19.73 -6.35
CA ASP C 55 -56.23 20.17 -5.42
C ASP C 55 -56.45 19.52 -4.06
N LYS C 56 -56.15 18.23 -4.00
CA LYS C 56 -56.39 17.42 -2.81
C LYS C 56 -55.11 17.10 -2.11
N THR C 57 -55.21 16.89 -0.82
CA THR C 57 -54.05 16.51 -0.02
C THR C 57 -54.25 15.13 0.58
N TRP C 58 -53.68 14.16 -0.09
CA TRP C 58 -53.77 12.74 0.22
C TRP C 58 -52.38 12.15 0.18
N PRO C 59 -51.46 12.58 1.04
CA PRO C 59 -50.05 12.25 0.95
C PRO C 59 -49.72 10.80 1.15
N ARG C 60 -48.87 10.29 0.29
CA ARG C 60 -48.39 8.92 0.36
C ARG C 60 -46.95 8.91 -0.06
N PRO C 61 -46.04 9.38 0.77
CA PRO C 61 -44.64 9.50 0.46
C PRO C 61 -43.99 8.16 0.41
N ILE C 62 -42.85 8.08 -0.22
CA ILE C 62 -42.14 6.83 -0.25
C ILE C 62 -41.67 6.43 1.11
N ASP C 63 -42.05 5.21 1.49
CA ASP C 63 -41.59 4.63 2.73
C ASP C 63 -40.59 3.55 2.35
N VAL C 64 -39.33 3.86 2.46
CA VAL C 64 -38.32 2.93 1.99
C VAL C 64 -38.27 1.72 2.89
N SER C 65 -38.65 1.88 4.17
CA SER C 65 -38.63 0.78 5.13
C SER C 65 -39.65 -0.28 4.82
N LYS C 66 -40.58 0.04 3.91
CA LYS C 66 -41.64 -0.85 3.48
C LYS C 66 -41.34 -1.27 2.01
N ALA C 67 -40.15 -0.85 1.54
CA ALA C 67 -39.60 -1.00 0.21
C ALA C 67 -40.46 -0.39 -0.91
N ASP C 68 -41.08 0.77 -0.63
CA ASP C 68 -41.86 1.43 -1.67
C ASP C 68 -40.99 1.90 -2.81
N GLY C 69 -41.46 1.69 -4.03
CA GLY C 69 -40.81 2.24 -5.20
C GLY C 69 -39.58 1.52 -5.68
N ILE C 70 -39.27 0.38 -5.11
CA ILE C 70 -38.06 -0.29 -5.52
C ILE C 70 -38.13 -1.21 -6.71
N ILE C 71 -37.23 -0.94 -7.63
CA ILE C 71 -36.98 -1.72 -8.80
C ILE C 71 -35.93 -2.72 -8.37
N TYR C 72 -36.20 -3.99 -8.60
CA TYR C 72 -35.34 -5.07 -8.15
C TYR C 72 -34.01 -5.02 -8.93
N PRO C 73 -32.82 -5.34 -8.36
CA PRO C 73 -31.57 -5.34 -9.10
C PRO C 73 -31.84 -6.19 -10.32
N GLN C 74 -31.48 -5.70 -11.49
CA GLN C 74 -31.93 -6.35 -12.70
C GLN C 74 -31.33 -7.63 -13.20
N GLY C 75 -30.05 -7.85 -13.05
CA GLY C 75 -29.51 -9.05 -13.66
C GLY C 75 -29.35 -10.23 -12.74
N ARG C 76 -29.86 -10.12 -11.53
CA ARG C 76 -29.63 -11.16 -10.55
C ARG C 76 -30.58 -11.13 -9.40
N THR C 77 -30.52 -12.16 -8.59
CA THR C 77 -31.25 -12.18 -7.34
C THR C 77 -30.33 -12.57 -6.21
N TYR C 78 -30.83 -12.35 -5.01
CA TYR C 78 -30.13 -12.63 -3.78
C TYR C 78 -31.09 -13.31 -2.83
N SER C 79 -30.58 -14.04 -1.85
CA SER C 79 -31.44 -14.70 -0.89
C SER C 79 -31.02 -14.62 0.55
N ASN C 80 -31.91 -14.07 1.37
CA ASN C 80 -31.69 -13.99 2.80
C ASN C 80 -30.42 -13.15 3.16
N ILE C 81 -30.15 -12.07 2.48
CA ILE C 81 -28.98 -11.25 2.82
C ILE C 81 -29.33 -9.80 2.92
N THR C 82 -28.50 -9.04 3.60
CA THR C 82 -28.64 -7.59 3.57
C THR C 82 -27.39 -6.97 2.94
N ILE C 83 -27.57 -6.27 1.83
CA ILE C 83 -26.42 -5.63 1.16
C ILE C 83 -26.74 -4.22 0.72
N THR C 84 -25.72 -3.40 0.50
CA THR C 84 -26.02 -2.14 -0.16
C THR C 84 -26.01 -2.35 -1.65
N TYR C 85 -26.74 -1.49 -2.35
CA TYR C 85 -26.85 -1.55 -3.78
C TYR C 85 -27.03 -0.18 -4.39
N GLN C 86 -26.32 0.06 -5.46
CA GLN C 86 -26.40 1.31 -6.21
C GLN C 86 -27.36 1.20 -7.38
N GLY C 87 -28.33 2.11 -7.46
CA GLY C 87 -29.28 2.05 -8.56
C GLY C 87 -30.27 3.18 -8.54
N LEU C 88 -31.26 3.14 -9.43
CA LEU C 88 -32.22 4.24 -9.49
C LEU C 88 -33.36 3.97 -8.57
N PHE C 89 -33.47 4.83 -7.56
CA PHE C 89 -34.44 4.72 -6.50
C PHE C 89 -35.08 6.07 -6.22
N PRO C 90 -36.30 6.12 -5.70
CA PRO C 90 -36.96 7.31 -5.23
C PRO C 90 -36.34 7.68 -3.86
N TYR C 91 -36.44 8.91 -3.42
CA TYR C 91 -35.92 9.32 -2.15
C TYR C 91 -36.89 8.98 -1.02
N GLN C 92 -36.33 8.60 0.11
CA GLN C 92 -37.17 8.40 1.30
C GLN C 92 -37.88 9.68 1.62
N GLY C 93 -39.20 9.58 1.83
CA GLY C 93 -39.97 10.74 2.19
C GLY C 93 -40.51 11.55 1.04
N ASP C 94 -40.19 11.16 -0.18
CA ASP C 94 -40.65 11.92 -1.33
C ASP C 94 -42.13 11.77 -1.49
N HIS C 95 -42.84 12.89 -1.48
CA HIS C 95 -44.30 12.89 -1.64
C HIS C 95 -44.71 12.63 -3.06
N GLY C 96 -43.86 13.00 -3.99
CA GLY C 96 -44.15 12.83 -5.39
C GLY C 96 -45.21 13.79 -5.83
N ASP C 97 -45.72 13.52 -7.01
CA ASP C 97 -46.74 14.34 -7.62
C ASP C 97 -48.02 13.54 -7.70
N MET C 98 -49.06 14.00 -7.05
CA MET C 98 -50.30 13.25 -7.09
C MET C 98 -51.17 13.67 -8.25
N TYR C 99 -51.74 12.67 -8.92
CA TYR C 99 -52.66 12.94 -10.00
C TYR C 99 -53.93 12.15 -9.80
N VAL C 100 -55.08 12.75 -10.04
CA VAL C 100 -56.31 11.97 -9.90
C VAL C 100 -57.21 12.19 -11.09
N TYR C 101 -57.76 11.11 -11.60
CA TYR C 101 -58.69 11.13 -12.70
C TYR C 101 -60.10 11.19 -12.15
N SER C 102 -61.03 11.78 -12.88
CA SER C 102 -62.41 11.89 -12.43
C SER C 102 -63.46 11.54 -13.46
N ALA C 103 -64.70 11.60 -12.98
CA ALA C 103 -65.87 11.45 -13.81
C ALA C 103 -66.10 12.76 -14.55
N GLY C 104 -66.68 12.67 -15.73
CA GLY C 104 -67.02 13.85 -16.47
C GLY C 104 -68.35 14.39 -16.01
N HIS C 105 -68.82 15.42 -16.69
CA HIS C 105 -70.08 16.07 -16.39
C HIS C 105 -71.18 15.22 -16.95
N ALA C 106 -72.34 15.26 -16.34
CA ALA C 106 -73.48 14.50 -16.82
C ALA C 106 -74.77 15.19 -16.48
N THR C 107 -75.84 14.68 -17.05
CA THR C 107 -77.17 15.11 -16.66
C THR C 107 -77.98 13.84 -16.70
N GLY C 108 -78.16 13.21 -15.55
CA GLY C 108 -78.86 11.95 -15.55
C GLY C 108 -78.08 10.91 -16.35
N THR C 109 -78.74 10.34 -17.34
CA THR C 109 -78.19 9.28 -18.18
C THR C 109 -77.42 9.69 -19.42
N THR C 110 -77.26 10.98 -19.64
CA THR C 110 -76.53 11.44 -20.81
C THR C 110 -75.27 12.21 -20.44
N PRO C 111 -74.08 11.56 -20.45
CA PRO C 111 -72.79 12.14 -20.14
C PRO C 111 -72.58 13.31 -21.03
N GLN C 112 -71.88 14.33 -20.55
CA GLN C 112 -71.65 15.51 -21.34
C GLN C 112 -70.20 15.83 -21.57
N LYS C 113 -69.73 16.87 -20.90
CA LYS C 113 -68.41 17.46 -21.00
C LYS C 113 -67.39 16.69 -20.18
N LEU C 114 -66.13 16.68 -20.62
CA LEU C 114 -65.14 15.95 -19.82
C LEU C 114 -64.68 16.86 -18.70
N PHE C 115 -64.33 16.27 -17.56
CA PHE C 115 -63.88 17.06 -16.42
C PHE C 115 -62.48 16.66 -16.00
N VAL C 116 -61.53 17.58 -16.17
CA VAL C 116 -60.14 17.28 -15.90
C VAL C 116 -59.42 18.32 -15.05
N ALA C 117 -58.25 17.90 -14.61
CA ALA C 117 -57.25 18.71 -13.95
C ALA C 117 -56.37 19.38 -15.00
N ASN C 118 -55.56 20.35 -14.61
CA ASN C 118 -54.64 21.01 -15.59
C ASN C 118 -53.43 20.15 -15.82
N TYR C 119 -53.54 18.92 -16.20
CA TYR C 119 -52.40 18.03 -16.29
C TYR C 119 -51.67 18.09 -17.59
N SER C 120 -52.36 18.36 -18.69
CA SER C 120 -51.68 18.26 -19.98
C SER C 120 -50.68 19.34 -20.18
N GLN C 121 -50.86 20.43 -19.45
CA GLN C 121 -50.02 21.61 -19.55
C GLN C 121 -48.90 21.58 -18.53
N ASP C 122 -48.97 20.64 -17.60
CA ASP C 122 -48.00 20.52 -16.53
C ASP C 122 -46.88 19.57 -16.98
N VAL C 123 -45.93 20.08 -17.72
CA VAL C 123 -44.89 19.23 -18.28
C VAL C 123 -43.70 19.17 -17.35
N LYS C 124 -43.27 17.96 -17.05
CA LYS C 124 -42.18 17.75 -16.13
C LYS C 124 -40.93 17.29 -16.80
N GLN C 125 -39.80 17.55 -16.15
CA GLN C 125 -38.55 17.06 -16.68
C GLN C 125 -38.46 15.58 -16.31
N PHE C 126 -38.14 14.73 -17.28
CA PHE C 126 -38.02 13.28 -17.11
C PHE C 126 -36.84 12.86 -16.28
N ALA C 127 -35.69 13.47 -16.52
CA ALA C 127 -34.47 13.13 -15.82
C ALA C 127 -34.14 11.65 -15.94
N ASN C 128 -34.15 10.92 -14.82
CA ASN C 128 -33.77 9.52 -14.84
C ASN C 128 -34.97 8.60 -14.89
N GLY C 129 -36.16 9.16 -15.01
CA GLY C 129 -37.35 8.34 -15.00
C GLY C 129 -38.07 8.41 -13.69
N PHE C 130 -39.10 7.60 -13.58
CA PHE C 130 -39.99 7.63 -12.44
C PHE C 130 -40.69 6.33 -12.13
N VAL C 131 -41.23 6.27 -10.92
CA VAL C 131 -42.05 5.16 -10.50
C VAL C 131 -43.39 5.69 -10.10
N VAL C 132 -44.42 4.87 -10.25
CA VAL C 132 -45.75 5.30 -9.96
C VAL C 132 -46.47 4.36 -9.02
N ARG C 133 -47.08 4.92 -7.98
CA ARG C 133 -47.86 4.16 -7.03
C ARG C 133 -49.28 4.16 -7.59
N ILE C 134 -49.83 2.99 -7.96
CA ILE C 134 -51.15 2.92 -8.60
C ILE C 134 -52.21 2.17 -7.79
N GLY C 135 -53.33 2.82 -7.49
CA GLY C 135 -54.41 2.16 -6.76
C GLY C 135 -54.26 2.06 -5.25
N ALA C 136 -53.43 2.89 -4.64
CA ALA C 136 -53.21 2.80 -3.21
C ALA C 136 -54.45 2.96 -2.38
N ALA C 137 -55.37 3.77 -2.83
CA ALA C 137 -56.59 4.03 -2.10
C ALA C 137 -57.71 3.07 -2.45
N ALA C 138 -57.46 2.10 -3.32
CA ALA C 138 -58.55 1.23 -3.69
C ALA C 138 -59.12 0.57 -2.46
N ASN C 139 -60.45 0.38 -2.53
CA ASN C 139 -61.34 -0.21 -1.52
C ASN C 139 -61.67 0.75 -0.40
N SER C 140 -61.11 1.94 -0.38
CA SER C 140 -61.43 2.90 0.64
C SER C 140 -62.60 3.70 0.15
N THR C 141 -63.37 4.31 1.04
CA THR C 141 -64.39 5.20 0.54
C THR C 141 -63.72 6.51 0.19
N GLY C 142 -64.02 7.01 -1.00
CA GLY C 142 -63.46 8.27 -1.45
C GLY C 142 -64.47 9.20 -1.96
N THR C 143 -64.00 10.17 -2.71
CA THR C 143 -64.84 11.19 -3.25
C THR C 143 -64.90 11.13 -4.74
N VAL C 144 -66.04 11.53 -5.24
CA VAL C 144 -66.16 11.72 -6.65
C VAL C 144 -65.66 13.15 -6.86
N ILE C 145 -64.62 13.35 -7.63
CA ILE C 145 -64.01 14.68 -7.68
C ILE C 145 -64.94 15.75 -8.18
N ILE C 146 -65.69 15.43 -9.21
CA ILE C 146 -66.63 16.34 -9.82
C ILE C 146 -67.77 16.74 -8.90
N SER C 147 -68.07 15.90 -7.92
CA SER C 147 -69.13 16.15 -6.96
C SER C 147 -68.63 15.83 -5.56
N PRO C 148 -68.00 16.78 -4.85
CA PRO C 148 -67.35 16.64 -3.56
C PRO C 148 -68.24 16.05 -2.46
N SER C 149 -69.55 16.26 -2.56
CA SER C 149 -70.47 15.73 -1.56
C SER C 149 -70.85 14.29 -1.80
N THR C 150 -70.47 13.76 -2.95
CA THR C 150 -70.78 12.39 -3.33
C THR C 150 -69.60 11.49 -3.01
N SER C 151 -69.88 10.42 -2.28
CA SER C 151 -68.86 9.45 -1.95
C SER C 151 -69.07 8.18 -2.74
N ALA C 152 -67.99 7.46 -2.93
CA ALA C 152 -68.04 6.19 -3.64
C ALA C 152 -66.85 5.35 -3.25
N THR C 153 -66.93 4.04 -3.43
CA THR C 153 -65.76 3.19 -3.22
C THR C 153 -64.71 3.52 -4.26
N ILE C 154 -63.46 3.67 -3.83
CA ILE C 154 -62.35 3.97 -4.71
C ILE C 154 -61.90 2.77 -5.51
N ARG C 155 -61.76 2.96 -6.82
CA ARG C 155 -61.30 1.91 -7.70
C ARG C 155 -59.98 2.26 -8.36
N LYS C 156 -59.16 1.26 -8.59
CA LYS C 156 -57.90 1.50 -9.27
C LYS C 156 -58.08 1.92 -10.70
N ILE C 157 -57.30 2.91 -11.09
CA ILE C 157 -57.27 3.38 -12.43
C ILE C 157 -55.81 3.51 -12.86
N TYR C 158 -55.48 3.28 -14.11
CA TYR C 158 -54.12 3.35 -14.55
C TYR C 158 -53.82 4.68 -15.15
N PRO C 159 -52.63 5.20 -14.92
CA PRO C 159 -52.15 6.44 -15.42
C PRO C 159 -51.87 6.40 -16.89
N ALA C 160 -52.03 7.53 -17.55
CA ALA C 160 -51.66 7.64 -18.95
C ALA C 160 -50.53 8.64 -19.06
N PHE C 161 -49.55 8.36 -19.89
CA PHE C 161 -48.41 9.27 -20.01
C PHE C 161 -48.08 9.64 -21.42
N MET C 162 -47.58 10.85 -21.58
CA MET C 162 -47.06 11.30 -22.86
C MET C 162 -45.61 11.71 -22.61
N LEU C 163 -44.67 11.13 -23.34
CA LEU C 163 -43.25 11.40 -23.11
C LEU C 163 -42.48 11.79 -24.38
N GLY C 164 -41.49 12.66 -24.27
CA GLY C 164 -40.76 12.95 -25.48
C GLY C 164 -39.54 13.82 -25.31
N SER C 165 -38.96 14.17 -26.45
CA SER C 165 -37.72 14.92 -26.55
C SER C 165 -37.89 16.42 -26.56
N SER C 166 -39.03 16.89 -27.00
CA SER C 166 -39.25 18.32 -27.17
C SER C 166 -40.67 18.70 -26.97
N VAL C 167 -40.85 19.83 -26.28
CA VAL C 167 -42.17 20.35 -25.98
C VAL C 167 -42.33 21.81 -26.35
N GLY C 168 -43.57 22.23 -26.43
CA GLY C 168 -43.90 23.60 -26.72
C GLY C 168 -45.37 23.78 -26.63
N ASN C 169 -45.87 24.82 -27.25
CA ASN C 169 -47.27 25.12 -27.18
C ASN C 169 -48.07 24.70 -28.39
N PHE C 170 -49.37 24.77 -28.24
CA PHE C 170 -50.38 24.53 -29.24
C PHE C 170 -50.75 25.83 -29.92
N SER C 171 -51.68 25.79 -30.84
CA SER C 171 -52.05 26.91 -31.67
C SER C 171 -52.48 28.12 -30.89
N ASP C 172 -53.18 27.92 -29.77
CA ASP C 172 -53.63 29.07 -29.00
C ASP C 172 -52.68 29.51 -27.89
N GLY C 173 -51.48 28.95 -27.84
CA GLY C 173 -50.52 29.30 -26.82
C GLY C 173 -50.50 28.41 -25.59
N LYS C 174 -51.41 27.44 -25.48
CA LYS C 174 -51.36 26.59 -24.30
C LYS C 174 -50.24 25.59 -24.43
N MET C 175 -49.58 25.26 -23.32
CA MET C 175 -48.50 24.30 -23.41
C MET C 175 -48.93 22.87 -23.31
N GLY C 176 -48.01 21.99 -23.67
CA GLY C 176 -48.28 20.57 -23.57
C GLY C 176 -48.16 19.88 -24.91
N ARG C 177 -47.74 20.60 -25.94
CA ARG C 177 -47.56 19.97 -27.21
C ARG C 177 -46.21 19.31 -27.26
N PHE C 178 -46.17 18.08 -27.77
CA PHE C 178 -44.93 17.36 -27.95
C PHE C 178 -44.61 17.31 -29.43
N PHE C 179 -43.34 17.41 -29.76
CA PHE C 179 -42.94 17.44 -31.16
C PHE C 179 -42.23 16.18 -31.56
N ASN C 180 -42.31 15.90 -32.85
CA ASN C 180 -41.60 14.72 -33.42
C ASN C 180 -42.26 13.48 -32.76
N HIS C 181 -41.37 12.45 -32.59
CA HIS C 181 -41.97 11.26 -32.01
C HIS C 181 -42.14 11.35 -30.55
N THR C 182 -43.33 10.99 -30.13
CA THR C 182 -43.74 11.03 -28.76
C THR C 182 -44.14 9.65 -28.33
N LEU C 183 -43.72 9.26 -27.15
CA LEU C 183 -44.08 7.99 -26.59
C LEU C 183 -45.33 8.14 -25.77
N VAL C 184 -46.32 7.35 -26.09
CA VAL C 184 -47.55 7.42 -25.36
C VAL C 184 -47.81 6.09 -24.70
N LEU C 185 -48.03 6.16 -23.40
CA LEU C 185 -48.39 4.98 -22.63
C LEU C 185 -49.85 5.17 -22.27
N LEU C 186 -50.73 4.46 -22.93
CA LEU C 186 -52.14 4.70 -22.76
C LEU C 186 -52.90 3.44 -22.37
N PRO C 187 -53.33 3.27 -21.14
CA PRO C 187 -54.06 2.11 -20.71
C PRO C 187 -55.38 2.16 -21.41
N ASP C 188 -55.93 0.98 -21.69
CA ASP C 188 -57.19 0.91 -22.41
C ASP C 188 -57.96 -0.33 -21.98
N GLY C 189 -59.13 -0.51 -22.58
CA GLY C 189 -59.94 -1.70 -22.29
C GLY C 189 -60.47 -1.65 -20.90
N CYS C 190 -60.74 -0.46 -20.39
CA CYS C 190 -61.24 -0.27 -19.04
C CYS C 190 -60.23 -0.84 -18.03
N GLY C 191 -58.94 -0.64 -18.30
CA GLY C 191 -57.90 -1.12 -17.38
C GLY C 191 -57.41 -2.56 -17.65
N THR C 192 -57.62 -3.09 -18.85
CA THR C 192 -57.17 -4.46 -19.11
C THR C 192 -55.92 -4.52 -19.98
N LEU C 193 -55.56 -3.43 -20.63
CA LEU C 193 -54.34 -3.47 -21.42
C LEU C 193 -53.55 -2.19 -21.32
N LEU C 194 -52.25 -2.29 -21.42
CA LEU C 194 -51.42 -1.12 -21.57
C LEU C 194 -50.98 -0.99 -22.99
N ARG C 195 -51.29 0.12 -23.65
CA ARG C 195 -50.85 0.29 -25.02
C ARG C 195 -49.74 1.30 -25.14
N ALA C 196 -48.60 0.85 -25.61
CA ALA C 196 -47.42 1.71 -25.74
C ALA C 196 -47.12 1.98 -27.19
N PHE C 197 -47.03 3.25 -27.57
CA PHE C 197 -46.72 3.53 -28.96
C PHE C 197 -45.84 4.72 -29.11
N TYR C 198 -45.08 4.75 -30.18
CA TYR C 198 -44.16 5.86 -30.41
C TYR C 198 -44.51 6.41 -31.75
N CYS C 199 -44.96 7.65 -31.73
CA CYS C 199 -45.56 8.16 -33.01
C CYS C 199 -45.50 9.69 -32.98
N ILE C 200 -45.81 10.26 -34.17
CA ILE C 200 -45.90 11.71 -34.24
C ILE C 200 -47.34 12.09 -34.02
N LEU C 201 -47.56 13.03 -33.12
CA LEU C 201 -48.92 13.43 -32.83
C LEU C 201 -49.22 14.71 -33.55
N GLU C 202 -50.15 14.64 -34.49
CA GLU C 202 -50.53 15.76 -35.32
C GLU C 202 -51.84 16.34 -34.83
N PRO C 203 -51.87 17.50 -34.21
CA PRO C 203 -53.07 18.04 -33.64
C PRO C 203 -54.15 18.18 -34.68
N ARG C 204 -55.36 17.76 -34.33
CA ARG C 204 -56.49 17.91 -35.21
C ARG C 204 -57.04 19.29 -35.08
N SER C 205 -57.63 19.78 -36.14
CA SER C 205 -58.15 21.14 -36.24
C SER C 205 -59.62 21.36 -35.95
N GLY C 206 -60.31 20.32 -35.55
CA GLY C 206 -61.75 20.45 -35.34
C GLY C 206 -62.07 21.18 -34.04
N ASN C 207 -63.35 21.25 -33.75
CA ASN C 207 -63.79 22.04 -32.60
C ASN C 207 -63.30 21.42 -31.31
N HIS C 208 -62.65 22.23 -30.47
CA HIS C 208 -62.10 21.82 -29.17
C HIS C 208 -60.88 20.91 -29.30
N CYS C 209 -60.32 20.82 -30.48
CA CYS C 209 -59.14 20.00 -30.69
C CYS C 209 -57.96 20.97 -30.61
N PRO C 210 -56.74 20.52 -30.37
CA PRO C 210 -55.54 21.36 -30.21
C PRO C 210 -55.14 22.29 -31.34
N ALA C 211 -55.56 22.02 -32.58
CA ALA C 211 -55.24 22.96 -33.65
C ALA C 211 -56.50 23.71 -34.08
N GLY C 212 -57.58 23.57 -33.31
CA GLY C 212 -58.85 24.18 -33.64
C GLY C 212 -59.29 25.28 -32.68
N ASN C 213 -60.59 25.57 -32.69
CA ASN C 213 -61.16 26.61 -31.86
C ASN C 213 -61.42 27.19 -30.48
N SER C 214 -61.85 26.32 -29.57
CA SER C 214 -62.07 26.70 -28.17
C SER C 214 -61.36 25.53 -27.51
N TYR C 215 -60.05 25.45 -27.71
CA TYR C 215 -59.24 24.42 -27.11
C TYR C 215 -58.82 24.80 -25.72
N THR C 216 -58.89 23.82 -24.85
CA THR C 216 -58.51 23.90 -23.46
C THR C 216 -57.40 22.91 -23.18
N SER C 217 -57.76 21.66 -23.13
CA SER C 217 -56.86 20.55 -22.96
C SER C 217 -57.37 19.35 -23.68
N PHE C 218 -56.49 18.55 -24.19
CA PHE C 218 -56.89 17.30 -24.77
C PHE C 218 -57.11 16.37 -23.62
N ALA C 219 -57.87 15.34 -23.80
CA ALA C 219 -58.05 14.37 -22.73
C ALA C 219 -58.47 13.07 -23.33
N THR C 220 -58.22 11.99 -22.64
CA THR C 220 -58.76 10.73 -23.09
C THR C 220 -59.99 10.42 -22.26
N TYR C 221 -60.77 9.49 -22.75
CA TYR C 221 -61.94 9.08 -22.02
C TYR C 221 -62.40 7.73 -22.47
N HIS C 222 -63.24 7.14 -21.69
CA HIS C 222 -63.95 5.95 -22.09
C HIS C 222 -65.34 6.18 -21.55
N THR C 223 -66.32 5.47 -22.12
CA THR C 223 -67.73 5.56 -21.72
C THR C 223 -68.20 4.21 -21.23
N PRO C 224 -68.12 3.89 -19.93
CA PRO C 224 -68.42 2.61 -19.35
C PRO C 224 -69.69 1.99 -19.84
N ALA C 225 -70.69 2.85 -20.08
CA ALA C 225 -71.97 2.39 -20.53
C ALA C 225 -71.89 1.57 -21.80
N THR C 226 -70.96 1.92 -22.70
CA THR C 226 -70.84 1.18 -23.94
C THR C 226 -69.49 0.47 -24.07
N ASP C 227 -68.49 0.92 -23.30
CA ASP C 227 -67.14 0.40 -23.42
C ASP C 227 -66.76 -0.67 -22.45
N CYS C 228 -67.48 -0.78 -21.32
CA CYS C 228 -67.08 -1.74 -20.31
C CYS C 228 -68.15 -2.77 -20.03
N SER C 229 -68.62 -3.43 -21.08
CA SER C 229 -69.63 -4.48 -20.96
C SER C 229 -69.02 -5.63 -20.19
N ASP C 230 -69.80 -6.42 -19.46
CA ASP C 230 -69.18 -7.48 -18.64
C ASP C 230 -68.29 -8.41 -19.43
N GLY C 231 -68.67 -8.67 -20.67
CA GLY C 231 -67.91 -9.53 -21.52
C GLY C 231 -66.95 -8.75 -22.41
N ASN C 232 -67.48 -8.16 -23.45
CA ASN C 232 -66.61 -7.52 -24.43
C ASN C 232 -66.24 -6.07 -24.12
N TYR C 233 -65.06 -5.89 -23.52
CA TYR C 233 -64.56 -4.55 -23.24
C TYR C 233 -64.04 -3.95 -24.54
N ASN C 234 -64.20 -2.65 -24.71
CA ASN C 234 -63.68 -1.98 -25.90
C ASN C 234 -62.21 -1.68 -25.74
N ARG C 235 -61.38 -2.46 -26.41
CA ARG C 235 -59.94 -2.38 -26.23
C ARG C 235 -59.33 -1.19 -26.88
N ASN C 236 -60.16 -0.47 -27.67
CA ASN C 236 -59.71 0.73 -28.32
C ASN C 236 -60.45 1.96 -27.79
N ALA C 237 -61.14 1.86 -26.66
CA ALA C 237 -61.91 3.05 -26.24
C ALA C 237 -61.03 4.27 -25.94
N SER C 238 -59.90 4.08 -25.30
CA SER C 238 -59.07 5.22 -24.96
C SER C 238 -58.22 5.62 -26.13
N LEU C 239 -57.88 4.63 -26.97
CA LEU C 239 -57.11 4.97 -28.15
C LEU C 239 -57.95 5.81 -29.05
N ASN C 240 -59.23 5.46 -29.17
CA ASN C 240 -60.09 6.19 -30.04
C ASN C 240 -60.32 7.59 -29.56
N SER C 241 -60.38 7.80 -28.23
CA SER C 241 -60.54 9.17 -27.79
C SER C 241 -59.29 9.98 -28.00
N PHE C 242 -58.14 9.34 -27.88
CA PHE C 242 -56.87 10.03 -28.05
C PHE C 242 -56.81 10.57 -29.45
N LYS C 243 -57.22 9.71 -30.39
CA LYS C 243 -57.27 9.98 -31.82
C LYS C 243 -58.21 11.09 -32.25
N GLU C 244 -59.11 11.50 -31.34
CA GLU C 244 -60.00 12.58 -31.66
C GLU C 244 -59.21 13.88 -31.58
N TYR C 245 -58.17 13.95 -30.74
CA TYR C 245 -57.44 15.18 -30.59
C TYR C 245 -56.22 15.18 -31.48
N PHE C 246 -55.65 13.99 -31.73
CA PHE C 246 -54.44 13.91 -32.56
C PHE C 246 -54.52 12.88 -33.65
N ASN C 247 -53.90 13.17 -34.77
CA ASN C 247 -53.71 12.15 -35.79
C ASN C 247 -52.41 11.47 -35.48
N LEU C 248 -52.37 10.14 -35.52
CA LEU C 248 -51.13 9.41 -35.25
C LEU C 248 -50.42 9.14 -36.56
N ARG C 249 -49.19 9.64 -36.67
CA ARG C 249 -48.39 9.55 -37.88
C ARG C 249 -46.99 8.99 -37.68
N ASN C 250 -46.54 8.26 -38.65
CA ASN C 250 -45.16 7.63 -38.59
C ASN C 250 -44.98 6.89 -37.37
N CYS C 251 -45.91 6.06 -36.93
CA CYS C 251 -45.74 5.27 -35.75
C CYS C 251 -44.67 4.25 -36.02
N THR C 252 -43.77 4.05 -35.08
CA THR C 252 -42.73 3.07 -35.36
C THR C 252 -43.09 1.77 -34.71
N PHE C 253 -43.92 1.84 -33.68
CA PHE C 253 -44.40 0.67 -33.00
C PHE C 253 -45.67 0.98 -32.28
N MET C 254 -46.40 -0.08 -31.98
CA MET C 254 -47.51 -0.06 -31.06
C MET C 254 -47.60 -1.43 -30.44
N TYR C 255 -47.38 -1.48 -29.13
CA TYR C 255 -47.36 -2.73 -28.39
C TYR C 255 -48.45 -2.75 -27.37
N THR C 256 -48.99 -3.91 -27.07
CA THR C 256 -49.94 -3.96 -25.98
C THR C 256 -49.50 -4.98 -24.98
N TYR C 257 -49.84 -4.74 -23.72
CA TYR C 257 -49.54 -5.66 -22.67
C TYR C 257 -50.82 -5.94 -21.96
N ASN C 258 -51.05 -7.15 -21.54
CA ASN C 258 -52.28 -7.46 -20.84
C ASN C 258 -52.17 -7.28 -19.36
N ILE C 259 -53.23 -6.82 -18.75
CA ILE C 259 -53.37 -6.63 -17.34
C ILE C 259 -54.56 -7.45 -16.80
N THR C 260 -54.34 -8.33 -15.85
CA THR C 260 -55.47 -9.04 -15.25
C THR C 260 -56.12 -8.05 -14.30
N GLU C 261 -57.44 -7.94 -14.28
CA GLU C 261 -58.05 -6.99 -13.35
C GLU C 261 -58.06 -7.44 -11.91
N ASP C 262 -57.77 -6.49 -11.04
CA ASP C 262 -57.80 -6.64 -9.60
C ASP C 262 -57.84 -5.23 -9.00
N GLU C 263 -57.89 -5.12 -7.67
CA GLU C 263 -57.83 -3.83 -6.96
C GLU C 263 -56.58 -3.72 -6.09
N ILE C 264 -55.57 -4.48 -6.47
CA ILE C 264 -54.30 -4.58 -5.74
C ILE C 264 -53.34 -3.40 -6.00
N LEU C 265 -52.76 -2.84 -4.94
CA LEU C 265 -51.79 -1.76 -5.18
C LEU C 265 -50.61 -2.26 -6.00
N GLU C 266 -50.28 -1.53 -7.06
CA GLU C 266 -49.16 -1.94 -7.88
C GLU C 266 -48.26 -0.81 -8.23
N TRP C 267 -47.04 -1.15 -8.55
CA TRP C 267 -46.10 -0.15 -8.98
C TRP C 267 -45.74 -0.31 -10.43
N PHE C 268 -45.60 0.84 -11.07
CA PHE C 268 -45.16 0.98 -12.46
C PHE C 268 -43.91 1.83 -12.57
N GLY C 269 -42.96 1.49 -13.43
CA GLY C 269 -41.84 2.39 -13.55
C GLY C 269 -41.32 2.52 -14.96
N ILE C 270 -40.68 3.65 -15.22
CA ILE C 270 -40.06 3.87 -16.51
C ILE C 270 -38.66 4.47 -16.41
N THR C 271 -37.72 3.88 -17.14
CA THR C 271 -36.34 4.42 -17.20
C THR C 271 -35.88 4.41 -18.66
N GLN C 272 -34.77 5.07 -18.98
CA GLN C 272 -34.26 4.98 -20.35
C GLN C 272 -32.75 4.83 -20.38
N THR C 273 -32.29 3.91 -21.20
CA THR C 273 -30.87 3.62 -21.43
C THR C 273 -30.59 3.57 -22.93
N ALA C 274 -29.36 3.27 -23.32
CA ALA C 274 -29.01 3.13 -24.74
C ALA C 274 -29.84 2.03 -25.42
N GLN C 275 -30.34 1.07 -24.65
CA GLN C 275 -31.13 -0.03 -25.18
C GLN C 275 -32.59 0.33 -25.39
N GLY C 276 -33.01 1.52 -24.97
CA GLY C 276 -34.39 1.91 -25.11
C GLY C 276 -35.05 2.21 -23.78
N VAL C 277 -36.36 2.33 -23.84
CA VAL C 277 -37.16 2.68 -22.69
C VAL C 277 -37.60 1.43 -22.01
N HIS C 278 -37.35 1.36 -20.72
CA HIS C 278 -37.65 0.17 -19.97
C HIS C 278 -38.86 0.38 -19.13
N LEU C 279 -39.81 -0.52 -19.28
CA LEU C 279 -41.04 -0.46 -18.52
C LEU C 279 -40.99 -1.52 -17.44
N PHE C 280 -41.20 -1.10 -16.20
CA PHE C 280 -41.15 -1.94 -15.03
C PHE C 280 -42.50 -2.07 -14.42
N SER C 281 -42.77 -3.20 -13.82
CA SER C 281 -44.01 -3.38 -13.10
C SER C 281 -43.89 -4.43 -12.06
N SER C 282 -44.62 -4.25 -10.98
CA SER C 282 -44.69 -5.27 -9.96
C SER C 282 -45.66 -6.41 -10.27
N ARG C 283 -46.60 -6.22 -11.20
CA ARG C 283 -47.67 -7.21 -11.30
C ARG C 283 -47.36 -8.51 -11.98
N TYR C 284 -46.24 -8.61 -12.67
CA TYR C 284 -46.01 -9.86 -13.35
C TYR C 284 -45.09 -10.77 -12.56
N VAL C 285 -44.44 -10.24 -11.51
CA VAL C 285 -43.49 -11.02 -10.72
C VAL C 285 -43.79 -10.99 -9.23
N ASP C 286 -44.08 -9.79 -8.67
CA ASP C 286 -44.22 -9.65 -7.24
C ASP C 286 -45.52 -8.86 -7.03
N LEU C 287 -46.65 -9.51 -7.32
CA LEU C 287 -47.93 -8.83 -7.31
C LEU C 287 -48.32 -8.33 -5.97
N TYR C 288 -48.09 -9.11 -4.96
CA TYR C 288 -48.55 -8.71 -3.67
C TYR C 288 -47.49 -7.95 -2.96
N GLY C 289 -46.25 -8.23 -3.30
CA GLY C 289 -45.11 -7.61 -2.66
C GLY C 289 -44.77 -6.19 -3.09
N GLY C 290 -44.93 -5.87 -4.38
CA GLY C 290 -44.61 -4.55 -4.86
C GLY C 290 -43.23 -4.32 -5.54
N ASN C 291 -42.30 -5.29 -5.54
CA ASN C 291 -41.02 -5.01 -6.20
C ASN C 291 -41.23 -4.96 -7.69
N MET C 292 -40.56 -4.03 -8.37
CA MET C 292 -40.73 -3.92 -9.81
C MET C 292 -39.69 -4.60 -10.62
N PHE C 293 -40.17 -5.29 -11.63
CA PHE C 293 -39.34 -6.04 -12.54
C PHE C 293 -39.59 -5.56 -13.94
N GLN C 294 -38.61 -5.66 -14.80
CA GLN C 294 -38.84 -5.20 -16.14
C GLN C 294 -39.76 -6.11 -16.91
N PHE C 295 -40.73 -5.54 -17.63
CA PHE C 295 -41.60 -6.37 -18.44
C PHE C 295 -41.46 -6.05 -19.91
N ALA C 296 -40.89 -4.89 -20.23
CA ALA C 296 -40.76 -4.53 -21.63
C ALA C 296 -39.65 -3.55 -21.86
N THR C 297 -39.09 -3.58 -23.06
CA THR C 297 -38.16 -2.57 -23.52
C THR C 297 -38.71 -2.03 -24.84
N LEU C 298 -38.81 -0.73 -24.96
CA LEU C 298 -39.34 -0.13 -26.15
C LEU C 298 -38.21 0.46 -26.96
N PRO C 299 -38.22 0.38 -28.30
CA PRO C 299 -37.21 0.93 -29.17
C PRO C 299 -37.33 2.43 -29.39
N VAL C 300 -37.18 3.12 -28.29
CA VAL C 300 -37.22 4.57 -28.23
C VAL C 300 -35.81 5.02 -27.91
N TYR C 301 -35.13 5.63 -28.87
CA TYR C 301 -33.74 5.93 -28.65
C TYR C 301 -33.43 7.38 -28.51
N ASP C 302 -34.36 8.25 -28.88
CA ASP C 302 -34.05 9.64 -28.67
C ASP C 302 -34.22 9.79 -27.17
N THR C 303 -33.58 10.78 -26.59
CA THR C 303 -33.68 10.93 -25.12
C THR C 303 -34.99 11.55 -24.71
N ILE C 304 -35.65 10.92 -23.74
CA ILE C 304 -36.86 11.50 -23.23
C ILE C 304 -36.44 12.57 -22.28
N LYS C 305 -36.93 13.76 -22.49
CA LYS C 305 -36.58 14.86 -21.64
C LYS C 305 -37.77 15.32 -20.87
N TYR C 306 -38.96 15.15 -21.46
CA TYR C 306 -40.18 15.66 -20.87
C TYR C 306 -41.27 14.66 -20.80
N TYR C 307 -42.13 14.82 -19.82
CA TYR C 307 -43.32 13.99 -19.78
C TYR C 307 -44.48 14.74 -19.19
N SER C 308 -45.65 14.22 -19.45
CA SER C 308 -46.85 14.78 -18.88
C SER C 308 -47.85 13.71 -18.65
N ILE C 309 -48.83 13.99 -17.82
CA ILE C 309 -49.90 13.06 -17.57
C ILE C 309 -51.04 13.38 -18.52
N ILE C 310 -51.52 12.38 -19.23
CA ILE C 310 -52.62 12.64 -20.11
C ILE C 310 -53.83 12.58 -19.23
N PRO C 311 -54.62 13.64 -19.07
CA PRO C 311 -55.77 13.62 -18.22
C PRO C 311 -56.75 12.66 -18.81
N HIS C 312 -57.50 11.99 -17.97
CA HIS C 312 -58.49 11.03 -18.39
C HIS C 312 -59.75 11.34 -17.65
N SER C 313 -60.87 11.28 -18.34
CA SER C 313 -62.15 11.55 -17.72
C SER C 313 -63.13 10.48 -18.12
N ILE C 314 -63.85 9.97 -17.15
CA ILE C 314 -64.74 8.85 -17.44
C ILE C 314 -66.13 9.35 -17.70
N ARG C 315 -66.71 8.99 -18.84
CA ARG C 315 -68.02 9.52 -19.18
C ARG C 315 -69.11 8.67 -18.62
N SER C 316 -69.19 8.70 -17.31
CA SER C 316 -70.18 7.97 -16.54
C SER C 316 -71.45 8.77 -16.51
N ILE C 317 -72.55 8.09 -16.29
CA ILE C 317 -73.79 8.79 -16.08
C ILE C 317 -73.76 9.41 -14.69
N GLN C 318 -74.61 10.38 -14.42
CA GLN C 318 -74.60 11.08 -13.16
C GLN C 318 -74.88 10.16 -11.99
N SER C 319 -75.68 9.14 -12.24
CA SER C 319 -76.11 8.18 -11.25
C SER C 319 -75.12 7.06 -10.99
N ASP C 320 -74.02 7.02 -11.75
CA ASP C 320 -73.06 5.93 -11.63
C ASP C 320 -71.62 6.45 -11.58
N ARG C 321 -71.38 7.53 -10.85
CA ARG C 321 -70.02 8.03 -10.74
C ARG C 321 -69.22 7.23 -9.73
N LYS C 322 -67.98 6.95 -10.06
CA LYS C 322 -67.12 6.20 -9.17
C LYS C 322 -66.01 7.07 -8.68
N ALA C 323 -65.42 6.70 -7.57
CA ALA C 323 -64.25 7.41 -7.10
C ALA C 323 -63.06 6.68 -7.70
N TRP C 324 -62.13 7.39 -8.30
CA TRP C 324 -60.99 6.70 -8.88
C TRP C 324 -59.78 7.00 -8.04
N ALA C 325 -58.94 5.99 -7.83
CA ALA C 325 -57.77 6.16 -7.01
C ALA C 325 -56.78 7.10 -7.63
N ALA C 326 -56.15 7.92 -6.80
CA ALA C 326 -55.08 8.78 -7.25
C ALA C 326 -53.83 7.98 -7.47
N PHE C 327 -53.00 8.41 -8.39
CA PHE C 327 -51.71 7.78 -8.56
C PHE C 327 -50.63 8.77 -8.23
N TYR C 328 -49.49 8.26 -7.85
CA TYR C 328 -48.44 9.15 -7.44
C TYR C 328 -47.20 8.91 -8.19
N VAL C 329 -46.60 9.96 -8.69
CA VAL C 329 -45.37 9.81 -9.47
C VAL C 329 -44.18 10.28 -8.68
N TYR C 330 -43.17 9.44 -8.61
CA TYR C 330 -41.98 9.79 -7.83
C TYR C 330 -40.78 9.73 -8.74
N LYS C 331 -39.87 10.68 -8.60
CA LYS C 331 -38.69 10.66 -9.48
C LYS C 331 -37.58 9.80 -8.98
N LEU C 332 -36.86 9.19 -9.91
CA LEU C 332 -35.72 8.36 -9.59
C LEU C 332 -34.37 9.06 -9.70
N GLN C 333 -33.43 8.58 -8.94
CA GLN C 333 -32.08 9.08 -8.96
C GLN C 333 -31.14 8.01 -8.51
N PRO C 334 -29.87 8.05 -8.89
CA PRO C 334 -28.82 7.12 -8.53
C PRO C 334 -28.41 7.24 -7.08
N LEU C 335 -29.05 6.44 -6.26
CA LEU C 335 -28.87 6.44 -4.83
C LEU C 335 -28.31 5.09 -4.37
N THR C 336 -27.67 5.08 -3.20
CA THR C 336 -27.31 3.79 -2.64
C THR C 336 -28.34 3.45 -1.58
N PHE C 337 -28.94 2.27 -1.72
CA PHE C 337 -29.89 1.74 -0.76
C PHE C 337 -29.35 0.50 -0.05
N LEU C 338 -29.78 0.31 1.20
CA LEU C 338 -29.49 -0.93 1.88
C LEU C 338 -30.70 -1.78 1.57
N LEU C 339 -30.52 -2.94 0.94
CA LEU C 339 -31.68 -3.76 0.55
C LEU C 339 -31.71 -5.07 1.29
N ASP C 340 -32.86 -5.34 1.94
CA ASP C 340 -33.05 -6.58 2.69
C ASP C 340 -33.78 -7.61 1.84
N PHE C 341 -33.04 -8.61 1.37
CA PHE C 341 -33.58 -9.65 0.50
C PHE C 341 -34.04 -10.80 1.35
N SER C 342 -35.30 -11.19 1.20
CA SER C 342 -35.88 -12.28 1.96
C SER C 342 -35.43 -13.59 1.40
N VAL C 343 -35.81 -14.70 2.01
CA VAL C 343 -35.39 -16.01 1.50
C VAL C 343 -35.90 -16.20 0.07
N ASP C 344 -37.11 -15.72 -0.19
CA ASP C 344 -37.72 -15.83 -1.51
C ASP C 344 -37.24 -14.76 -2.48
N GLY C 345 -36.28 -13.96 -2.04
CA GLY C 345 -35.67 -12.96 -2.87
C GLY C 345 -36.32 -11.63 -2.97
N TYR C 346 -37.44 -11.42 -2.31
CA TYR C 346 -38.03 -10.12 -2.50
C TYR C 346 -37.51 -9.13 -1.53
N ILE C 347 -37.50 -7.88 -1.93
CA ILE C 347 -37.05 -6.82 -1.06
C ILE C 347 -38.26 -6.33 -0.30
N ARG C 348 -38.17 -6.44 1.01
CA ARG C 348 -39.30 -6.05 1.85
C ARG C 348 -39.00 -4.86 2.68
N ARG C 349 -37.73 -4.62 2.88
CA ARG C 349 -37.28 -3.54 3.70
C ARG C 349 -36.03 -2.93 3.11
N ALA C 350 -35.88 -1.61 3.22
CA ALA C 350 -34.70 -0.96 2.73
C ALA C 350 -34.38 0.34 3.48
N ILE C 351 -33.13 0.76 3.37
CA ILE C 351 -32.67 2.05 3.90
C ILE C 351 -32.19 2.96 2.76
N ASP C 352 -32.66 4.21 2.74
CA ASP C 352 -32.13 5.20 1.81
C ASP C 352 -30.89 5.77 2.50
N CYS C 353 -29.69 5.40 2.00
CA CYS C 353 -28.49 5.70 2.77
C CYS C 353 -28.11 7.17 2.81
N GLY C 354 -28.82 8.00 2.01
CA GLY C 354 -28.52 9.42 2.05
C GLY C 354 -29.62 10.24 2.72
N PHE C 355 -30.63 9.58 3.26
CA PHE C 355 -31.77 10.29 3.84
C PHE C 355 -31.41 11.14 5.04
N ASN C 356 -30.74 10.54 6.00
CA ASN C 356 -30.30 11.20 7.20
C ASN C 356 -29.07 10.52 7.72
N ASP C 357 -28.57 10.99 8.83
CA ASP C 357 -27.36 10.49 9.44
C ASP C 357 -27.54 9.10 10.06
N LEU C 358 -28.73 8.84 10.54
CA LEU C 358 -29.03 7.54 11.12
C LEU C 358 -29.03 6.51 10.00
N SER C 359 -29.56 6.89 8.84
CA SER C 359 -29.59 5.97 7.71
C SER C 359 -28.19 5.69 7.23
N GLN C 360 -27.31 6.69 7.27
CA GLN C 360 -25.93 6.51 6.84
C GLN C 360 -25.26 5.51 7.73
N LEU C 361 -25.59 5.55 9.02
CA LEU C 361 -25.02 4.61 9.97
C LEU C 361 -25.40 3.18 9.62
N HIS C 362 -26.69 2.97 9.32
CA HIS C 362 -27.12 1.61 9.01
C HIS C 362 -26.46 1.12 7.77
N CYS C 363 -26.30 2.00 6.80
CA CYS C 363 -25.67 1.56 5.59
C CYS C 363 -24.21 1.24 5.79
N SER C 364 -23.50 1.99 6.61
CA SER C 364 -22.07 1.75 6.78
C SER C 364 -21.77 0.41 7.42
N TYR C 365 -22.74 -0.10 8.18
CA TYR C 365 -22.56 -1.41 8.81
C TYR C 365 -23.28 -2.49 8.06
N GLU C 366 -23.92 -2.09 6.94
CA GLU C 366 -24.75 -2.94 6.12
C GLU C 366 -25.74 -3.73 6.94
N SER C 367 -26.41 -3.05 7.84
CA SER C 367 -27.36 -3.72 8.70
C SER C 367 -28.47 -2.84 9.15
N PHE C 368 -29.61 -3.43 9.44
CA PHE C 368 -30.75 -2.67 9.93
C PHE C 368 -30.71 -2.52 11.43
N ASP C 369 -29.79 -3.22 12.06
CA ASP C 369 -29.62 -3.19 13.49
C ASP C 369 -28.15 -3.00 13.81
N VAL C 370 -27.83 -1.89 14.42
CA VAL C 370 -26.47 -1.59 14.78
C VAL C 370 -26.51 -1.39 16.26
N GLU C 371 -25.38 -1.50 16.92
CA GLU C 371 -25.30 -1.34 18.35
C GLU C 371 -25.41 0.10 18.76
N SER C 372 -25.79 0.33 20.02
CA SER C 372 -25.87 1.67 20.56
C SER C 372 -24.51 2.31 20.64
N GLY C 373 -24.44 3.60 20.44
CA GLY C 373 -23.17 4.28 20.54
C GLY C 373 -23.20 5.61 19.88
N VAL C 374 -22.07 6.28 19.87
CA VAL C 374 -21.97 7.55 19.22
C VAL C 374 -21.03 7.33 18.05
N TYR C 375 -21.50 7.62 16.85
CA TYR C 375 -20.73 7.33 15.64
C TYR C 375 -20.53 8.52 14.75
N SER C 376 -19.39 8.62 14.13
CA SER C 376 -19.19 9.68 13.17
C SER C 376 -19.73 9.23 11.83
N VAL C 377 -20.40 10.14 11.15
CA VAL C 377 -20.98 9.89 9.84
C VAL C 377 -20.55 10.99 8.90
N SER C 378 -20.88 10.87 7.64
CA SER C 378 -20.50 11.91 6.72
C SER C 378 -21.00 13.27 7.17
N SER C 379 -20.15 14.28 6.95
CA SER C 379 -20.44 15.65 7.34
C SER C 379 -21.57 16.21 6.54
N PHE C 380 -22.18 17.24 7.06
CA PHE C 380 -23.26 17.87 6.35
C PHE C 380 -22.57 18.89 5.45
N GLU C 381 -22.63 18.67 4.15
CA GLU C 381 -21.89 19.49 3.23
C GLU C 381 -22.45 20.87 3.04
N ALA C 382 -21.55 21.83 2.94
CA ALA C 382 -21.95 23.16 2.54
C ALA C 382 -22.10 23.07 1.03
N LYS C 383 -23.09 23.72 0.45
CA LYS C 383 -23.21 23.65 -0.98
C LYS C 383 -23.10 25.05 -1.54
N PRO C 384 -22.62 25.23 -2.79
CA PRO C 384 -22.57 26.50 -3.44
C PRO C 384 -23.92 27.13 -3.56
N SER C 385 -23.94 28.43 -3.36
CA SER C 385 -25.09 29.30 -3.42
C SER C 385 -25.01 30.18 -4.66
N GLY C 386 -23.99 29.96 -5.45
CA GLY C 386 -23.70 30.76 -6.63
C GLY C 386 -22.29 30.49 -7.13
N SER C 387 -21.80 31.39 -7.97
CA SER C 387 -20.47 31.26 -8.55
C SER C 387 -19.85 32.61 -8.81
N VAL C 388 -18.52 32.67 -8.81
CA VAL C 388 -17.80 33.88 -9.18
C VAL C 388 -16.84 33.56 -10.32
N VAL C 389 -16.77 34.44 -11.30
CA VAL C 389 -15.86 34.21 -12.38
C VAL C 389 -15.07 35.45 -12.77
N GLU C 390 -13.75 35.28 -12.91
CA GLU C 390 -12.93 36.36 -13.45
C GLU C 390 -12.08 35.76 -14.55
N GLN C 391 -12.03 36.41 -15.70
CA GLN C 391 -11.21 35.94 -16.81
C GLN C 391 -10.55 37.12 -17.44
N ALA C 392 -9.43 36.92 -18.12
CA ALA C 392 -8.93 38.04 -18.87
C ALA C 392 -9.98 38.36 -19.93
N GLU C 393 -10.29 39.62 -20.11
CA GLU C 393 -11.25 40.02 -21.14
C GLU C 393 -10.62 41.15 -21.90
N GLY C 394 -10.51 41.01 -23.21
CA GLY C 394 -9.88 42.09 -23.95
C GLY C 394 -9.62 41.76 -25.40
N VAL C 395 -8.36 41.79 -25.75
CA VAL C 395 -7.88 41.57 -27.09
C VAL C 395 -8.10 40.13 -27.52
N GLU C 396 -8.42 39.94 -28.79
CA GLU C 396 -8.61 38.62 -29.35
C GLU C 396 -7.18 38.03 -29.56
N CYS C 397 -7.18 36.64 -29.48
CA CYS C 397 -5.59 36.25 -29.79
C CYS C 397 -5.81 36.16 -31.41
N ASP C 398 -4.45 36.83 -31.75
CA ASP C 398 -4.28 37.15 -33.19
C ASP C 398 -3.63 36.07 -34.04
N PHE C 399 -4.44 35.47 -34.90
CA PHE C 399 -3.97 34.39 -35.74
C PHE C 399 -3.72 34.91 -37.14
N SER C 400 -3.69 36.23 -37.30
CA SER C 400 -3.48 36.79 -38.61
C SER C 400 -2.19 36.38 -39.31
N PRO C 401 -0.99 36.45 -38.69
CA PRO C 401 0.29 36.05 -39.32
C PRO C 401 0.21 34.79 -40.13
N LEU C 402 -0.55 33.85 -39.57
CA LEU C 402 -0.78 32.51 -40.09
C LEU C 402 -1.38 32.52 -41.46
N LEU C 403 -2.21 33.51 -41.71
CA LEU C 403 -3.00 33.62 -42.91
C LEU C 403 -2.33 34.44 -44.00
N SER C 404 -1.10 34.90 -43.79
CA SER C 404 -0.49 35.76 -44.80
C SER C 404 0.88 35.35 -45.27
N GLY C 405 0.95 34.99 -46.55
CA GLY C 405 2.21 34.59 -47.17
C GLY C 405 2.36 33.08 -47.23
N THR C 406 3.54 32.63 -47.64
CA THR C 406 3.78 31.21 -47.81
C THR C 406 4.15 30.62 -46.45
N PRO C 407 3.47 29.59 -45.93
CA PRO C 407 3.80 28.94 -44.69
C PRO C 407 5.15 28.31 -44.85
N PRO C 408 5.89 28.12 -43.79
CA PRO C 408 7.18 27.51 -43.75
C PRO C 408 7.10 26.04 -43.93
N GLN C 409 8.22 25.41 -44.21
CA GLN C 409 8.29 23.97 -44.27
C GLN C 409 8.28 23.44 -42.87
N VAL C 410 7.96 22.17 -42.70
CA VAL C 410 7.89 21.52 -41.39
C VAL C 410 9.07 21.72 -40.47
N TYR C 411 10.29 21.86 -40.99
CA TYR C 411 11.45 22.03 -40.12
C TYR C 411 11.69 23.46 -39.72
N ASN C 412 10.99 24.37 -40.37
CA ASN C 412 11.06 25.79 -40.13
C ASN C 412 9.74 26.30 -39.63
N PHE C 413 9.00 25.50 -38.91
CA PHE C 413 7.67 25.89 -38.49
C PHE C 413 7.70 27.21 -37.76
N LYS C 414 6.62 27.96 -37.90
CA LYS C 414 6.56 29.23 -37.21
C LYS C 414 5.69 29.11 -36.02
N ARG C 415 6.05 29.84 -34.99
CA ARG C 415 5.36 29.78 -33.75
C ARG C 415 4.69 31.05 -33.30
N LEU C 416 3.42 30.94 -33.01
CA LEU C 416 2.64 32.03 -32.48
C LEU C 416 2.34 31.73 -31.02
N VAL C 417 2.77 32.59 -30.11
CA VAL C 417 2.51 32.31 -28.71
C VAL C 417 1.50 33.28 -28.19
N PHE C 418 0.42 32.73 -27.67
CA PHE C 418 -0.68 33.53 -27.20
C PHE C 418 -0.78 33.53 -25.71
N THR C 419 -0.76 34.72 -25.15
CA THR C 419 -0.91 34.94 -23.72
C THR C 419 -1.86 36.12 -23.53
N ASN C 420 -2.57 36.21 -22.40
CA ASN C 420 -3.40 37.38 -22.11
C ASN C 420 -4.33 37.80 -23.25
N CYS C 421 -5.12 36.86 -23.74
CA CYS C 421 -6.01 37.12 -24.85
C CYS C 421 -7.21 36.18 -24.86
N ASN C 422 -8.21 36.51 -25.67
CA ASN C 422 -9.37 35.66 -25.80
C ASN C 422 -9.24 34.78 -27.04
N TYR C 423 -9.31 33.48 -26.88
CA TYR C 423 -9.09 32.65 -28.03
C TYR C 423 -10.39 32.11 -28.53
N ASN C 424 -10.39 31.80 -29.77
CA ASN C 424 -11.50 31.14 -30.44
C ASN C 424 -10.94 30.24 -31.54
N LEU C 425 -11.02 28.90 -31.26
CA LEU C 425 -10.43 28.02 -32.26
C LEU C 425 -11.28 27.93 -33.48
N THR C 426 -12.60 28.07 -33.33
CA THR C 426 -13.52 27.98 -34.47
C THR C 426 -13.16 29.06 -35.46
N LYS C 427 -12.79 30.22 -34.96
CA LYS C 427 -12.42 31.36 -35.80
C LYS C 427 -11.30 30.99 -36.74
N LEU C 428 -10.37 30.15 -36.29
CA LEU C 428 -9.25 29.73 -37.13
C LEU C 428 -9.61 28.48 -37.95
N LEU C 429 -10.26 27.52 -37.32
CA LEU C 429 -10.58 26.24 -37.95
C LEU C 429 -11.52 26.41 -39.10
N SER C 430 -12.43 27.37 -39.00
CA SER C 430 -13.44 27.66 -39.99
C SER C 430 -12.89 28.20 -41.28
N LEU C 431 -11.62 28.61 -41.26
CA LEU C 431 -10.99 29.13 -42.45
C LEU C 431 -10.30 28.02 -43.25
N PHE C 432 -10.24 26.81 -42.73
CA PHE C 432 -9.54 25.75 -43.43
C PHE C 432 -10.42 24.53 -43.60
N SER C 433 -10.14 23.71 -44.59
CA SER C 433 -10.88 22.47 -44.66
C SER C 433 -10.12 21.47 -43.80
N VAL C 434 -10.63 21.19 -42.62
CA VAL C 434 -9.87 20.36 -41.70
C VAL C 434 -9.98 18.94 -42.08
N ASN C 435 -8.84 18.29 -42.18
CA ASN C 435 -8.81 16.92 -42.57
C ASN C 435 -8.70 16.03 -41.37
N ASP C 436 -7.94 16.48 -40.37
CA ASP C 436 -7.71 15.63 -39.20
C ASP C 436 -7.42 16.47 -37.97
N PHE C 437 -8.32 16.50 -37.00
CA PHE C 437 -8.09 17.30 -35.78
C PHE C 437 -8.16 16.39 -34.57
N THR C 438 -7.01 16.10 -33.95
CA THR C 438 -7.00 15.23 -32.78
C THR C 438 -6.26 15.83 -31.62
N CYS C 439 -6.63 15.41 -30.43
CA CYS C 439 -6.00 15.90 -29.21
C CYS C 439 -5.43 14.82 -28.33
N SER C 440 -4.43 15.17 -27.57
CA SER C 440 -3.72 14.30 -26.66
C SER C 440 -3.45 14.95 -25.31
N GLN C 441 -3.87 14.23 -24.27
CA GLN C 441 -3.79 14.63 -22.87
C GLN C 441 -4.67 15.83 -22.54
N ILE C 442 -5.67 16.04 -23.37
CA ILE C 442 -6.71 17.04 -23.19
C ILE C 442 -7.89 16.56 -24.01
N SER C 443 -9.10 16.72 -23.50
CA SER C 443 -10.24 16.33 -24.31
C SER C 443 -10.49 17.33 -25.39
N PRO C 444 -11.11 16.96 -26.50
CA PRO C 444 -11.72 17.78 -27.50
C PRO C 444 -12.60 18.92 -27.04
N ALA C 445 -13.39 18.66 -25.98
CA ALA C 445 -14.25 19.71 -25.51
C ALA C 445 -13.44 20.74 -24.77
N ALA C 446 -12.44 20.27 -24.06
CA ALA C 446 -11.56 21.09 -23.27
C ALA C 446 -10.66 21.96 -24.10
N ILE C 447 -10.17 21.48 -25.25
CA ILE C 447 -9.22 22.31 -25.97
C ILE C 447 -9.80 23.62 -26.36
N ALA C 448 -11.09 23.60 -26.68
CA ALA C 448 -11.80 24.79 -27.09
C ALA C 448 -12.45 25.59 -25.95
N SER C 449 -12.39 25.10 -24.70
CA SER C 449 -13.08 25.78 -23.61
C SER C 449 -12.30 26.14 -22.35
N ASN C 450 -11.11 25.58 -22.15
CA ASN C 450 -10.38 25.87 -20.92
C ASN C 450 -9.49 27.08 -21.00
N CYS C 451 -9.13 27.62 -19.83
CA CYS C 451 -8.17 28.69 -19.78
C CYS C 451 -6.75 28.13 -19.68
N TYR C 452 -5.80 28.83 -20.31
CA TYR C 452 -4.42 28.39 -20.31
C TYR C 452 -3.46 29.51 -19.93
N SER C 453 -2.28 29.14 -19.41
CA SER C 453 -1.20 30.12 -19.17
C SER C 453 -0.73 30.64 -20.50
N SER C 454 -0.67 29.73 -21.44
CA SER C 454 -0.27 30.05 -22.80
C SER C 454 -0.81 29.04 -23.75
N LEU C 455 -0.99 29.48 -24.98
CA LEU C 455 -1.33 28.58 -26.08
C LEU C 455 -0.28 28.80 -27.14
N ILE C 456 0.39 27.75 -27.55
CA ILE C 456 1.41 27.87 -28.57
C ILE C 456 0.98 27.19 -29.83
N LEU C 457 0.92 27.95 -30.91
CA LEU C 457 0.51 27.45 -32.21
C LEU C 457 1.66 27.38 -33.21
N ASP C 458 2.00 26.17 -33.63
CA ASP C 458 3.08 25.92 -34.58
C ASP C 458 2.55 25.60 -35.97
N TYR C 459 2.76 26.46 -36.94
CA TYR C 459 2.14 26.16 -38.24
C TYR C 459 3.16 25.98 -39.32
N PHE C 460 2.83 25.09 -40.25
CA PHE C 460 3.71 24.76 -41.36
C PHE C 460 3.02 24.09 -42.53
N SER C 461 3.64 24.13 -43.71
CA SER C 461 3.16 23.37 -44.84
C SER C 461 3.38 21.89 -44.56
N TYR C 462 2.45 21.05 -44.93
CA TYR C 462 2.66 19.63 -44.70
C TYR C 462 1.76 18.79 -45.58
N PRO C 463 2.28 17.85 -46.37
CA PRO C 463 1.50 17.03 -47.25
C PRO C 463 0.63 16.12 -46.39
N LEU C 464 -0.58 15.85 -46.81
CA LEU C 464 -1.45 15.00 -46.02
C LEU C 464 -1.05 13.56 -46.19
N SER C 465 -0.35 13.27 -47.27
CA SER C 465 0.12 11.94 -47.55
C SER C 465 1.13 11.46 -46.54
N MET C 466 1.69 12.38 -45.76
CA MET C 466 2.67 12.04 -44.73
C MET C 466 2.06 12.16 -43.33
N LYS C 467 0.73 12.20 -43.25
CA LYS C 467 -0.03 12.33 -42.01
C LYS C 467 0.50 11.53 -40.86
N SER C 468 0.75 10.27 -41.11
CA SER C 468 1.17 9.32 -40.10
C SER C 468 2.55 9.57 -39.54
N ASP C 469 3.36 10.34 -40.26
CA ASP C 469 4.73 10.56 -39.87
C ASP C 469 4.78 11.54 -38.68
N LEU C 470 3.64 12.18 -38.37
CA LEU C 470 3.51 13.09 -37.24
C LEU C 470 3.00 12.39 -35.98
N SER C 471 2.75 11.10 -36.07
CA SER C 471 2.28 10.32 -34.94
C SER C 471 3.36 10.19 -33.89
N VAL C 472 2.98 10.14 -32.62
CA VAL C 472 3.94 9.98 -31.53
C VAL C 472 4.77 8.72 -31.69
N SER C 473 4.12 7.65 -32.12
CA SER C 473 4.74 6.36 -32.32
C SER C 473 5.64 6.26 -33.56
N SER C 474 5.61 7.27 -34.42
CA SER C 474 6.38 7.25 -35.64
C SER C 474 7.89 7.33 -35.46
N ALA C 475 8.56 6.54 -36.29
CA ALA C 475 10.00 6.51 -36.34
C ALA C 475 10.50 7.02 -37.67
N GLY C 476 9.64 7.72 -38.41
CA GLY C 476 10.05 8.25 -39.68
C GLY C 476 10.75 9.60 -39.51
N PRO C 477 11.23 10.20 -40.59
CA PRO C 477 11.94 11.47 -40.67
C PRO C 477 11.27 12.69 -40.08
N ILE C 478 9.95 12.78 -40.09
CA ILE C 478 9.37 13.98 -39.55
C ILE C 478 9.50 14.01 -38.06
N SER C 479 9.13 12.91 -37.44
CA SER C 479 9.23 12.89 -36.00
C SER C 479 10.67 12.78 -35.48
N GLN C 480 11.58 12.30 -36.33
CA GLN C 480 12.94 12.24 -35.83
C GLN C 480 13.76 13.48 -36.11
N PHE C 481 13.55 14.15 -37.24
CA PHE C 481 14.40 15.28 -37.56
C PHE C 481 13.73 16.61 -37.82
N ASN C 482 12.41 16.67 -37.89
CA ASN C 482 11.80 17.92 -38.31
C ASN C 482 10.92 18.57 -37.27
N TYR C 483 9.96 17.83 -36.77
CA TYR C 483 9.00 18.38 -35.85
C TYR C 483 8.46 17.34 -34.90
N LYS C 484 8.49 17.65 -33.62
CA LYS C 484 7.99 16.76 -32.61
C LYS C 484 7.21 17.55 -31.59
N GLN C 485 6.03 17.02 -31.22
CA GLN C 485 5.18 17.67 -30.22
C GLN C 485 5.55 17.28 -28.82
N SER C 486 5.20 18.13 -27.87
CA SER C 486 5.49 17.91 -26.46
C SER C 486 4.85 16.68 -25.92
N PHE C 487 5.58 16.01 -25.03
CA PHE C 487 5.05 14.85 -24.36
C PHE C 487 4.53 15.27 -22.97
N SER C 488 4.89 16.48 -22.56
CA SER C 488 4.57 16.96 -21.21
C SER C 488 3.31 17.80 -21.17
N ASN C 489 3.16 18.66 -22.15
CA ASN C 489 2.02 19.53 -22.17
C ASN C 489 0.97 18.86 -23.01
N PRO C 490 -0.31 19.11 -22.80
CA PRO C 490 -1.36 18.69 -23.69
C PRO C 490 -1.18 19.28 -25.04
N THR C 491 -1.44 18.50 -26.07
CA THR C 491 -1.30 18.99 -27.43
C THR C 491 -2.42 18.57 -28.35
N CYS C 492 -2.59 19.32 -29.41
CA CYS C 492 -3.47 18.94 -30.49
C CYS C 492 -2.73 19.06 -31.81
N LEU C 493 -3.12 18.25 -32.76
CA LEU C 493 -2.58 18.36 -34.11
C LEU C 493 -3.70 18.50 -35.10
N ILE C 494 -3.62 19.55 -35.91
CA ILE C 494 -4.60 19.78 -36.93
C ILE C 494 -3.96 19.72 -38.28
N LEU C 495 -4.51 18.91 -39.15
CA LEU C 495 -4.05 18.85 -40.52
C LEU C 495 -5.19 19.39 -41.32
N ALA C 496 -4.93 20.39 -42.15
CA ALA C 496 -6.01 21.03 -42.90
C ALA C 496 -5.57 21.53 -44.24
N THR C 497 -6.52 21.65 -45.14
CA THR C 497 -6.27 22.14 -46.48
C THR C 497 -6.71 23.57 -46.66
N VAL C 498 -5.86 24.36 -47.29
CA VAL C 498 -6.16 25.74 -47.56
C VAL C 498 -7.20 25.78 -48.71
N PRO C 499 -8.37 26.41 -48.54
CA PRO C 499 -9.44 26.57 -49.50
C PRO C 499 -8.98 27.39 -50.68
N HIS C 500 -9.62 27.22 -51.83
CA HIS C 500 -9.21 27.95 -53.02
C HIS C 500 -9.40 29.44 -52.89
N ASN C 501 -10.34 29.88 -52.06
CA ASN C 501 -10.57 31.27 -51.95
C ASN C 501 -9.82 31.95 -50.77
N LEU C 502 -8.98 31.13 -50.10
CA LEU C 502 -8.21 31.76 -49.01
C LEU C 502 -6.91 32.21 -49.70
N THR C 503 -7.00 33.36 -50.37
CA THR C 503 -5.95 33.79 -51.31
C THR C 503 -4.80 34.48 -50.69
N THR C 504 -4.87 34.63 -49.39
CA THR C 504 -3.82 35.30 -48.67
C THR C 504 -2.69 34.34 -48.30
N ILE C 505 -2.95 33.01 -48.39
CA ILE C 505 -1.90 32.03 -48.11
C ILE C 505 -1.39 31.52 -49.44
N THR C 506 -0.10 31.63 -49.64
CA THR C 506 0.46 31.24 -50.93
C THR C 506 1.14 29.91 -50.80
N LYS C 507 1.52 29.29 -51.91
CA LYS C 507 2.10 27.98 -51.80
C LYS C 507 3.59 28.04 -52.08
N PRO C 508 4.39 27.19 -51.46
CA PRO C 508 5.76 26.98 -51.77
C PRO C 508 5.76 26.15 -53.04
N LEU C 509 6.91 25.98 -53.65
CA LEU C 509 7.01 25.17 -54.85
C LEU C 509 6.80 23.68 -54.59
N LYS C 510 7.20 23.23 -53.43
CA LYS C 510 7.14 21.85 -53.06
C LYS C 510 7.13 21.75 -51.57
N TYR C 511 6.74 20.59 -51.04
CA TYR C 511 6.82 20.41 -49.61
C TYR C 511 8.22 19.83 -49.39
N SER C 512 8.88 20.13 -48.28
CA SER C 512 10.17 19.50 -48.08
C SER C 512 10.43 19.20 -46.64
N TYR C 513 11.39 18.34 -46.42
CA TYR C 513 11.74 17.95 -45.08
C TYR C 513 13.15 17.45 -45.00
N ILE C 514 13.63 17.35 -43.78
CA ILE C 514 14.93 16.81 -43.52
C ILE C 514 14.79 15.31 -43.33
N ASN C 515 15.56 14.50 -44.06
CA ASN C 515 15.44 13.07 -43.85
C ASN C 515 16.66 12.54 -43.12
N LYS C 516 17.63 13.40 -42.95
CA LYS C 516 18.84 13.07 -42.25
C LYS C 516 19.35 14.28 -41.57
N CYS C 517 19.80 14.14 -40.35
CA CYS C 517 20.45 15.19 -39.60
C CYS C 517 21.40 14.53 -38.63
N SER C 518 22.68 14.80 -38.75
CA SER C 518 23.67 14.11 -37.92
C SER C 518 24.95 14.88 -37.72
N ARG C 519 25.72 14.50 -36.74
CA ARG C 519 27.03 15.08 -36.57
C ARG C 519 28.13 14.10 -36.82
N LEU C 520 29.13 14.57 -37.49
CA LEU C 520 30.32 13.79 -37.73
C LEU C 520 31.29 14.31 -36.72
N LEU C 521 31.83 13.43 -35.92
CA LEU C 521 32.72 13.88 -34.87
C LEU C 521 34.11 14.10 -35.43
N SER C 522 35.00 14.71 -34.66
CA SER C 522 36.34 15.06 -35.16
C SER C 522 37.15 13.91 -35.73
N ASP C 523 36.89 12.69 -35.27
CA ASP C 523 37.59 11.51 -35.77
C ASP C 523 37.19 11.07 -37.18
N ASP C 524 36.03 11.57 -37.62
CA ASP C 524 35.40 11.27 -38.89
C ASP C 524 35.15 9.79 -39.10
N ARG C 525 34.85 9.08 -38.01
CA ARG C 525 34.51 7.69 -38.07
C ARG C 525 33.09 7.54 -37.53
N THR C 526 32.79 8.34 -36.51
CA THR C 526 31.50 8.26 -35.84
C THR C 526 30.57 9.35 -36.27
N GLU C 527 29.38 8.91 -36.61
CA GLU C 527 28.26 9.73 -37.02
C GLU C 527 27.14 9.59 -36.00
N VAL C 528 26.69 10.71 -35.46
CA VAL C 528 25.67 10.71 -34.44
C VAL C 528 24.40 11.40 -34.89
N PRO C 529 23.28 10.70 -35.08
CA PRO C 529 22.01 11.26 -35.48
C PRO C 529 21.60 12.33 -34.50
N GLN C 530 21.15 13.46 -35.04
CA GLN C 530 20.72 14.56 -34.20
C GLN C 530 19.22 14.66 -34.20
N LEU C 531 18.62 14.11 -33.18
CA LEU C 531 17.18 14.04 -33.20
C LEU C 531 16.61 15.33 -32.72
N VAL C 532 15.46 15.70 -33.25
CA VAL C 532 14.79 16.91 -32.84
C VAL C 532 14.13 16.72 -31.49
N ASN C 533 14.21 17.72 -30.64
CA ASN C 533 13.56 17.66 -29.35
C ASN C 533 12.15 18.18 -29.48
N ALA C 534 11.26 17.78 -28.59
CA ALA C 534 9.92 18.30 -28.69
C ALA C 534 9.92 19.79 -28.52
N ASN C 535 9.12 20.43 -29.36
CA ASN C 535 8.93 21.88 -29.43
C ASN C 535 10.16 22.67 -29.83
N GLN C 536 11.18 21.99 -30.34
CA GLN C 536 12.37 22.68 -30.76
C GLN C 536 12.64 22.53 -32.21
N TYR C 537 13.63 23.24 -32.68
CA TYR C 537 14.05 23.13 -34.06
C TYR C 537 15.24 22.19 -34.12
N SER C 538 15.36 21.46 -35.19
CA SER C 538 16.48 20.60 -35.47
C SER C 538 17.75 21.42 -35.60
N PRO C 539 18.93 20.95 -35.14
CA PRO C 539 20.19 21.65 -35.26
C PRO C 539 20.58 21.89 -36.70
N CYS C 540 20.03 21.09 -37.60
CA CYS C 540 20.32 21.20 -39.02
C CYS C 540 19.52 22.26 -39.72
N VAL C 541 18.64 22.92 -39.01
CA VAL C 541 17.83 23.94 -39.63
C VAL C 541 18.69 25.02 -40.21
N SER C 542 19.80 25.36 -39.56
CA SER C 542 20.67 26.37 -40.07
C SER C 542 21.41 25.98 -41.36
N ILE C 543 21.48 24.69 -41.71
CA ILE C 543 22.19 24.32 -42.92
C ILE C 543 21.23 23.98 -44.06
N VAL C 544 20.00 23.63 -43.71
CA VAL C 544 18.99 23.28 -44.67
C VAL C 544 18.25 24.55 -45.14
N PRO C 545 18.17 24.84 -46.44
CA PRO C 545 17.51 25.98 -47.05
C PRO C 545 16.02 25.96 -46.76
N SER C 546 15.36 27.10 -46.89
CA SER C 546 13.92 27.14 -46.60
C SER C 546 13.12 26.22 -47.49
N THR C 547 13.61 25.95 -48.68
CA THR C 547 12.99 24.97 -49.57
C THR C 547 14.12 24.05 -50.03
N VAL C 548 13.94 22.74 -49.95
CA VAL C 548 14.99 21.85 -50.46
C VAL C 548 14.91 21.93 -51.97
N TRP C 549 16.02 22.18 -52.64
CA TRP C 549 15.97 22.31 -54.10
C TRP C 549 15.50 21.03 -54.75
N GLU C 550 16.18 19.93 -54.44
CA GLU C 550 15.75 18.67 -54.98
C GLU C 550 15.98 17.55 -53.99
N ASP C 551 15.22 16.50 -54.15
CA ASP C 551 15.34 15.38 -53.25
C ASP C 551 16.75 14.84 -53.32
N GLY C 552 17.37 14.62 -52.15
CA GLY C 552 18.72 14.11 -52.09
C GLY C 552 19.79 15.17 -51.83
N ASP C 553 19.41 16.44 -51.81
CA ASP C 553 20.42 17.47 -51.55
C ASP C 553 21.09 17.24 -50.23
N TYR C 554 22.41 17.37 -50.22
CA TYR C 554 23.19 17.13 -49.02
C TYR C 554 23.78 18.43 -48.55
N TYR C 555 23.68 18.68 -47.27
CA TYR C 555 24.14 19.90 -46.68
C TYR C 555 25.19 19.62 -45.66
N ARG C 556 26.15 20.52 -45.53
CA ARG C 556 27.18 20.37 -44.51
C ARG C 556 27.71 21.69 -43.96
N LYS C 557 27.95 21.72 -42.65
CA LYS C 557 28.55 22.86 -41.98
C LYS C 557 29.74 22.42 -41.15
N GLN C 558 30.83 23.16 -41.23
CA GLN C 558 31.96 22.89 -40.36
C GLN C 558 31.66 23.52 -39.02
N LEU C 559 31.72 22.74 -37.95
CA LEU C 559 31.42 23.28 -36.62
C LEU C 559 32.67 23.84 -35.97
N SER C 560 32.49 24.90 -35.18
CA SER C 560 33.60 25.48 -34.44
C SER C 560 33.87 24.61 -33.23
N PRO C 561 35.00 24.74 -32.53
CA PRO C 561 35.32 24.03 -31.31
C PRO C 561 34.30 24.21 -30.19
N LEU C 562 33.58 25.32 -30.19
CA LEU C 562 32.59 25.64 -29.15
C LEU C 562 31.31 24.90 -29.31
N GLU C 563 31.18 24.34 -30.51
CA GLU C 563 30.05 23.57 -30.96
C GLU C 563 30.41 22.09 -30.93
N GLY C 564 31.62 21.79 -30.43
CA GLY C 564 32.12 20.43 -30.32
C GLY C 564 32.98 19.95 -31.49
N GLY C 565 33.14 20.78 -32.50
CA GLY C 565 33.95 20.41 -33.65
C GLY C 565 33.22 19.44 -34.55
N GLY C 566 33.90 19.01 -35.61
CA GLY C 566 33.29 18.09 -36.53
C GLY C 566 32.38 18.80 -37.50
N TRP C 567 31.50 18.03 -38.12
CA TRP C 567 30.60 18.54 -39.13
C TRP C 567 29.16 18.28 -38.79
N LEU C 568 28.31 19.20 -39.14
CA LEU C 568 26.88 18.95 -39.01
C LEU C 568 26.43 18.67 -40.43
N VAL C 569 25.76 17.55 -40.66
CA VAL C 569 25.33 17.26 -42.03
C VAL C 569 23.85 16.93 -42.08
N ALA C 570 23.27 17.11 -43.23
CA ALA C 570 21.86 16.81 -43.38
C ALA C 570 21.51 16.48 -44.80
N SER C 571 20.43 15.78 -44.97
CA SER C 571 19.91 15.54 -46.30
C SER C 571 18.48 15.95 -46.35
N GLY C 572 18.13 16.59 -47.46
CA GLY C 572 16.77 17.01 -47.68
C GLY C 572 16.04 16.02 -48.57
N SER C 573 14.73 16.15 -48.59
CA SER C 573 13.86 15.38 -49.45
C SER C 573 12.65 16.19 -49.79
N THR C 574 11.96 15.81 -50.86
CA THR C 574 10.79 16.60 -51.26
C THR C 574 9.56 15.78 -51.56
N VAL C 575 8.42 16.47 -51.50
CA VAL C 575 7.13 15.92 -51.88
C VAL C 575 6.46 16.88 -52.87
N ALA C 576 5.94 16.33 -53.95
CA ALA C 576 5.30 17.18 -54.95
C ALA C 576 4.14 17.94 -54.35
N MET C 577 3.98 19.17 -54.79
CA MET C 577 2.93 20.02 -54.33
C MET C 577 1.59 19.62 -54.90
N THR C 578 0.62 19.71 -54.04
CA THR C 578 -0.78 19.46 -54.26
C THR C 578 -1.53 20.67 -54.81
N GLU C 579 -2.78 20.45 -55.29
CA GLU C 579 -3.54 21.56 -55.89
C GLU C 579 -3.89 22.61 -54.86
N GLN C 580 -4.17 22.16 -53.66
CA GLN C 580 -4.48 23.03 -52.56
C GLN C 580 -3.40 22.80 -51.53
N LEU C 581 -2.90 23.82 -50.89
CA LEU C 581 -1.87 23.64 -49.92
C LEU C 581 -2.34 22.96 -48.69
N GLN C 582 -1.61 21.97 -48.27
CA GLN C 582 -1.95 21.30 -47.05
C GLN C 582 -1.05 21.84 -45.96
N MET C 583 -1.63 22.12 -44.80
CA MET C 583 -0.92 22.67 -43.65
C MET C 583 -1.14 21.94 -42.35
N GLY C 584 -0.11 21.86 -41.54
CA GLY C 584 -0.23 21.33 -40.21
C GLY C 584 -0.22 22.46 -39.19
N PHE C 585 -0.95 22.26 -38.11
CA PHE C 585 -0.98 23.20 -37.01
C PHE C 585 -0.80 22.45 -35.71
N GLY C 586 0.27 22.68 -35.01
CA GLY C 586 0.39 22.01 -33.72
C GLY C 586 -0.07 22.97 -32.66
N ILE C 587 -0.80 22.49 -31.68
CA ILE C 587 -1.19 23.36 -30.58
C ILE C 587 -0.71 22.79 -29.29
N THR C 588 0.00 23.57 -28.51
CA THR C 588 0.46 23.10 -27.20
C THR C 588 -0.09 24.04 -26.14
N VAL C 589 -0.66 23.49 -25.08
CA VAL C 589 -1.19 24.40 -24.04
C VAL C 589 -0.58 24.13 -22.69
N GLN C 590 -0.31 25.22 -21.98
CA GLN C 590 0.22 25.13 -20.63
C GLN C 590 -0.80 25.65 -19.65
N TYR C 591 -0.89 24.99 -18.50
CA TYR C 591 -1.88 25.31 -17.48
C TYR C 591 -1.50 25.97 -16.16
N GLY C 592 -0.29 26.50 -15.99
CA GLY C 592 -0.07 27.13 -14.69
C GLY C 592 1.33 27.69 -14.49
N THR C 593 1.77 28.51 -15.42
CA THR C 593 3.09 29.13 -15.33
C THR C 593 2.92 30.59 -15.01
N ASP C 594 1.69 31.01 -15.19
CA ASP C 594 1.23 32.39 -15.06
C ASP C 594 -0.25 32.34 -14.80
N THR C 595 -0.85 33.50 -14.68
CA THR C 595 -2.30 33.58 -14.59
C THR C 595 -2.86 32.89 -15.86
N ASN C 596 -3.89 32.03 -15.77
CA ASN C 596 -4.32 31.40 -17.02
C ASN C 596 -5.21 32.34 -17.77
N SER C 597 -4.55 33.24 -18.46
CA SER C 597 -5.13 34.37 -19.14
C SER C 597 -5.50 34.15 -20.58
N VAL C 598 -5.26 32.95 -21.09
CA VAL C 598 -5.70 32.67 -22.46
C VAL C 598 -7.01 31.91 -22.29
N CYS C 599 -8.12 32.60 -22.50
CA CYS C 599 -9.45 32.03 -22.20
C CYS C 599 -10.38 32.19 -23.37
N PRO C 600 -11.44 31.42 -23.51
CA PRO C 600 -12.48 31.64 -24.48
C PRO C 600 -13.08 32.97 -24.07
N LYS C 601 -13.70 33.75 -24.96
CA LYS C 601 -14.31 34.94 -24.39
C LYS C 601 -15.57 34.55 -23.64
N LEU C 602 -15.87 35.29 -22.60
CA LEU C 602 -17.04 35.10 -21.76
C LEU C 602 -17.84 36.37 -21.58
N GLU C 603 -19.15 36.28 -21.71
CA GLU C 603 -19.98 37.43 -21.41
C GLU C 603 -20.26 37.35 -19.90
N PHE C 604 -19.89 38.37 -19.15
CA PHE C 604 -20.05 38.31 -17.70
C PHE C 604 -21.34 38.90 -17.18
N ALA C 605 -21.94 38.17 -16.26
CA ALA C 605 -23.10 38.65 -15.53
C ALA C 605 -22.56 39.41 -14.31
N ASN C 606 -23.32 40.34 -13.76
CA ASN C 606 -22.71 41.05 -12.56
C ASN C 606 -23.07 40.33 -11.33
N ASP C 607 -23.65 39.16 -11.37
CA ASP C 607 -23.90 38.38 -10.20
C ASP C 607 -22.80 37.33 -10.02
N THR C 608 -21.72 37.44 -10.83
CA THR C 608 -20.60 36.52 -10.73
C THR C 608 -19.38 37.23 -10.24
N LYS C 609 -19.62 38.37 -9.64
CA LYS C 609 -18.56 39.14 -9.06
C LYS C 609 -18.30 38.60 -7.65
N ILE C 610 -17.07 38.78 -7.16
CA ILE C 610 -16.76 38.36 -5.80
C ILE C 610 -17.35 39.28 -4.77
N ALA C 611 -17.25 40.58 -4.97
CA ALA C 611 -17.71 41.51 -3.96
C ALA C 611 -19.18 41.32 -3.64
N SER C 612 -19.98 40.93 -4.64
CA SER C 612 -21.40 40.77 -4.44
C SER C 612 -21.79 39.48 -3.73
N GLN C 613 -20.83 38.57 -3.55
CA GLN C 613 -21.12 37.29 -2.90
C GLN C 613 -20.22 36.98 -1.71
N LEU C 614 -19.74 38.00 -1.02
CA LEU C 614 -18.84 37.71 0.08
C LEU C 614 -19.60 37.01 1.17
N GLY C 615 -18.94 36.01 1.76
CA GLY C 615 -19.49 35.25 2.87
C GLY C 615 -20.26 34.03 2.42
N ASN C 616 -20.49 33.92 1.12
CA ASN C 616 -21.23 32.78 0.62
C ASN C 616 -20.31 31.69 0.13
N CYS C 617 -20.85 30.47 0.12
CA CYS C 617 -20.05 29.39 -0.56
C CYS C 617 -20.46 29.46 -2.04
N VAL C 618 -19.35 29.62 -2.83
CA VAL C 618 -19.56 29.71 -4.27
C VAL C 618 -18.58 28.84 -5.02
N GLU C 619 -18.95 28.52 -6.23
CA GLU C 619 -17.96 27.87 -7.09
C GLU C 619 -17.14 29.01 -7.66
N TYR C 620 -15.88 28.80 -7.92
CA TYR C 620 -15.16 29.88 -8.56
C TYR C 620 -14.34 29.41 -9.69
N SER C 621 -14.13 30.31 -10.63
CA SER C 621 -13.19 30.12 -11.71
C SER C 621 -12.49 31.46 -11.91
N LEU C 622 -11.27 31.55 -11.45
CA LEU C 622 -10.53 32.79 -11.51
C LEU C 622 -9.32 32.59 -12.38
N TYR C 623 -9.36 33.09 -13.60
CA TYR C 623 -8.26 32.94 -14.53
C TYR C 623 -7.79 31.53 -14.59
N GLY C 624 -8.74 30.62 -14.70
CA GLY C 624 -8.50 29.20 -14.87
C GLY C 624 -8.33 28.41 -13.60
N VAL C 625 -8.29 29.10 -12.48
CA VAL C 625 -8.13 28.43 -11.20
C VAL C 625 -9.50 28.19 -10.63
N SER C 626 -9.81 26.98 -10.24
CA SER C 626 -11.17 26.74 -9.80
C SER C 626 -11.29 25.88 -8.60
N GLY C 627 -12.46 25.94 -8.02
CA GLY C 627 -12.77 25.17 -6.83
C GLY C 627 -13.96 25.77 -6.16
N ARG C 628 -14.15 25.46 -4.89
CA ARG C 628 -15.26 26.00 -4.13
C ARG C 628 -14.72 26.70 -2.91
N GLY C 629 -15.38 27.76 -2.49
CA GLY C 629 -14.95 28.44 -1.29
C GLY C 629 -15.75 29.66 -0.97
N VAL C 630 -15.32 30.30 0.08
CA VAL C 630 -15.95 31.48 0.62
C VAL C 630 -14.99 32.63 0.56
N PHE C 631 -15.40 33.72 -0.05
CA PHE C 631 -14.52 34.88 -0.14
C PHE C 631 -14.79 35.84 0.98
N GLN C 632 -13.74 36.42 1.50
CA GLN C 632 -13.88 37.44 2.53
C GLN C 632 -13.01 38.63 2.23
N ASN C 633 -13.46 39.81 2.52
CA ASN C 633 -12.65 41.00 2.38
C ASN C 633 -11.57 41.06 3.43
N CYS C 634 -10.31 41.15 3.16
CA CYS C 634 -9.30 41.14 4.17
C CYS C 634 -8.00 41.82 3.82
N THR C 635 -7.07 41.95 4.73
CA THR C 635 -5.78 42.59 4.51
C THR C 635 -4.92 41.82 3.55
N ALA C 636 -4.35 42.52 2.58
CA ALA C 636 -3.49 41.92 1.58
C ALA C 636 -2.20 41.41 2.15
N VAL C 637 -1.83 40.22 1.67
CA VAL C 637 -0.58 39.56 1.96
C VAL C 637 0.00 39.02 0.66
N GLY C 638 1.29 38.75 0.63
CA GLY C 638 1.87 38.16 -0.57
C GLY C 638 2.18 39.24 -1.59
N VAL C 639 2.64 38.84 -2.78
CA VAL C 639 2.98 39.80 -3.80
C VAL C 639 1.77 40.05 -4.69
N ARG C 640 1.32 41.29 -4.79
CA ARG C 640 0.13 41.65 -5.55
C ARG C 640 0.17 41.24 -6.98
N GLN C 641 1.31 41.40 -7.58
CA GLN C 641 1.51 41.12 -8.98
C GLN C 641 1.32 39.68 -9.35
N GLN C 642 1.40 38.80 -8.35
CA GLN C 642 1.30 37.38 -8.60
C GLN C 642 -0.13 36.85 -8.52
N ARG C 643 -1.08 37.72 -8.11
CA ARG C 643 -2.52 37.41 -8.07
C ARG C 643 -3.05 36.35 -7.12
N PHE C 644 -2.49 35.16 -7.18
CA PHE C 644 -2.99 34.06 -6.37
C PHE C 644 -2.07 33.74 -5.19
N VAL C 645 -2.63 33.79 -3.99
CA VAL C 645 -1.88 33.53 -2.78
C VAL C 645 -2.16 32.11 -2.32
N TYR C 646 -1.10 31.33 -2.13
CA TYR C 646 -1.20 29.96 -1.70
C TYR C 646 -0.65 29.75 -0.32
N ASP C 647 -1.17 28.73 0.36
CA ASP C 647 -0.65 28.34 1.67
C ASP C 647 0.44 27.27 1.54
N ALA C 648 0.84 26.73 2.68
CA ALA C 648 1.92 25.76 2.77
C ALA C 648 1.51 24.36 2.34
N TYR C 649 0.22 24.16 2.07
CA TYR C 649 -0.29 22.88 1.60
C TYR C 649 -0.75 23.03 0.13
N GLN C 650 -0.37 24.16 -0.48
CA GLN C 650 -0.69 24.55 -1.84
C GLN C 650 -2.18 24.76 -2.11
N ASN C 651 -2.94 25.18 -1.10
CA ASN C 651 -4.33 25.49 -1.33
C ASN C 651 -4.40 26.95 -1.74
N LEU C 652 -5.41 27.36 -2.50
CA LEU C 652 -5.51 28.79 -2.76
C LEU C 652 -6.15 29.40 -1.52
N VAL C 653 -5.48 30.37 -0.92
CA VAL C 653 -5.99 30.97 0.31
C VAL C 653 -6.23 32.45 0.21
N GLY C 654 -5.94 33.04 -0.93
CA GLY C 654 -6.23 34.43 -1.10
C GLY C 654 -6.10 34.81 -2.53
N TYR C 655 -6.70 35.93 -2.87
CA TYR C 655 -6.72 36.39 -4.24
C TYR C 655 -6.81 37.87 -4.42
N TYR C 656 -5.99 38.38 -5.31
CA TYR C 656 -6.07 39.78 -5.64
C TYR C 656 -6.93 39.90 -6.86
N SER C 657 -8.06 40.57 -6.71
CA SER C 657 -9.04 40.71 -7.78
C SER C 657 -8.78 41.86 -8.70
N ASP C 658 -9.33 41.77 -9.91
CA ASP C 658 -9.19 42.92 -10.82
C ASP C 658 -10.06 44.11 -10.39
N ASP C 659 -10.93 43.94 -9.39
CA ASP C 659 -11.72 45.06 -8.91
C ASP C 659 -10.93 45.88 -7.86
N GLY C 660 -9.67 45.48 -7.59
CA GLY C 660 -8.78 46.19 -6.69
C GLY C 660 -8.71 45.65 -5.26
N ASN C 661 -9.62 44.77 -4.90
CA ASN C 661 -9.65 44.23 -3.55
C ASN C 661 -8.90 42.92 -3.40
N TYR C 662 -8.44 42.69 -2.18
CA TYR C 662 -7.85 41.41 -1.85
C TYR C 662 -8.83 40.62 -1.04
N TYR C 663 -9.03 39.37 -1.42
CA TYR C 663 -9.92 38.55 -0.68
C TYR C 663 -9.23 37.36 -0.11
N CYS C 664 -9.66 36.97 1.06
CA CYS C 664 -9.19 35.76 1.67
C CYS C 664 -10.10 34.70 1.13
N LEU C 665 -9.58 33.51 0.88
CA LEU C 665 -10.42 32.44 0.43
C LEU C 665 -10.41 31.31 1.43
N ARG C 666 -11.59 30.94 1.87
CA ARG C 666 -11.72 29.88 2.84
C ARG C 666 -12.44 28.76 2.18
N ALA C 667 -12.21 27.55 2.59
CA ALA C 667 -12.94 26.46 1.94
C ALA C 667 -14.39 26.53 2.32
N CYS C 668 -15.26 26.06 1.45
CA CYS C 668 -16.61 25.94 1.95
C CYS C 668 -16.33 24.88 3.01
N VAL C 669 -16.82 25.07 4.21
CA VAL C 669 -16.53 24.13 5.29
C VAL C 669 -17.63 23.29 5.62
N SER C 670 -17.34 22.02 5.74
CA SER C 670 -18.41 21.12 6.06
C SER C 670 -18.73 21.18 7.54
N VAL C 671 -19.94 20.76 7.88
CA VAL C 671 -20.39 20.73 9.25
C VAL C 671 -20.32 19.32 9.82
N PRO C 672 -19.41 19.03 10.74
CA PRO C 672 -19.25 17.74 11.39
C PRO C 672 -20.53 17.10 11.83
N VAL C 673 -20.69 15.79 11.66
CA VAL C 673 -21.88 15.13 12.18
C VAL C 673 -21.56 13.83 12.92
N SER C 674 -22.10 13.69 14.13
CA SER C 674 -22.02 12.46 14.90
C SER C 674 -23.44 12.02 15.25
N VAL C 675 -23.72 10.74 15.14
CA VAL C 675 -25.06 10.27 15.46
C VAL C 675 -25.01 9.60 16.79
N ILE C 676 -25.91 10.01 17.65
CA ILE C 676 -26.02 9.43 18.97
C ILE C 676 -27.15 8.45 18.89
N TYR C 677 -26.91 7.15 19.02
CA TYR C 677 -27.99 6.18 18.80
C TYR C 677 -28.18 5.18 19.89
N ASP C 678 -29.44 5.00 20.26
CA ASP C 678 -29.77 4.01 21.25
C ASP C 678 -30.66 2.92 20.64
N LYS C 679 -30.06 1.73 20.55
CA LYS C 679 -30.64 0.54 19.93
C LYS C 679 -31.91 0.05 20.60
N GLU C 680 -31.96 0.12 21.92
CA GLU C 680 -33.11 -0.33 22.69
C GLU C 680 -34.31 0.57 22.50
N THR C 681 -34.09 1.88 22.42
CA THR C 681 -35.23 2.76 22.24
C THR C 681 -35.50 3.08 20.79
N LYS C 682 -34.55 2.79 19.89
CA LYS C 682 -34.69 3.16 18.50
C LYS C 682 -34.85 4.69 18.36
N THR C 683 -34.03 5.40 19.11
CA THR C 683 -34.05 6.86 19.07
C THR C 683 -32.66 7.38 18.83
N HIS C 684 -32.56 8.62 18.38
CA HIS C 684 -31.27 9.19 18.16
C HIS C 684 -31.28 10.69 18.30
N ALA C 685 -30.08 11.22 18.35
CA ALA C 685 -29.83 12.64 18.43
C ALA C 685 -28.62 12.95 17.56
N THR C 686 -28.53 14.16 17.06
CA THR C 686 -27.43 14.51 16.18
C THR C 686 -26.52 15.55 16.78
N LEU C 687 -25.23 15.26 16.83
CA LEU C 687 -24.24 16.20 17.35
C LEU C 687 -23.40 16.77 16.24
N PHE C 688 -23.35 18.09 16.22
CA PHE C 688 -22.57 18.82 15.26
C PHE C 688 -21.37 19.35 16.01
N GLY C 689 -20.35 18.53 16.07
CA GLY C 689 -19.27 18.87 16.95
C GLY C 689 -18.54 20.06 16.46
N SER C 690 -18.17 20.92 17.40
CA SER C 690 -17.38 22.13 17.11
C SER C 690 -18.19 23.22 16.45
N VAL C 691 -19.48 23.01 16.25
CA VAL C 691 -20.31 23.98 15.54
C VAL C 691 -21.21 24.79 16.44
N ALA C 692 -21.20 26.11 16.27
CA ALA C 692 -22.17 26.92 17.03
C ALA C 692 -23.56 26.69 16.44
N CYS C 693 -24.60 26.68 17.27
CA CYS C 693 -25.96 26.41 16.80
C CYS C 693 -26.53 27.47 15.89
N GLU C 694 -25.83 28.57 15.73
CA GLU C 694 -26.29 29.63 14.84
C GLU C 694 -26.34 29.14 13.38
N HIS C 695 -25.62 28.03 13.10
CA HIS C 695 -25.59 27.44 11.76
C HIS C 695 -26.56 26.29 11.61
N ILE C 696 -27.28 25.95 12.67
CA ILE C 696 -28.13 24.78 12.60
C ILE C 696 -29.58 25.20 12.81
N TYR C 718 -38.33 20.81 20.49
CA TYR C 718 -37.26 21.68 20.97
C TYR C 718 -36.33 22.07 19.82
N GLY C 719 -35.71 23.23 19.96
CA GLY C 719 -34.77 23.72 18.97
C GLY C 719 -33.42 23.11 19.27
N PRO C 720 -32.34 23.54 18.62
CA PRO C 720 -30.99 23.05 18.81
C PRO C 720 -30.47 23.45 20.18
N LEU C 721 -29.68 22.58 20.80
CA LEU C 721 -29.07 22.84 22.12
C LEU C 721 -27.56 23.06 22.04
N GLN C 722 -27.06 24.17 22.54
CA GLN C 722 -25.62 24.38 22.44
C GLN C 722 -24.96 23.71 23.63
N THR C 723 -24.00 22.83 23.41
CA THR C 723 -23.32 22.15 24.50
C THR C 723 -21.84 22.44 24.39
N PRO C 724 -21.02 22.11 25.40
CA PRO C 724 -19.56 22.19 25.39
C PRO C 724 -18.83 21.42 24.29
N VAL C 725 -19.50 20.51 23.61
CA VAL C 725 -18.87 19.75 22.55
C VAL C 725 -19.43 20.07 21.17
N GLY C 726 -20.36 20.99 21.08
CA GLY C 726 -20.99 21.31 19.80
C GLY C 726 -22.47 21.49 19.92
N CYS C 727 -23.14 21.59 18.80
CA CYS C 727 -24.58 21.83 18.80
C CYS C 727 -25.32 20.51 18.68
N VAL C 728 -26.30 20.25 19.55
CA VAL C 728 -26.96 18.97 19.43
C VAL C 728 -28.45 19.07 19.26
N LEU C 729 -28.97 18.40 18.24
CA LEU C 729 -30.41 18.34 17.98
C LEU C 729 -30.92 17.00 18.46
N GLY C 730 -32.11 16.95 19.03
CA GLY C 730 -32.64 15.67 19.48
C GLY C 730 -32.43 15.43 20.96
N LEU C 731 -31.63 16.28 21.61
CA LEU C 731 -31.44 16.18 23.04
C LEU C 731 -32.18 17.30 23.74
N VAL C 732 -32.64 17.00 24.93
CA VAL C 732 -33.26 18.02 25.76
C VAL C 732 -32.42 18.20 26.99
N ASN C 733 -32.15 19.44 27.36
CA ASN C 733 -31.31 19.66 28.54
C ASN C 733 -32.10 19.25 29.80
N SER C 734 -31.40 18.37 30.61
CA SER C 734 -32.12 17.85 31.79
C SER C 734 -31.62 18.25 33.16
N SER C 735 -30.42 18.82 33.27
CA SER C 735 -29.84 19.14 34.58
C SER C 735 -29.89 17.95 35.54
N LEU C 736 -29.53 16.81 35.00
CA LEU C 736 -29.53 15.52 35.66
C LEU C 736 -28.14 14.95 35.60
N PHE C 737 -27.73 14.23 36.65
CA PHE C 737 -26.43 13.58 36.64
C PHE C 737 -26.48 12.06 36.57
N VAL C 738 -25.49 11.49 35.90
CA VAL C 738 -25.33 10.06 35.77
C VAL C 738 -23.94 9.61 36.16
N GLU C 739 -23.78 8.31 36.43
CA GLU C 739 -22.43 7.80 36.64
C GLU C 739 -22.29 6.78 35.53
N ASP C 740 -23.43 6.17 35.30
CA ASP C 740 -23.64 5.07 34.38
C ASP C 740 -23.94 5.53 32.96
N CYS C 741 -22.90 6.10 32.37
CA CYS C 741 -23.13 6.69 31.02
C CYS C 741 -22.69 5.71 29.92
N LYS C 742 -23.70 5.52 29.00
CA LYS C 742 -23.49 4.60 27.89
C LYS C 742 -23.22 5.31 26.57
N LEU C 743 -23.62 6.57 26.48
CA LEU C 743 -23.49 7.35 25.27
C LEU C 743 -22.77 8.65 25.55
N PRO C 744 -21.50 8.62 25.92
CA PRO C 744 -20.73 9.78 26.30
C PRO C 744 -20.60 10.66 25.10
N LEU C 745 -20.70 11.96 25.30
CA LEU C 745 -20.60 12.88 24.18
C LEU C 745 -19.26 13.55 24.09
N GLY C 746 -18.54 13.53 25.19
CA GLY C 746 -17.27 14.22 25.28
C GLY C 746 -17.32 15.16 26.46
N GLN C 747 -16.18 15.66 26.87
CA GLN C 747 -16.12 16.50 28.04
C GLN C 747 -16.79 15.68 29.14
N SER C 748 -17.77 16.17 29.83
CA SER C 748 -18.39 15.31 30.85
C SER C 748 -19.86 15.22 30.63
N LEU C 749 -20.23 15.20 29.36
CA LEU C 749 -21.59 15.14 28.90
C LEU C 749 -21.96 13.73 28.47
N CYS C 750 -23.24 13.40 28.61
CA CYS C 750 -23.75 12.08 28.25
C CYS C 750 -25.16 12.14 27.69
N ALA C 751 -25.44 11.37 26.64
CA ALA C 751 -26.83 11.30 26.18
C ALA C 751 -27.53 10.19 26.95
N LEU C 752 -28.68 10.52 27.50
CA LEU C 752 -29.43 9.59 28.32
C LEU C 752 -30.81 9.36 27.75
N PRO C 753 -31.15 8.19 27.24
CA PRO C 753 -32.43 7.93 26.63
C PRO C 753 -33.53 8.04 27.66
N ASP C 754 -34.71 8.46 27.21
CA ASP C 754 -35.91 8.58 28.03
C ASP C 754 -36.72 7.30 27.91
N THR C 755 -36.58 6.43 28.91
CA THR C 755 -37.17 5.11 28.91
C THR C 755 -37.14 4.46 30.26
N PRO C 768 -40.82 5.61 23.58
CA PRO C 768 -39.64 6.27 24.11
C PRO C 768 -39.69 7.75 23.80
N GLY C 769 -39.00 8.55 24.60
CA GLY C 769 -38.98 9.99 24.40
C GLY C 769 -37.69 10.45 23.76
N GLU C 770 -37.35 11.70 23.98
CA GLU C 770 -36.14 12.28 23.45
C GLU C 770 -34.99 11.95 24.38
N MET C 771 -33.78 11.93 23.86
CA MET C 771 -32.68 11.69 24.76
C MET C 771 -32.43 12.95 25.58
N ARG C 772 -32.08 12.76 26.81
CA ARG C 772 -31.75 13.85 27.70
C ARG C 772 -30.25 14.16 27.66
N LEU C 773 -29.91 15.41 27.85
CA LEU C 773 -28.50 15.73 28.00
C LEU C 773 -28.20 15.75 29.49
N ALA C 774 -27.38 14.80 29.90
CA ALA C 774 -27.02 14.60 31.30
C ALA C 774 -25.54 14.87 31.49
N SER C 775 -25.19 15.25 32.70
CA SER C 775 -23.79 15.46 33.01
C SER C 775 -23.26 14.26 33.79
N ILE C 776 -22.01 13.93 33.61
CA ILE C 776 -21.47 12.82 34.36
C ILE C 776 -21.00 13.33 35.71
N ALA C 777 -21.45 12.68 36.75
CA ALA C 777 -21.12 13.06 38.11
C ALA C 777 -19.73 12.64 38.53
N PHE C 778 -19.12 13.46 39.36
CA PHE C 778 -17.92 13.02 40.04
C PHE C 778 -18.43 12.39 41.30
N ASN C 779 -18.02 11.17 41.58
CA ASN C 779 -18.47 10.48 42.78
C ASN C 779 -17.47 10.73 43.90
N HIS C 780 -17.80 11.61 44.84
CA HIS C 780 -16.86 11.98 45.87
C HIS C 780 -16.61 10.86 46.85
N PRO C 781 -15.36 10.69 47.31
CA PRO C 781 -14.95 9.73 48.31
C PRO C 781 -15.46 10.18 49.65
N ILE C 782 -15.47 9.25 50.60
CA ILE C 782 -15.91 9.59 51.94
C ILE C 782 -14.92 10.57 52.50
N GLN C 783 -15.38 11.70 53.02
CA GLN C 783 -14.45 12.69 53.53
C GLN C 783 -14.12 12.42 54.96
N VAL C 784 -12.84 12.32 55.27
CA VAL C 784 -12.47 12.03 56.65
C VAL C 784 -11.58 13.16 57.12
N ASP C 785 -12.00 13.87 58.14
CA ASP C 785 -11.25 15.02 58.63
C ASP C 785 -10.05 14.70 59.47
N GLN C 786 -9.03 15.54 59.35
CA GLN C 786 -7.86 15.40 60.19
C GLN C 786 -8.11 16.13 61.49
N LEU C 787 -7.49 15.69 62.56
CA LEU C 787 -7.69 16.35 63.83
C LEU C 787 -6.51 17.20 64.23
N ASN C 788 -6.82 18.29 64.87
CA ASN C 788 -5.81 19.20 65.53
C ASN C 788 -5.45 18.62 66.81
N SER C 789 -4.86 17.51 66.92
CA SER C 789 -4.60 16.80 68.16
C SER C 789 -3.55 15.74 67.95
N SER C 790 -3.26 15.02 69.01
CA SER C 790 -2.33 13.89 69.01
C SER C 790 -3.04 12.60 68.59
N TYR C 791 -4.33 12.69 68.33
CA TYR C 791 -5.17 11.58 67.90
C TYR C 791 -5.44 11.69 66.40
N PHE C 792 -6.08 10.67 65.83
CA PHE C 792 -6.51 10.78 64.44
C PHE C 792 -7.85 10.12 64.26
N LYS C 793 -8.55 10.52 63.21
CA LYS C 793 -9.79 9.87 62.84
C LYS C 793 -9.55 8.66 61.97
N LEU C 794 -10.22 7.60 62.35
CA LEU C 794 -10.20 6.35 61.63
C LEU C 794 -11.50 6.08 61.00
N SER C 795 -11.55 6.06 59.69
CA SER C 795 -12.78 5.69 59.03
C SER C 795 -12.63 4.17 58.82
N ILE C 796 -13.42 3.39 59.53
CA ILE C 796 -13.25 1.95 59.52
C ILE C 796 -14.58 1.25 59.21
N PRO C 797 -14.62 0.20 58.40
CA PRO C 797 -15.81 -0.55 58.04
C PRO C 797 -16.46 -1.17 59.22
N THR C 798 -17.79 -1.31 59.17
CA THR C 798 -18.50 -2.01 60.24
C THR C 798 -19.19 -3.20 59.61
N ASN C 799 -19.17 -3.18 58.29
CA ASN C 799 -19.82 -4.23 57.50
C ASN C 799 -18.99 -4.59 56.32
N PHE C 800 -19.30 -5.66 55.65
CA PHE C 800 -18.59 -6.05 54.47
C PHE C 800 -19.37 -6.97 53.58
N SER C 801 -18.89 -7.10 52.37
CA SER C 801 -19.40 -8.06 51.43
C SER C 801 -18.26 -8.60 50.60
N PHE C 802 -18.52 -9.68 49.91
CA PHE C 802 -17.52 -10.17 48.98
C PHE C 802 -18.05 -9.86 47.60
N GLY C 803 -17.18 -9.63 46.66
CA GLY C 803 -17.68 -9.42 45.31
C GLY C 803 -16.69 -9.97 44.35
N VAL C 804 -17.09 -10.13 43.11
CA VAL C 804 -16.19 -10.71 42.14
C VAL C 804 -15.89 -9.77 41.02
N THR C 805 -14.63 -9.49 40.83
CA THR C 805 -14.24 -8.68 39.71
C THR C 805 -13.94 -9.70 38.64
N GLN C 806 -14.58 -9.57 37.51
CA GLN C 806 -14.33 -10.54 36.45
C GLN C 806 -13.35 -9.92 35.50
N GLU C 807 -12.43 -10.71 34.99
CA GLU C 807 -11.48 -10.19 34.06
C GLU C 807 -11.14 -11.16 32.96
N TYR C 808 -11.13 -10.68 31.75
CA TYR C 808 -10.71 -11.54 30.67
C TYR C 808 -9.41 -11.11 30.10
N ILE C 809 -8.50 -12.06 29.97
CA ILE C 809 -7.23 -11.79 29.35
C ILE C 809 -7.08 -12.67 28.14
N GLN C 810 -6.88 -12.04 27.01
CA GLN C 810 -6.71 -12.78 25.78
C GLN C 810 -5.30 -13.33 25.75
N THR C 811 -5.10 -14.59 25.44
CA THR C 811 -3.72 -15.06 25.39
C THR C 811 -3.32 -15.44 23.98
N THR C 812 -4.31 -15.69 23.14
CA THR C 812 -4.09 -16.10 21.77
C THR C 812 -4.96 -15.35 20.81
N ILE C 813 -4.67 -15.53 19.54
CA ILE C 813 -5.51 -15.07 18.45
C ILE C 813 -5.71 -16.31 17.62
N GLN C 814 -6.71 -16.30 16.74
CA GLN C 814 -6.88 -17.44 15.85
C GLN C 814 -5.72 -17.45 14.89
N LYS C 815 -5.14 -18.64 14.69
CA LYS C 815 -4.01 -18.82 13.79
C LYS C 815 -4.51 -19.08 12.40
N VAL C 816 -4.05 -18.28 11.44
CA VAL C 816 -4.49 -18.40 10.07
C VAL C 816 -3.32 -18.45 9.12
N THR C 817 -3.42 -19.29 8.11
CA THR C 817 -2.42 -19.31 7.05
C THR C 817 -3.14 -18.99 5.77
N VAL C 818 -2.41 -18.50 4.78
CA VAL C 818 -3.05 -18.18 3.53
C VAL C 818 -2.35 -18.81 2.35
N ASP C 819 -3.12 -19.41 1.46
CA ASP C 819 -2.50 -19.90 0.25
C ASP C 819 -2.51 -18.67 -0.65
N CYS C 820 -1.39 -17.95 -0.51
CA CYS C 820 -1.30 -16.60 -1.19
C CYS C 820 -1.36 -16.77 -2.64
N LYS C 821 -0.75 -17.69 -3.27
CA LYS C 821 -0.79 -17.83 -4.69
C LYS C 821 -2.22 -18.06 -5.13
N GLN C 822 -2.96 -18.94 -4.42
CA GLN C 822 -4.34 -19.15 -4.83
C GLN C 822 -5.18 -17.93 -4.56
N TYR C 823 -4.95 -17.26 -3.44
CA TYR C 823 -5.75 -16.09 -3.10
C TYR C 823 -5.69 -15.06 -4.18
N VAL C 824 -4.47 -14.76 -4.62
CA VAL C 824 -4.29 -13.72 -5.60
C VAL C 824 -4.70 -14.12 -7.00
N CYS C 825 -4.28 -15.30 -7.46
CA CYS C 825 -4.51 -15.64 -8.86
C CYS C 825 -5.54 -16.69 -9.17
N ASN C 826 -6.08 -17.40 -8.20
CA ASN C 826 -7.08 -18.40 -8.45
C ASN C 826 -6.77 -19.45 -9.47
N GLY C 827 -5.51 -19.87 -9.57
CA GLY C 827 -5.13 -20.90 -10.50
C GLY C 827 -4.90 -20.45 -11.93
N PHE C 828 -5.02 -19.17 -12.21
CA PHE C 828 -4.83 -18.71 -13.58
C PHE C 828 -3.38 -18.48 -13.85
N GLN C 829 -2.89 -19.09 -14.91
CA GLN C 829 -1.48 -19.03 -15.22
C GLN C 829 -1.02 -17.66 -15.64
N LYS C 830 -1.89 -16.89 -16.28
CA LYS C 830 -1.46 -15.57 -16.70
C LYS C 830 -1.22 -14.74 -15.48
N CYS C 831 -2.11 -14.83 -14.52
CA CYS C 831 -1.93 -14.08 -13.32
C CYS C 831 -0.67 -14.51 -12.63
N GLU C 832 -0.43 -15.81 -12.53
CA GLU C 832 0.75 -16.26 -11.80
C GLU C 832 2.00 -15.74 -12.44
N GLN C 833 2.00 -15.68 -13.77
CA GLN C 833 3.11 -15.14 -14.51
C GLN C 833 3.38 -13.70 -14.20
N LEU C 834 2.32 -12.94 -13.94
CA LEU C 834 2.50 -11.54 -13.63
C LEU C 834 2.87 -11.37 -12.17
N LEU C 835 2.37 -12.26 -11.33
CA LEU C 835 2.64 -12.24 -9.90
C LEU C 835 4.10 -12.41 -9.63
N ARG C 836 4.78 -13.19 -10.45
CA ARG C 836 6.20 -13.43 -10.28
C ARG C 836 7.04 -12.16 -10.39
N GLU C 837 6.51 -11.12 -11.00
CA GLU C 837 7.28 -9.92 -11.24
C GLU C 837 7.28 -9.01 -10.03
N TYR C 838 6.57 -9.45 -8.99
CA TYR C 838 6.48 -8.75 -7.73
C TYR C 838 7.41 -9.40 -6.70
N GLY C 839 8.25 -10.33 -7.17
CA GLY C 839 9.21 -10.96 -6.29
C GLY C 839 8.60 -12.07 -5.50
N GLN C 840 9.27 -12.49 -4.45
CA GLN C 840 8.79 -13.63 -3.69
C GLN C 840 7.77 -13.15 -2.67
N PHE C 841 6.67 -12.62 -3.19
CA PHE C 841 5.63 -12.03 -2.39
C PHE C 841 5.00 -13.04 -1.48
N CYS C 842 4.64 -14.16 -2.06
CA CYS C 842 3.96 -15.16 -1.31
C CYS C 842 4.86 -15.84 -0.32
N SER C 843 6.18 -15.84 -0.57
CA SER C 843 7.03 -16.46 0.40
C SER C 843 7.00 -15.60 1.64
N LYS C 844 6.95 -14.28 1.44
CA LYS C 844 6.93 -13.36 2.56
C LYS C 844 5.64 -13.48 3.35
N ILE C 845 4.52 -13.66 2.66
CA ILE C 845 3.25 -13.80 3.36
C ILE C 845 3.27 -15.05 4.19
N ASN C 846 3.76 -16.14 3.62
CA ASN C 846 3.75 -17.39 4.35
C ASN C 846 4.68 -17.42 5.51
N GLN C 847 5.84 -16.81 5.36
CA GLN C 847 6.80 -16.83 6.43
C GLN C 847 6.37 -15.93 7.55
N ALA C 848 5.77 -14.79 7.21
CA ALA C 848 5.33 -13.89 8.25
C ALA C 848 4.24 -14.52 9.08
N LEU C 849 3.33 -15.26 8.42
CA LEU C 849 2.26 -15.87 9.17
C LEU C 849 2.76 -17.08 9.89
N HIS C 850 3.72 -17.78 9.33
CA HIS C 850 4.20 -18.96 10.01
C HIS C 850 4.80 -18.54 11.33
N GLY C 851 5.60 -17.48 11.31
CA GLY C 851 6.21 -17.00 12.53
C GLY C 851 5.18 -16.53 13.53
N ALA C 852 4.16 -15.81 13.03
CA ALA C 852 3.09 -15.31 13.87
C ALA C 852 2.31 -16.43 14.48
N ASN C 853 2.18 -17.56 13.79
CA ASN C 853 1.44 -18.67 14.32
C ASN C 853 2.27 -19.43 15.34
N LEU C 854 3.60 -19.51 15.11
CA LEU C 854 4.47 -20.21 16.07
C LEU C 854 4.43 -19.46 17.36
N ARG C 855 4.32 -18.14 17.25
CA ARG C 855 4.29 -17.30 18.41
C ARG C 855 3.17 -17.65 19.36
N GLN C 856 2.02 -18.11 18.85
CA GLN C 856 0.96 -18.46 19.76
C GLN C 856 1.25 -19.81 20.34
N ASP C 857 1.81 -20.70 19.57
CA ASP C 857 2.06 -21.99 20.20
C ASP C 857 3.09 -21.81 21.31
N ASP C 858 4.04 -20.89 21.12
CA ASP C 858 5.04 -20.68 22.17
C ASP C 858 4.44 -19.94 23.33
N SER C 859 3.53 -19.00 23.06
CA SER C 859 2.87 -18.24 24.10
C SER C 859 2.04 -19.12 24.97
N VAL C 860 1.31 -20.04 24.35
CA VAL C 860 0.46 -20.99 25.05
C VAL C 860 1.28 -21.95 25.84
N ARG C 861 2.32 -22.48 25.26
CA ARG C 861 3.13 -23.44 25.96
C ARG C 861 3.72 -22.82 27.21
N ASN C 862 4.17 -21.56 27.12
CA ASN C 862 4.79 -20.87 28.24
C ASN C 862 3.77 -20.52 29.30
N LEU C 863 2.58 -20.11 28.86
CA LEU C 863 1.56 -19.75 29.80
C LEU C 863 1.13 -20.95 30.57
N PHE C 864 0.90 -22.07 29.91
CA PHE C 864 0.45 -23.20 30.67
C PHE C 864 1.51 -23.80 31.51
N ALA C 865 2.76 -23.72 31.06
CA ALA C 865 3.82 -24.24 31.89
C ALA C 865 3.83 -23.55 33.23
N SER C 866 3.44 -22.27 33.25
CA SER C 866 3.39 -21.51 34.48
C SER C 866 2.11 -21.69 35.30
N VAL C 867 0.98 -22.06 34.66
CA VAL C 867 -0.23 -22.24 35.46
C VAL C 867 -0.09 -23.56 36.17
N LYS C 868 0.62 -24.50 35.53
CA LYS C 868 0.80 -25.84 36.03
C LYS C 868 1.25 -25.87 37.46
N SER C 869 0.58 -26.67 38.25
CA SER C 869 0.90 -26.87 39.65
C SER C 869 1.94 -27.96 39.81
N SER C 870 2.74 -27.88 40.86
CA SER C 870 3.68 -28.94 41.19
C SER C 870 2.98 -30.04 41.97
N GLN C 871 2.22 -29.58 42.94
CA GLN C 871 1.48 -30.37 43.92
C GLN C 871 0.07 -29.79 43.93
N SER C 872 -0.93 -30.63 44.09
CA SER C 872 -2.32 -30.17 44.13
C SER C 872 -3.21 -31.15 44.86
N SER C 873 -4.30 -30.70 45.46
CA SER C 873 -5.22 -31.66 46.03
C SER C 873 -6.25 -32.06 44.97
N PRO C 874 -6.81 -33.27 44.99
CA PRO C 874 -7.89 -33.68 44.13
C PRO C 874 -9.12 -32.83 44.32
N ILE C 875 -9.87 -32.60 43.25
CA ILE C 875 -11.14 -31.91 43.39
C ILE C 875 -12.17 -32.99 43.63
N ILE C 876 -12.94 -32.88 44.67
CA ILE C 876 -13.95 -33.87 44.94
C ILE C 876 -15.24 -33.10 45.03
N PRO C 877 -16.41 -33.67 44.82
CA PRO C 877 -17.65 -32.97 45.05
C PRO C 877 -17.61 -32.52 46.48
N GLY C 878 -17.98 -31.28 46.78
CA GLY C 878 -17.94 -30.87 48.19
C GLY C 878 -16.69 -30.04 48.46
N PHE C 879 -15.81 -29.96 47.45
CA PHE C 879 -14.61 -29.17 47.52
C PHE C 879 -15.12 -27.80 47.89
N GLY C 880 -14.47 -27.13 48.83
CA GLY C 880 -14.89 -25.81 49.29
C GLY C 880 -15.54 -25.84 50.67
N GLY C 881 -16.01 -27.01 51.11
CA GLY C 881 -16.62 -27.06 52.43
C GLY C 881 -17.90 -26.19 52.44
N ASP C 882 -17.96 -25.21 53.33
CA ASP C 882 -19.11 -24.33 53.43
C ASP C 882 -19.11 -23.30 52.32
N PHE C 883 -18.00 -23.22 51.60
CA PHE C 883 -17.83 -22.30 50.51
C PHE C 883 -18.25 -23.04 49.25
N ASN C 884 -19.24 -22.63 48.60
CA ASN C 884 -19.89 -23.20 47.47
C ASN C 884 -19.06 -23.08 46.23
N LEU C 885 -18.24 -23.88 45.83
CA LEU C 885 -17.37 -23.82 44.70
C LEU C 885 -17.85 -24.74 43.59
N THR C 886 -19.12 -25.20 43.65
CA THR C 886 -19.57 -26.19 42.64
C THR C 886 -19.51 -25.63 41.26
N LEU C 887 -19.64 -24.31 41.18
CA LEU C 887 -19.56 -23.48 39.99
C LEU C 887 -18.24 -23.73 39.26
N LEU C 888 -17.19 -23.90 40.06
CA LEU C 888 -15.83 -24.09 39.58
C LEU C 888 -15.42 -25.58 39.44
N GLU C 889 -16.09 -26.48 40.16
CA GLU C 889 -15.72 -27.89 40.10
C GLU C 889 -15.98 -28.40 38.68
N PRO C 890 -15.15 -29.29 38.13
CA PRO C 890 -15.35 -29.89 36.82
C PRO C 890 -16.66 -30.65 36.80
N VAL C 891 -17.39 -30.56 35.70
CA VAL C 891 -18.64 -31.29 35.63
C VAL C 891 -18.39 -32.72 35.20
N ALA C 900 -13.00 -32.50 31.58
CA ALA C 900 -14.27 -31.90 31.99
C ALA C 900 -14.11 -30.45 32.37
N ARG C 901 -14.90 -29.59 31.75
CA ARG C 901 -14.88 -28.17 32.07
C ARG C 901 -15.81 -27.94 33.25
N SER C 902 -15.59 -26.83 33.96
CA SER C 902 -16.45 -26.46 35.08
C SER C 902 -17.78 -25.89 34.58
N ALA C 903 -18.74 -25.77 35.47
CA ALA C 903 -20.03 -25.23 35.06
C ALA C 903 -19.93 -23.79 34.57
N ILE C 904 -19.12 -22.98 35.23
CA ILE C 904 -19.04 -21.57 34.80
C ILE C 904 -18.33 -21.51 33.48
N GLU C 905 -17.36 -22.38 33.30
CA GLU C 905 -16.57 -22.42 32.10
C GLU C 905 -17.45 -22.82 30.92
N ASP C 906 -18.33 -23.82 31.11
CA ASP C 906 -19.22 -24.17 30.00
C ASP C 906 -20.18 -23.04 29.73
N LEU C 907 -20.62 -22.35 30.79
CA LEU C 907 -21.58 -21.28 30.56
C LEU C 907 -20.92 -20.17 29.78
N LEU C 908 -19.66 -19.88 30.12
CA LEU C 908 -18.93 -18.83 29.46
C LEU C 908 -18.82 -19.13 28.00
N PHE C 909 -18.52 -20.37 27.65
CA PHE C 909 -18.42 -20.72 26.24
C PHE C 909 -19.77 -20.73 25.55
N ASP C 910 -20.82 -21.24 26.22
CA ASP C 910 -22.14 -21.33 25.58
C ASP C 910 -22.74 -19.98 25.26
N LYS C 911 -22.40 -18.98 26.07
CA LYS C 911 -22.95 -17.65 25.88
C LYS C 911 -22.21 -16.79 24.89
N VAL C 912 -21.09 -17.28 24.36
CA VAL C 912 -20.32 -16.48 23.40
C VAL C 912 -20.58 -17.05 22.01
N THR C 913 -20.90 -16.20 21.04
CA THR C 913 -21.19 -16.77 19.72
C THR C 913 -19.91 -16.91 18.95
N ILE C 914 -19.56 -18.18 18.71
CA ILE C 914 -18.32 -18.56 18.06
C ILE C 914 -18.63 -19.48 16.89
N ALA C 915 -18.14 -19.19 15.71
CA ALA C 915 -18.35 -20.09 14.58
C ALA C 915 -17.54 -21.35 14.81
N ASP C 916 -18.05 -22.51 14.41
CA ASP C 916 -17.30 -23.76 14.53
C ASP C 916 -16.34 -23.94 13.37
N PRO C 917 -15.01 -23.89 13.56
CA PRO C 917 -14.01 -24.00 12.53
C PRO C 917 -13.95 -25.36 11.85
N GLY C 918 -14.53 -26.43 12.44
CA GLY C 918 -14.48 -27.68 11.70
C GLY C 918 -13.11 -28.29 11.61
N TYR C 919 -12.36 -28.29 12.69
CA TYR C 919 -11.00 -28.78 12.61
C TYR C 919 -10.87 -30.20 12.09
N MET C 920 -11.80 -31.09 12.40
CA MET C 920 -11.66 -32.48 11.95
C MET C 920 -12.20 -32.72 10.54
N GLN C 921 -13.34 -32.13 10.18
CA GLN C 921 -13.90 -32.39 8.86
C GLN C 921 -14.68 -31.22 8.24
N GLY C 922 -14.32 -29.98 8.54
CA GLY C 922 -15.01 -28.79 8.05
C GLY C 922 -15.13 -28.70 6.56
N TYR C 923 -14.14 -29.25 5.88
CA TYR C 923 -14.10 -29.28 4.43
C TYR C 923 -15.36 -29.91 3.91
N ASP C 924 -15.76 -31.01 4.54
CA ASP C 924 -16.92 -31.76 4.15
C ASP C 924 -18.19 -31.15 4.65
N ASP C 925 -18.16 -30.55 5.81
CA ASP C 925 -19.41 -29.99 6.31
C ASP C 925 -19.88 -28.92 5.36
N CYS C 926 -18.93 -28.17 4.82
CA CYS C 926 -19.23 -27.05 3.91
C CYS C 926 -19.64 -27.50 2.54
N MET C 927 -19.55 -28.79 2.25
CA MET C 927 -19.98 -29.31 0.97
C MET C 927 -21.32 -30.04 1.12
N GLN C 928 -21.46 -30.85 2.17
CA GLN C 928 -22.70 -31.62 2.33
C GLN C 928 -23.82 -30.79 2.93
N GLN C 929 -23.48 -29.76 3.70
CA GLN C 929 -24.49 -28.89 4.26
C GLN C 929 -24.41 -27.51 3.61
N GLY C 930 -23.18 -27.07 3.33
CA GLY C 930 -22.98 -25.75 2.79
C GLY C 930 -22.86 -24.73 3.94
N PRO C 931 -22.73 -23.44 3.64
CA PRO C 931 -22.57 -22.36 4.59
C PRO C 931 -23.75 -22.26 5.53
N ALA C 932 -23.47 -21.95 6.80
CA ALA C 932 -24.50 -21.79 7.81
C ALA C 932 -25.35 -20.54 7.60
N SER C 933 -24.73 -19.47 7.10
CA SER C 933 -25.41 -18.22 6.88
C SER C 933 -24.71 -17.34 5.91
N ALA C 934 -25.20 -16.12 5.77
CA ALA C 934 -24.53 -15.17 4.87
C ALA C 934 -23.16 -14.88 5.44
N ARG C 935 -22.16 -14.67 4.61
CA ARG C 935 -20.87 -14.34 5.16
C ARG C 935 -20.30 -15.37 6.12
N ASP C 936 -20.38 -16.64 5.76
CA ASP C 936 -19.85 -17.72 6.59
C ASP C 936 -18.36 -17.83 6.33
N LEU C 937 -17.58 -17.40 7.32
CA LEU C 937 -16.14 -17.28 7.19
C LEU C 937 -15.43 -18.58 7.41
N ILE C 938 -16.19 -19.61 7.77
CA ILE C 938 -15.52 -20.88 7.92
C ILE C 938 -15.59 -21.53 6.56
N CYS C 939 -16.74 -21.47 5.91
CA CYS C 939 -16.79 -22.12 4.60
C CYS C 939 -16.03 -21.34 3.56
N ALA C 940 -15.84 -20.04 3.81
CA ALA C 940 -15.09 -19.19 2.92
C ALA C 940 -13.68 -19.66 2.79
N GLN C 941 -13.18 -20.43 3.75
CA GLN C 941 -11.79 -20.83 3.72
C GLN C 941 -11.43 -21.62 2.48
N TYR C 942 -12.34 -22.46 2.02
CA TYR C 942 -12.00 -23.42 0.98
C TYR C 942 -12.23 -22.82 -0.37
N VAL C 943 -12.76 -21.62 -0.34
CA VAL C 943 -13.13 -20.88 -1.51
C VAL C 943 -12.14 -19.76 -1.75
N ALA C 944 -11.89 -18.97 -0.70
CA ALA C 944 -11.00 -17.83 -0.73
C ALA C 944 -9.53 -18.22 -0.73
N GLY C 945 -9.16 -19.36 -0.15
CA GLY C 945 -7.75 -19.69 -0.13
C GLY C 945 -7.06 -19.47 1.22
N TYR C 946 -7.81 -19.54 2.32
CA TYR C 946 -7.19 -19.34 3.63
C TYR C 946 -7.60 -20.47 4.55
N LYS C 947 -6.81 -20.71 5.57
CA LYS C 947 -7.13 -21.79 6.49
C LYS C 947 -6.98 -21.42 7.92
N VAL C 948 -7.98 -21.80 8.70
CA VAL C 948 -7.91 -21.61 10.13
C VAL C 948 -7.25 -22.85 10.75
N LEU C 949 -6.20 -22.61 11.52
CA LEU C 949 -5.46 -23.71 12.11
C LEU C 949 -5.95 -23.99 13.51
N PRO C 950 -5.89 -25.23 13.98
CA PRO C 950 -6.24 -25.62 15.31
C PRO C 950 -5.23 -25.09 16.32
N PRO C 951 -5.65 -24.87 17.56
CA PRO C 951 -4.90 -24.45 18.71
C PRO C 951 -3.97 -25.54 19.14
N LEU C 952 -2.93 -25.15 19.89
CA LEU C 952 -1.91 -26.06 20.41
C LEU C 952 -2.38 -27.12 21.36
N MET C 953 -3.36 -26.81 22.19
CA MET C 953 -3.88 -27.76 23.16
C MET C 953 -5.37 -28.00 22.92
N ASP C 954 -5.83 -29.24 23.12
CA ASP C 954 -7.26 -29.50 22.98
C ASP C 954 -7.94 -29.01 24.24
N VAL C 955 -9.25 -29.00 24.24
CA VAL C 955 -10.03 -28.57 25.37
C VAL C 955 -9.83 -29.37 26.64
N ASN C 956 -9.71 -30.68 26.54
CA ASN C 956 -9.58 -31.40 27.78
C ASN C 956 -8.25 -31.10 28.45
N MET C 957 -7.20 -30.86 27.68
CA MET C 957 -5.94 -30.54 28.30
C MET C 957 -6.00 -29.19 28.96
N GLU C 958 -6.64 -28.21 28.32
CA GLU C 958 -6.71 -26.92 28.98
C GLU C 958 -7.52 -27.02 30.26
N ALA C 959 -8.59 -27.83 30.21
CA ALA C 959 -9.40 -28.00 31.40
C ALA C 959 -8.59 -28.63 32.50
N ALA C 960 -7.72 -29.59 32.15
CA ALA C 960 -6.88 -30.26 33.12
C ALA C 960 -5.97 -29.28 33.81
N TYR C 961 -5.48 -28.29 33.07
CA TYR C 961 -4.60 -27.34 33.69
C TYR C 961 -5.31 -26.47 34.69
N THR C 962 -6.54 -26.02 34.36
CA THR C 962 -7.18 -25.13 35.31
C THR C 962 -7.82 -25.90 36.44
N SER C 963 -8.09 -27.18 36.21
CA SER C 963 -8.65 -27.99 37.27
C SER C 963 -7.60 -28.28 38.30
N SER C 964 -6.36 -28.54 37.84
CA SER C 964 -5.30 -28.82 38.79
C SER C 964 -4.93 -27.57 39.51
N LEU C 965 -5.14 -26.42 38.86
CA LEU C 965 -4.86 -25.13 39.46
C LEU C 965 -5.85 -24.89 40.57
N LEU C 966 -7.13 -25.22 40.34
CA LEU C 966 -8.15 -24.99 41.38
C LEU C 966 -7.80 -25.73 42.64
N GLY C 967 -7.35 -26.96 42.47
CA GLY C 967 -7.07 -27.82 43.61
C GLY C 967 -5.81 -27.47 44.34
N SER C 968 -5.03 -26.56 43.76
CA SER C 968 -3.80 -26.16 44.38
C SER C 968 -3.97 -24.89 45.18
N ILE C 969 -5.12 -24.20 45.08
CA ILE C 969 -5.16 -22.86 45.67
C ILE C 969 -5.03 -22.81 47.17
N ALA C 970 -5.78 -23.61 47.89
CA ALA C 970 -5.73 -23.53 49.33
C ALA C 970 -4.35 -23.86 49.89
N GLY C 971 -3.66 -24.78 49.26
CA GLY C 971 -2.39 -25.22 49.78
C GLY C 971 -1.18 -24.59 49.20
N VAL C 972 -1.37 -23.63 48.31
CA VAL C 972 -0.20 -23.03 47.69
C VAL C 972 0.01 -21.67 48.33
N GLY C 973 -1.07 -20.89 48.47
CA GLY C 973 -0.91 -19.55 49.03
C GLY C 973 -0.97 -19.59 50.56
N TRP C 974 -0.13 -20.42 51.18
CA TRP C 974 -0.23 -20.62 52.62
C TRP C 974 1.00 -20.14 53.38
N THR C 975 2.20 -20.59 53.04
CA THR C 975 3.37 -20.12 53.78
C THR C 975 4.60 -19.88 52.96
N ALA C 976 5.72 -19.68 53.64
CA ALA C 976 7.00 -19.36 52.98
C ALA C 976 7.48 -20.44 52.01
N GLY C 977 8.02 -20.00 50.88
CA GLY C 977 8.61 -20.89 49.88
C GLY C 977 7.54 -21.38 48.91
N LEU C 978 7.95 -21.86 47.75
CA LEU C 978 6.98 -22.38 46.79
C LEU C 978 7.08 -23.89 46.68
N SER C 979 7.84 -24.49 47.59
CA SER C 979 8.18 -25.91 47.54
C SER C 979 7.31 -26.91 48.28
N SER C 980 6.50 -26.47 49.21
CA SER C 980 5.72 -27.44 49.96
C SER C 980 4.27 -27.17 49.75
N PHE C 981 3.45 -28.18 49.93
CA PHE C 981 2.02 -28.01 49.74
C PHE C 981 1.24 -28.39 50.97
N ALA C 982 0.42 -27.48 51.42
CA ALA C 982 -0.40 -27.74 52.59
C ALA C 982 -1.79 -28.18 52.16
N ALA C 983 -2.12 -29.44 52.29
CA ALA C 983 -3.43 -29.88 51.84
C ALA C 983 -4.44 -29.58 52.90
N ILE C 984 -4.93 -28.35 52.88
CA ILE C 984 -5.83 -27.87 53.89
C ILE C 984 -7.13 -27.54 53.22
N PRO C 985 -8.25 -27.50 53.92
CA PRO C 985 -9.53 -27.10 53.44
C PRO C 985 -9.55 -25.73 52.86
N PHE C 986 -10.35 -25.52 51.85
CA PHE C 986 -10.54 -24.23 51.24
C PHE C 986 -10.99 -23.23 52.28
N ALA C 987 -11.93 -23.64 53.10
CA ALA C 987 -12.44 -22.74 54.12
C ALA C 987 -11.36 -22.25 55.05
N GLN C 988 -10.42 -23.13 55.38
CA GLN C 988 -9.37 -22.78 56.30
C GLN C 988 -8.47 -21.75 55.64
N SER C 989 -8.26 -21.91 54.34
CA SER C 989 -7.47 -20.98 53.56
C SER C 989 -8.11 -19.62 53.55
N ILE C 990 -9.44 -19.56 53.39
CA ILE C 990 -10.14 -18.29 53.38
C ILE C 990 -9.98 -17.59 54.70
N PHE C 991 -10.07 -18.31 55.80
CA PHE C 991 -9.96 -17.61 57.04
C PHE C 991 -8.55 -17.08 57.24
N TYR C 992 -7.53 -17.78 56.75
CA TYR C 992 -6.19 -17.21 56.88
C TYR C 992 -6.06 -15.97 56.02
N ARG C 993 -6.66 -16.01 54.82
CA ARG C 993 -6.65 -14.87 53.92
C ARG C 993 -7.36 -13.66 54.47
N LEU C 994 -8.45 -13.88 55.20
CA LEU C 994 -9.16 -12.77 55.80
C LEU C 994 -8.39 -12.23 56.99
N ASN C 995 -7.76 -13.10 57.74
CA ASN C 995 -7.01 -12.65 58.88
C ASN C 995 -5.84 -11.81 58.45
N GLY C 996 -5.30 -12.17 57.29
CA GLY C 996 -4.16 -11.50 56.74
C GLY C 996 -4.42 -10.13 56.20
N VAL C 997 -5.69 -9.73 56.13
CA VAL C 997 -5.99 -8.41 55.62
C VAL C 997 -6.54 -7.52 56.69
N GLY C 998 -6.52 -7.98 57.95
CA GLY C 998 -7.03 -7.12 59.00
C GLY C 998 -8.31 -7.52 59.69
N ILE C 999 -8.83 -8.72 59.46
CA ILE C 999 -10.03 -9.09 60.20
C ILE C 999 -9.55 -10.00 61.31
N THR C 1000 -9.87 -9.70 62.56
CA THR C 1000 -9.30 -10.50 63.63
C THR C 1000 -9.89 -11.88 63.71
N GLN C 1001 -9.22 -12.77 64.43
CA GLN C 1001 -9.66 -14.13 64.58
C GLN C 1001 -10.89 -14.26 65.41
N GLN C 1002 -11.12 -13.34 66.33
CA GLN C 1002 -12.34 -13.42 67.12
C GLN C 1002 -13.53 -13.19 66.22
N VAL C 1003 -13.36 -12.29 65.26
CA VAL C 1003 -14.42 -11.95 64.34
C VAL C 1003 -14.68 -13.07 63.39
N LEU C 1004 -13.61 -13.64 62.85
CA LEU C 1004 -13.77 -14.69 61.89
C LEU C 1004 -14.38 -15.90 62.53
N SER C 1005 -14.04 -16.16 63.81
CA SER C 1005 -14.57 -17.30 64.52
C SER C 1005 -16.06 -17.17 64.81
N GLU C 1006 -16.49 -15.95 65.16
CA GLU C 1006 -17.90 -15.73 65.44
C GLU C 1006 -18.75 -15.77 64.19
N ASN C 1007 -18.16 -15.31 63.08
CA ASN C 1007 -18.85 -15.19 61.81
C ASN C 1007 -18.52 -16.21 60.75
N GLN C 1008 -18.05 -17.41 61.09
CA GLN C 1008 -17.69 -18.29 59.98
C GLN C 1008 -18.82 -18.62 59.04
N LYS C 1009 -20.04 -18.74 59.56
CA LYS C 1009 -21.15 -19.08 58.69
C LYS C 1009 -21.57 -17.86 57.90
N LEU C 1010 -21.42 -16.69 58.49
CA LEU C 1010 -21.82 -15.46 57.82
C LEU C 1010 -20.87 -15.20 56.67
N ILE C 1011 -19.59 -15.47 56.90
CA ILE C 1011 -18.57 -15.27 55.90
C ILE C 1011 -18.77 -16.22 54.75
N ALA C 1012 -19.02 -17.51 55.06
CA ALA C 1012 -19.25 -18.45 54.00
C ALA C 1012 -20.49 -18.05 53.21
N ASN C 1013 -21.53 -17.54 53.89
CA ASN C 1013 -22.71 -17.17 53.14
C ASN C 1013 -22.46 -16.01 52.24
N LYS C 1014 -21.67 -15.02 52.69
CA LYS C 1014 -21.42 -13.88 51.83
C LYS C 1014 -20.59 -14.25 50.65
N PHE C 1015 -19.63 -15.16 50.88
CA PHE C 1015 -18.77 -15.61 49.81
C PHE C 1015 -19.63 -16.29 48.76
N ASN C 1016 -20.54 -17.15 49.25
CA ASN C 1016 -21.41 -17.89 48.36
C ASN C 1016 -22.33 -17.01 47.59
N GLN C 1017 -22.76 -15.90 48.19
CA GLN C 1017 -23.61 -14.98 47.47
C GLN C 1017 -22.81 -14.33 46.37
N ALA C 1018 -21.55 -13.98 46.67
CA ALA C 1018 -20.72 -13.31 45.68
C ALA C 1018 -20.51 -14.17 44.45
N LEU C 1019 -20.32 -15.47 44.65
CA LEU C 1019 -20.12 -16.34 43.50
C LEU C 1019 -21.41 -16.77 42.89
N GLY C 1020 -22.44 -16.98 43.70
CA GLY C 1020 -23.71 -17.43 43.16
C GLY C 1020 -24.30 -16.37 42.25
N ALA C 1021 -24.04 -15.10 42.61
CA ALA C 1021 -24.53 -13.93 41.90
C ALA C 1021 -23.96 -13.83 40.52
N MET C 1022 -22.86 -14.51 40.31
CA MET C 1022 -22.16 -14.49 39.07
C MET C 1022 -22.68 -15.50 38.06
N GLN C 1023 -23.50 -16.42 38.54
CA GLN C 1023 -24.09 -17.41 37.66
C GLN C 1023 -24.93 -16.65 36.64
N THR C 1024 -25.54 -15.56 37.10
CA THR C 1024 -26.38 -14.68 36.30
C THR C 1024 -25.57 -13.59 35.56
N GLY C 1025 -24.27 -13.60 35.76
CA GLY C 1025 -23.33 -12.64 35.19
C GLY C 1025 -23.08 -12.50 33.71
N PHE C 1026 -23.11 -13.58 32.94
CA PHE C 1026 -22.75 -13.49 31.53
C PHE C 1026 -23.84 -12.89 30.65
N THR C 1027 -23.90 -11.56 30.72
CA THR C 1027 -24.86 -10.72 30.06
C THR C 1027 -24.29 -9.43 29.56
N THR C 1028 -25.17 -8.54 29.13
CA THR C 1028 -24.84 -7.26 28.48
C THR C 1028 -24.15 -6.25 29.40
N THR C 1029 -24.31 -6.42 30.68
CA THR C 1029 -23.75 -5.50 31.64
C THR C 1029 -22.40 -5.96 32.17
N ASN C 1030 -21.92 -7.12 31.72
CA ASN C 1030 -20.66 -7.69 32.18
C ASN C 1030 -19.52 -7.33 31.25
N GLU C 1031 -18.72 -6.34 31.60
CA GLU C 1031 -17.67 -5.87 30.72
C GLU C 1031 -16.68 -6.97 30.36
N ALA C 1032 -16.31 -7.79 31.33
CA ALA C 1032 -15.36 -8.86 31.05
C ALA C 1032 -15.94 -9.83 30.03
N PHE C 1033 -17.23 -10.06 30.13
CA PHE C 1033 -17.88 -10.95 29.20
C PHE C 1033 -17.85 -10.34 27.80
N GLN C 1034 -18.17 -9.04 27.64
CA GLN C 1034 -18.05 -8.51 26.29
C GLN C 1034 -16.62 -8.61 25.79
N LYS C 1035 -15.62 -8.45 26.65
CA LYS C 1035 -14.29 -8.56 26.10
C LYS C 1035 -14.04 -9.94 25.53
N VAL C 1036 -14.70 -10.96 26.10
CA VAL C 1036 -14.53 -12.29 25.55
C VAL C 1036 -15.15 -12.33 24.16
N GLN C 1037 -16.36 -11.77 24.02
CA GLN C 1037 -17.02 -11.76 22.72
C GLN C 1037 -16.26 -10.93 21.72
N ASP C 1038 -15.64 -9.84 22.16
CA ASP C 1038 -14.91 -9.00 21.26
C ASP C 1038 -13.67 -9.69 20.77
N ALA C 1039 -13.00 -10.49 21.62
CA ALA C 1039 -11.83 -11.20 21.13
C ALA C 1039 -12.25 -12.11 20.00
N VAL C 1040 -13.44 -12.70 20.14
CA VAL C 1040 -14.01 -13.57 19.14
C VAL C 1040 -14.37 -12.80 17.89
N ASN C 1041 -14.94 -11.61 18.07
CA ASN C 1041 -15.30 -10.82 16.92
C ASN C 1041 -14.08 -10.35 16.18
N ASN C 1042 -12.97 -10.14 16.88
CA ASN C 1042 -11.78 -9.68 16.21
C ASN C 1042 -11.22 -10.77 15.33
N ASN C 1043 -11.38 -12.02 15.76
CA ASN C 1043 -10.90 -13.10 14.92
C ASN C 1043 -11.74 -13.15 13.66
N ALA C 1044 -13.05 -12.95 13.82
CA ALA C 1044 -13.92 -12.97 12.67
C ALA C 1044 -13.62 -11.85 11.71
N GLN C 1045 -13.29 -10.68 12.24
CA GLN C 1045 -13.02 -9.56 11.36
C GLN C 1045 -11.78 -9.81 10.54
N ALA C 1046 -10.79 -10.44 11.17
CA ALA C 1046 -9.56 -10.72 10.46
C ALA C 1046 -9.82 -11.60 9.26
N LEU C 1047 -10.76 -12.54 9.39
CA LEU C 1047 -11.03 -13.45 8.30
C LEU C 1047 -11.93 -12.80 7.26
N SER C 1048 -12.75 -11.84 7.71
CA SER C 1048 -13.66 -11.21 6.78
C SER C 1048 -12.92 -10.39 5.79
N LYS C 1049 -11.69 -9.96 6.11
CA LYS C 1049 -10.99 -9.15 5.13
C LYS C 1049 -10.67 -10.02 3.94
N LEU C 1050 -10.24 -11.24 4.18
CA LEU C 1050 -9.92 -12.09 3.05
C LEU C 1050 -11.17 -12.53 2.33
N ALA C 1051 -12.22 -12.85 3.06
CA ALA C 1051 -13.41 -13.30 2.37
C ALA C 1051 -14.05 -12.21 1.52
N SER C 1052 -14.05 -10.97 2.01
CA SER C 1052 -14.73 -9.89 1.32
C SER C 1052 -13.97 -9.14 0.26
N GLU C 1053 -12.66 -9.21 0.28
CA GLU C 1053 -11.91 -8.41 -0.67
C GLU C 1053 -11.74 -9.02 -2.04
N LEU C 1054 -12.02 -10.30 -2.20
CA LEU C 1054 -11.83 -10.90 -3.51
C LEU C 1054 -12.89 -10.50 -4.49
N SER C 1055 -13.97 -9.89 -4.01
CA SER C 1055 -15.04 -9.46 -4.88
C SER C 1055 -14.80 -8.07 -5.43
N ASN C 1056 -13.74 -7.41 -4.97
CA ASN C 1056 -13.46 -6.06 -5.43
C ASN C 1056 -12.77 -6.08 -6.76
N THR C 1057 -12.91 -5.02 -7.55
CA THR C 1057 -12.26 -5.02 -8.84
C THR C 1057 -11.07 -4.11 -8.83
N PHE C 1058 -11.02 -3.19 -7.88
CA PHE C 1058 -9.91 -2.28 -7.77
C PHE C 1058 -9.67 -1.52 -9.06
N GLY C 1059 -10.75 -1.16 -9.74
CA GLY C 1059 -10.74 -0.42 -10.98
C GLY C 1059 -10.79 -1.28 -12.23
N ALA C 1060 -10.65 -2.59 -12.06
CA ALA C 1060 -10.69 -3.55 -13.15
C ALA C 1060 -12.10 -3.74 -13.66
N ILE C 1061 -12.23 -4.27 -14.85
CA ILE C 1061 -13.51 -4.56 -15.49
C ILE C 1061 -14.27 -5.69 -14.81
N SER C 1062 -13.55 -6.53 -14.10
CA SER C 1062 -14.12 -7.62 -13.36
C SER C 1062 -13.22 -8.06 -12.23
N ALA C 1063 -13.80 -8.66 -11.19
CA ALA C 1063 -13.03 -9.24 -10.09
C ALA C 1063 -12.52 -10.63 -10.49
N SER C 1064 -13.04 -11.11 -11.60
CA SER C 1064 -12.67 -12.40 -12.12
C SER C 1064 -11.56 -12.34 -13.15
N ILE C 1065 -10.52 -13.08 -12.89
CA ILE C 1065 -9.40 -13.17 -13.81
C ILE C 1065 -9.89 -13.81 -15.07
N GLY C 1066 -10.72 -14.83 -14.92
CA GLY C 1066 -11.25 -15.53 -16.07
C GLY C 1066 -12.03 -14.60 -17.00
N ASP C 1067 -12.76 -13.59 -16.46
CA ASP C 1067 -13.50 -12.66 -17.30
C ASP C 1067 -12.55 -11.75 -18.04
N ILE C 1068 -11.46 -11.38 -17.38
CA ILE C 1068 -10.51 -10.50 -18.00
C ILE C 1068 -9.87 -11.20 -19.15
N ILE C 1069 -9.46 -12.45 -18.95
CA ILE C 1069 -8.82 -13.20 -20.00
C ILE C 1069 -9.76 -13.45 -21.16
N GLN C 1070 -11.00 -13.82 -20.85
CA GLN C 1070 -11.99 -14.08 -21.87
C GLN C 1070 -12.35 -12.85 -22.72
N ARG C 1071 -12.32 -11.65 -22.13
CA ARG C 1071 -12.67 -10.45 -22.87
C ARG C 1071 -11.53 -9.70 -23.53
N LEU C 1072 -10.33 -9.68 -22.94
CA LEU C 1072 -9.25 -8.86 -23.45
C LEU C 1072 -8.01 -9.56 -23.97
N ASP C 1073 -7.33 -8.91 -24.93
CA ASP C 1073 -6.04 -9.38 -25.40
C ASP C 1073 -4.92 -8.91 -24.48
N PRO C 1074 -3.78 -9.61 -24.44
CA PRO C 1074 -2.64 -9.37 -23.57
C PRO C 1074 -2.23 -7.93 -23.26
N PRO C 1075 -2.07 -6.97 -24.16
CA PRO C 1075 -1.65 -5.66 -23.75
C PRO C 1075 -2.63 -4.95 -22.80
N GLU C 1076 -3.92 -5.33 -22.83
CA GLU C 1076 -4.89 -4.69 -21.95
C GLU C 1076 -5.26 -5.65 -20.85
N GLN C 1077 -5.21 -6.94 -21.18
CA GLN C 1077 -5.54 -8.03 -20.29
C GLN C 1077 -4.59 -7.96 -19.12
N ASP C 1078 -3.33 -7.64 -19.44
CA ASP C 1078 -2.26 -7.54 -18.48
C ASP C 1078 -2.55 -6.46 -17.48
N ALA C 1079 -2.95 -5.29 -17.96
CA ALA C 1079 -3.25 -4.16 -17.10
C ALA C 1079 -4.38 -4.46 -16.15
N GLN C 1080 -5.38 -5.19 -16.62
CA GLN C 1080 -6.53 -5.51 -15.80
C GLN C 1080 -6.22 -6.55 -14.75
N ILE C 1081 -5.40 -7.54 -15.13
CA ILE C 1081 -5.03 -8.57 -14.17
C ILE C 1081 -4.18 -7.92 -13.13
N ASP C 1082 -3.29 -7.04 -13.58
CA ASP C 1082 -2.40 -6.36 -12.69
C ASP C 1082 -3.17 -5.52 -11.67
N ARG C 1083 -4.28 -4.88 -12.07
CA ARG C 1083 -5.04 -4.18 -11.03
C ARG C 1083 -5.51 -5.13 -9.97
N LEU C 1084 -5.96 -6.32 -10.39
CA LEU C 1084 -6.44 -7.24 -9.38
C LEU C 1084 -5.30 -7.71 -8.51
N ILE C 1085 -4.12 -7.90 -9.10
CA ILE C 1085 -2.99 -8.32 -8.31
C ILE C 1085 -2.65 -7.25 -7.31
N ASN C 1086 -2.56 -6.01 -7.72
CA ASN C 1086 -2.16 -5.00 -6.76
C ASN C 1086 -3.10 -4.95 -5.60
N GLY C 1087 -4.41 -5.06 -5.87
CA GLY C 1087 -5.39 -5.00 -4.81
C GLY C 1087 -5.32 -6.16 -3.87
N ARG C 1088 -4.99 -7.32 -4.38
CA ARG C 1088 -4.94 -8.51 -3.56
C ARG C 1088 -3.64 -8.57 -2.80
N LEU C 1089 -2.56 -8.04 -3.38
CA LEU C 1089 -1.30 -8.05 -2.68
C LEU C 1089 -1.43 -7.12 -1.51
N THR C 1090 -2.12 -5.99 -1.74
CA THR C 1090 -2.34 -4.99 -0.72
C THR C 1090 -3.14 -5.56 0.40
N THR C 1091 -4.19 -6.30 0.05
CA THR C 1091 -5.02 -6.94 1.05
C THR C 1091 -4.24 -7.91 1.89
N LEU C 1092 -3.41 -8.73 1.24
CA LEU C 1092 -2.63 -9.67 2.02
C LEU C 1092 -1.60 -8.99 2.87
N ASN C 1093 -1.02 -7.90 2.39
CA ASN C 1093 -0.06 -7.24 3.24
C ASN C 1093 -0.74 -6.67 4.46
N ALA C 1094 -1.96 -6.13 4.27
CA ALA C 1094 -2.69 -5.56 5.39
C ALA C 1094 -3.05 -6.63 6.38
N PHE C 1095 -3.45 -7.79 5.88
CA PHE C 1095 -3.81 -8.92 6.72
C PHE C 1095 -2.65 -9.35 7.56
N VAL C 1096 -1.52 -9.53 6.91
CA VAL C 1096 -0.36 -9.97 7.64
C VAL C 1096 0.04 -8.92 8.63
N ALA C 1097 0.04 -7.66 8.24
CA ALA C 1097 0.43 -6.67 9.21
C ALA C 1097 -0.43 -6.76 10.45
N GLN C 1098 -1.73 -7.00 10.28
CA GLN C 1098 -2.57 -7.11 11.45
C GLN C 1098 -2.37 -8.39 12.20
N GLN C 1099 -2.06 -9.48 11.52
CA GLN C 1099 -1.87 -10.69 12.31
C GLN C 1099 -0.64 -10.51 13.16
N LEU C 1100 0.37 -9.80 12.65
CA LEU C 1100 1.55 -9.54 13.47
C LEU C 1100 1.22 -8.59 14.61
N VAL C 1101 0.37 -7.57 14.38
CA VAL C 1101 0.03 -6.69 15.48
C VAL C 1101 -0.78 -7.40 16.53
N ARG C 1102 -1.74 -8.20 16.09
CA ARG C 1102 -2.61 -8.92 16.99
C ARG C 1102 -1.89 -10.01 17.74
N SER C 1103 -0.92 -10.68 17.10
CA SER C 1103 -0.19 -11.72 17.79
C SER C 1103 0.80 -11.13 18.77
N GLU C 1104 1.28 -9.90 18.50
CA GLU C 1104 2.20 -9.27 19.43
C GLU C 1104 1.42 -8.88 20.66
N SER C 1105 0.21 -8.34 20.43
CA SER C 1105 -0.63 -7.92 21.52
C SER C 1105 -1.05 -9.08 22.36
N ALA C 1106 -1.47 -10.17 21.73
CA ALA C 1106 -1.88 -11.34 22.47
C ALA C 1106 -0.73 -11.90 23.27
N ALA C 1107 0.49 -11.87 22.72
CA ALA C 1107 1.62 -12.38 23.48
C ALA C 1107 1.90 -11.55 24.72
N LEU C 1108 1.74 -10.22 24.63
CA LEU C 1108 1.97 -9.40 25.81
C LEU C 1108 0.93 -9.69 26.83
N SER C 1109 -0.28 -9.88 26.34
CA SER C 1109 -1.42 -10.15 27.17
C SER C 1109 -1.23 -11.49 27.84
N ALA C 1110 -0.70 -12.47 27.13
CA ALA C 1110 -0.43 -13.77 27.72
C ALA C 1110 0.54 -13.66 28.88
N GLN C 1111 1.50 -12.75 28.79
CA GLN C 1111 2.41 -12.60 29.93
C GLN C 1111 1.68 -11.95 31.09
N LEU C 1112 0.68 -11.11 30.81
CA LEU C 1112 -0.09 -10.54 31.89
C LEU C 1112 -0.87 -11.64 32.57
N ALA C 1113 -1.43 -12.55 31.76
CA ALA C 1113 -2.18 -13.67 32.31
C ALA C 1113 -1.30 -14.52 33.18
N LYS C 1114 -0.05 -14.70 32.75
CA LYS C 1114 0.92 -15.47 33.51
C LYS C 1114 1.14 -14.84 34.86
N ASP C 1115 1.29 -13.51 34.88
CA ASP C 1115 1.51 -12.82 36.13
C ASP C 1115 0.32 -12.91 37.02
N LYS C 1116 -0.88 -12.82 36.46
CA LYS C 1116 -2.04 -12.94 37.31
C LYS C 1116 -2.22 -14.32 37.85
N VAL C 1117 -1.89 -15.33 37.10
CA VAL C 1117 -2.06 -16.60 37.75
C VAL C 1117 -1.12 -16.67 38.93
N ASN C 1118 0.14 -16.26 38.74
CA ASN C 1118 1.07 -16.41 39.85
C ASN C 1118 0.81 -15.47 41.02
N GLU C 1119 0.35 -14.26 40.74
CA GLU C 1119 0.09 -13.22 41.73
C GLU C 1119 -1.26 -13.30 42.36
N CYS C 1120 -2.34 -13.60 41.70
CA CYS C 1120 -3.64 -13.63 42.01
C CYS C 1120 -4.29 -14.93 42.55
N VAL C 1121 -3.82 -15.99 41.67
CA VAL C 1121 -4.46 -17.28 41.87
C VAL C 1121 -3.64 -18.15 42.78
N LYS C 1122 -2.35 -18.19 42.56
CA LYS C 1122 -1.47 -19.02 43.36
C LYS C 1122 -0.99 -18.30 44.61
N ALA C 1123 -1.45 -17.09 44.80
CA ALA C 1123 -1.07 -16.29 45.93
C ALA C 1123 -2.14 -15.29 46.26
N GLN C 1124 -2.16 -14.83 47.51
CA GLN C 1124 -3.03 -13.72 47.84
C GLN C 1124 -2.24 -12.46 47.50
N SER C 1125 -2.83 -11.53 46.75
CA SER C 1125 -2.09 -10.33 46.38
C SER C 1125 -2.30 -9.22 47.34
N LYS C 1126 -1.26 -8.43 47.55
CA LYS C 1126 -1.31 -7.23 48.37
C LYS C 1126 -1.23 -5.97 47.53
N ARG C 1127 -1.32 -6.13 46.22
CA ARG C 1127 -1.23 -5.02 45.28
C ARG C 1127 -2.60 -4.47 44.94
N SER C 1128 -2.88 -3.26 45.39
CA SER C 1128 -4.19 -2.73 45.14
C SER C 1128 -4.44 -2.64 43.66
N GLY C 1129 -5.58 -3.12 43.22
CA GLY C 1129 -6.00 -2.97 41.85
C GLY C 1129 -5.35 -3.90 40.86
N PHE C 1130 -4.44 -4.74 41.32
CA PHE C 1130 -3.80 -5.61 40.35
C PHE C 1130 -4.71 -6.71 39.97
N CYS C 1131 -5.32 -7.30 40.96
CA CYS C 1131 -6.22 -8.38 40.76
C CYS C 1131 -7.57 -7.69 40.58
N GLY C 1132 -8.45 -7.80 41.55
CA GLY C 1132 -9.72 -7.13 41.42
C GLY C 1132 -9.74 -5.86 42.26
N GLN C 1133 -10.94 -5.35 42.45
CA GLN C 1133 -11.13 -4.15 43.26
C GLN C 1133 -11.34 -4.58 44.69
N GLY C 1134 -11.09 -3.68 45.64
CA GLY C 1134 -11.28 -4.03 47.03
C GLY C 1134 -10.04 -4.77 47.48
N THR C 1135 -10.11 -5.44 48.62
CA THR C 1135 -8.92 -6.13 49.09
C THR C 1135 -8.94 -7.55 48.56
N HIS C 1136 -7.88 -7.98 47.90
CA HIS C 1136 -7.91 -9.32 47.34
C HIS C 1136 -7.87 -10.42 48.36
N ILE C 1137 -8.74 -11.42 48.14
CA ILE C 1137 -8.79 -12.58 48.98
C ILE C 1137 -8.38 -13.80 48.19
N VAL C 1138 -9.12 -14.15 47.15
CA VAL C 1138 -8.81 -15.36 46.39
C VAL C 1138 -9.20 -15.22 44.93
N SER C 1139 -8.46 -15.80 44.00
CA SER C 1139 -8.91 -15.76 42.61
C SER C 1139 -8.99 -17.15 42.03
N PHE C 1140 -9.83 -17.29 41.04
CA PHE C 1140 -10.00 -18.55 40.33
C PHE C 1140 -9.81 -18.32 38.86
N VAL C 1141 -9.40 -19.36 38.13
CA VAL C 1141 -9.26 -19.25 36.67
C VAL C 1141 -9.94 -20.37 35.91
N VAL C 1142 -10.66 -19.99 34.85
CA VAL C 1142 -11.26 -20.94 33.92
C VAL C 1142 -10.81 -20.53 32.54
N ASN C 1143 -10.96 -21.40 31.55
CA ASN C 1143 -10.57 -21.02 30.22
C ASN C 1143 -11.67 -20.24 29.55
N ALA C 1144 -11.27 -19.42 28.61
CA ALA C 1144 -12.18 -18.61 27.82
C ALA C 1144 -11.82 -18.85 26.36
N PRO C 1145 -12.70 -18.57 25.40
CA PRO C 1145 -12.48 -18.74 23.98
C PRO C 1145 -11.11 -18.36 23.43
N ASN C 1146 -10.55 -17.24 23.84
CA ASN C 1146 -9.22 -16.90 23.32
C ASN C 1146 -8.26 -16.58 24.45
N GLY C 1147 -8.44 -17.21 25.60
CA GLY C 1147 -7.59 -16.87 26.75
C GLY C 1147 -8.13 -17.36 28.05
N LEU C 1148 -7.85 -16.62 29.12
CA LEU C 1148 -8.27 -17.01 30.45
C LEU C 1148 -9.29 -16.05 31.02
N TYR C 1149 -10.19 -16.59 31.81
CA TYR C 1149 -11.16 -15.75 32.48
C TYR C 1149 -10.87 -15.82 33.98
N PHE C 1150 -10.52 -14.68 34.56
CA PHE C 1150 -10.15 -14.58 35.96
C PHE C 1150 -11.35 -14.21 36.76
N MET C 1151 -11.44 -14.82 37.91
CA MET C 1151 -12.58 -14.63 38.77
C MET C 1151 -12.03 -14.12 40.08
N HIS C 1152 -11.97 -12.80 40.30
CA HIS C 1152 -11.23 -12.32 41.49
C HIS C 1152 -12.16 -12.02 42.61
N VAL C 1153 -12.02 -12.69 43.76
CA VAL C 1153 -12.94 -12.41 44.84
C VAL C 1153 -12.25 -11.46 45.80
N GLY C 1154 -12.87 -10.31 46.00
CA GLY C 1154 -12.29 -9.33 46.89
C GLY C 1154 -13.20 -9.03 48.04
N TYR C 1155 -12.63 -8.38 49.02
CA TYR C 1155 -13.32 -7.94 50.21
C TYR C 1155 -13.70 -6.50 50.06
N TYR C 1156 -14.98 -6.23 50.18
CA TYR C 1156 -15.50 -4.91 50.00
C TYR C 1156 -16.11 -4.40 51.27
N PRO C 1157 -15.55 -3.40 51.90
CA PRO C 1157 -16.00 -2.84 53.13
C PRO C 1157 -17.24 -2.01 52.90
N SER C 1158 -18.03 -1.82 53.93
CA SER C 1158 -19.15 -0.91 53.87
C SER C 1158 -19.52 -0.36 55.24
N ASN C 1159 -20.39 0.63 55.24
CA ASN C 1159 -20.87 1.24 56.46
C ASN C 1159 -19.76 1.71 57.36
N HIS C 1160 -18.83 2.47 56.81
CA HIS C 1160 -17.74 2.95 57.59
C HIS C 1160 -18.19 3.91 58.66
N ILE C 1161 -17.52 3.87 59.79
CA ILE C 1161 -17.79 4.80 60.88
C ILE C 1161 -16.52 5.48 61.24
N GLU C 1162 -16.61 6.61 61.90
CA GLU C 1162 -15.41 7.26 62.36
C GLU C 1162 -15.22 7.07 63.85
N VAL C 1163 -14.01 6.68 64.21
CA VAL C 1163 -13.63 6.52 65.61
C VAL C 1163 -12.35 7.27 65.84
N VAL C 1164 -12.01 7.49 67.10
CA VAL C 1164 -10.78 8.18 67.43
C VAL C 1164 -9.70 7.18 67.80
N SER C 1165 -8.54 7.32 67.15
CA SER C 1165 -7.42 6.43 67.32
C SER C 1165 -6.16 7.05 67.82
N ALA C 1166 -5.34 6.23 68.46
CA ALA C 1166 -4.03 6.61 68.96
C ALA C 1166 -2.94 6.19 68.00
N TYR C 1167 -1.81 6.88 68.02
CA TYR C 1167 -0.70 6.42 67.20
C TYR C 1167 0.01 5.30 67.92
N GLY C 1168 -0.17 5.28 69.22
CA GLY C 1168 0.42 4.33 70.13
C GLY C 1168 0.10 4.76 71.55
N LEU C 1169 0.40 3.87 72.48
CA LEU C 1169 0.14 4.08 73.89
C LEU C 1169 1.40 3.86 74.71
N CYS C 1170 1.67 4.73 75.67
CA CYS C 1170 2.78 4.60 76.57
C CYS C 1170 2.37 4.53 78.01
N ASP C 1171 3.11 3.84 78.83
CA ASP C 1171 2.82 3.89 80.25
C ASP C 1171 3.20 5.26 80.78
N ALA C 1172 2.23 5.99 81.31
CA ALA C 1172 2.50 7.34 81.79
C ALA C 1172 3.54 7.36 82.89
N ALA C 1173 3.55 6.32 83.75
CA ALA C 1173 4.51 6.24 84.84
C ALA C 1173 5.86 5.77 84.34
N ASN C 1174 5.83 5.00 83.25
CA ASN C 1174 7.01 4.41 82.66
C ASN C 1174 7.04 4.73 81.16
N PRO C 1175 7.36 5.98 80.81
CA PRO C 1175 7.21 6.62 79.50
C PRO C 1175 8.04 6.03 78.38
N THR C 1176 8.99 5.17 78.70
CA THR C 1176 9.78 4.56 77.66
C THR C 1176 9.19 3.21 77.23
N ASN C 1177 8.13 2.77 77.93
CA ASN C 1177 7.50 1.51 77.61
C ASN C 1177 6.24 1.75 76.78
N CYS C 1178 6.37 1.62 75.47
CA CYS C 1178 5.28 1.97 74.56
C CYS C 1178 4.92 0.86 73.61
N ILE C 1179 3.68 0.85 73.20
CA ILE C 1179 3.14 -0.05 72.21
C ILE C 1179 2.44 0.60 71.06
N ALA C 1180 2.43 -0.13 69.97
CA ALA C 1180 1.73 0.25 68.77
C ALA C 1180 0.93 -0.93 68.38
N PRO C 1181 -0.19 -0.77 67.70
CA PRO C 1181 -1.04 -1.84 67.25
C PRO C 1181 -0.40 -2.57 66.08
N VAL C 1182 -0.73 -3.84 65.95
CA VAL C 1182 -0.29 -4.62 64.80
C VAL C 1182 -1.43 -5.00 63.91
N ASN C 1183 -1.40 -4.51 62.67
CA ASN C 1183 -2.42 -4.74 61.65
C ASN C 1183 -3.82 -4.32 62.11
N GLY C 1184 -3.87 -3.22 62.83
CA GLY C 1184 -5.07 -2.72 63.40
C GLY C 1184 -4.83 -1.41 64.07
N TYR C 1185 -5.80 -1.00 64.85
CA TYR C 1185 -5.76 0.29 65.50
C TYR C 1185 -6.10 0.22 66.96
N PHE C 1186 -5.56 1.18 67.71
CA PHE C 1186 -5.95 1.40 69.08
C PHE C 1186 -7.04 2.46 69.04
N ILE C 1187 -8.22 2.14 69.56
CA ILE C 1187 -9.37 3.03 69.50
C ILE C 1187 -9.96 3.33 70.87
N LYS C 1188 -10.61 4.49 70.98
CA LYS C 1188 -11.25 4.83 72.23
C LYS C 1188 -12.61 4.21 72.31
N THR C 1189 -12.95 3.69 73.49
CA THR C 1189 -14.24 3.09 73.73
C THR C 1189 -14.49 2.91 75.22
N GLU C 1197 -10.81 1.69 78.47
CA GLU C 1197 -10.69 2.93 77.72
C GLU C 1197 -10.22 2.66 76.31
N TRP C 1198 -8.99 2.18 76.19
CA TRP C 1198 -8.44 1.86 74.89
C TRP C 1198 -8.67 0.41 74.56
N SER C 1199 -8.95 0.14 73.31
CA SER C 1199 -9.12 -1.23 72.87
C SER C 1199 -8.54 -1.36 71.50
N TYR C 1200 -8.43 -2.56 71.00
CA TYR C 1200 -7.86 -2.83 69.70
C TYR C 1200 -8.90 -3.25 68.68
N THR C 1201 -8.75 -2.83 67.44
CA THR C 1201 -9.63 -3.37 66.40
C THR C 1201 -8.78 -3.72 65.19
N GLY C 1202 -9.16 -4.75 64.44
CA GLY C 1202 -8.39 -5.09 63.23
C GLY C 1202 -8.61 -4.03 62.18
N SER C 1203 -7.67 -3.86 61.25
CA SER C 1203 -7.83 -2.77 60.30
C SER C 1203 -8.95 -2.85 59.31
N SER C 1204 -9.47 -4.03 59.04
CA SER C 1204 -10.51 -4.12 58.04
C SER C 1204 -11.90 -4.25 58.59
N PHE C 1205 -12.04 -4.32 59.88
CA PHE C 1205 -13.38 -4.53 60.38
C PHE C 1205 -13.47 -4.05 61.79
N TYR C 1206 -14.40 -3.16 62.05
CA TYR C 1206 -14.50 -2.64 63.38
C TYR C 1206 -15.10 -3.64 64.30
N ALA C 1207 -14.33 -4.01 65.28
CA ALA C 1207 -14.73 -5.02 66.22
C ALA C 1207 -13.80 -4.94 67.40
N PRO C 1208 -14.05 -4.05 68.36
CA PRO C 1208 -13.14 -3.81 69.47
C PRO C 1208 -12.92 -5.09 70.28
N GLU C 1209 -11.68 -5.28 70.71
CA GLU C 1209 -11.26 -6.40 71.54
C GLU C 1209 -10.18 -5.86 72.44
N PRO C 1210 -9.83 -6.48 73.55
CA PRO C 1210 -8.78 -6.03 74.45
C PRO C 1210 -7.44 -5.94 73.78
N ILE C 1211 -6.63 -4.99 74.24
CA ILE C 1211 -5.26 -4.86 73.80
C ILE C 1211 -4.47 -5.89 74.56
N THR C 1212 -3.78 -6.73 73.83
CA THR C 1212 -3.00 -7.82 74.40
C THR C 1212 -1.66 -7.87 73.71
N SER C 1213 -0.79 -8.73 74.18
CA SER C 1213 0.51 -8.89 73.55
C SER C 1213 0.44 -9.51 72.17
N LEU C 1214 -0.72 -10.06 71.79
CA LEU C 1214 -0.89 -10.68 70.50
C LEU C 1214 -1.30 -9.68 69.41
N ASN C 1215 -1.62 -8.44 69.79
CA ASN C 1215 -2.09 -7.47 68.80
C ASN C 1215 -1.31 -6.17 68.90
N THR C 1216 -0.19 -6.24 69.63
CA THR C 1216 0.69 -5.11 69.83
C THR C 1216 2.13 -5.44 69.59
N LYS C 1217 2.92 -4.41 69.40
CA LYS C 1217 4.36 -4.54 69.34
C LYS C 1217 4.97 -3.46 70.18
N TYR C 1218 6.11 -3.72 70.78
CA TYR C 1218 6.74 -2.67 71.55
C TYR C 1218 7.48 -1.78 70.61
N VAL C 1219 7.38 -0.50 70.87
CA VAL C 1219 8.01 0.52 70.05
C VAL C 1219 8.77 1.54 70.85
N ALA C 1220 9.61 2.29 70.17
CA ALA C 1220 10.27 3.41 70.81
C ALA C 1220 9.19 4.46 71.08
N PRO C 1221 9.30 5.26 72.15
CA PRO C 1221 8.36 6.30 72.49
C PRO C 1221 8.34 7.42 71.48
N GLN C 1222 7.16 8.00 71.28
CA GLN C 1222 6.97 9.11 70.37
C GLN C 1222 6.07 10.14 71.00
N VAL C 1223 6.20 11.37 70.54
CA VAL C 1223 5.41 12.50 71.01
C VAL C 1223 3.92 12.36 70.77
N THR C 1224 3.54 11.54 69.81
CA THR C 1224 2.15 11.32 69.46
C THR C 1224 1.50 10.16 70.19
N TYR C 1225 2.27 9.48 71.02
CA TYR C 1225 1.70 8.35 71.74
C TYR C 1225 0.99 8.91 72.97
N GLN C 1226 -0.07 8.25 73.40
CA GLN C 1226 -0.81 8.73 74.55
C GLN C 1226 -0.19 8.29 75.84
N ASN C 1227 -0.22 9.12 76.89
CA ASN C 1227 0.24 8.70 78.18
C ASN C 1227 -0.86 8.13 79.01
N ILE C 1228 -0.95 6.85 79.23
CA ILE C 1228 -2.08 6.27 79.95
C ILE C 1228 -1.67 5.89 81.37
N SER C 1229 -2.50 6.28 82.33
CA SER C 1229 -2.23 6.08 83.74
C SER C 1229 -3.21 5.26 84.56
N THR C 1230 -4.27 4.74 83.96
CA THR C 1230 -5.26 3.99 84.71
C THR C 1230 -5.42 2.58 84.21
N ASN C 1231 -6.29 2.39 83.24
CA ASN C 1231 -6.52 1.04 82.75
C ASN C 1231 -5.49 0.66 81.71
N LEU C 1232 -4.31 0.34 82.21
CA LEU C 1232 -3.16 0.04 81.40
C LEU C 1232 -3.39 -1.36 80.87
N PRO C 1233 -3.18 -1.64 79.59
CA PRO C 1233 -3.32 -2.94 79.02
C PRO C 1233 -2.14 -3.80 79.51
N PRO C 1234 -2.29 -5.12 79.56
CA PRO C 1234 -1.27 -6.07 79.96
C PRO C 1234 0.14 -5.92 79.38
N PRO C 1235 0.39 -5.52 78.12
CA PRO C 1235 1.75 -5.30 77.64
C PRO C 1235 2.47 -4.14 78.35
N LEU C 1236 1.71 -3.19 78.92
CA LEU C 1236 2.30 -2.07 79.67
C LEU C 1236 2.31 -2.29 81.18
N LEU C 1237 1.59 -3.31 81.66
CA LEU C 1237 1.57 -3.55 83.11
C LEU C 1237 2.83 -4.29 83.55
N GLY C 1238 3.93 -3.56 83.54
CA GLY C 1238 5.24 -4.12 83.85
C GLY C 1238 5.88 -3.39 85.01
C1 NAG D . 16.96 54.90 -32.72
C2 NAG D . 16.76 55.16 -34.25
C3 NAG D . 15.27 54.98 -34.60
C4 NAG D . 14.74 53.55 -34.34
C5 NAG D . 15.09 53.39 -32.81
C6 NAG D . 14.80 52.00 -32.30
C7 NAG D . 18.16 56.82 -35.30
C8 NAG D . 18.44 58.26 -35.52
N2 NAG D . 17.11 56.52 -34.59
O3 NAG D . 15.12 55.27 -35.99
O4 NAG D . 13.38 53.49 -34.34
O5 NAG D . 16.51 53.59 -32.46
O6 NAG D . 14.11 52.05 -31.05
O7 NAG D . 18.89 55.96 -35.78
C1 NAG D . 12.86 53.22 -35.72
C2 NAG D . 11.54 52.41 -35.54
C3 NAG D . 11.00 52.19 -36.97
C4 NAG D . 10.66 53.50 -37.74
C5 NAG D . 12.05 54.21 -37.73
C6 NAG D . 11.94 55.56 -38.37
C7 NAG D . 11.51 50.71 -33.78
C8 NAG D . 11.96 49.33 -33.39
N2 NAG D . 11.90 51.13 -34.97
O3 NAG D . 9.82 51.41 -36.90
O4 NAG D . 10.33 53.17 -39.00
O5 NAG D . 12.58 54.45 -36.40
O6 NAG D . 13.16 56.29 -38.31
O7 NAG D . 10.81 51.40 -33.04
C1 BMA D . 9.05 53.84 -39.38
C2 BMA D . 8.90 53.64 -40.95
C3 BMA D . 7.63 54.36 -41.50
C4 BMA D . 6.52 53.64 -40.68
C5 BMA D . 6.70 53.82 -39.14
C6 BMA D . 5.60 53.13 -38.38
O2 BMA D . 8.84 52.25 -41.24
O3 BMA D . 7.46 54.10 -42.83
O4 BMA D . 5.25 54.19 -41.00
O5 BMA D . 7.94 53.25 -38.72
O6 BMA D . 4.35 53.56 -38.86
C1 MAN D . 7.72 55.35 -43.62
C2 MAN D . 7.16 55.09 -45.08
C3 MAN D . 7.90 53.92 -45.78
C4 MAN D . 9.38 54.31 -45.85
C5 MAN D . 9.87 54.53 -44.42
C6 MAN D . 11.32 54.92 -44.40
O2 MAN D . 7.32 56.27 -45.85
O3 MAN D . 7.39 53.72 -47.11
O4 MAN D . 10.11 53.27 -46.47
O5 MAN D . 9.10 55.61 -43.78
O6 MAN D . 12.07 54.07 -45.25
C1 NAG E . 16.45 39.47 -45.08
C2 NAG E . 16.20 38.04 -45.70
C3 NAG E . 16.43 38.09 -47.24
C4 NAG E . 15.47 39.10 -47.90
C5 NAG E . 15.76 40.46 -47.24
C6 NAG E . 14.75 41.50 -47.71
C7 NAG E . 16.76 36.19 -44.28
C8 NAG E . 17.84 35.30 -43.74
N2 NAG E . 17.13 37.09 -45.16
O3 NAG E . 16.19 36.78 -47.78
O4 NAG E . 15.29 39.04 -49.26
O5 NAG E . 15.59 40.38 -45.78
O6 NAG E . 13.56 41.51 -46.92
O7 NAG E . 15.59 36.07 -43.92
C1 NAG E . 16.53 39.34 -50.02
C2 NAG E . 16.21 38.88 -51.49
C3 NAG E . 17.45 39.14 -52.34
C4 NAG E . 17.75 40.63 -52.27
C5 NAG E . 18.00 41.01 -50.81
C6 NAG E . 18.27 42.49 -50.69
C7 NAG E . 14.66 37.03 -51.73
C8 NAG E . 14.44 35.55 -51.65
N2 NAG E . 15.87 37.47 -51.50
O3 NAG E . 17.25 38.74 -53.70
O4 NAG E . 18.90 40.94 -53.05
O5 NAG E . 16.85 40.73 -50.01
O6 NAG E . 19.42 42.82 -51.47
O7 NAG E . 13.72 37.79 -51.99
C1 NAG F . 23.91 3.10 -41.73
C2 NAG F . 25.34 3.74 -41.59
C3 NAG F . 25.29 5.16 -42.20
C4 NAG F . 24.87 5.06 -43.70
C5 NAG F . 23.49 4.35 -43.78
C6 NAG F . 23.06 4.08 -45.22
C7 NAG F . 26.82 3.20 -39.67
C8 NAG F . 27.06 3.33 -38.21
N2 NAG F . 25.73 3.77 -40.18
O3 NAG F . 26.59 5.76 -42.10
O4 NAG F . 24.68 6.40 -44.17
O5 NAG F . 23.55 3.04 -43.13
O6 NAG F . 23.89 3.12 -45.86
O7 NAG F . 27.60 2.56 -40.40
C1 NAG F . 25.53 6.75 -45.35
C2 NAG F . 24.87 7.96 -46.11
C3 NAG F . 25.80 8.33 -47.30
C4 NAG F . 27.19 8.72 -46.73
C5 NAG F . 27.78 7.50 -45.95
C6 NAG F . 29.11 7.86 -45.30
C7 NAG F . 22.40 7.67 -45.93
C8 NAG F . 21.14 7.20 -46.60
N2 NAG F . 23.54 7.55 -46.62
O3 NAG F . 25.22 9.44 -48.00
O4 NAG F . 28.09 9.05 -47.80
O5 NAG F . 26.85 7.13 -44.88
O6 NAG F . 29.73 6.72 -44.71
O7 NAG F . 22.36 8.15 -44.79
C1 BMA F . 28.35 10.52 -47.93
C2 BMA F . 29.86 10.75 -48.31
C3 BMA F . 30.08 12.26 -48.46
C4 BMA F . 29.14 12.80 -49.55
C5 BMA F . 27.67 12.50 -49.15
C6 BMA F . 26.68 12.94 -50.21
O2 BMA F . 30.18 10.06 -49.52
O3 BMA F . 31.45 12.52 -48.83
O4 BMA F . 29.34 14.20 -49.69
O5 BMA F . 27.50 11.05 -48.96
O6 BMA F . 27.30 13.20 -51.47
C1 MAN F . 32.36 12.81 -47.65
C2 MAN F . 33.63 13.58 -48.12
C3 MAN F . 34.42 12.70 -49.08
C4 MAN F . 34.81 11.43 -48.33
C5 MAN F . 33.52 10.73 -47.87
C6 MAN F . 33.84 9.46 -47.10
O2 MAN F . 34.42 13.87 -46.96
O3 MAN F . 35.58 13.38 -49.53
O4 MAN F . 35.54 10.58 -49.21
O5 MAN F . 32.76 11.59 -47.00
O6 MAN F . 34.31 8.44 -47.97
C1 MAN F . 34.75 15.32 -46.78
C2 MAN F . 35.97 15.48 -45.79
C3 MAN F . 35.55 14.96 -44.39
C4 MAN F . 34.32 15.75 -43.89
C5 MAN F . 33.16 15.58 -44.91
C6 MAN F . 31.93 16.40 -44.53
O2 MAN F . 36.39 16.85 -45.74
O3 MAN F . 36.65 15.11 -43.47
O4 MAN F . 33.92 15.25 -42.62
O5 MAN F . 33.60 16.06 -46.25
O6 MAN F . 30.78 16.03 -45.30
C1 MAN F . 26.43 12.93 -52.64
C2 MAN F . 27.25 12.09 -53.66
C3 MAN F . 28.45 12.92 -54.11
C4 MAN F . 27.94 14.22 -54.73
C5 MAN F . 27.12 14.98 -53.68
C6 MAN F . 26.57 16.26 -54.25
O2 MAN F . 26.43 11.74 -54.80
O3 MAN F . 29.21 12.19 -55.07
O4 MAN F . 29.04 15.00 -55.15
O5 MAN F . 26.00 14.16 -53.23
O6 MAN F . 27.60 17.22 -54.46
C1 MAN F . 25.75 10.40 -54.67
C2 MAN F . 26.71 9.24 -55.09
C3 MAN F . 27.06 9.39 -56.58
C4 MAN F . 25.75 9.36 -57.42
C5 MAN F . 24.83 10.52 -56.94
C6 MAN F . 23.48 10.53 -57.66
O2 MAN F . 26.10 7.98 -54.81
O3 MAN F . 27.93 8.32 -57.00
O4 MAN F . 26.06 9.53 -58.79
O5 MAN F . 24.55 10.38 -55.49
O6 MAN F . 22.73 11.70 -57.35
C1 NAG G . 5.38 27.01 49.70
C2 NAG G . 5.72 28.34 50.43
C3 NAG G . 5.23 29.54 49.57
C4 NAG G . 5.92 29.62 48.16
C5 NAG G . 5.56 28.22 47.58
C6 NAG G . 6.20 28.01 46.25
C7 NAG G . 5.72 28.37 52.84
C8 NAG G . 4.91 28.29 54.10
N2 NAG G . 5.06 28.36 51.72
O3 NAG G . 5.48 30.77 50.28
O4 NAG G . 5.27 30.61 47.49
O5 NAG G . 5.98 27.07 48.40
O6 NAG G . 6.16 26.65 45.86
O7 NAG G . 6.94 28.44 52.88
C1 NAG G . 6.23 31.42 46.70
C2 NAG G . 5.39 32.05 45.52
C3 NAG G . 6.35 32.91 44.67
C4 NAG G . 6.91 34.07 45.53
C5 NAG G . 7.65 33.33 46.70
C6 NAG G . 8.23 34.31 47.70
C7 NAG G . 3.52 30.67 44.79
C8 NAG G . 3.04 29.54 43.92
N2 NAG G . 4.79 31.01 44.70
O3 NAG G . 5.67 33.39 43.52
O4 NAG G . 7.85 34.82 44.86
O5 NAG G . 6.79 32.46 47.49
O6 NAG G . 9.64 34.31 47.63
O7 NAG G . 2.75 31.26 45.55
C1 BMA G . 7.18 36.01 44.22
C2 BMA G . 8.10 37.25 44.48
C3 BMA G . 7.45 38.45 43.78
C4 BMA G . 7.35 38.12 42.30
C5 BMA G . 6.50 36.86 42.11
C6 BMA G . 6.39 36.48 40.65
O2 BMA G . 9.41 37.04 43.92
O3 BMA G . 8.23 39.62 43.99
O4 BMA G . 6.75 39.22 41.62
O5 BMA G . 7.08 35.74 42.82
O6 BMA G . 6.08 37.62 39.87
C1 NAG H . 30.91 -17.34 68.72
C2 NAG H . 32.07 -17.47 67.66
C3 NAG H . 31.58 -18.57 66.65
C4 NAG H . 31.36 -20.00 67.24
C5 NAG H . 30.29 -19.65 68.33
C6 NAG H . 29.87 -20.83 69.14
C7 NAG H . 33.32 -15.85 66.33
C8 NAG H . 33.29 -14.60 65.51
N2 NAG H . 32.22 -16.21 66.94
O3 NAG H . 32.54 -18.69 65.59
O4 NAG H . 30.85 -20.70 66.19
O5 NAG H . 30.69 -18.62 69.33
O6 NAG H . 30.99 -21.50 69.71
O7 NAG H . 34.35 -16.50 66.42
C1 NAG H . 31.26 -22.14 66.24
C2 NAG H . 30.18 -22.91 65.38
C3 NAG H . 30.53 -24.42 65.44
C4 NAG H . 31.93 -24.73 64.80
C5 NAG H . 32.84 -23.78 65.67
C6 NAG H . 34.24 -23.85 65.11
C7 NAG H . 27.83 -22.28 65.19
C8 NAG H . 26.62 -21.88 65.95
N2 NAG H . 28.87 -22.60 65.91
O3 NAG H . 29.51 -25.16 64.78
O4 NAG H . 32.24 -26.02 65.09
O5 NAG H . 32.54 -22.35 65.70
O6 NAG H . 35.07 -22.83 65.65
O7 NAG H . 27.80 -22.31 63.96
C1 BMA H . 32.67 -26.80 63.88
C2 BMA H . 31.47 -27.63 63.28
C3 BMA H . 31.93 -28.68 62.24
C4 BMA H . 32.63 -27.73 61.21
C5 BMA H . 33.79 -26.93 61.85
C6 BMA H . 34.55 -26.09 60.85
O2 BMA H . 30.57 -26.71 62.72
O3 BMA H . 30.84 -29.27 61.66
O4 BMA H . 33.17 -28.50 60.15
O5 BMA H . 33.33 -26.05 62.88
O6 BMA H . 34.88 -26.87 59.71
C1 MAN H . 30.89 -30.74 61.93
C2 MAN H . 29.83 -31.44 60.98
C3 MAN H . 28.40 -30.97 61.26
C4 MAN H . 28.10 -31.32 62.72
C5 MAN H . 29.11 -30.60 63.61
C6 MAN H . 28.89 -30.90 65.07
O2 MAN H . 29.90 -32.84 61.15
O3 MAN H . 27.47 -31.66 60.41
O4 MAN H . 26.78 -30.92 63.05
O5 MAN H . 30.47 -31.06 63.27
O6 MAN H . 27.50 -30.99 65.37
C1 NAG I . 3.96 34.91 10.50
C2 NAG I . 2.91 35.62 11.41
C3 NAG I . 3.45 35.69 12.88
C4 NAG I . 3.63 34.25 13.48
C5 NAG I . 4.68 33.63 12.50
C6 NAG I . 4.94 32.18 12.81
C7 NAG I . 1.48 37.32 10.50
C8 NAG I . 1.28 38.74 10.09
N2 NAG I . 2.65 36.97 10.94
O3 NAG I . 2.54 36.43 13.70
O4 NAG I . 4.14 34.34 14.74
O5 NAG I . 4.19 33.64 11.10
O6 NAG I . 6.25 31.80 12.41
O7 NAG I . 0.55 36.52 10.43
C1 NAG I . 3.24 33.60 15.68
C2 NAG I . 4.10 33.29 16.96
C3 NAG I . 3.19 32.52 17.93
C4 NAG I . 2.00 33.41 18.25
C5 NAG I . 1.26 33.72 16.94
C6 NAG I . 0.06 34.61 17.20
C7 NAG I . 6.45 32.90 16.48
C8 NAG I . 7.48 31.93 16.02
N2 NAG I . 5.22 32.45 16.60
O3 NAG I . 3.89 32.18 19.12
O4 NAG I . 1.13 32.72 19.14
O5 NAG I . 2.11 34.40 16.02
O6 NAG I . -0.74 34.06 18.22
O7 NAG I . 6.74 34.08 16.73
C1 NAG J . 39.98 35.88 -21.91
C2 NAG J . 40.53 34.47 -22.34
C3 NAG J . 40.21 33.45 -21.16
C4 NAG J . 40.93 33.81 -19.82
C5 NAG J . 40.32 35.24 -19.59
C6 NAG J . 40.74 35.84 -18.28
C7 NAG J . 40.25 34.14 -24.74
C8 NAG J . 39.35 33.66 -25.82
N2 NAG J . 39.81 34.01 -23.51
O3 NAG J . 40.62 32.14 -21.57
O4 NAG J . 40.53 32.94 -18.84
O5 NAG J . 40.60 36.23 -20.67
O6 NAG J . 42.11 36.20 -18.27
O7 NAG J . 41.36 34.61 -24.98
C1 NAG J . 41.74 32.45 -18.09
C2 NAG J . 41.18 31.78 -16.77
C3 NAG J . 42.39 31.26 -15.99
C4 NAG J . 43.12 30.25 -16.85
C5 NAG J . 43.57 30.96 -18.12
C6 NAG J . 44.28 29.98 -19.03
C7 NAG J . 39.25 32.58 -15.53
C8 NAG J . 38.65 33.69 -14.69
N2 NAG J . 40.48 32.76 -15.96
O3 NAG J . 41.98 30.66 -14.76
O4 NAG J . 44.25 29.76 -16.14
O5 NAG J . 42.46 31.48 -18.85
O6 NAG J . 45.21 29.20 -18.30
O7 NAG J . 38.59 31.57 -15.80
C1 NAG K . 24.00 53.51 -3.21
C2 NAG K . 23.35 52.17 -2.76
C3 NAG K . 21.80 52.28 -2.94
C4 NAG K . 21.14 53.38 -2.08
C5 NAG K . 21.91 54.63 -2.61
C6 NAG K . 21.48 55.86 -1.87
C7 NAG K . 24.51 50.09 -3.25
C8 NAG K . 24.95 49.10 -4.28
N2 NAG K . 23.82 51.12 -3.65
O3 NAG K . 21.22 51.02 -2.57
O4 NAG K . 19.82 53.50 -2.40
O5 NAG K . 23.38 54.56 -2.47
O6 NAG K . 22.48 56.86 -1.87
O7 NAG K . 24.80 49.92 -2.08
C1 NAG K . 18.99 53.36 -1.16
C2 NAG K . 17.61 54.02 -1.47
C3 NAG K . 16.73 53.90 -0.21
C4 NAG K . 16.48 52.41 0.12
C5 NAG K . 17.92 51.83 0.32
C6 NAG K . 17.87 50.34 0.55
C7 NAG K . 17.22 55.91 -2.91
C8 NAG K . 17.61 57.28 -3.35
N2 NAG K . 17.84 55.39 -1.89
O3 NAG K . 15.50 54.60 -0.39
O4 NAG K . 15.82 52.31 1.32
O5 NAG K . 18.77 52.00 -0.83
O6 NAG K . 17.62 49.64 -0.65
O7 NAG K . 16.31 55.30 -3.50
C1 BMA K . 14.41 51.73 1.08
C2 BMA K . 14.00 50.98 2.40
C3 BMA K . 12.61 50.37 2.18
C4 BMA K . 11.69 51.57 1.77
C5 BMA K . 12.19 52.23 0.52
C6 BMA K . 11.25 53.40 0.04
O2 BMA K . 13.90 51.96 3.44
O3 BMA K . 12.19 49.98 3.37
O4 BMA K . 10.39 51.04 1.55
O5 BMA K . 13.53 52.77 0.75
O6 BMA K . 12.04 54.41 0.34
C1 MAN K . 11.79 48.53 2.97
C2 MAN K . 10.72 48.09 4.06
C3 MAN K . 11.27 48.18 5.48
C4 MAN K . 12.52 47.32 5.56
C5 MAN K . 13.53 47.80 4.53
C6 MAN K . 14.78 46.98 4.55
O2 MAN K . 10.36 46.72 3.81
O3 MAN K . 10.30 47.72 6.43
O4 MAN K . 13.07 47.38 6.87
O5 MAN K . 12.94 47.72 3.19
O6 MAN K . 15.72 47.43 3.58
C1 MAN K . 10.98 55.22 -0.27
C2 MAN K . 11.80 56.56 -0.13
C3 MAN K . 12.04 56.94 1.34
C4 MAN K . 10.68 57.02 2.03
C5 MAN K . 9.93 55.70 1.88
C6 MAN K . 8.59 55.74 2.52
O2 MAN K . 11.05 57.64 -0.76
O3 MAN K . 12.74 58.17 1.45
O4 MAN K . 10.82 57.40 3.38
O5 MAN K . 9.77 55.39 0.47
O6 MAN K . 7.92 54.50 2.38
C1 NAG L . 22.88 30.52 -41.03
C2 NAG L . 22.25 30.47 -42.44
C3 NAG L . 23.25 29.79 -43.36
C4 NAG L . 24.58 30.53 -43.41
C5 NAG L . 25.06 30.52 -41.95
C6 NAG L . 26.36 31.23 -41.75
C7 NAG L . 19.87 29.97 -42.64
C8 NAG L . 18.85 28.90 -42.54
N2 NAG L . 21.11 29.61 -42.38
O3 NAG L . 22.70 29.74 -44.67
O4 NAG L . 25.51 29.80 -44.25
O5 NAG L . 24.13 31.18 -41.08
O6 NAG L . 26.26 32.60 -42.12
O7 NAG L . 19.58 31.14 -42.92
C1 NAG L . 26.11 30.64 -45.34
C2 NAG L . 27.54 30.15 -45.69
C3 NAG L . 28.02 31.08 -46.80
C4 NAG L . 27.16 31.03 -48.07
C5 NAG L . 25.76 31.40 -47.56
C6 NAG L . 24.73 31.28 -48.65
C7 NAG L . 29.03 29.36 -43.92
C8 NAG L . 29.91 29.77 -42.79
N2 NAG L . 28.43 30.34 -44.57
O3 NAG L . 29.37 30.75 -47.09
O4 NAG L . 27.66 32.09 -48.91
O5 NAG L . 25.28 30.56 -46.49
O6 NAG L . 23.51 30.79 -48.13
O7 NAG L . 28.87 28.18 -44.25
C1 BMA L . 27.98 31.73 -50.35
C2 BMA L . 29.38 31.07 -50.47
C3 BMA L . 29.71 30.91 -51.96
C4 BMA L . 28.61 30.02 -52.57
C5 BMA L . 27.28 30.71 -52.35
C6 BMA L . 26.15 29.92 -52.99
O2 BMA L . 29.37 29.78 -49.87
O3 BMA L . 31.00 30.27 -52.13
O4 BMA L . 28.85 29.86 -53.96
O5 BMA L . 26.98 30.90 -50.94
O6 BMA L . 26.31 29.92 -54.40
C1 MAN L . 32.16 31.23 -52.03
C2 MAN L . 33.05 31.14 -53.29
C3 MAN L . 33.65 29.74 -53.42
C4 MAN L . 34.48 29.49 -52.16
C5 MAN L . 33.56 29.59 -50.94
C6 MAN L . 34.33 29.34 -49.67
O2 MAN L . 34.09 32.10 -53.20
O3 MAN L . 34.49 29.68 -54.58
O4 MAN L . 35.07 28.20 -52.23
O5 MAN L . 32.95 30.90 -50.87
O6 MAN L . 35.01 28.09 -49.72
C1 MAN L . 25.02 30.10 -55.15
C2 MAN L . 25.26 29.97 -56.67
C3 MAN L . 26.18 31.11 -57.13
C4 MAN L . 25.51 32.44 -56.80
C5 MAN L . 25.27 32.49 -55.30
C6 MAN L . 24.58 33.78 -54.92
O2 MAN L . 24.02 30.07 -57.35
O3 MAN L . 26.41 31.01 -58.54
O4 MAN L . 26.39 33.49 -57.13
O5 MAN L . 24.44 31.38 -54.86
O6 MAN L . 25.28 34.90 -55.44
C1 NAG M . 9.97 55.03 -22.12
C2 NAG M . 8.46 55.21 -22.40
C3 NAG M . 8.29 56.13 -23.67
C4 NAG M . 8.87 57.57 -23.44
C5 NAG M . 10.36 57.22 -23.12
C6 NAG M . 11.15 58.46 -22.78
C7 NAG M . 6.91 53.39 -21.94
C8 NAG M . 6.46 52.01 -22.30
N2 NAG M . 7.86 53.91 -22.68
O3 NAG M . 6.89 56.24 -23.99
O4 NAG M . 8.79 58.23 -24.63
O5 NAG M . 10.55 56.32 -21.96
O6 NAG M . 10.69 59.04 -21.57
O7 NAG M . 6.42 53.99 -21.00
C1 NAG M . 8.24 59.61 -24.40
C2 NAG M . 8.68 60.48 -25.64
C3 NAG M . 8.14 61.89 -25.41
C4 NAG M . 6.63 61.80 -25.29
C5 NAG M . 6.28 60.89 -24.11
C6 NAG M . 4.79 60.77 -23.96
C7 NAG M . 10.79 60.05 -26.77
C8 NAG M . 12.29 60.14 -26.69
N2 NAG M . 10.12 60.51 -25.73
O3 NAG M . 8.51 62.76 -26.47
O4 NAG M . 6.10 63.11 -25.05
O5 NAG M . 6.82 59.58 -24.30
O6 NAG M . 4.19 62.05 -23.95
O7 NAG M . 10.23 59.56 -27.75
C1 NAG N . 51.41 62.14 -22.12
C2 NAG N . 51.73 63.09 -20.91
C3 NAG N . 51.68 62.23 -19.63
C4 NAG N . 50.28 61.58 -19.50
C5 NAG N . 49.92 60.77 -20.79
C6 NAG N . 48.47 60.29 -20.84
C7 NAG N . 53.27 64.90 -21.47
C8 NAG N . 54.71 65.32 -21.62
N2 NAG N . 53.07 63.65 -21.09
O1 NAG N . 51.47 62.90 -23.39
O3 NAG N . 51.96 62.99 -18.43
O4 NAG N . 50.50 60.68 -18.43
O5 NAG N . 50.10 61.61 -21.96
O6 NAG N . 47.57 61.13 -20.15
O7 NAG N . 52.33 65.68 -21.68
C1 GAL N . 49.46 59.90 -17.89
C2 GAL N . 50.08 58.48 -17.99
C3 GAL N . 49.21 57.57 -17.21
C4 GAL N . 49.32 58.11 -15.78
C5 GAL N . 48.53 59.41 -15.84
C6 GAL N . 48.30 60.00 -14.50
O2 GAL N . 50.13 57.99 -19.32
O3 GAL N . 49.70 56.23 -17.40
O4 GAL N . 50.66 58.40 -15.48
O5 GAL N . 49.28 60.34 -16.58
O6 GAL N . 47.78 61.32 -14.67
C1 SIA N . 47.72 55.26 -16.49
C2 SIA N . 48.69 55.22 -17.65
C3 SIA N . 49.41 53.83 -17.82
C4 SIA N . 48.41 52.73 -18.19
C5 SIA N . 47.66 53.11 -19.46
C6 SIA N . 47.03 54.58 -19.29
C7 SIA N . 46.34 55.21 -20.55
C8 SIA N . 45.92 56.65 -20.33
C9 SIA N . 45.16 57.19 -21.56
C10 SIA N . 46.62 51.24 -20.63
C11 SIA N . 45.51 50.25 -20.78
N5 SIA N . 46.62 52.10 -19.62
O1A SIA N . 46.70 56.04 -16.51
O1B SIA N . 47.93 54.50 -15.46
O4 SIA N . 49.11 51.48 -18.31
O6 SIA N . 48.02 55.53 -18.83
O7 SIA N . 47.28 55.11 -21.61
O8 SIA N . 45.08 56.74 -19.19
O9 SIA N . 44.29 58.25 -21.18
O10 SIA N . 47.53 51.23 -21.47
C1 FUC N . 53.43 63.06 -18.04
C2 FUC N . 53.51 63.89 -16.72
C3 FUC N . 52.63 63.14 -15.68
C4 FUC N . 53.22 61.72 -15.47
C5 FUC N . 53.45 60.86 -16.80
C6 FUC N . 54.49 59.83 -16.36
O2 FUC N . 53.05 65.23 -16.91
O3 FUC N . 52.60 63.89 -14.45
O4 FUC N . 54.41 61.88 -14.67
O5 FUC N . 54.02 61.74 -17.82
C1 NAG O . 27.01 -36.51 -48.07
C2 NAG O . 26.84 -36.27 -49.60
C3 NAG O . 27.30 -34.85 -49.94
C4 NAG O . 26.47 -33.74 -49.25
C5 NAG O . 26.63 -34.16 -47.73
C6 NAG O . 25.79 -33.31 -46.81
C7 NAG O . 27.22 -38.15 -51.07
C8 NAG O . 28.21 -39.04 -51.73
N2 NAG O . 27.70 -37.17 -50.34
O3 NAG O . 27.19 -34.68 -51.35
O4 NAG O . 27.07 -32.52 -49.30
O5 NAG O . 26.22 -35.54 -47.41
O6 NAG O . 26.54 -32.88 -45.68
O7 NAG O . 26.01 -38.33 -51.21
C1 NAG O . 26.67 -31.77 -50.53
C2 NAG O . 26.68 -30.27 -50.15
C3 NAG O . 26.33 -29.52 -51.46
C4 NAG O . 27.33 -29.73 -52.62
C5 NAG O . 27.26 -31.28 -52.79
C6 NAG O . 28.22 -31.74 -53.84
C7 NAG O . 25.84 -29.66 -47.94
C8 NAG O . 24.62 -29.45 -47.10
N2 NAG O . 25.63 -30.06 -49.17
O3 NAG O . 26.27 -28.12 -51.18
O4 NAG O . 26.82 -29.13 -53.73
O5 NAG O . 27.60 -32.02 -51.58
O6 NAG O . 28.25 -33.15 -53.95
O7 NAG O . 26.97 -29.45 -47.50
C1 BMA O . 27.87 -28.28 -54.35
C2 BMA O . 27.30 -27.87 -55.78
C3 BMA O . 28.33 -27.03 -56.59
C4 BMA O . 28.52 -25.81 -55.62
C5 BMA O . 29.06 -26.25 -54.23
C6 BMA O . 29.25 -25.05 -53.32
O2 BMA O . 26.09 -27.13 -55.59
O3 BMA O . 27.79 -26.60 -57.76
O4 BMA O . 29.49 -24.92 -56.17
O5 BMA O . 28.12 -27.12 -53.59
O6 BMA O . 30.05 -24.09 -53.98
C1 MAN O . 28.45 -27.31 -58.91
C2 MAN O . 28.05 -26.52 -60.23
C3 MAN O . 26.53 -26.55 -60.48
C4 MAN O . 26.12 -28.01 -60.59
C5 MAN O . 26.50 -28.73 -59.30
C6 MAN O . 26.14 -30.18 -59.35
O2 MAN O . 28.71 -27.12 -61.33
O3 MAN O . 26.20 -25.85 -61.69
O4 MAN O . 24.72 -28.10 -60.82
O5 MAN O . 27.95 -28.63 -59.08
O6 MAN O . 24.82 -30.35 -59.85
C1 NAG P . 10.76 -27.40 -54.72
C2 NAG P . 9.52 -26.44 -54.86
C3 NAG P . 8.97 -26.48 -56.30
C4 NAG P . 10.06 -26.04 -57.31
C5 NAG P . 11.24 -27.00 -57.12
C6 NAG P . 12.44 -26.54 -57.95
C7 NAG P . 8.16 -26.25 -52.88
C8 NAG P . 7.09 -26.84 -52.02
N2 NAG P . 8.47 -26.88 -53.98
O3 NAG P . 7.84 -25.60 -56.40
O4 NAG P . 9.69 -25.68 -58.57
O5 NAG P . 11.71 -26.98 -55.71
O6 NAG P . 13.25 -25.60 -57.25
O7 NAG P . 8.73 -25.21 -52.54
C1 NAG P . 9.10 -26.81 -59.34
C2 NAG P . 8.43 -26.15 -60.59
C3 NAG P . 7.78 -27.25 -61.42
C4 NAG P . 8.89 -28.22 -61.83
C5 NAG P . 9.53 -28.79 -60.56
C6 NAG P . 10.65 -29.74 -60.92
C7 NAG P . 7.57 -23.90 -60.28
C8 NAG P . 6.49 -23.03 -59.73
N2 NAG P . 7.42 -25.20 -60.15
O3 NAG P . 7.12 -26.72 -62.59
O4 NAG P . 8.35 -29.27 -62.61
O5 NAG P . 10.09 -27.75 -59.77
O6 NAG P . 10.14 -30.80 -61.71
O7 NAG P . 8.57 -23.40 -60.81
C1 NAG Q . -21.70 -17.42 -39.35
C2 NAG Q . -21.82 -18.98 -39.37
C3 NAG Q . -20.81 -19.52 -40.41
C4 NAG Q . -21.14 -18.93 -41.81
C5 NAG Q . -21.10 -17.38 -41.71
C6 NAG Q . -21.56 -16.71 -43.00
C7 NAG Q . -22.38 -20.26 -37.31
C8 NAG Q . -21.94 -20.71 -35.96
N2 NAG Q . -21.54 -19.51 -38.03
O3 NAG Q . -20.91 -20.96 -40.44
O4 NAG Q . -20.09 -19.34 -42.70
O5 NAG Q . -22.01 -16.90 -40.67
O6 NAG Q . -22.95 -16.91 -43.26
O7 NAG Q . -23.50 -20.56 -37.76
C1 NAG Q . -20.58 -20.10 -43.89
C2 NAG Q . -19.51 -19.99 -45.03
C3 NAG Q . -20.00 -20.84 -46.23
C4 NAG Q . -20.18 -22.30 -45.76
C5 NAG Q . -21.23 -22.35 -44.61
C6 NAG Q . -21.37 -23.75 -44.04
C7 NAG Q . -18.50 -17.71 -44.87
C8 NAG Q . -18.50 -16.31 -45.41
N2 NAG Q . -19.36 -18.57 -45.43
O3 NAG Q . -19.04 -20.76 -47.29
O4 NAG Q . -20.67 -23.12 -46.84
O5 NAG Q . -20.75 -21.48 -43.51
O6 NAG Q . -22.42 -23.84 -43.09
O7 NAG Q . -17.74 -18.04 -43.96
C1 BMA Q . -19.62 -24.02 -47.44
C2 BMA Q . -20.27 -25.41 -47.79
C3 BMA Q . -19.17 -26.29 -48.42
C4 BMA Q . -18.63 -25.58 -49.67
C5 BMA Q . -18.05 -24.20 -49.25
C6 BMA Q . -17.53 -23.40 -50.45
O2 BMA Q . -21.36 -25.22 -48.70
O3 BMA Q . -19.73 -27.57 -48.79
O4 BMA Q . -17.61 -26.38 -50.25
O5 BMA Q . -19.10 -23.40 -48.61
O6 BMA Q . -18.00 -23.92 -51.69
C1 MAN Q . -19.57 -28.63 -47.74
C2 MAN Q . -19.68 -30.05 -48.38
C3 MAN Q . -21.09 -30.21 -48.97
C4 MAN Q . -22.09 -30.06 -47.82
C5 MAN Q . -21.91 -28.66 -47.22
C6 MAN Q . -22.87 -28.44 -46.06
O2 MAN Q . -19.48 -31.02 -47.34
O3 MAN Q . -21.23 -31.51 -49.56
O4 MAN Q . -23.41 -30.19 -48.33
O5 MAN Q . -20.56 -28.49 -46.71
O6 MAN Q . -24.20 -28.27 -46.52
C1 MAN Q . -18.38 -32.01 -47.63
C2 MAN Q . -18.53 -33.27 -46.69
C3 MAN Q . -18.33 -32.83 -45.22
C4 MAN Q . -16.93 -32.18 -45.06
C5 MAN Q . -16.83 -30.96 -46.02
C6 MAN Q . -15.46 -30.30 -45.98
O2 MAN Q . -17.59 -34.28 -47.07
O3 MAN Q . -18.46 -33.97 -44.36
O4 MAN Q . -16.77 -31.74 -43.71
O5 MAN Q . -17.07 -31.40 -47.42
O6 MAN Q . -15.44 -29.04 -46.64
C1 MAN Q . -18.17 -22.89 -52.75
C2 MAN Q . -19.56 -23.10 -53.40
C3 MAN Q . -19.60 -24.48 -54.04
C4 MAN Q . -18.47 -24.57 -55.08
C5 MAN Q . -17.13 -24.33 -54.37
C6 MAN Q . -15.99 -24.37 -55.36
O2 MAN Q . -19.81 -22.08 -54.40
O3 MAN Q . -20.85 -24.70 -54.68
O4 MAN Q . -18.49 -25.85 -55.68
O5 MAN Q . -17.13 -23.02 -53.73
O6 MAN Q . -15.76 -25.70 -55.82
C1 MAN Q . -20.54 -20.88 -53.87
C2 MAN Q . -22.09 -21.13 -53.84
C3 MAN Q . -22.60 -21.33 -55.29
C4 MAN Q . -22.24 -20.06 -56.13
C5 MAN Q . -20.70 -19.85 -56.10
C6 MAN Q . -20.27 -18.59 -56.84
O2 MAN Q . -22.76 -20.03 -53.19
O3 MAN Q . -24.01 -21.54 -55.29
O4 MAN Q . -22.69 -20.26 -57.47
O5 MAN Q . -20.24 -19.71 -54.69
O6 MAN Q . -18.85 -18.51 -56.96
C1 NAG R . 34.90 -23.24 38.34
C2 NAG R . 36.05 -24.26 38.62
C3 NAG R . 37.02 -24.27 37.39
C4 NAG R . 36.31 -24.75 36.07
C5 NAG R . 35.16 -23.71 35.96
C6 NAG R . 34.26 -24.01 34.79
C7 NAG R . 36.81 -24.54 40.89
C8 NAG R . 37.52 -23.95 42.06
N2 NAG R . 36.77 -23.83 39.79
O3 NAG R . 38.12 -25.15 37.67
O4 NAG R . 37.23 -24.56 35.09
O5 NAG R . 34.26 -23.64 37.12
O6 NAG R . 33.05 -23.30 34.88
O7 NAG R . 36.29 -25.66 40.95
C1 NAG R . 37.20 -25.68 34.11
C2 NAG R . 37.75 -25.10 32.75
C3 NAG R . 37.74 -26.24 31.72
C4 NAG R . 38.69 -27.38 32.17
C5 NAG R . 38.08 -27.81 33.56
C6 NAG R . 38.93 -28.90 34.20
C7 NAG R . 37.30 -22.74 32.43
C8 NAG R . 36.32 -21.69 31.97
N2 NAG R . 36.93 -23.99 32.30
O3 NAG R . 38.11 -25.73 30.44
O4 NAG R . 38.65 -28.47 31.34
O5 NAG R . 38.03 -26.75 34.54
O6 NAG R . 38.22 -30.13 34.19
O7 NAG R . 38.38 -22.41 32.92
C1 BMA R . 39.75 -28.35 30.32
C2 BMA R . 40.41 -29.78 30.20
C3 BMA R . 41.49 -29.67 29.13
C4 BMA R . 40.82 -29.26 27.82
C5 BMA R . 40.14 -27.89 28.03
C6 BMA R . 39.43 -27.46 26.75
O2 BMA R . 39.44 -30.76 29.80
O3 BMA R . 42.15 -30.94 28.96
O4 BMA R . 41.80 -29.16 26.79
O5 BMA R . 39.16 -27.97 29.07
O6 BMA R . 40.28 -27.62 25.63
C1 NAG S . -7.97 -27.27 71.91
C2 NAG S . -8.95 -28.09 71.01
C3 NAG S . -9.93 -27.03 70.38
C4 NAG S . -10.83 -26.24 71.40
C5 NAG S . -9.69 -25.60 72.27
C6 NAG S . -10.22 -24.77 73.41
C7 NAG S . -8.64 -29.78 69.28
C8 NAG S . -7.85 -30.24 68.10
N2 NAG S . -8.20 -28.72 69.92
O3 NAG S . -10.82 -27.70 69.47
O4 NAG S . -11.49 -25.35 70.62
O5 NAG S . -8.73 -26.54 72.90
O6 NAG S . -11.13 -25.51 74.21
O7 NAG S . -9.64 -30.39 69.63
C1 NAG S . -12.84 -25.03 71.16
C2 NAG S . -13.24 -23.63 70.55
C3 NAG S . -14.63 -23.24 71.11
C4 NAG S . -15.74 -24.25 70.66
C5 NAG S . -15.14 -25.59 71.22
C6 NAG S . -16.02 -26.72 70.78
C7 NAG S . -11.64 -21.84 70.06
C8 NAG S . -10.49 -21.05 70.59
N2 NAG S . -12.18 -22.69 70.89
O3 NAG S . -14.94 -21.92 70.68
O4 NAG S . -16.86 -23.95 71.38
O5 NAG S . -13.81 -25.99 70.77
O6 NAG S . -15.42 -27.98 71.01
O7 NAG S . -12.03 -21.65 68.90
C1 BMA S . -18.08 -23.82 70.52
C2 BMA S . -18.37 -22.30 70.16
C3 BMA S . -19.78 -22.10 69.54
C4 BMA S . -19.65 -23.04 68.29
C5 BMA S . -19.35 -24.51 68.69
C6 BMA S . -19.33 -25.44 67.51
O2 BMA S . -17.35 -21.88 69.29
O3 BMA S . -19.92 -20.80 69.14
O4 BMA S . -20.86 -23.02 67.57
O5 BMA S . -18.09 -24.63 69.36
O6 BMA S . -20.47 -25.23 66.70
C1 MAN S . -21.07 -20.19 69.89
C2 MAN S . -21.43 -18.83 69.16
C3 MAN S . -20.27 -17.82 69.20
C4 MAN S . -19.97 -17.57 70.68
C5 MAN S . -19.59 -18.90 71.35
C6 MAN S . -19.28 -18.74 72.80
O2 MAN S . -22.57 -18.25 69.78
O3 MAN S . -20.65 -16.58 68.58
O4 MAN S . -18.91 -16.64 70.81
O5 MAN S . -20.71 -19.84 71.23
O6 MAN S . -18.60 -17.52 73.05
C1 NAG T . 30.04 -20.98 -1.30
C2 NAG T . 31.41 -20.50 -0.73
C3 NAG T . 31.66 -21.18 0.66
C4 NAG T . 30.57 -20.74 1.71
C5 NAG T . 29.26 -21.25 1.03
C6 NAG T . 28.04 -20.85 1.81
C7 NAG T . 33.22 -19.94 -2.20
C8 NAG T . 34.35 -20.37 -3.06
N2 NAG T . 32.51 -20.85 -1.61
O3 NAG T . 32.96 -20.83 1.16
O4 NAG T . 30.80 -21.39 2.90
O5 NAG T . 29.07 -20.66 -0.31
O6 NAG T . 26.98 -21.76 1.62
O7 NAG T . 32.98 -18.74 -2.06
C1 NAG T . 30.91 -20.36 3.98
C2 NAG T . 30.63 -21.13 5.33
C3 NAG T . 30.73 -20.09 6.45
C4 NAG T . 32.13 -19.49 6.41
C5 NAG T . 32.33 -18.83 5.05
C6 NAG T . 33.72 -18.23 4.94
C7 NAG T . 29.03 -22.94 5.10
C8 NAG T . 27.60 -23.35 5.04
N2 NAG T . 29.29 -21.67 5.31
O3 NAG T . 30.48 -20.69 7.73
O4 NAG T . 32.25 -18.52 7.44
O5 NAG T . 32.20 -19.79 3.99
O6 NAG T . 33.97 -17.38 6.05
O7 NAG T . 29.94 -23.77 4.96
C1 NAG U . 3.66 -49.14 -30.62
C2 NAG U . 2.10 -48.91 -30.54
C3 NAG U . 1.77 -48.31 -29.12
C4 NAG U . 2.14 -49.26 -27.94
C5 NAG U . 3.68 -49.41 -28.22
C6 NAG U . 4.37 -50.22 -27.15
C7 NAG U . 1.22 -48.23 -32.71
C8 NAG U . 0.94 -47.09 -33.62
N2 NAG U . 1.72 -47.92 -31.54
O3 NAG U . 0.38 -48.00 -29.05
O4 NAG U . 1.92 -48.62 -26.74
O5 NAG U . 4.03 -49.99 -29.53
O6 NAG U . 4.01 -51.59 -27.20
O7 NAG U . 1.02 -49.39 -33.06
C1 NAG U . 1.16 -49.54 -25.82
C2 NAG U . 1.28 -48.90 -24.38
C3 NAG U . 0.52 -49.81 -23.41
C4 NAG U . -0.92 -49.87 -23.87
C5 NAG U . -0.96 -50.45 -25.29
C6 NAG U . -2.37 -50.50 -25.79
C7 NAG U . 3.26 -47.73 -23.56
C8 NAG U . 4.70 -47.83 -23.15
N2 NAG U . 2.68 -48.84 -23.96
O3 NAG U . 0.59 -49.31 -22.07
O4 NAG U . -1.65 -50.72 -22.99
O5 NAG U . -0.21 -49.63 -26.18
O6 NAG U . -3.23 -51.05 -24.80
O7 NAG U . 2.67 -46.65 -23.51
C1 NAG V . 31.55 -45.57 -19.43
C2 NAG V . 30.89 -44.43 -18.60
C3 NAG V . 31.67 -43.10 -18.88
C4 NAG V . 33.17 -43.14 -18.45
C5 NAG V . 33.64 -44.34 -19.33
C6 NAG V . 35.09 -44.62 -19.05
C7 NAG V . 28.47 -44.42 -18.34
C8 NAG V . 27.13 -44.23 -18.96
N2 NAG V . 29.53 -44.25 -19.07
O3 NAG V . 31.03 -42.05 -18.14
O4 NAG V . 33.80 -42.01 -18.85
O5 NAG V . 32.93 -45.61 -19.10
O6 NAG V . 35.45 -45.96 -19.33
O7 NAG V . 28.55 -44.74 -17.15
C1 NAG V . 34.45 -41.36 -17.67
C2 NAG V . 35.56 -40.41 -18.24
C3 NAG V . 36.27 -39.73 -17.05
C4 NAG V . 35.27 -38.85 -16.26
C5 NAG V . 34.16 -39.87 -15.83
C6 NAG V . 33.03 -39.16 -15.12
C7 NAG V . 36.85 -40.77 -20.24
C8 NAG V . 37.66 -41.71 -21.07
N2 NAG V . 36.45 -41.21 -19.07
O3 NAG V . 37.38 -38.96 -17.49
O4 NAG V . 35.86 -38.37 -15.13
O5 NAG V . 33.53 -40.57 -16.93
O6 NAG V . 32.20 -38.48 -16.04
O7 NAG V . 36.61 -39.63 -20.62
C1 BMA V . 35.99 -36.86 -15.23
C2 BMA V . 35.98 -36.29 -13.74
C3 BMA V . 36.07 -34.77 -13.81
C4 BMA V . 37.37 -34.47 -14.64
C5 BMA V . 37.30 -35.07 -16.02
C6 BMA V . 38.56 -34.74 -16.89
O2 BMA V . 37.15 -36.79 -13.10
O3 BMA V . 36.30 -34.36 -12.59
O4 BMA V . 37.49 -33.05 -14.74
O5 BMA V . 37.16 -36.51 -15.92
O6 BMA V . 39.10 -35.91 -16.91
C1 MAN V . 35.28 -33.43 -12.41
C2 MAN V . 35.77 -32.42 -11.30
C3 MAN V . 36.02 -33.10 -9.94
C4 MAN V . 34.73 -33.82 -9.53
C5 MAN V . 34.32 -34.80 -10.62
C6 MAN V . 33.06 -35.52 -10.28
O2 MAN V . 34.74 -31.43 -11.10
O3 MAN V . 36.39 -32.16 -8.95
O4 MAN V . 34.93 -34.48 -8.30
O5 MAN V . 34.13 -34.09 -11.89
O6 MAN V . 32.69 -36.43 -11.31
C1 MAN V . 40.07 -35.32 -17.83
C2 MAN V . 40.83 -36.69 -18.09
C3 MAN V . 41.48 -37.25 -16.81
C4 MAN V . 42.41 -36.18 -16.26
C5 MAN V . 41.64 -34.90 -15.99
C6 MAN V . 42.52 -33.82 -15.46
O2 MAN V . 41.88 -36.45 -19.06
O3 MAN V . 42.19 -38.46 -17.08
O4 MAN V . 43.06 -36.64 -15.09
O5 MAN V . 41.02 -34.44 -17.24
O6 MAN V . 41.76 -32.63 -15.22
C1 NAG W . 1.57 -29.36 -47.69
C2 NAG W . 1.40 -28.61 -49.04
C3 NAG W . 0.07 -29.07 -49.63
C4 NAG W . 0.02 -30.58 -49.86
C5 NAG W . 0.24 -31.17 -48.46
C6 NAG W . 0.26 -32.65 -48.45
C7 NAG W . 2.06 -26.28 -49.15
C8 NAG W . 1.70 -24.88 -48.77
N2 NAG W . 1.25 -27.21 -48.75
O3 NAG W . -0.10 -28.40 -50.88
O4 NAG W . -1.28 -30.94 -50.38
O5 NAG W . 1.50 -30.76 -47.89
O6 NAG W . 1.33 -33.16 -49.24
O7 NAG W . 3.08 -26.53 -49.82
C1 NAG W . -1.21 -31.73 -51.65
C2 NAG W . -2.39 -32.71 -51.76
C3 NAG W . -2.20 -33.43 -53.09
C4 NAG W . -2.22 -32.50 -54.31
C5 NAG W . -1.09 -31.52 -54.02
C6 NAG W . -1.04 -30.42 -55.05
C7 NAG W . -3.22 -33.87 -49.78
C8 NAG W . -2.97 -34.97 -48.79
N2 NAG W . -2.32 -33.72 -50.72
O3 NAG W . -3.21 -34.44 -53.20
O4 NAG W . -1.85 -33.34 -55.43
O5 NAG W . -1.23 -30.82 -52.76
O6 NAG W . -0.69 -29.19 -54.45
O7 NAG W . -4.22 -33.14 -49.71
C1 BMA W . -2.74 -33.28 -56.65
C2 BMA W . -4.00 -34.18 -56.50
C3 BMA W . -4.74 -34.22 -57.83
C4 BMA W . -5.13 -32.77 -58.16
C5 BMA W . -3.84 -31.94 -58.24
C6 BMA W . -4.17 -30.52 -58.63
O2 BMA W . -4.86 -33.65 -55.51
O3 BMA W . -5.93 -35.03 -57.73
O4 BMA W . -5.80 -32.73 -59.41
O5 BMA W . -3.12 -31.95 -56.99
O6 BMA W . -4.68 -30.48 -59.96
C1 MAN W . -5.67 -36.51 -57.89
C2 MAN W . -6.55 -37.10 -59.01
C3 MAN W . -8.03 -36.96 -58.66
C4 MAN W . -8.25 -37.72 -57.34
C5 MAN W . -7.35 -37.10 -56.26
C6 MAN W . -7.54 -37.82 -54.95
O2 MAN W . -6.24 -38.47 -59.19
O3 MAN W . -8.84 -37.53 -59.70
O4 MAN W . -9.61 -37.63 -56.96
O5 MAN W . -5.96 -37.20 -56.66
O6 MAN W . -8.91 -37.83 -54.56
C1 MAN W . -4.14 -29.35 -60.78
C2 MAN W . -4.81 -29.32 -62.18
C3 MAN W . -4.47 -30.59 -62.94
C4 MAN W . -2.95 -30.67 -63.08
C5 MAN W . -2.33 -30.66 -61.69
C6 MAN W . -0.83 -30.71 -61.79
O2 MAN W . -4.35 -28.19 -62.90
O3 MAN W . -5.10 -30.58 -64.23
O4 MAN W . -2.61 -31.89 -63.70
O5 MAN W . -2.72 -29.47 -60.96
O6 MAN W . -0.41 -31.77 -62.62
C1 NAG X . 33.70 -31.72 -38.41
C2 NAG X . 34.49 -30.43 -38.80
C3 NAG X . 34.94 -30.56 -40.30
C4 NAG X . 35.92 -31.78 -40.53
C5 NAG X . 35.02 -32.96 -40.05
C6 NAG X . 35.76 -34.27 -40.09
C7 NAG X . 33.88 -28.28 -37.83
C8 NAG X . 32.85 -27.20 -37.73
N2 NAG X . 33.63 -29.27 -38.67
O3 NAG X . 35.61 -29.35 -40.69
O4 NAG X . 36.14 -31.86 -41.87
O5 NAG X . 34.55 -32.84 -38.66
O6 NAG X . 36.83 -34.27 -39.17
O7 NAG X . 34.91 -28.25 -37.16
C1 NAG X . 37.61 -32.05 -42.12
C2 NAG X . 37.73 -32.69 -43.57
C3 NAG X . 39.22 -32.90 -43.82
C4 NAG X . 39.91 -31.55 -43.76
C5 NAG X . 39.68 -30.97 -42.36
C6 NAG X . 40.34 -29.62 -42.25
C7 NAG X . 36.01 -34.21 -44.39
C8 NAG X . 35.40 -35.58 -44.29
N2 NAG X . 37.04 -33.96 -43.60
O3 NAG X . 39.44 -33.51 -45.10
O4 NAG X . 41.30 -31.73 -43.98
O5 NAG X . 38.29 -30.80 -42.09
O6 NAG X . 41.69 -29.69 -42.68
O7 NAG X . 35.58 -33.38 -45.19
C1 NAG Y . 19.73 -71.37 -38.88
C2 NAG Y . 20.72 -72.23 -38.03
C3 NAG Y . 20.44 -71.93 -36.56
C4 NAG Y . 20.60 -70.42 -36.28
C5 NAG Y . 19.72 -69.58 -37.25
C6 NAG Y . 20.00 -68.08 -37.20
C7 NAG Y . 21.30 -74.36 -39.08
C8 NAG Y . 20.91 -75.78 -39.31
N2 NAG Y . 20.49 -73.63 -38.33
O1 NAG Y . 19.93 -71.62 -40.32
O3 NAG Y . 21.30 -72.68 -35.66
O4 NAG Y . 20.09 -70.33 -34.97
O5 NAG Y . 19.97 -69.98 -38.62
O6 NAG Y . 21.34 -67.77 -36.86
O7 NAG Y . 22.32 -73.87 -39.59
C1 GAL Y . 20.11 -69.12 -34.25
C2 GAL Y . 18.63 -68.99 -33.85
C3 GAL Y . 18.53 -67.89 -32.86
C4 GAL Y . 19.36 -68.40 -31.68
C5 GAL Y . 20.78 -68.31 -32.20
C6 GAL Y . 21.80 -68.56 -31.14
O2 GAL Y . 17.79 -68.65 -34.94
O3 GAL Y . 17.12 -67.67 -32.58
O4 GAL Y . 19.04 -69.77 -31.44
O5 GAL Y . 20.96 -69.33 -33.17
O6 GAL Y . 23.07 -68.68 -31.75
C1 SIA Y . 17.56 -65.60 -31.49
C2 SIA Y . 16.71 -66.28 -32.53
C3 SIA Y . 15.17 -66.27 -32.21
C4 SIA Y . 14.63 -64.83 -32.25
C5 SIA Y . 14.91 -64.19 -33.60
C6 SIA Y . 16.48 -64.34 -33.95
C7 SIA Y . 16.93 -63.89 -35.36
C8 SIA Y . 18.39 -64.20 -35.64
C9 SIA Y . 18.83 -63.64 -37.03
C10 SIA Y . 13.50 -62.27 -34.14
C11 SIA Y . 13.18 -60.81 -34.00
N5 SIA Y . 14.53 -62.78 -33.47
O1A SIA Y . 18.68 -65.06 -31.81
O1B SIA Y . 17.15 -65.55 -30.26
O4 SIA Y . 13.23 -64.83 -31.90
O6 SIA Y . 16.91 -65.71 -33.78
O7 SIA Y . 16.07 -64.52 -36.30
O8 SIA Y . 19.20 -63.65 -34.64
O9 SIA Y . 20.22 -63.42 -37.05
O10 SIA Y . 12.81 -62.97 -34.89
C1 FUC Y . 20.76 -74.05 -35.25
C2 FUC Y . 21.81 -74.67 -34.27
C3 FUC Y . 21.94 -73.67 -33.08
C4 FUC Y . 20.56 -73.55 -32.40
C5 FUC Y . 19.33 -73.20 -33.35
C6 FUC Y . 18.12 -73.68 -32.56
O2 FUC Y . 23.07 -74.87 -34.90
O3 FUC Y . 22.94 -74.14 -32.17
O4 FUC Y . 20.37 -74.75 -31.63
O5 FUC Y . 19.47 -73.98 -34.58
C1 NAG Z . -57.71 -0.93 -32.28
C2 NAG Z . -57.91 -0.71 -33.80
C3 NAG Z . -57.05 -1.74 -34.56
C4 NAG Z . -55.53 -1.61 -34.31
C5 NAG Z . -55.50 -1.73 -32.74
C6 NAG Z . -54.11 -1.50 -32.18
C7 NAG Z . -60.09 0.01 -34.57
C8 NAG Z . -61.50 -0.37 -34.85
N2 NAG Z . -59.28 -0.95 -34.18
O3 NAG Z . -57.30 -1.55 -35.96
O4 NAG Z . -54.83 -2.69 -34.73
O5 NAG Z . -56.33 -0.77 -31.99
O6 NAG Z . -53.77 -2.49 -31.22
O7 NAG Z . -59.70 1.17 -34.69
C1 NAG Z . -54.40 -2.54 -36.15
C2 NAG Z . -53.05 -3.30 -36.29
C3 NAG Z . -52.68 -3.18 -37.78
C4 NAG Z . -53.69 -3.82 -38.77
C5 NAG Z . -54.98 -3.02 -38.42
C6 NAG Z . -56.14 -3.53 -39.22
C7 NAG Z . -51.48 -3.11 -34.44
C8 NAG Z . -50.47 -2.23 -33.77
N2 NAG Z . -52.08 -2.60 -35.48
O3 NAG Z . -51.41 -3.82 -37.99
O4 NAG Z . -53.29 -3.52 -40.03
O5 NAG Z . -55.38 -3.11 -37.03
O6 NAG Z . -57.36 -2.88 -38.87
O7 NAG Z . -51.71 -4.25 -34.03
C1 BMA Z . -53.29 -4.77 -40.85
C2 BMA Z . -53.12 -4.29 -42.36
C3 BMA Z . -53.17 -5.49 -43.35
C4 BMA Z . -51.96 -6.34 -42.83
C5 BMA Z . -52.15 -6.76 -41.35
C6 BMA Z . -50.97 -7.61 -40.87
O2 BMA Z . -51.87 -3.60 -42.48
O3 BMA Z . -52.91 -5.06 -44.63
O4 BMA Z . -51.86 -7.53 -43.60
O5 BMA Z . -52.21 -5.62 -40.50
O6 BMA Z . -50.77 -8.68 -41.78
C1 MAN Z . -54.15 -5.18 -45.45
C2 MAN Z . -53.73 -5.04 -46.96
C3 MAN Z . -53.09 -3.67 -47.27
C4 MAN Z . -54.15 -2.61 -46.91
C5 MAN Z . -54.51 -2.76 -45.43
C6 MAN Z . -55.54 -1.76 -45.03
O2 MAN Z . -54.87 -5.20 -47.79
O3 MAN Z . -52.73 -3.55 -48.65
O4 MAN Z . -53.62 -1.32 -47.15
O5 MAN Z . -55.06 -4.11 -45.20
O6 MAN Z . -55.21 -0.47 -45.50
C1 NAG AA . -44.48 9.88 -42.25
C2 NAG AA . -43.15 10.53 -42.74
C3 NAG AA . -43.36 11.20 -44.12
C4 NAG AA . -43.81 10.15 -45.16
C5 NAG AA . -45.12 9.55 -44.61
C6 NAG AA . -45.57 8.38 -45.49
C7 NAG AA . -41.73 11.40 -41.00
C8 NAG AA . -41.43 12.51 -40.05
N2 NAG AA . -42.73 11.56 -41.82
O3 NAG AA . -42.11 11.80 -44.55
O4 NAG AA . -43.74 10.47 -46.50
O5 NAG AA . -44.90 8.97 -43.27
O6 NAG AA . -44.96 7.15 -45.10
O7 NAG AA . -41.04 10.37 -41.00
C1 NAG AA . -44.62 11.61 -46.86
C2 NAG AA . -44.13 12.04 -48.30
C3 NAG AA . -45.00 13.22 -48.75
C4 NAG AA . -46.45 12.74 -48.77
C5 NAG AA . -46.84 12.29 -47.37
C6 NAG AA . -48.26 11.80 -47.34
C7 NAG AA . -41.78 11.70 -48.77
C8 NAG AA . -40.37 12.19 -48.60
N2 NAG AA . -42.74 12.42 -48.24
O3 NAG AA . -44.60 13.68 -50.05
O4 NAG AA . -47.29 13.81 -49.20
O5 NAG AA . -46.00 11.23 -46.93
O6 NAG AA . -49.13 12.84 -47.77
O7 NAG AA . -42.01 10.66 -49.41
C1 NAG BA . -16.01 31.85 -32.44
C2 NAG BA . -17.26 32.69 -31.94
C3 NAG BA . -18.50 32.18 -32.71
C4 NAG BA . -18.27 32.37 -34.24
C5 NAG BA . -16.99 31.58 -34.65
C6 NAG BA . -16.62 31.84 -36.11
C7 NAG BA . -17.40 33.52 -29.62
C8 NAG BA . -17.57 33.18 -28.17
N2 NAG BA . -17.41 32.52 -30.49
O3 NAG BA . -19.64 32.93 -32.28
O4 NAG BA . -19.39 31.74 -34.90
O5 NAG BA . -15.85 32.04 -33.87
O6 NAG BA . -16.20 33.18 -36.34
O7 NAG BA . -17.25 34.69 -29.98
C1 NAG BA . -20.15 32.65 -35.80
C2 NAG BA . -20.91 31.81 -36.86
C3 NAG BA . -21.75 32.78 -37.73
C4 NAG BA . -22.73 33.57 -36.82
C5 NAG BA . -21.91 34.36 -35.76
C6 NAG BA . -22.83 35.08 -34.78
C7 NAG BA . -19.49 29.85 -37.41
C8 NAG BA . -18.50 29.25 -38.38
N2 NAG BA . -19.95 31.07 -37.70
O3 NAG BA . -22.48 32.02 -38.72
O4 NAG BA . -23.50 34.51 -37.60
O5 NAG BA . -21.10 33.41 -34.99
O6 NAG BA . -22.11 35.92 -33.89
O7 NAG BA . -19.84 29.23 -36.39
C1 BMA BA . -24.92 34.07 -37.82
C2 BMA BA . -25.86 35.32 -37.74
C3 BMA BA . -27.31 34.85 -37.99
C4 BMA BA . -27.37 34.19 -39.38
C5 BMA BA . -26.38 32.99 -39.41
C6 BMA BA . -26.34 32.31 -40.77
O2 BMA BA . -25.47 36.30 -38.70
O3 BMA BA . -28.20 35.98 -37.95
O4 BMA BA . -28.70 33.74 -39.62
O5 BMA BA . -25.03 33.46 -39.11
O6 BMA BA . -26.93 33.11 -41.80
C1 MAN BA . -28.84 36.21 -36.60
C2 MAN BA . -30.14 37.04 -36.75
C3 MAN BA . -29.79 38.42 -37.30
C4 MAN BA . -28.82 39.09 -36.33
C5 MAN BA . -27.58 38.22 -36.20
C6 MAN BA . -26.58 38.80 -35.23
O2 MAN BA . -30.72 37.19 -35.43
O3 MAN BA . -30.96 39.21 -37.45
O4 MAN BA . -28.47 40.37 -36.82
O5 MAN BA . -27.93 36.89 -35.72
O6 MAN BA . -25.95 39.95 -35.78
C1 MAN BA . -32.15 36.72 -35.33
C2 MAN BA . -32.82 37.32 -34.05
C3 MAN BA . -32.11 36.77 -32.80
C4 MAN BA . -32.19 35.22 -32.80
C5 MAN BA . -31.53 34.69 -34.09
C6 MAN BA . -31.63 33.17 -34.21
O2 MAN BA . -34.22 37.02 -34.05
O3 MAN BA . -32.72 37.31 -31.61
O4 MAN BA . -31.49 34.71 -31.65
O5 MAN BA . -32.21 35.27 -35.27
O6 MAN BA . -30.80 32.65 -35.25
C1 MAN BA . -26.32 32.91 -43.14
C2 MAN BA . -26.03 34.31 -43.76
C3 MAN BA . -27.34 35.05 -43.91
C4 MAN BA . -28.27 34.23 -44.81
C5 MAN BA . -28.50 32.87 -44.16
C6 MAN BA . -29.38 32.00 -45.02
O2 MAN BA . -25.38 34.17 -45.04
O3 MAN BA . -27.12 36.34 -44.49
O4 MAN BA . -29.50 34.91 -44.95
O5 MAN BA . -27.22 32.17 -43.98
O6 MAN BA . -30.72 32.46 -45.02
C1 MAN BA . -23.87 34.18 -44.95
C2 MAN BA . -23.32 35.66 -44.91
C3 MAN BA . -23.69 36.36 -46.25
C4 MAN BA . -23.08 35.57 -47.43
C5 MAN BA . -23.63 34.11 -47.40
C6 MAN BA . -23.03 33.23 -48.49
O2 MAN BA . -21.92 35.65 -44.70
O3 MAN BA . -23.19 37.70 -46.24
O4 MAN BA . -23.44 36.20 -48.66
O5 MAN BA . -23.31 33.48 -46.10
O6 MAN BA . -23.68 31.97 -48.57
C1 NAG CA . -24.05 -24.37 45.33
C2 NAG CA . -25.35 -24.94 45.98
C3 NAG CA . -26.22 -25.64 44.87
C4 NAG CA . -26.67 -24.64 43.74
C5 NAG CA . -25.30 -24.11 43.25
C6 NAG CA . -25.48 -23.03 42.21
C7 NAG CA . -25.26 -25.75 48.25
C8 NAG CA . -24.76 -26.78 49.20
N2 NAG CA . -24.99 -25.92 46.98
O3 NAG CA . -27.37 -26.22 45.47
O4 NAG CA . -27.25 -25.42 42.80
O5 NAG CA . -24.45 -23.48 44.28
O6 NAG CA . -24.28 -22.31 42.00
O7 NAG CA . -25.92 -24.78 48.65
C1 NAG CA . -28.46 -24.76 42.23
C2 NAG CA . -28.67 -25.35 40.79
C3 NAG CA . -29.92 -24.68 40.19
C4 NAG CA . -31.17 -25.03 41.02
C5 NAG CA . -30.82 -24.47 42.45
C6 NAG CA . -31.91 -24.78 43.44
C7 NAG CA . -26.60 -26.01 39.70
C8 NAG CA . -25.42 -25.58 38.87
N2 NAG CA . -27.50 -25.08 39.96
O3 NAG CA . -30.06 -25.08 38.83
O4 NAG CA . -32.30 -24.39 40.59
O5 NAG CA . -29.60 -25.03 43.03
O6 NAG CA . -32.59 -23.58 43.81
O7 NAG CA . -26.71 -27.17 40.11
C1 BMA CA . -33.05 -25.30 39.65
C2 BMA CA . -34.57 -25.19 40.02
C3 BMA CA . -35.34 -26.05 39.02
C4 BMA CA . -35.06 -25.50 37.62
C5 BMA CA . -33.56 -25.56 37.35
C6 BMA CA . -33.25 -25.00 35.98
O2 BMA CA . -35.04 -23.83 39.92
O3 BMA CA . -36.74 -26.02 39.31
O4 BMA CA . -35.78 -26.30 36.67
O5 BMA CA . -32.83 -24.79 38.31
O6 BMA CA . -34.13 -25.53 35.00
C1 NAG DA . 3.45 11.07 76.44
C2 NAG DA . 2.97 12.43 75.82
C3 NAG DA . 4.12 12.88 74.84
C4 NAG DA . 5.51 13.17 75.51
C5 NAG DA . 5.76 11.76 76.16
C6 NAG DA . 7.04 11.70 76.94
C7 NAG DA . 0.90 13.13 74.76
C8 NAG DA . -0.23 12.81 73.82
N2 NAG DA . 1.76 12.20 75.03
O3 NAG DA . 3.71 14.06 74.15
O4 NAG DA . 6.32 13.41 74.44
O5 NAG DA . 4.71 11.28 77.11
O6 NAG DA . 7.11 12.75 77.90
O7 NAG DA . 0.98 14.26 75.24
C1 NAG DA . 7.39 14.40 74.79
C2 NAG DA . 8.54 14.16 73.73
C3 NAG DA . 9.71 15.13 74.08
C4 NAG DA . 9.27 16.63 73.94
C5 NAG DA . 8.05 16.66 74.92
C6 NAG DA . 7.41 18.02 74.83
C7 NAG DA . 9.11 11.98 72.76
C8 NAG DA . 9.37 10.56 73.06
N2 NAG DA . 8.92 12.76 73.81
O3 NAG DA . 10.81 14.84 73.23
O4 NAG DA . 10.27 17.39 74.46
O5 NAG DA . 6.95 15.74 74.69
O6 NAG DA . 6.15 18.05 75.49
O7 NAG DA . 9.10 12.38 71.59
C1 BMA DA . 10.70 18.50 73.55
C2 BMA DA . 11.98 18.10 72.71
C3 BMA DA . 12.62 19.30 71.99
C4 BMA DA . 11.41 19.77 71.12
C5 BMA DA . 10.18 20.15 72.00
C6 BMA DA . 9.04 20.70 71.19
O2 BMA DA . 11.57 17.10 71.79
O3 BMA DA . 13.64 18.87 71.19
O4 BMA DA . 11.79 20.93 70.39
O5 BMA DA . 9.68 19.03 72.73
O6 BMA DA . 9.51 21.71 70.31
C1 MAN DA . 14.92 19.51 71.64
C2 MAN DA . 15.99 19.27 70.49
C3 MAN DA . 16.28 17.78 70.25
C4 MAN DA . 16.80 17.23 71.58
C5 MAN DA . 15.72 17.44 72.66
C6 MAN DA . 16.16 16.91 74.00
O2 MAN DA . 17.20 19.93 70.84
O3 MAN DA . 17.28 17.62 69.25
O4 MAN DA . 17.09 15.85 71.45
O5 MAN DA . 15.45 18.88 72.81
O6 MAN DA . 16.91 15.71 73.87
C1 NAG EA . -32.03 -16.42 6.95
C2 NAG EA . -32.12 -17.91 7.40
C3 NAG EA . -32.37 -17.97 8.94
C4 NAG EA . -31.18 -17.36 9.74
C5 NAG EA . -31.18 -15.89 9.21
C6 NAG EA . -30.02 -15.09 9.76
C7 NAG EA . -32.97 -19.59 5.90
C8 NAG EA . -34.14 -20.28 5.28
N2 NAG EA . -33.20 -18.60 6.72
O3 NAG EA . -32.56 -19.34 9.35
O4 NAG EA . -31.44 -17.39 11.08
O5 NAG EA . -31.00 -15.83 7.74
O6 NAG EA . -30.32 -13.72 9.83
O7 NAG EA . -31.84 -19.96 5.63
C1 NAG EA . -30.32 -18.09 11.77
C2 NAG EA . -30.41 -17.66 13.29
C3 NAG EA . -29.26 -18.37 14.00
C4 NAG EA . -29.45 -19.87 13.84
C5 NAG EA . -29.43 -20.20 12.35
C6 NAG EA . -29.62 -21.67 12.12
C7 NAG EA . -31.21 -15.40 13.59
C8 NAG EA . -30.87 -13.94 13.60
N2 NAG EA . -30.22 -16.23 13.38
O3 NAG EA . -29.24 -18.02 15.40
O4 NAG EA . -28.38 -20.55 14.50
O5 NAG EA . -30.46 -19.51 11.65
O6 NAG EA . -28.71 -22.42 12.90
O7 NAG EA . -32.36 -15.78 13.77
C1 NAG FA . -51.57 23.34 -12.72
C2 NAG FA . -50.61 24.58 -12.78
C3 NAG FA . -49.51 24.42 -11.65
C4 NAG FA . -50.12 24.41 -10.20
C5 NAG FA . -51.07 23.16 -10.35
C6 NAG FA . -51.73 22.80 -9.05
C7 NAG FA . -50.30 25.30 -15.09
C8 NAG FA . -49.50 25.13 -16.33
N2 NAG FA . -49.92 24.58 -14.06
O3 NAG FA . -48.57 25.50 -11.75
O4 NAG FA . -49.12 24.16 -9.30
O5 NAG FA . -52.12 23.27 -11.40
O6 NAG FA . -52.71 23.76 -8.66
O7 NAG FA . -51.27 26.07 -15.04
C1 NAG FA . -49.23 25.13 -8.16
C2 NAG FA . -48.32 24.56 -7.00
C3 NAG FA . -48.41 25.53 -5.83
C4 NAG FA . -47.91 26.89 -6.30
C5 NAG FA . -48.80 27.35 -7.45
C6 NAG FA . -48.33 28.68 -7.98
C7 NAG FA . -48.05 22.18 -6.53
C8 NAG FA . -48.69 20.91 -6.04
N2 NAG FA . -48.80 23.26 -6.57
O3 NAG FA . -47.63 25.08 -4.72
O4 NAG FA . -47.99 27.82 -5.23
O5 NAG FA . -48.76 26.42 -8.54
O6 NAG FA . -48.07 29.58 -6.90
O7 NAG FA . -46.86 22.20 -6.86
C1 NAG GA . -58.55 -4.12 -2.07
C2 NAG GA . -57.05 -4.18 -1.70
C3 NAG GA . -56.40 -5.45 -2.35
C4 NAG GA . -57.02 -6.78 -1.88
C5 NAG GA . -58.51 -6.55 -2.29
C6 NAG GA . -59.35 -7.72 -1.86
C7 NAG GA . -55.79 -2.09 -1.55
C8 NAG GA . -55.18 -0.94 -2.27
N2 NAG GA . -56.39 -3.02 -2.26
O3 NAG GA . -55.02 -5.46 -2.02
O4 NAG GA . -56.51 -7.83 -2.59
O5 NAG GA . -59.14 -5.37 -1.69
O6 NAG GA . -60.70 -7.36 -1.68
O7 NAG GA . -55.73 -2.16 -0.33
C1 NAG GA . -55.93 -8.84 -1.65
C2 NAG GA . -55.86 -10.19 -2.45
C3 NAG GA . -55.28 -11.27 -1.52
C4 NAG GA . -53.83 -10.89 -1.11
C5 NAG GA . -54.01 -9.50 -0.41
C6 NAG GA . -52.67 -8.93 -0.03
C7 NAG GA . -57.39 -10.91 -4.17
C8 NAG GA . -58.81 -11.08 -4.62
N2 NAG GA . -57.19 -10.49 -2.94
O3 NAG GA . -55.31 -12.55 -2.15
O4 NAG GA . -53.37 -11.76 -0.17
O5 NAG GA . -54.62 -8.49 -1.25
O6 NAG GA . -51.99 -8.40 -1.15
O7 NAG GA . -56.45 -11.18 -4.92
C1 BMA GA . -52.21 -12.58 -0.75
C2 BMA GA . -51.30 -13.01 0.46
C3 BMA GA . -50.11 -13.79 -0.10
C4 BMA GA . -50.74 -14.97 -0.92
C5 BMA GA . -51.62 -14.46 -2.02
C6 BMA GA . -52.22 -15.62 -2.90
O2 BMA GA . -52.06 -13.88 1.30
O3 BMA GA . -49.51 -14.33 0.95
O4 BMA GA . -49.66 -15.73 -1.46
O5 BMA GA . -52.71 -13.68 -1.46
O6 BMA GA . -53.45 -15.54 -2.50
C1 MAN GA . -48.14 -13.85 0.68
C2 MAN GA . -47.21 -14.87 1.43
C3 MAN GA . -47.48 -14.94 2.93
C4 MAN GA . -47.32 -13.53 3.49
C5 MAN GA . -48.27 -12.58 2.77
C6 MAN GA . -48.15 -11.19 3.27
O2 MAN GA . -45.84 -14.45 1.25
O3 MAN GA . -46.57 -15.83 3.58
O4 MAN GA . -47.58 -13.53 4.89
O5 MAN GA . -47.98 -12.59 1.33
O6 MAN GA . -49.03 -10.31 2.59
C1 MAN GA . -53.71 -16.55 -3.48
C2 MAN GA . -55.28 -16.55 -3.25
C3 MAN GA . -55.66 -17.01 -1.84
C4 MAN GA . -55.05 -18.39 -1.62
C5 MAN GA . -53.54 -18.35 -1.81
C6 MAN GA . -52.90 -19.68 -1.63
O2 MAN GA . -55.89 -17.46 -4.19
O3 MAN GA . -57.07 -17.04 -1.66
O4 MAN GA . -55.38 -18.89 -0.33
O5 MAN GA . -53.25 -17.87 -3.17
O6 MAN GA . -51.50 -19.61 -1.82
C1 NAG HA . -39.54 18.00 -35.38
C2 NAG HA . -39.26 17.98 -36.89
C3 NAG HA . -39.18 19.42 -37.37
C4 NAG HA . -40.47 20.18 -37.10
C5 NAG HA . -40.63 20.10 -35.57
C6 NAG HA . -41.86 20.77 -35.07
C7 NAG HA . -37.69 16.31 -37.75
C8 NAG HA . -36.25 15.94 -37.85
N2 NAG HA . -37.95 17.41 -37.09
O3 NAG HA . -38.92 19.40 -38.77
O4 NAG HA . -40.30 21.56 -37.52
O5 NAG HA . -40.72 18.75 -35.12
O6 NAG HA . -43.03 20.17 -35.61
O7 NAG HA . -38.59 15.62 -38.24
C1 NAG HA . -41.37 22.01 -38.47
C2 NAG HA . -41.65 23.53 -38.30
C3 NAG HA . -42.74 23.85 -39.31
C4 NAG HA . -42.34 23.59 -40.77
C5 NAG HA . -41.98 22.09 -40.77
C6 NAG HA . -41.42 21.66 -42.09
C7 NAG HA . -41.59 24.55 -36.08
C8 NAG HA . -42.31 24.72 -34.79
N2 NAG HA . -42.19 23.81 -36.99
O3 NAG HA . -43.12 25.21 -39.13
O4 NAG HA . -43.55 23.78 -41.54
O5 NAG HA . -40.96 21.75 -39.80
O6 NAG HA . -40.39 20.71 -41.92
O7 NAG HA . -40.50 25.08 -36.30
C1 BMA HA . -43.46 24.68 -42.75
C2 BMA HA . -43.54 26.18 -42.36
C3 BMA HA . -43.63 27.02 -43.65
C4 BMA HA . -42.36 26.72 -44.45
C5 BMA HA . -42.31 25.22 -44.74
C6 BMA HA . -41.11 24.89 -45.58
O2 BMA HA . -42.38 26.57 -41.64
O3 BMA HA . -43.69 28.41 -43.33
O4 BMA HA . -42.38 27.44 -45.67
O5 BMA HA . -42.28 24.43 -43.52
O6 BMA HA . -41.24 25.48 -46.88
C1 MAN HA . -45.08 28.90 -42.99
C2 MAN HA . -45.49 30.09 -43.90
C3 MAN HA . -44.56 31.28 -43.67
C4 MAN HA . -44.68 31.66 -42.20
C5 MAN HA . -44.27 30.46 -41.35
C6 MAN HA . -44.36 30.80 -39.88
O2 MAN HA . -46.83 30.46 -43.60
O3 MAN HA . -44.96 32.37 -44.50
O4 MAN HA . -43.83 32.77 -41.92
O5 MAN HA . -45.13 29.33 -41.62
O6 MAN HA . -43.60 31.95 -39.57
C1 MAN HA . -40.81 24.57 -47.99
C2 MAN HA . -40.89 25.31 -49.35
C3 MAN HA . -42.35 25.70 -49.63
C4 MAN HA . -43.18 24.42 -49.69
C5 MAN HA . -43.04 23.71 -48.34
C6 MAN HA . -43.82 22.43 -48.35
O2 MAN HA . -40.41 24.48 -50.38
O3 MAN HA . -42.43 26.40 -50.88
O4 MAN HA . -44.53 24.77 -49.86
O5 MAN HA . -41.64 23.40 -48.05
O6 MAN HA . -45.15 22.65 -48.77
C1 NAG IA . -54.00 -10.19 -24.42
C2 NAG IA . -53.45 -11.44 -25.17
C3 NAG IA . -54.23 -11.59 -26.52
C4 NAG IA . -55.76 -11.85 -26.30
C5 NAG IA . -56.16 -10.57 -25.50
C6 NAG IA . -57.61 -10.61 -25.08
C7 NAG IA . -51.10 -12.01 -24.99
C8 NAG IA . -49.68 -11.63 -25.30
N2 NAG IA . -52.04 -11.23 -25.46
O3 NAG IA . -53.67 -12.68 -27.27
O4 NAG IA . -56.35 -11.84 -27.53
O5 NAG IA . -55.41 -10.38 -24.24
O6 NAG IA . -57.84 -11.65 -24.16
O7 NAG IA . -51.35 -13.01 -24.32
C1 NAG IA . -57.29 -13.01 -27.64
C2 NAG IA . -58.32 -12.65 -28.79
C3 NAG IA . -59.29 -13.82 -28.90
C4 NAG IA . -58.49 -15.07 -29.24
C5 NAG IA . -57.47 -15.31 -28.13
C6 NAG IA . -56.64 -16.52 -28.43
C7 NAG IA . -59.01 -10.34 -29.15
C8 NAG IA . -59.80 -9.18 -28.64
N2 NAG IA . -59.04 -11.44 -28.44
O3 NAG IA . -60.28 -13.57 -29.90
O4 NAG IA . -59.37 -16.18 -29.35
O5 NAG IA . -56.59 -14.20 -27.98
O6 NAG IA . -57.48 -17.62 -28.75
O7 NAG IA . -58.36 -10.26 -30.19
C1 NAG JA . -80.08 20.58 -12.55
C2 NAG JA . -81.01 20.01 -11.41
C3 NAG JA . -80.16 19.95 -10.13
C4 NAG JA . -78.93 19.06 -10.36
C5 NAG JA . -78.10 19.56 -11.58
C6 NAG JA . -76.99 18.60 -12.03
C7 NAG JA . -83.36 20.62 -11.69
C8 NAG JA . -84.43 21.65 -11.45
N2 NAG JA . -82.14 20.91 -11.25
O1 NAG JA . -80.83 20.69 -13.82
O3 NAG JA . -80.93 19.43 -9.00
O4 NAG JA . -78.19 19.31 -9.18
O5 NAG JA . -78.98 19.69 -12.74
O6 NAG JA . -77.27 17.25 -11.74
O7 NAG JA . -83.60 19.56 -12.28
C1 GAL JA . -77.00 18.65 -8.88
C2 GAL JA . -76.05 19.83 -8.62
C3 GAL JA . -74.80 19.30 -8.04
C4 GAL JA . -75.25 18.66 -6.73
C5 GAL JA . -76.02 17.44 -7.18
C6 GAL JA . -76.38 16.53 -6.05
O2 GAL JA . -75.71 20.55 -9.81
O3 GAL JA . -73.87 20.39 -7.91
O4 GAL JA . -76.15 19.54 -6.07
O5 GAL JA . -77.24 17.87 -7.76
O6 GAL JA . -77.29 15.56 -6.53
C1 SIA JA . -72.02 18.91 -7.54
C2 SIA JA . -72.51 20.11 -8.34
C3 SIA JA . -71.66 21.40 -8.11
C4 SIA JA . -70.22 21.21 -8.64
C5 SIA JA . -70.25 20.83 -10.11
C6 SIA JA . -71.23 19.57 -10.32
C7 SIA JA . -71.51 19.14 -11.78
C8 SIA JA . -72.56 18.03 -11.89
C9 SIA JA . -72.73 17.56 -13.35
C10 SIA JA . -68.16 21.24 -11.31
C11 SIA JA . -66.77 20.83 -11.68
N5 SIA JA . -68.86 20.50 -10.46
O1A SIA JA . -72.23 17.73 -7.96
O1B SIA JA . -71.43 19.10 -6.41
O4 SIA JA . -69.45 22.40 -8.37
O6 SIA JA . -72.51 19.80 -9.70
O7 SIA JA . -71.92 20.29 -12.50
O8 SIA JA . -72.18 16.94 -11.08
O9 SIA JA . -73.22 16.23 -13.38
O10 SIA JA . -68.63 22.25 -11.82
C1 FUC JA . -81.67 20.49 -8.19
C2 FUC JA . -82.39 19.73 -7.02
C3 FUC JA . -81.26 19.02 -6.22
C4 FUC JA . -80.29 20.10 -5.67
C5 FUC JA . -79.70 21.12 -6.74
C6 FUC JA . -79.28 22.31 -5.89
O2 FUC JA . -83.34 18.79 -7.50
O3 FUC JA . -81.84 18.24 -5.16
O4 FUC JA . -80.96 20.73 -4.56
O5 FUC JA . -80.80 21.52 -7.64
C1 NAG KA . 16.54 4.53 -62.55
C2 NAG KA . 16.02 5.96 -62.15
C3 NAG KA . 15.97 6.86 -63.40
C4 NAG KA . 17.37 6.97 -63.98
C5 NAG KA . 17.85 5.55 -64.34
C6 NAG KA . 19.24 5.60 -64.92
C7 NAG KA . 14.41 6.00 -60.36
C8 NAG KA . 13.00 5.73 -59.94
N2 NAG KA . 14.68 5.84 -61.63
O3 NAG KA . 15.47 8.16 -63.08
O4 NAG KA . 17.35 7.79 -65.14
O5 NAG KA . 17.85 4.70 -63.15
O6 NAG KA . 19.38 6.66 -65.85
O7 NAG KA . 15.26 6.34 -59.53
C1 NAG LA . 44.98 3.54 -28.56
C2 NAG LA . 45.95 2.67 -29.45
C3 NAG LA . 47.04 3.55 -30.08
C4 NAG LA . 46.32 4.58 -30.94
C5 NAG LA . 45.38 5.39 -30.06
C6 NAG LA . 44.62 6.43 -30.85
C7 NAG LA . 46.42 0.37 -28.89
C8 NAG LA . 47.02 -0.60 -27.91
N2 NAG LA . 46.57 1.65 -28.64
O3 NAG LA . 47.93 2.76 -30.89
O4 NAG LA . 47.29 5.44 -31.53
O5 NAG LA . 44.38 4.54 -29.41
O6 NAG LA . 45.42 6.95 -31.91
O7 NAG LA . 45.82 -0.04 -29.89
C1 NAG MA . 43.98 -10.96 -13.39
C2 NAG MA . 45.11 -10.42 -14.33
C3 NAG MA . 45.83 -11.63 -15.03
C4 NAG MA . 46.47 -12.57 -13.98
C5 NAG MA . 45.30 -13.04 -13.08
C6 NAG MA . 45.82 -13.88 -11.92
C7 NAG MA . 44.58 -8.29 -15.36
C8 NAG MA . 43.76 -7.55 -16.38
N2 NAG MA . 44.49 -9.61 -15.36
O3 NAG MA . 46.86 -11.10 -15.90
O4 NAG MA . 47.38 -13.49 -14.43
O5 NAG MA . 44.60 -11.88 -12.46
O6 NAG MA . 45.25 -13.51 -10.67
O7 NAG MA . 45.29 -7.69 -14.56
C1 NAG NA . 42.45 10.98 20.46
C2 NAG NA . 42.34 9.57 19.77
C3 NAG NA . 42.66 8.47 20.79
C4 NAG NA . 44.09 8.68 21.28
C5 NAG NA . 44.18 10.07 21.90
C6 NAG NA . 45.59 10.34 22.37
C7 NAG NA . 40.80 9.28 17.95
C8 NAG NA . 39.39 9.08 17.49
N2 NAG NA . 41.00 9.37 19.23
O3 NAG NA . 42.53 7.16 20.21
O4 NAG NA . 44.43 7.70 22.25
O5 NAG NA . 43.80 11.11 20.95
O6 NAG NA . 45.70 10.10 23.77
O7 NAG NA . 41.73 9.36 17.15
C1 NAG OA . 41.83 -15.04 53.85
C2 NAG OA . 41.21 -16.16 54.75
C3 NAG OA . 41.86 -17.51 54.39
C4 NAG OA . 41.55 -17.75 52.91
C5 NAG OA . 42.15 -16.63 52.06
C6 NAG OA . 41.85 -16.82 50.61
C7 NAG OA . 40.41 -15.50 56.92
C8 NAG OA . 40.71 -14.97 58.29
N2 NAG OA . 41.43 -15.80 56.14
O3 NAG OA . 41.31 -18.58 55.19
O4 NAG OA . 42.09 -19.00 52.51
O5 NAG OA . 41.58 -15.34 52.47
O6 NAG OA . 42.07 -18.16 50.21
O7 NAG OA . 39.24 -15.64 56.55
C1 NAG PA . 24.50 17.18 53.63
C2 NAG PA . 25.39 17.98 54.64
C3 NAG PA . 24.99 19.47 54.63
C4 NAG PA . 25.24 19.98 53.21
C5 NAG PA . 24.39 19.16 52.23
C6 NAG PA . 24.64 19.61 50.81
C7 NAG PA . 26.16 16.67 56.50
C8 NAG PA . 25.86 16.02 57.81
N2 NAG PA . 25.22 17.42 55.96
O3 NAG PA . 25.75 20.23 55.58
O4 NAG PA . 24.88 21.35 53.14
O5 NAG PA . 24.74 17.74 52.32
O6 NAG PA . 24.98 21.00 50.76
O7 NAG PA . 27.27 16.52 55.95
C1 NAG QA . 37.37 31.15 -39.41
C2 NAG QA . 36.78 31.81 -40.71
C3 NAG QA . 37.27 31.03 -41.98
C4 NAG QA . 38.84 31.12 -42.13
C5 NAG QA . 39.31 30.46 -40.79
C6 NAG QA . 40.80 30.57 -40.63
C7 NAG QA . 34.60 32.81 -40.91
C8 NAG QA . 33.13 32.69 -40.63
N2 NAG QA . 35.33 31.77 -40.62
O3 NAG QA . 36.65 31.58 -43.14
O4 NAG QA . 39.21 30.32 -43.18
O5 NAG QA . 38.79 31.15 -39.59
O6 NAG QA . 41.13 31.14 -39.38
O7 NAG QA . 35.05 33.84 -41.40
N1 FOL RA . 36.28 49.26 -9.47
C2 FOL RA . 35.38 49.12 -10.47
NA2 FOL RA . 35.56 49.85 -11.60
N3 FOL RA . 34.32 48.29 -10.38
C4 FOL RA . 34.08 47.52 -9.29
O4 FOL RA . 33.10 46.75 -9.24
C4A FOL RA . 35.04 47.63 -8.16
N5 FOL RA . 34.92 46.93 -7.02
C6 FOL RA . 35.85 47.11 -6.05
C7 FOL RA . 36.92 47.99 -6.22
N8 FOL RA . 37.07 48.70 -7.34
C8A FOL RA . 36.17 48.56 -8.33
C9 FOL RA . 35.75 46.34 -4.75
N10 FOL RA . 35.34 44.97 -5.01
C11 FOL RA . 35.28 42.38 -1.78
C12 FOL RA . 34.46 42.13 -2.88
C13 FOL RA . 34.47 42.99 -3.97
C14 FOL RA . 35.31 44.11 -3.97
C15 FOL RA . 36.13 44.36 -2.87
C16 FOL RA . 36.12 43.49 -1.78
C FOL RA . 35.29 41.47 -0.58
O FOL RA . 35.26 41.99 0.53
N FOL RA . 35.34 40.15 -0.72
CA FOL RA . 35.59 39.31 0.44
CB FOL RA . 35.36 37.83 0.16
CG FOL RA . 33.89 37.52 -0.08
CD FOL RA . 33.72 36.03 -0.19
OE1 FOL RA . 32.82 35.46 0.47
OE2 FOL RA . 34.50 35.40 -0.95
CT FOL RA . 37.01 39.48 0.90
O1 FOL RA . 37.26 39.36 2.12
O2 FOL RA . 37.90 39.73 0.04
C1 NAG SA . -23.39 -9.12 -59.80
C2 NAG SA . -21.84 -9.38 -59.92
C3 NAG SA . -21.46 -9.60 -61.39
C4 NAG SA . -22.22 -10.81 -61.91
C5 NAG SA . -23.72 -10.53 -61.77
C6 NAG SA . -24.53 -11.71 -62.27
C7 NAG SA . -20.48 -8.19 -58.31
C8 NAG SA . -19.89 -6.89 -57.89
N2 NAG SA . -21.13 -8.22 -59.45
O3 NAG SA . -20.04 -9.81 -61.54
O4 NAG SA . -21.88 -11.04 -63.27
O5 NAG SA . -24.06 -10.28 -60.37
O6 NAG SA . -24.00 -12.21 -63.49
O7 NAG SA . -20.36 -9.20 -57.60
C1 NAG TA . -27.38 -37.67 -26.13
C2 NAG TA . -28.83 -38.00 -26.64
C3 NAG TA . -28.83 -39.30 -27.48
C4 NAG TA . -27.90 -39.04 -28.66
C5 NAG TA . -26.50 -38.70 -28.13
C6 NAG TA . -25.54 -38.42 -29.25
C7 NAG TA . -30.78 -37.42 -25.34
C8 NAG TA . -31.56 -37.61 -24.07
N2 NAG TA . -29.73 -38.17 -25.51
O3 NAG TA . -30.15 -39.62 -27.95
O4 NAG TA . -27.82 -40.22 -29.45
O5 NAG TA . -26.54 -37.50 -27.28
O6 NAG TA . -25.82 -39.24 -30.38
O7 NAG TA . -31.13 -36.58 -26.18
C1 NAG UA . -34.18 -31.86 -7.12
C2 NAG UA . -34.57 -32.99 -8.13
C3 NAG UA . -36.12 -32.97 -8.36
C4 NAG UA . -36.87 -33.22 -7.03
C5 NAG UA . -36.42 -32.09 -6.09
C6 NAG UA . -37.01 -32.29 -4.69
C7 NAG UA . -32.87 -33.39 -9.82
C8 NAG UA . -32.18 -32.90 -11.06
N2 NAG UA . -33.92 -32.71 -9.39
O3 NAG UA . -36.44 -34.03 -9.31
O4 NAG UA . -38.20 -33.54 -7.12
O5 NAG UA . -34.94 -32.09 -5.91
O6 NAG UA . -36.04 -32.11 -3.66
O7 NAG UA . -32.47 -34.39 -9.23
C1 NAG VA . -5.01 -44.78 17.62
C2 NAG VA . -6.32 -43.95 17.42
C3 NAG VA . -7.07 -43.83 18.76
C4 NAG VA . -7.43 -45.25 19.21
C5 NAG VA . -6.14 -46.05 19.35
C6 NAG VA . -6.45 -47.47 19.77
C7 NAG VA . -6.38 -42.24 15.72
C8 NAG VA . -6.01 -40.86 15.30
N2 NAG VA . -6.01 -42.62 16.92
O3 NAG VA . -8.26 -43.04 18.63
O4 NAG VA . -8.10 -45.20 20.46
O5 NAG VA . -5.41 -46.09 18.10
O6 NAG VA . -6.28 -47.62 21.17
O7 NAG VA . -7.01 -43.01 14.99
C1 NAG WA . -15.87 -36.13 57.60
C2 NAG WA . -16.23 -35.17 58.80
C3 NAG WA . -17.76 -35.06 58.93
C4 NAG WA . -18.26 -34.50 57.60
C5 NAG WA . -17.88 -35.46 56.45
C6 NAG WA . -18.33 -34.92 55.12
C7 NAG WA . -14.63 -35.04 60.60
C8 NAG WA . -13.92 -35.71 61.73
N2 NAG WA . -15.61 -35.70 60.00
O3 NAG WA . -18.13 -34.19 60.00
O4 NAG WA . -19.67 -34.35 57.65
O5 NAG WA . -16.42 -35.60 56.39
O6 NAG WA . -19.67 -34.45 55.21
O7 NAG WA . -14.30 -33.90 60.24
C1 NAG XA . 18.86 -35.90 46.11
C2 NAG XA . 19.41 -37.17 46.85
C3 NAG XA . 20.82 -37.52 46.34
C4 NAG XA . 20.68 -37.81 44.84
C5 NAG XA . 20.12 -36.57 44.14
C6 NAG XA . 19.93 -36.83 42.67
C7 NAG XA . 18.53 -37.47 49.07
C8 NAG XA . 18.54 -37.05 50.50
N2 NAG XA . 19.43 -36.93 48.27
O3 NAG XA . 21.37 -38.66 47.02
O4 NAG XA . 21.96 -38.12 44.30
O5 NAG XA . 18.81 -36.22 44.71
O6 NAG XA . 20.89 -37.75 42.17
O7 NAG XA . 17.71 -38.30 48.65
C1 NAG YA . -4.35 -42.56 -45.72
C2 NAG YA . -3.93 -42.19 -47.18
C3 NAG YA . -5.19 -42.10 -48.12
C4 NAG YA . -5.93 -43.50 -48.22
C5 NAG YA . -6.28 -43.77 -46.71
C6 NAG YA . -6.84 -45.15 -46.53
C7 NAG YA . -2.13 -40.71 -47.80
C8 NAG YA . -1.43 -39.41 -47.57
N2 NAG YA . -3.24 -40.91 -47.15
O3 NAG YA . -4.80 -41.67 -49.42
O4 NAG YA . -7.08 -43.33 -48.93
O5 NAG YA . -5.09 -43.77 -45.83
O6 NAG YA . -6.16 -45.86 -45.52
O7 NAG YA . -1.64 -41.53 -48.57
N1 FOL ZA . 20.25 -53.61 -23.41
C2 FOL ZA . 20.26 -52.64 -24.34
NA2 FOL ZA . 20.42 -53.00 -25.65
N3 FOL ZA . 20.10 -51.33 -24.04
C4 FOL ZA . 19.93 -50.91 -22.77
O4 FOL ZA . 19.78 -49.69 -22.50
C4A FOL ZA . 19.90 -51.92 -21.70
N5 FOL ZA . 19.74 -51.63 -20.39
C6 FOL ZA . 19.73 -52.64 -19.50
C7 FOL ZA . 19.91 -53.97 -19.90
N8 FOL ZA . 20.07 -54.29 -21.18
C8A FOL ZA . 20.08 -53.33 -22.12
C9 FOL ZA . 19.55 -52.35 -18.03
N10 FOL ZA . 18.54 -51.32 -17.84
C11 FOL ZA . 17.42 -50.46 -13.95
C12 FOL ZA . 17.29 -49.49 -14.93
C13 FOL ZA . 17.65 -49.77 -16.26
C14 FOL ZA . 18.17 -51.03 -16.57
C15 FOL ZA . 18.32 -51.98 -15.59
C16 FOL ZA . 17.94 -51.70 -14.28
C FOL ZA . 17.04 -50.18 -12.51
O FOL ZA . 17.83 -50.53 -11.65
N FOL ZA . 15.88 -49.59 -12.22
CA FOL ZA . 15.44 -49.57 -10.84
CB FOL ZA . 14.24 -48.64 -10.63
CG FOL ZA . 14.62 -47.16 -10.82
CD FOL ZA . 13.44 -46.32 -10.44
OE1 FOL ZA . 13.61 -45.34 -9.67
OE2 FOL ZA . 12.31 -46.61 -10.92
CT FOL ZA . 15.03 -50.94 -10.39
O1 FOL ZA . 15.19 -51.25 -9.19
O2 FOL ZA . 14.56 -51.73 -11.25
C1 NAG AB . -14.67 31.92 -54.52
C2 NAG AB . -15.65 30.70 -54.48
C3 NAG AB . -16.46 30.64 -55.79
C4 NAG AB . -17.26 31.93 -55.91
C5 NAG AB . -16.26 33.09 -55.93
C6 NAG AB . -16.99 34.42 -56.07
C7 NAG AB . -14.83 28.76 -53.28
C8 NAG AB . -13.91 27.59 -53.30
N2 NAG AB . -14.89 29.47 -54.37
O3 NAG AB . -17.36 29.51 -55.79
O4 NAG AB . -18.02 31.91 -57.11
O5 NAG AB . -15.46 33.11 -54.70
O6 NAG AB . -18.03 34.33 -57.02
O7 NAG AB . -15.50 29.04 -52.29
C1 NAG BB . -25.90 44.67 -13.59
C2 NAG BB . -25.64 46.16 -14.03
C3 NAG BB . -26.96 46.87 -14.39
C4 NAG BB . -27.56 46.07 -15.55
C5 NAG BB . -27.78 44.62 -15.11
C6 NAG BB . -28.36 43.79 -16.21
C7 NAG BB . -23.82 47.45 -13.07
C8 NAG BB . -23.22 48.06 -11.85
N2 NAG BB . -25.01 46.89 -12.94
O3 NAG BB . -26.74 48.23 -14.79
O4 NAG BB . -28.81 46.66 -15.92
O5 NAG BB . -26.51 44.00 -14.70
O6 NAG BB . -29.24 44.54 -17.02
O7 NAG BB . -23.23 47.47 -14.16
C1 NAG CB . -12.03 45.65 2.17
C2 NAG CB . -13.09 46.65 1.56
C3 NAG CB . -12.40 48.02 1.26
C4 NAG CB . -11.83 48.64 2.56
C5 NAG CB . -10.83 47.61 3.12
C6 NAG CB . -10.29 48.05 4.47
C7 NAG CB . -14.75 45.55 0.17
C8 NAG CB . -15.05 44.86 -1.13
N2 NAG CB . -13.56 46.09 0.30
O3 NAG CB . -13.40 48.90 0.70
O4 NAG CB . -11.49 49.97 2.52
O5 NAG CB . -11.48 46.29 3.34
O6 NAG CB . -10.29 46.99 5.42
O7 NAG CB . -15.57 45.59 1.08
C1 NAG DB . -29.04 23.14 31.03
C2 NAG DB . -27.78 23.92 30.51
C3 NAG DB . -26.92 24.36 31.71
C4 NAG DB . -27.77 25.29 32.58
C5 NAG DB . -29.00 24.50 33.04
C6 NAG DB . -29.90 25.38 33.87
C7 NAG DB . -26.87 23.38 28.35
C8 NAG DB . -26.04 22.47 27.51
N2 NAG DB . -27.00 23.09 29.63
O3 NAG DB . -25.74 25.06 31.28
O4 NAG DB . -27.03 25.70 33.71
O5 NAG DB . -29.78 24.03 31.88
O6 NAG DB . -29.68 25.14 35.25
O7 NAG DB . -27.42 24.37 27.87
C1 NAG EB . -4.45 23.85 65.49
C2 NAG EB . -3.13 23.56 66.28
C3 NAG EB . -2.26 24.83 66.30
C4 NAG EB . -1.97 25.18 64.83
C5 NAG EB . -3.29 25.42 64.09
C6 NAG EB . -3.04 25.74 62.64
C7 NAG EB . -3.23 21.88 68.01
C8 NAG EB . -3.78 21.44 69.32
N2 NAG EB . -3.48 23.12 67.62
O3 NAG EB . -1.03 24.62 67.01
O4 NAG EB . -1.16 26.34 64.77
O5 NAG EB . -4.13 24.22 64.13
O6 NAG EB . -1.98 26.67 62.49
O7 NAG EB . -2.56 21.11 67.32
C1 NAG FB . -24.41 -5.35 56.10
C2 NAG FB . -25.50 -5.32 57.22
C3 NAG FB . -26.61 -6.34 56.92
C4 NAG FB . -27.24 -5.90 55.59
C5 NAG FB . -26.16 -5.90 54.50
C6 NAG FB . -26.74 -5.44 53.19
C7 NAG FB . -24.63 -4.68 59.38
C8 NAG FB . -23.85 -5.05 60.60
N2 NAG FB . -24.86 -5.62 58.50
O3 NAG FB . -27.60 -6.37 57.96
O4 NAG FB . -28.27 -6.82 55.25
O5 NAG FB . -25.08 -4.99 54.87
O6 NAG FB . -28.12 -5.80 53.08
O7 NAG FB . -25.06 -3.52 59.22
C1 NAG GB . -46.96 29.10 -29.48
C2 NAG GB . -47.31 28.73 -30.95
C3 NAG GB . -46.91 29.92 -31.92
C4 NAG GB . -47.74 31.22 -31.59
C5 NAG GB . -47.34 31.47 -30.11
C6 NAG GB . -48.15 32.59 -29.51
C7 NAG GB . -47.14 26.53 -31.94
C8 NAG GB . -46.33 25.29 -32.11
N2 NAG GB . -46.57 27.53 -31.31
O3 NAG GB . -47.15 29.52 -33.27
O4 NAG GB . -47.27 32.23 -32.37
O5 NAG GB . -47.64 30.33 -29.21
O6 NAG GB . -48.74 32.20 -28.28
O7 NAG GB . -48.28 26.59 -32.38
N1 FOL HB . -60.98 10.00 -3.71
C2 FOL HB . -60.47 9.66 -4.91
NA2 FOL HB . -61.25 9.83 -6.01
N3 FOL HB . -59.22 9.14 -5.05
C4 FOL HB . -58.40 8.95 -4.00
O4 FOL HB . -57.25 8.48 -4.16
C4A FOL HB . -58.89 9.32 -2.66
N5 FOL HB . -58.18 9.18 -1.53
C6 FOL HB . -58.73 9.54 -0.35
C7 FOL HB . -60.02 10.06 -0.29
N8 FOL HB . -60.77 10.22 -1.39
C8A FOL HB . -60.27 9.87 -2.58
C9 FOL HB . -57.96 9.39 0.94
N10 FOL HB . -56.56 9.77 0.72
C11 FOL HB . -54.13 9.88 4.07
C12 FOL HB . -53.57 9.67 2.81
C13 FOL HB . -54.38 9.63 1.68
C14 FOL HB . -55.76 9.81 1.80
C15 FOL HB . -56.32 10.01 3.07
C16 FOL HB . -55.51 10.05 4.20
C FOL HB . -53.28 9.92 5.31
O FOL HB . -53.67 9.29 6.29
N FOL HB . -52.15 10.62 5.35
CA FOL HB . -51.49 10.84 6.63
CB FOL HB . -50.09 11.42 6.47
CG FOL HB . -49.12 10.43 5.83
CD FOL HB . -47.74 11.03 5.85
OE1 FOL HB . -46.78 10.33 6.27
OE2 FOL HB . -47.59 12.21 5.45
CT FOL HB . -52.29 11.78 7.48
O1 FOL HB . -52.25 11.64 8.72
O2 FOL HB . -52.97 12.66 6.91
#